data_2MPW
#
_entry.id   2MPW
#
_entity_poly.entity_id   1
_entity_poly.type   'polypeptide(L)'
_entity_poly.pdbx_seq_one_letter_code
;MNGENYFKLGSDSKLLTHNSYQNRLFYTLKTGETVADLSKSQDINLSTIWSLNKHLYSSESEMMKAAPGQQIILPLKKLP
FEYSALPLLGSAPLVAAGGVAGHTNGSGSENLYFQ
;
_entity_poly.pdbx_strand_id   A
#
# COMPACT_ATOMS: atom_id res chain seq x y z
N MET A 1 -44.83 4.33 6.60
CA MET A 1 -43.63 4.17 7.47
C MET A 1 -42.57 3.35 6.72
N ASN A 2 -41.82 4.02 5.86
CA ASN A 2 -40.78 3.36 5.07
C ASN A 2 -39.40 3.74 5.59
N GLY A 3 -38.59 2.72 5.91
CA GLY A 3 -37.24 2.96 6.40
C GLY A 3 -36.41 3.76 5.40
N GLU A 4 -36.64 3.51 4.11
CA GLU A 4 -35.91 4.21 3.06
C GLU A 4 -36.15 5.73 3.13
N ASN A 5 -37.35 6.13 3.54
CA ASN A 5 -37.68 7.55 3.63
C ASN A 5 -36.67 8.30 4.49
N TYR A 6 -36.21 7.66 5.56
CA TYR A 6 -35.22 8.28 6.45
C TYR A 6 -33.89 7.57 6.33
N PHE A 7 -32.82 8.35 6.17
CA PHE A 7 -31.48 7.79 6.03
C PHE A 7 -30.69 7.93 7.33
N LYS A 8 -30.09 6.83 7.77
CA LYS A 8 -29.28 6.86 8.99
C LYS A 8 -27.80 6.87 8.66
N LEU A 9 -27.07 7.79 9.27
CA LEU A 9 -25.63 7.88 9.04
C LEU A 9 -24.92 6.61 9.49
N GLY A 10 -25.38 6.04 10.60
CA GLY A 10 -24.78 4.80 11.13
C GLY A 10 -25.74 3.63 11.01
N SER A 11 -25.21 2.45 10.73
CA SER A 11 -26.02 1.25 10.61
C SER A 11 -25.53 0.17 11.57
N ASP A 12 -26.46 -0.44 12.30
CA ASP A 12 -26.12 -1.50 13.24
C ASP A 12 -25.53 -2.70 12.51
N SER A 13 -26.10 -3.01 11.35
CA SER A 13 -25.65 -4.17 10.57
C SER A 13 -24.16 -4.03 10.22
N LYS A 14 -23.73 -2.82 9.91
CA LYS A 14 -22.34 -2.58 9.54
C LYS A 14 -21.48 -2.36 10.79
N LEU A 15 -20.38 -3.10 10.87
CA LEU A 15 -19.46 -2.96 12.00
C LEU A 15 -18.24 -2.13 11.59
N LEU A 16 -17.92 -1.13 12.40
CA LEU A 16 -16.79 -0.25 12.11
C LEU A 16 -15.46 -0.99 12.18
N THR A 17 -15.35 -1.91 13.14
CA THR A 17 -14.10 -2.63 13.34
C THR A 17 -13.69 -3.38 12.08
N HIS A 18 -14.64 -4.05 11.45
CA HIS A 18 -14.36 -4.81 10.24
C HIS A 18 -13.85 -3.90 9.13
N ASN A 19 -14.39 -2.69 9.04
CA ASN A 19 -14.00 -1.75 8.00
C ASN A 19 -12.48 -1.53 8.00
N SER A 20 -11.90 -1.47 9.19
CA SER A 20 -10.46 -1.23 9.29
C SER A 20 -9.65 -2.34 8.62
N TYR A 21 -10.16 -3.57 8.68
CA TYR A 21 -9.46 -4.70 8.07
C TYR A 21 -9.31 -4.50 6.57
N GLN A 22 -10.37 -3.99 5.94
CA GLN A 22 -10.35 -3.77 4.49
C GLN A 22 -9.24 -2.80 4.09
N ASN A 23 -9.01 -1.79 4.92
CA ASN A 23 -8.01 -0.77 4.60
C ASN A 23 -6.64 -1.40 4.34
N ARG A 24 -6.28 -2.39 5.15
CA ARG A 24 -4.99 -3.05 5.00
C ARG A 24 -5.13 -4.56 5.13
N LEU A 25 -4.54 -5.29 4.19
CA LEU A 25 -4.59 -6.76 4.23
C LEU A 25 -3.18 -7.32 4.42
N PHE A 26 -3.02 -8.17 5.44
CA PHE A 26 -1.74 -8.83 5.68
C PHE A 26 -1.72 -10.22 5.06
N TYR A 27 -0.66 -10.53 4.32
CA TYR A 27 -0.49 -11.86 3.75
C TYR A 27 0.83 -12.47 4.20
N THR A 28 0.84 -13.79 4.43
CA THR A 28 2.05 -14.46 4.91
C THR A 28 2.69 -15.28 3.80
N LEU A 29 4.02 -15.28 3.79
CA LEU A 29 4.77 -16.04 2.79
C LEU A 29 4.95 -17.49 3.21
N LYS A 30 4.56 -18.42 2.34
CA LYS A 30 4.68 -19.84 2.62
C LYS A 30 5.58 -20.52 1.60
N THR A 31 6.30 -21.54 2.02
CA THR A 31 7.23 -22.25 1.13
C THR A 31 6.51 -22.73 -0.12
N GLY A 32 7.16 -22.52 -1.27
CA GLY A 32 6.59 -22.95 -2.55
C GLY A 32 6.04 -21.78 -3.37
N GLU A 33 5.68 -20.69 -2.72
CA GLU A 33 5.13 -19.52 -3.43
C GLU A 33 6.14 -18.37 -3.39
N THR A 34 6.18 -17.60 -4.47
CA THR A 34 7.13 -16.49 -4.57
C THR A 34 6.40 -15.15 -4.59
N VAL A 35 7.13 -14.08 -4.29
CA VAL A 35 6.56 -12.74 -4.27
C VAL A 35 5.96 -12.40 -5.63
N ALA A 36 6.68 -12.76 -6.69
CA ALA A 36 6.21 -12.48 -8.04
C ALA A 36 4.87 -13.17 -8.29
N ASP A 37 4.72 -14.39 -7.78
CA ASP A 37 3.48 -15.13 -7.95
C ASP A 37 2.31 -14.35 -7.35
N LEU A 38 2.53 -13.80 -6.16
CA LEU A 38 1.50 -13.00 -5.50
C LEU A 38 1.10 -11.82 -6.39
N SER A 39 2.11 -11.17 -6.97
CA SER A 39 1.86 -10.00 -7.80
C SER A 39 0.96 -10.33 -8.97
N LYS A 40 1.19 -11.48 -9.60
CA LYS A 40 0.41 -11.89 -10.76
C LYS A 40 -1.06 -12.09 -10.39
N SER A 41 -1.29 -12.82 -9.30
CA SER A 41 -2.66 -13.11 -8.89
C SER A 41 -3.44 -11.84 -8.59
N GLN A 42 -2.79 -10.91 -7.92
CA GLN A 42 -3.42 -9.63 -7.58
C GLN A 42 -3.52 -8.68 -8.77
N ASP A 43 -2.79 -8.94 -9.84
CA ASP A 43 -2.78 -8.04 -11.00
C ASP A 43 -2.23 -6.68 -10.59
N ILE A 44 -1.17 -6.69 -9.80
CA ILE A 44 -0.54 -5.46 -9.32
C ILE A 44 0.91 -5.39 -9.82
N ASN A 45 1.38 -4.18 -10.10
CA ASN A 45 2.73 -3.99 -10.60
C ASN A 45 3.75 -4.15 -9.48
N LEU A 46 4.83 -4.88 -9.77
CA LEU A 46 5.87 -5.11 -8.77
C LEU A 46 6.42 -3.77 -8.26
N SER A 47 6.54 -2.78 -9.14
CA SER A 47 7.05 -1.48 -8.74
C SER A 47 6.18 -0.88 -7.64
N THR A 48 4.87 -0.99 -7.80
CA THR A 48 3.95 -0.43 -6.81
C THR A 48 4.13 -1.10 -5.45
N ILE A 49 4.25 -2.43 -5.46
CA ILE A 49 4.39 -3.18 -4.22
C ILE A 49 5.62 -2.70 -3.46
N TRP A 50 6.72 -2.53 -4.17
CA TRP A 50 7.96 -2.07 -3.55
C TRP A 50 7.76 -0.69 -2.91
N SER A 51 7.15 0.23 -3.64
CA SER A 51 7.00 1.60 -3.14
C SER A 51 6.32 1.62 -1.77
N LEU A 52 5.34 0.75 -1.57
CA LEU A 52 4.66 0.68 -0.28
C LEU A 52 5.54 0.04 0.79
N ASN A 53 6.08 -1.13 0.50
CA ASN A 53 6.88 -1.87 1.48
C ASN A 53 8.36 -1.44 1.52
N LYS A 54 8.72 -0.40 0.78
CA LYS A 54 10.10 0.08 0.79
C LYS A 54 10.61 0.35 2.20
N HIS A 55 9.72 0.69 3.13
CA HIS A 55 10.13 0.96 4.51
C HIS A 55 10.50 -0.34 5.23
N LEU A 56 9.78 -1.43 4.93
CA LEU A 56 10.06 -2.71 5.57
C LEU A 56 11.36 -3.32 5.09
N TYR A 57 11.60 -3.26 3.78
CA TYR A 57 12.80 -3.87 3.19
C TYR A 57 13.71 -2.80 2.61
N SER A 58 15.01 -3.07 2.66
CA SER A 58 16.01 -2.10 2.23
C SER A 58 15.99 -1.89 0.72
N SER A 59 15.86 -2.98 -0.03
CA SER A 59 15.95 -2.90 -1.49
C SER A 59 15.14 -4.01 -2.16
N GLU A 60 14.98 -3.89 -3.47
CA GLU A 60 14.24 -4.88 -4.25
C GLU A 60 14.88 -6.26 -4.16
N SER A 61 16.21 -6.31 -4.08
CA SER A 61 16.92 -7.59 -4.05
C SER A 61 16.42 -8.46 -2.90
N GLU A 62 16.23 -7.85 -1.74
CA GLU A 62 15.76 -8.60 -0.58
C GLU A 62 14.38 -9.20 -0.83
N MET A 63 13.53 -8.49 -1.57
CA MET A 63 12.21 -9.01 -1.90
C MET A 63 12.32 -10.26 -2.77
N MET A 64 13.17 -10.20 -3.79
CA MET A 64 13.33 -11.32 -4.71
C MET A 64 13.79 -12.58 -3.98
N LYS A 65 14.66 -12.40 -2.99
CA LYS A 65 15.19 -13.53 -2.23
C LYS A 65 14.36 -13.86 -0.99
N ALA A 66 13.13 -13.35 -0.90
CA ALA A 66 12.28 -13.59 0.26
C ALA A 66 12.14 -15.09 0.53
N ALA A 67 12.04 -15.44 1.80
CA ALA A 67 11.91 -16.83 2.22
C ALA A 67 10.67 -17.03 3.09
N PRO A 68 10.29 -18.25 3.38
CA PRO A 68 9.07 -18.52 4.21
C PRO A 68 9.16 -17.90 5.59
N GLY A 69 8.01 -17.46 6.12
CA GLY A 69 7.98 -16.89 7.46
C GLY A 69 7.88 -15.36 7.47
N GLN A 70 8.21 -14.71 6.36
CA GLN A 70 8.18 -13.25 6.29
C GLN A 70 6.78 -12.75 5.94
N GLN A 71 6.50 -11.49 6.28
CA GLN A 71 5.18 -10.92 6.04
C GLN A 71 5.23 -9.82 4.99
N ILE A 72 4.14 -9.69 4.24
CA ILE A 72 3.98 -8.62 3.26
C ILE A 72 2.71 -7.84 3.56
N ILE A 73 2.77 -6.52 3.49
CA ILE A 73 1.61 -5.68 3.75
C ILE A 73 1.07 -5.09 2.44
N LEU A 74 -0.24 -5.19 2.24
CA LEU A 74 -0.88 -4.59 1.07
C LEU A 74 -1.84 -3.49 1.51
N PRO A 75 -1.37 -2.27 1.63
CA PRO A 75 -2.25 -1.13 2.00
C PRO A 75 -2.82 -0.41 0.78
N LEU A 76 -4.13 -0.50 0.60
CA LEU A 76 -4.78 0.16 -0.53
C LEU A 76 -5.35 1.50 -0.11
N LYS A 77 -5.19 2.51 -0.96
CA LYS A 77 -5.68 3.85 -0.67
C LYS A 77 -6.68 4.30 -1.74
N LYS A 78 -7.71 5.01 -1.32
CA LYS A 78 -8.73 5.50 -2.25
C LYS A 78 -8.69 7.03 -2.32
N LEU A 79 -8.89 7.57 -3.52
CA LEU A 79 -8.89 9.02 -3.72
C LEU A 79 -10.16 9.45 -4.46
N PRO A 80 -11.26 9.64 -3.77
CA PRO A 80 -12.54 10.05 -4.43
C PRO A 80 -12.47 11.46 -4.99
N PHE A 81 -11.78 12.35 -4.28
CA PHE A 81 -11.64 13.73 -4.70
C PHE A 81 -10.24 13.99 -5.25
N GLU A 82 -10.16 14.60 -6.43
CA GLU A 82 -8.88 14.91 -7.05
C GLU A 82 -8.08 15.90 -6.20
N TYR A 83 -8.77 16.83 -5.54
CA TYR A 83 -8.10 17.82 -4.71
C TYR A 83 -8.03 17.36 -3.27
N SER A 84 -6.86 17.53 -2.65
CA SER A 84 -6.68 17.10 -1.26
C SER A 84 -6.50 18.31 -0.35
N ALA A 85 -7.19 18.28 0.79
CA ALA A 85 -7.11 19.38 1.75
C ALA A 85 -5.73 19.47 2.39
N LEU A 86 -5.08 18.32 2.57
CA LEU A 86 -3.77 18.28 3.23
C LEU A 86 -2.70 17.72 2.30
N PRO A 87 -2.08 18.55 1.47
CA PRO A 87 -1.00 18.07 0.57
C PRO A 87 0.35 18.01 1.27
N LEU A 88 0.98 16.85 1.22
CA LEU A 88 2.27 16.66 1.88
C LEU A 88 3.42 16.78 0.88
N LEU A 89 4.40 17.60 1.22
CA LEU A 89 5.56 17.78 0.34
C LEU A 89 6.78 17.07 0.92
N GLY A 90 7.56 16.44 0.05
CA GLY A 90 8.75 15.72 0.49
C GLY A 90 8.44 14.25 0.74
N SER A 91 7.70 13.65 -0.18
CA SER A 91 7.33 12.24 -0.07
C SER A 91 8.58 11.36 0.05
N ALA A 92 9.66 11.74 -0.63
CA ALA A 92 10.89 10.96 -0.61
C ALA A 92 12.04 11.78 -0.03
N PRO A 93 12.20 11.79 1.29
CA PRO A 93 13.32 12.57 1.92
C PRO A 93 14.69 11.94 1.67
N LEU A 94 14.71 10.63 1.47
CA LEU A 94 15.97 9.93 1.23
C LEU A 94 16.71 10.51 0.03
N VAL A 95 15.96 10.94 -0.99
CA VAL A 95 16.56 11.51 -2.19
C VAL A 95 16.35 13.01 -2.22
N ALA A 96 17.42 13.75 -2.48
CA ALA A 96 17.33 15.21 -2.55
C ALA A 96 16.44 15.66 -3.70
N ALA A 97 16.49 14.93 -4.81
CA ALA A 97 15.67 15.28 -5.97
C ALA A 97 14.19 15.25 -5.61
N GLY A 98 13.41 16.12 -6.23
CA GLY A 98 11.98 16.19 -5.95
C GLY A 98 11.23 16.82 -7.12
N GLY A 99 9.93 17.04 -6.92
CA GLY A 99 9.10 17.63 -7.96
C GLY A 99 8.92 16.66 -9.12
N VAL A 100 9.28 17.11 -10.32
CA VAL A 100 9.14 16.27 -11.52
C VAL A 100 9.98 15.01 -11.38
N ALA A 101 9.36 13.85 -11.64
CA ALA A 101 10.05 12.59 -11.53
C ALA A 101 9.43 11.55 -12.46
N GLY A 102 10.21 10.52 -12.81
CA GLY A 102 9.71 9.46 -13.68
C GLY A 102 10.11 9.64 -15.16
N HIS A 103 10.79 10.74 -15.49
CA HIS A 103 11.23 10.98 -16.87
C HIS A 103 12.03 9.79 -17.42
N THR A 104 12.80 9.15 -16.54
CA THR A 104 13.65 8.03 -16.97
C THR A 104 13.30 6.76 -16.20
N ASN A 105 13.48 5.62 -16.84
CA ASN A 105 13.18 4.32 -16.23
C ASN A 105 14.45 3.49 -16.11
N GLY A 106 14.45 2.57 -15.14
CA GLY A 106 15.61 1.71 -14.92
C GLY A 106 16.70 2.43 -14.13
N SER A 107 16.30 3.29 -13.20
CA SER A 107 17.27 4.02 -12.38
C SER A 107 18.17 3.05 -11.60
N GLY A 108 17.59 1.95 -11.14
CA GLY A 108 18.35 0.97 -10.36
C GLY A 108 19.57 0.46 -11.13
N SER A 109 19.44 0.34 -12.45
CA SER A 109 20.53 -0.18 -13.27
C SER A 109 21.78 0.70 -13.15
N GLU A 110 21.59 2.00 -12.96
CA GLU A 110 22.73 2.92 -12.83
C GLU A 110 22.92 3.32 -11.37
N ASN A 111 24.14 3.21 -10.88
CA ASN A 111 24.44 3.59 -9.51
C ASN A 111 24.14 5.07 -9.27
N LEU A 112 24.50 5.90 -10.25
CA LEU A 112 24.26 7.34 -10.14
C LEU A 112 23.14 7.77 -11.10
N TYR A 113 22.21 8.56 -10.57
CA TYR A 113 21.11 9.07 -11.39
C TYR A 113 21.66 9.95 -12.52
N PHE A 114 22.62 10.79 -12.18
CA PHE A 114 23.22 11.69 -13.16
C PHE A 114 23.88 10.91 -14.30
N GLN A 115 24.52 9.79 -13.95
CA GLN A 115 25.20 8.97 -14.96
C GLN A 115 24.88 7.49 -14.74
N MET A 1 -35.21 14.53 -0.60
CA MET A 1 -35.71 13.49 -1.54
C MET A 1 -36.21 14.14 -2.81
N ASN A 2 -36.96 15.23 -2.67
CA ASN A 2 -37.50 15.94 -3.82
C ASN A 2 -36.55 17.00 -4.38
N GLY A 3 -35.29 17.01 -3.92
CA GLY A 3 -34.32 17.98 -4.41
C GLY A 3 -32.93 17.36 -4.54
N GLU A 4 -32.34 17.49 -5.72
CA GLU A 4 -31.00 16.95 -5.96
C GLU A 4 -29.98 17.54 -5.00
N ASN A 5 -30.14 18.83 -4.68
CA ASN A 5 -29.22 19.50 -3.77
C ASN A 5 -29.11 18.76 -2.44
N TYR A 6 -30.23 18.20 -1.98
CA TYR A 6 -30.24 17.47 -0.71
C TYR A 6 -30.41 15.97 -0.98
N PHE A 7 -29.49 15.18 -0.44
CA PHE A 7 -29.55 13.73 -0.62
C PHE A 7 -29.13 13.00 0.64
N LYS A 8 -29.67 11.79 0.84
CA LYS A 8 -29.32 10.97 1.99
C LYS A 8 -28.36 9.83 1.64
N LEU A 9 -27.68 9.92 0.49
CA LEU A 9 -26.76 8.88 0.08
C LEU A 9 -25.35 9.20 0.54
N GLY A 10 -24.57 8.15 0.79
CA GLY A 10 -23.18 8.34 1.23
C GLY A 10 -23.10 8.53 2.74
N SER A 11 -23.94 7.83 3.48
CA SER A 11 -23.94 7.92 4.94
C SER A 11 -23.65 6.55 5.56
N ASP A 12 -22.72 6.51 6.51
CA ASP A 12 -22.38 5.27 7.18
C ASP A 12 -23.57 4.71 7.95
N SER A 13 -24.33 5.59 8.58
CA SER A 13 -25.48 5.16 9.38
C SER A 13 -26.54 4.48 8.52
N LYS A 14 -26.66 4.89 7.26
CA LYS A 14 -27.67 4.32 6.37
C LYS A 14 -27.51 2.81 6.26
N LEU A 15 -26.26 2.35 6.20
CA LEU A 15 -25.99 0.92 6.07
C LEU A 15 -25.59 0.34 7.42
N LEU A 16 -26.30 -0.72 7.82
CA LEU A 16 -26.10 -1.32 9.14
C LEU A 16 -24.69 -1.90 9.28
N THR A 17 -24.13 -2.41 8.18
CA THR A 17 -22.83 -3.07 8.24
C THR A 17 -21.83 -2.40 7.29
N HIS A 18 -20.55 -2.50 7.63
CA HIS A 18 -19.49 -1.93 6.81
C HIS A 18 -18.48 -3.00 6.42
N ASN A 19 -18.14 -3.05 5.14
CA ASN A 19 -17.19 -4.05 4.65
C ASN A 19 -15.77 -3.82 5.20
N SER A 20 -15.44 -2.56 5.48
CA SER A 20 -14.09 -2.23 5.96
C SER A 20 -13.98 -2.47 7.46
N TYR A 21 -12.83 -3.01 7.87
CA TYR A 21 -12.59 -3.27 9.28
C TYR A 21 -11.10 -3.13 9.60
N GLN A 22 -10.26 -3.67 8.71
CA GLN A 22 -8.81 -3.58 8.88
C GLN A 22 -8.22 -2.63 7.85
N ASN A 23 -7.50 -1.62 8.32
CA ASN A 23 -6.93 -0.61 7.44
C ASN A 23 -6.01 -1.24 6.39
N ARG A 24 -5.22 -2.23 6.82
CA ARG A 24 -4.30 -2.90 5.91
C ARG A 24 -4.43 -4.42 6.03
N LEU A 25 -4.25 -5.11 4.92
CA LEU A 25 -4.36 -6.57 4.91
C LEU A 25 -2.97 -7.21 4.96
N PHE A 26 -2.78 -8.13 5.88
CA PHE A 26 -1.50 -8.83 6.00
C PHE A 26 -1.55 -10.17 5.28
N TYR A 27 -0.53 -10.42 4.46
CA TYR A 27 -0.40 -11.72 3.79
C TYR A 27 0.92 -12.38 4.21
N THR A 28 0.88 -13.69 4.45
CA THR A 28 2.06 -14.40 4.92
C THR A 28 2.74 -15.17 3.79
N LEU A 29 4.06 -15.18 3.80
CA LEU A 29 4.83 -15.90 2.79
C LEU A 29 5.01 -17.36 3.19
N LYS A 30 4.69 -18.26 2.26
CA LYS A 30 4.81 -19.70 2.52
C LYS A 30 5.67 -20.35 1.45
N THR A 31 6.47 -21.33 1.85
CA THR A 31 7.37 -22.00 0.92
C THR A 31 6.63 -22.51 -0.32
N GLY A 32 7.21 -22.25 -1.49
CA GLY A 32 6.61 -22.67 -2.76
C GLY A 32 6.05 -21.49 -3.55
N GLU A 33 5.66 -20.41 -2.87
CA GLU A 33 5.11 -19.24 -3.54
C GLU A 33 6.09 -18.07 -3.45
N THR A 34 6.16 -17.27 -4.52
CA THR A 34 7.08 -16.13 -4.55
C THR A 34 6.31 -14.81 -4.59
N VAL A 35 6.99 -13.73 -4.24
CA VAL A 35 6.37 -12.41 -4.23
C VAL A 35 5.81 -12.08 -5.61
N ALA A 36 6.58 -12.40 -6.65
CA ALA A 36 6.14 -12.14 -8.01
C ALA A 36 4.84 -12.87 -8.31
N ASP A 37 4.72 -14.10 -7.81
CA ASP A 37 3.51 -14.89 -8.05
C ASP A 37 2.28 -14.18 -7.49
N LEU A 38 2.41 -13.66 -6.27
CA LEU A 38 1.31 -12.95 -5.64
C LEU A 38 0.89 -11.76 -6.50
N SER A 39 1.86 -11.01 -6.99
CA SER A 39 1.59 -9.82 -7.78
C SER A 39 0.79 -10.18 -9.04
N LYS A 40 1.17 -11.26 -9.69
CA LYS A 40 0.50 -11.67 -10.93
C LYS A 40 -0.97 -11.98 -10.67
N SER A 41 -1.24 -12.74 -9.61
CA SER A 41 -2.60 -13.14 -9.31
C SER A 41 -3.49 -11.95 -9.02
N GLN A 42 -2.96 -10.99 -8.27
CA GLN A 42 -3.72 -9.80 -7.89
C GLN A 42 -3.77 -8.73 -9.00
N ASP A 43 -3.11 -8.97 -10.13
CA ASP A 43 -3.09 -8.00 -11.22
C ASP A 43 -2.52 -6.67 -10.73
N ILE A 44 -1.45 -6.75 -9.95
CA ILE A 44 -0.78 -5.57 -9.41
C ILE A 44 0.63 -5.47 -10.01
N ASN A 45 1.11 -4.23 -10.17
CA ASN A 45 2.43 -4.03 -10.75
C ASN A 45 3.52 -4.17 -9.68
N LEU A 46 4.60 -4.85 -10.05
CA LEU A 46 5.71 -5.06 -9.12
C LEU A 46 6.24 -3.72 -8.60
N SER A 47 6.28 -2.72 -9.47
CA SER A 47 6.77 -1.41 -9.06
C SER A 47 5.94 -0.85 -7.91
N THR A 48 4.62 -1.01 -8.01
CA THR A 48 3.73 -0.51 -6.97
C THR A 48 4.01 -1.19 -5.63
N ILE A 49 4.18 -2.51 -5.67
CA ILE A 49 4.42 -3.27 -4.45
C ILE A 49 5.66 -2.75 -3.74
N TRP A 50 6.71 -2.52 -4.51
CA TRP A 50 7.97 -2.02 -3.95
C TRP A 50 7.76 -0.67 -3.26
N SER A 51 7.09 0.25 -3.94
CA SER A 51 6.91 1.60 -3.40
C SER A 51 6.28 1.56 -2.01
N LEU A 52 5.32 0.66 -1.81
CA LEU A 52 4.66 0.55 -0.52
C LEU A 52 5.56 -0.07 0.54
N ASN A 53 6.11 -1.24 0.22
CA ASN A 53 6.90 -1.99 1.21
C ASN A 53 8.39 -1.60 1.24
N LYS A 54 8.77 -0.55 0.51
CA LYS A 54 10.16 -0.08 0.52
C LYS A 54 10.67 0.15 1.95
N HIS A 55 9.77 0.52 2.87
CA HIS A 55 10.18 0.77 4.24
C HIS A 55 10.44 -0.55 4.98
N LEU A 56 9.65 -1.58 4.67
CA LEU A 56 9.80 -2.87 5.35
C LEU A 56 11.13 -3.53 4.99
N TYR A 57 11.50 -3.45 3.71
CA TYR A 57 12.74 -4.08 3.24
C TYR A 57 13.76 -3.03 2.84
N SER A 58 15.04 -3.36 3.03
CA SER A 58 16.12 -2.41 2.75
C SER A 58 16.31 -2.18 1.26
N SER A 59 16.22 -3.26 0.48
CA SER A 59 16.48 -3.17 -0.95
C SER A 59 15.69 -4.21 -1.74
N GLU A 60 15.70 -4.07 -3.06
CA GLU A 60 14.98 -4.98 -3.93
C GLU A 60 15.50 -6.42 -3.80
N SER A 61 16.80 -6.56 -3.58
CA SER A 61 17.42 -7.88 -3.50
C SER A 61 16.74 -8.72 -2.41
N GLU A 62 16.50 -8.10 -1.26
CA GLU A 62 15.87 -8.82 -0.15
C GLU A 62 14.47 -9.31 -0.53
N MET A 63 13.75 -8.54 -1.34
CA MET A 63 12.41 -8.95 -1.76
C MET A 63 12.47 -10.21 -2.62
N MET A 64 13.33 -10.19 -3.64
CA MET A 64 13.43 -11.32 -4.56
C MET A 64 13.85 -12.59 -3.84
N LYS A 65 14.71 -12.46 -2.85
CA LYS A 65 15.21 -13.63 -2.11
C LYS A 65 14.36 -13.93 -0.86
N ALA A 66 13.16 -13.38 -0.76
CA ALA A 66 12.30 -13.61 0.41
C ALA A 66 12.10 -15.10 0.65
N ALA A 67 12.01 -15.47 1.93
CA ALA A 67 11.84 -16.87 2.32
C ALA A 67 10.61 -17.03 3.20
N PRO A 68 10.17 -18.25 3.47
CA PRO A 68 8.96 -18.47 4.32
C PRO A 68 9.08 -17.84 5.70
N GLY A 69 7.96 -17.37 6.23
CA GLY A 69 7.94 -16.79 7.57
C GLY A 69 7.87 -15.26 7.56
N GLN A 70 8.21 -14.62 6.43
CA GLN A 70 8.18 -13.17 6.36
C GLN A 70 6.78 -12.67 5.98
N GLN A 71 6.49 -11.42 6.34
CA GLN A 71 5.17 -10.85 6.09
C GLN A 71 5.23 -9.73 5.05
N ILE A 72 4.14 -9.58 4.32
CA ILE A 72 4.00 -8.49 3.36
C ILE A 72 2.73 -7.69 3.68
N ILE A 73 2.82 -6.36 3.55
CA ILE A 73 1.68 -5.50 3.85
C ILE A 73 1.07 -4.97 2.55
N LEU A 74 -0.25 -5.07 2.44
CA LEU A 74 -0.98 -4.57 1.28
C LEU A 74 -1.96 -3.48 1.71
N PRO A 75 -1.62 -2.21 1.61
CA PRO A 75 -2.58 -1.12 1.93
C PRO A 75 -3.53 -0.82 0.77
N LEU A 76 -4.72 -1.39 0.84
CA LEU A 76 -5.70 -1.22 -0.22
C LEU A 76 -6.02 0.26 -0.45
N LYS A 77 -6.07 1.03 0.64
CA LYS A 77 -6.40 2.44 0.54
C LYS A 77 -5.19 3.25 0.09
N LYS A 78 -5.44 4.25 -0.76
CA LYS A 78 -4.37 5.09 -1.28
C LYS A 78 -4.50 6.51 -0.71
N LEU A 79 -3.37 7.20 -0.60
CA LEU A 79 -3.36 8.58 -0.08
C LEU A 79 -2.74 9.53 -1.11
N PRO A 80 -3.51 10.04 -2.04
CA PRO A 80 -2.96 10.97 -3.08
C PRO A 80 -2.05 12.05 -2.48
N PHE A 81 -2.42 12.53 -1.29
CA PHE A 81 -1.63 13.56 -0.62
C PHE A 81 -0.84 12.96 0.53
N GLU A 82 0.47 13.17 0.53
CA GLU A 82 1.34 12.62 1.55
C GLU A 82 1.02 13.21 2.93
N TYR A 83 0.62 14.48 2.96
CA TYR A 83 0.36 15.15 4.23
C TYR A 83 -0.70 14.40 5.03
N SER A 84 -0.47 14.28 6.33
CA SER A 84 -1.41 13.60 7.21
C SER A 84 -1.60 14.39 8.50
N ALA A 85 -2.82 14.33 9.05
CA ALA A 85 -3.12 15.06 10.28
C ALA A 85 -4.05 14.25 11.16
N LEU A 86 -3.96 14.47 12.47
CA LEU A 86 -4.80 13.75 13.44
C LEU A 86 -5.52 14.74 14.36
N PRO A 87 -6.63 15.31 13.93
CA PRO A 87 -7.39 16.29 14.78
C PRO A 87 -7.58 15.79 16.21
N LEU A 88 -8.12 14.59 16.34
CA LEU A 88 -8.35 14.01 17.66
C LEU A 88 -7.25 13.02 18.01
N LEU A 89 -6.68 13.18 19.21
CA LEU A 89 -5.61 12.30 19.67
C LEU A 89 -6.17 11.27 20.65
N GLY A 90 -5.87 10.00 20.39
CA GLY A 90 -6.33 8.92 21.25
C GLY A 90 -5.22 8.45 22.18
N SER A 91 -5.47 8.53 23.48
CA SER A 91 -4.48 8.12 24.47
C SER A 91 -4.06 6.66 24.27
N ALA A 92 -5.03 5.82 23.88
CA ALA A 92 -4.75 4.40 23.70
C ALA A 92 -4.18 4.14 22.29
N PRO A 93 -2.94 3.74 22.13
CA PRO A 93 -2.36 3.46 20.79
C PRO A 93 -2.62 2.02 20.35
N LEU A 94 -3.43 1.85 19.32
CA LEU A 94 -3.75 0.52 18.81
C LEU A 94 -2.47 -0.23 18.39
N VAL A 95 -1.54 0.50 17.79
CA VAL A 95 -0.30 -0.11 17.30
C VAL A 95 0.46 -0.76 18.46
N ALA A 96 0.48 -0.09 19.60
CA ALA A 96 1.22 -0.59 20.75
C ALA A 96 0.28 -1.29 21.73
N ALA A 97 0.81 -2.27 22.46
CA ALA A 97 0.01 -3.01 23.43
C ALA A 97 0.77 -3.18 24.73
N GLY A 98 0.04 -3.25 25.84
CA GLY A 98 0.65 -3.42 27.16
C GLY A 98 0.38 -4.82 27.71
N GLY A 99 0.42 -5.82 26.83
CA GLY A 99 0.17 -7.20 27.25
C GLY A 99 1.10 -7.62 28.38
N VAL A 100 2.33 -7.11 28.35
CA VAL A 100 3.32 -7.46 29.39
C VAL A 100 3.55 -6.27 30.30
N ALA A 101 3.55 -6.52 31.61
CA ALA A 101 3.77 -5.47 32.59
C ALA A 101 5.19 -5.53 33.15
N GLY A 102 5.79 -4.37 33.38
CA GLY A 102 7.15 -4.31 33.91
C GLY A 102 7.16 -4.09 35.42
N HIS A 103 6.14 -4.59 36.11
CA HIS A 103 6.05 -4.45 37.57
C HIS A 103 6.02 -5.81 38.24
N THR A 104 6.87 -5.98 39.25
CA THR A 104 6.93 -7.25 39.97
C THR A 104 5.60 -7.56 40.65
N ASN A 105 4.96 -6.52 41.19
CA ASN A 105 3.69 -6.69 41.90
C ASN A 105 2.51 -6.51 40.95
N GLY A 106 1.33 -6.93 41.38
CA GLY A 106 0.13 -6.80 40.56
C GLY A 106 0.06 -7.87 39.48
N SER A 107 0.62 -9.06 39.74
CA SER A 107 0.58 -10.14 38.78
C SER A 107 -0.85 -10.63 38.52
N GLY A 108 -1.69 -10.56 39.54
CA GLY A 108 -3.07 -11.02 39.41
C GLY A 108 -3.96 -9.93 38.83
N SER A 109 -5.19 -10.29 38.46
CA SER A 109 -6.13 -9.33 37.92
C SER A 109 -7.56 -9.66 38.37
N GLU A 110 -8.27 -8.66 38.86
CA GLU A 110 -9.64 -8.85 39.29
C GLU A 110 -10.55 -9.22 38.11
N ASN A 111 -10.27 -8.64 36.95
CA ASN A 111 -11.07 -8.91 35.75
C ASN A 111 -11.17 -10.40 35.47
N LEU A 112 -10.11 -11.15 35.76
CA LEU A 112 -10.10 -12.59 35.51
C LEU A 112 -11.27 -13.27 36.20
N TYR A 113 -11.60 -12.81 37.41
CA TYR A 113 -12.71 -13.38 38.17
C TYR A 113 -13.89 -12.41 38.20
N PHE A 114 -15.08 -12.92 37.90
CA PHE A 114 -16.28 -12.09 37.90
C PHE A 114 -17.10 -12.35 39.16
N GLN A 115 -17.52 -11.26 39.82
CA GLN A 115 -18.31 -11.38 41.04
C GLN A 115 -19.69 -11.97 40.72
N MET A 1 -31.75 17.09 1.93
CA MET A 1 -31.06 16.00 1.18
C MET A 1 -30.47 16.56 -0.11
N ASN A 2 -29.43 15.92 -0.61
CA ASN A 2 -28.79 16.36 -1.84
C ASN A 2 -29.79 16.46 -2.99
N GLY A 3 -30.74 15.53 -3.02
CA GLY A 3 -31.75 15.52 -4.08
C GLY A 3 -32.63 16.76 -4.01
N GLU A 4 -32.44 17.67 -4.96
CA GLU A 4 -33.24 18.90 -5.00
C GLU A 4 -34.71 18.60 -5.24
N ASN A 5 -34.99 17.56 -6.02
CA ASN A 5 -36.37 17.19 -6.34
C ASN A 5 -37.21 17.01 -5.09
N TYR A 6 -36.59 16.48 -4.03
CA TYR A 6 -37.31 16.25 -2.78
C TYR A 6 -37.36 17.54 -1.97
N PHE A 7 -38.54 18.16 -1.92
CA PHE A 7 -38.69 19.46 -1.28
C PHE A 7 -38.57 19.36 0.23
N LYS A 8 -39.17 18.32 0.82
CA LYS A 8 -39.19 18.19 2.27
C LYS A 8 -37.78 17.97 2.81
N LEU A 9 -37.41 18.75 3.82
CA LEU A 9 -36.08 18.62 4.43
C LEU A 9 -36.20 17.95 5.80
N GLY A 10 -35.39 16.92 6.02
CA GLY A 10 -35.41 16.19 7.29
C GLY A 10 -34.02 16.11 7.90
N SER A 11 -33.02 15.81 7.07
CA SER A 11 -31.64 15.67 7.53
C SER A 11 -30.75 16.71 6.87
N ASP A 12 -29.83 17.27 7.65
CA ASP A 12 -28.90 18.27 7.13
C ASP A 12 -27.55 18.18 7.84
N SER A 13 -27.60 17.94 9.15
CA SER A 13 -26.37 17.83 9.94
C SER A 13 -25.47 16.72 9.41
N LYS A 14 -26.07 15.63 8.95
CA LYS A 14 -25.29 14.50 8.44
C LYS A 14 -24.38 14.94 7.31
N LEU A 15 -24.87 15.82 6.44
CA LEU A 15 -24.08 16.31 5.33
C LEU A 15 -22.83 17.05 5.81
N LEU A 16 -22.97 17.77 6.93
CA LEU A 16 -21.86 18.57 7.45
C LEU A 16 -20.64 17.70 7.74
N THR A 17 -20.87 16.46 8.19
CA THR A 17 -19.77 15.56 8.55
C THR A 17 -19.77 14.33 7.64
N HIS A 18 -18.62 13.68 7.56
CA HIS A 18 -18.48 12.47 6.75
C HIS A 18 -17.82 11.36 7.55
N ASN A 19 -18.33 10.14 7.40
CA ASN A 19 -17.79 8.98 8.12
C ASN A 19 -17.10 8.03 7.16
N SER A 20 -15.83 7.74 7.42
CA SER A 20 -15.06 6.82 6.58
C SER A 20 -14.06 6.05 7.42
N TYR A 21 -13.81 4.80 7.04
CA TYR A 21 -12.85 3.95 7.76
C TYR A 21 -11.87 3.31 6.79
N GLN A 22 -10.61 3.27 7.17
CA GLN A 22 -9.58 2.66 6.33
C GLN A 22 -8.94 1.47 7.04
N ASN A 23 -8.49 0.49 6.27
CA ASN A 23 -7.86 -0.70 6.84
C ASN A 23 -6.78 -1.23 5.91
N ARG A 24 -5.98 -2.18 6.42
CA ARG A 24 -4.92 -2.78 5.63
C ARG A 24 -5.02 -4.31 5.68
N LEU A 25 -4.59 -4.97 4.62
CA LEU A 25 -4.67 -6.42 4.55
C LEU A 25 -3.27 -7.04 4.71
N PHE A 26 -3.15 -7.99 5.64
CA PHE A 26 -1.88 -8.67 5.85
C PHE A 26 -1.84 -9.99 5.08
N TYR A 27 -0.75 -10.22 4.35
CA TYR A 27 -0.56 -11.49 3.65
C TYR A 27 0.75 -12.12 4.10
N THR A 28 0.78 -13.44 4.22
CA THR A 28 1.97 -14.13 4.72
C THR A 28 2.63 -14.95 3.62
N LEU A 29 3.96 -14.97 3.62
CA LEU A 29 4.72 -15.75 2.65
C LEU A 29 4.87 -17.19 3.11
N LYS A 30 4.43 -18.12 2.27
CA LYS A 30 4.51 -19.55 2.59
C LYS A 30 5.35 -20.28 1.57
N THR A 31 6.04 -21.34 2.00
CA THR A 31 6.91 -22.11 1.12
C THR A 31 6.15 -22.59 -0.12
N GLY A 32 6.78 -22.45 -1.28
CA GLY A 32 6.15 -22.85 -2.54
C GLY A 32 5.74 -21.66 -3.39
N GLU A 33 5.46 -20.51 -2.76
CA GLU A 33 5.05 -19.32 -3.49
C GLU A 33 6.17 -18.29 -3.50
N THR A 34 6.29 -17.56 -4.61
CA THR A 34 7.31 -16.53 -4.74
C THR A 34 6.66 -15.15 -4.84
N VAL A 35 7.44 -14.10 -4.57
CA VAL A 35 6.90 -12.75 -4.60
C VAL A 35 6.29 -12.44 -5.97
N ALA A 36 6.99 -12.83 -7.03
CA ALA A 36 6.52 -12.55 -8.39
C ALA A 36 5.18 -13.23 -8.64
N ASP A 37 5.05 -14.47 -8.17
CA ASP A 37 3.82 -15.23 -8.41
C ASP A 37 2.62 -14.54 -7.78
N LEU A 38 2.79 -14.09 -6.54
CA LEU A 38 1.70 -13.41 -5.83
C LEU A 38 1.27 -12.17 -6.59
N SER A 39 2.24 -11.40 -7.06
CA SER A 39 1.94 -10.16 -7.77
C SER A 39 1.11 -10.42 -9.02
N LYS A 40 1.46 -11.47 -9.75
CA LYS A 40 0.76 -11.80 -10.99
C LYS A 40 -0.71 -12.12 -10.71
N SER A 41 -0.94 -12.94 -9.69
CA SER A 41 -2.30 -13.37 -9.36
C SER A 41 -3.17 -12.17 -8.98
N GLN A 42 -2.61 -11.27 -8.16
CA GLN A 42 -3.36 -10.11 -7.70
C GLN A 42 -3.45 -8.98 -8.73
N ASP A 43 -2.81 -9.15 -9.90
CA ASP A 43 -2.85 -8.12 -10.93
C ASP A 43 -2.24 -6.81 -10.40
N ILE A 44 -1.14 -6.94 -9.66
CA ILE A 44 -0.46 -5.78 -9.10
C ILE A 44 0.94 -5.67 -9.71
N ASN A 45 1.43 -4.44 -9.86
CA ASN A 45 2.74 -4.23 -10.44
C ASN A 45 3.83 -4.35 -9.38
N LEU A 46 4.92 -5.05 -9.72
CA LEU A 46 6.01 -5.24 -8.78
C LEU A 46 6.53 -3.90 -8.28
N SER A 47 6.60 -2.91 -9.17
CA SER A 47 7.09 -1.59 -8.79
C SER A 47 6.24 -1.01 -7.67
N THR A 48 4.92 -1.15 -7.80
CA THR A 48 4.00 -0.61 -6.80
C THR A 48 4.24 -1.26 -5.44
N ILE A 49 4.41 -2.58 -5.44
CA ILE A 49 4.60 -3.32 -4.20
C ILE A 49 5.83 -2.78 -3.46
N TRP A 50 6.92 -2.59 -4.20
CA TRP A 50 8.14 -2.07 -3.60
C TRP A 50 7.91 -0.69 -2.98
N SER A 51 7.26 0.20 -3.71
CA SER A 51 7.07 1.57 -3.23
C SER A 51 6.41 1.59 -1.85
N LEU A 52 5.44 0.71 -1.63
CA LEU A 52 4.75 0.66 -0.34
C LEU A 52 5.63 0.04 0.74
N ASN A 53 6.18 -1.14 0.47
CA ASN A 53 6.95 -1.86 1.48
C ASN A 53 8.44 -1.48 1.51
N LYS A 54 8.82 -0.45 0.76
CA LYS A 54 10.21 0.00 0.76
C LYS A 54 10.73 0.26 2.18
N HIS A 55 9.84 0.61 3.11
CA HIS A 55 10.25 0.86 4.48
C HIS A 55 10.59 -0.44 5.21
N LEU A 56 9.85 -1.51 4.91
CA LEU A 56 10.09 -2.79 5.56
C LEU A 56 11.38 -3.44 5.08
N TYR A 57 11.63 -3.37 3.78
CA TYR A 57 12.81 -4.01 3.19
C TYR A 57 13.79 -2.95 2.66
N SER A 58 15.08 -3.27 2.72
CA SER A 58 16.11 -2.31 2.34
C SER A 58 16.11 -2.06 0.84
N SER A 59 15.94 -3.11 0.05
CA SER A 59 16.01 -2.99 -1.41
C SER A 59 15.20 -4.06 -2.11
N GLU A 60 15.04 -3.91 -3.42
CA GLU A 60 14.28 -4.88 -4.21
C GLU A 60 14.92 -6.27 -4.15
N SER A 61 16.24 -6.33 -4.08
CA SER A 61 16.94 -7.61 -4.07
C SER A 61 16.44 -8.49 -2.94
N GLU A 62 16.28 -7.91 -1.76
CA GLU A 62 15.81 -8.68 -0.61
C GLU A 62 14.42 -9.24 -0.85
N MET A 63 13.58 -8.50 -1.57
CA MET A 63 12.23 -8.96 -1.87
C MET A 63 12.27 -10.19 -2.76
N MET A 64 13.07 -10.14 -3.81
CA MET A 64 13.18 -11.25 -4.76
C MET A 64 13.64 -12.53 -4.06
N LYS A 65 14.55 -12.39 -3.11
CA LYS A 65 15.09 -13.54 -2.39
C LYS A 65 14.29 -13.86 -1.11
N ALA A 66 13.08 -13.30 -0.97
CA ALA A 66 12.27 -13.55 0.22
C ALA A 66 12.07 -15.04 0.47
N ALA A 67 11.96 -15.40 1.74
CA ALA A 67 11.78 -16.80 2.12
C ALA A 67 10.56 -16.95 3.03
N PRO A 68 10.11 -18.16 3.30
CA PRO A 68 8.90 -18.37 4.15
C PRO A 68 9.03 -17.74 5.53
N GLY A 69 7.92 -17.26 6.08
CA GLY A 69 7.91 -16.69 7.42
C GLY A 69 7.86 -15.16 7.43
N GLN A 70 8.14 -14.52 6.30
CA GLN A 70 8.13 -13.06 6.24
C GLN A 70 6.73 -12.55 5.93
N GLN A 71 6.46 -11.30 6.35
CA GLN A 71 5.13 -10.71 6.16
C GLN A 71 5.17 -9.59 5.13
N ILE A 72 4.07 -9.44 4.40
CA ILE A 72 3.92 -8.36 3.44
C ILE A 72 2.64 -7.58 3.74
N ILE A 73 2.72 -6.25 3.69
CA ILE A 73 1.53 -5.42 3.96
C ILE A 73 1.01 -4.82 2.66
N LEU A 74 -0.31 -4.89 2.48
CA LEU A 74 -0.96 -4.31 1.32
C LEU A 74 -1.96 -3.25 1.76
N PRO A 75 -1.60 -1.98 1.78
CA PRO A 75 -2.55 -0.90 2.19
C PRO A 75 -3.57 -0.61 1.09
N LEU A 76 -4.83 -0.96 1.37
CA LEU A 76 -5.90 -0.74 0.40
C LEU A 76 -6.72 0.49 0.79
N LYS A 77 -6.89 1.41 -0.15
CA LYS A 77 -7.66 2.62 0.08
C LYS A 77 -9.02 2.53 -0.62
N LYS A 78 -10.09 2.67 0.16
CA LYS A 78 -11.44 2.62 -0.40
C LYS A 78 -11.66 3.75 -1.41
N LEU A 79 -11.07 4.92 -1.14
CA LEU A 79 -11.25 6.08 -2.01
C LEU A 79 -9.91 6.52 -2.61
N PRO A 80 -9.45 5.90 -3.67
CA PRO A 80 -8.16 6.30 -4.31
C PRO A 80 -8.16 7.77 -4.73
N PHE A 81 -7.38 8.59 -4.04
CA PHE A 81 -7.32 10.02 -4.35
C PHE A 81 -6.03 10.30 -5.12
N GLU A 82 -6.18 10.93 -6.29
CA GLU A 82 -5.05 11.17 -7.18
C GLU A 82 -4.00 12.06 -6.52
N TYR A 83 -4.43 13.04 -5.74
CA TYR A 83 -3.52 13.99 -5.13
C TYR A 83 -3.38 13.74 -3.63
N SER A 84 -2.17 13.93 -3.11
CA SER A 84 -1.92 13.77 -1.68
C SER A 84 -1.55 15.10 -1.05
N ALA A 85 -2.08 15.36 0.15
CA ALA A 85 -1.82 16.60 0.84
C ALA A 85 -0.39 16.67 1.37
N LEU A 86 0.13 15.52 1.80
CA LEU A 86 1.46 15.47 2.41
C LEU A 86 2.39 14.54 1.63
N PRO A 87 3.08 15.03 0.61
CA PRO A 87 4.05 14.19 -0.15
C PRO A 87 5.24 13.77 0.70
N LEU A 88 5.30 12.49 1.04
CA LEU A 88 6.38 11.97 1.87
C LEU A 88 7.75 12.23 1.24
N LEU A 89 7.82 12.15 -0.09
CA LEU A 89 9.08 12.36 -0.79
C LEU A 89 9.68 13.72 -0.43
N GLY A 90 8.83 14.73 -0.30
CA GLY A 90 9.30 16.07 0.03
C GLY A 90 9.88 16.12 1.43
N SER A 91 10.86 17.00 1.62
CA SER A 91 11.50 17.15 2.93
C SER A 91 11.67 18.62 3.28
N ALA A 92 11.79 18.91 4.58
CA ALA A 92 11.94 20.28 5.04
C ALA A 92 13.14 20.40 5.99
N PRO A 93 14.35 20.54 5.46
CA PRO A 93 15.56 20.67 6.33
C PRO A 93 15.68 22.07 6.95
N LEU A 94 15.58 22.13 8.26
CA LEU A 94 15.66 23.40 8.97
C LEU A 94 17.07 23.64 9.48
N VAL A 95 17.58 24.85 9.28
CA VAL A 95 18.92 25.20 9.74
C VAL A 95 18.96 25.19 11.27
N ALA A 96 17.91 25.70 11.90
CA ALA A 96 17.85 25.77 13.35
C ALA A 96 17.96 24.38 13.98
N ALA A 97 17.38 23.38 13.33
CA ALA A 97 17.44 22.02 13.85
C ALA A 97 18.87 21.55 13.96
N GLY A 98 19.16 20.75 14.98
CA GLY A 98 20.50 20.24 15.21
C GLY A 98 20.57 19.38 16.47
N GLY A 99 21.35 19.84 17.45
CA GLY A 99 21.49 19.11 18.70
C GLY A 99 22.43 17.92 18.55
N VAL A 100 23.51 18.12 17.78
CA VAL A 100 24.49 17.06 17.55
C VAL A 100 25.81 17.41 18.25
N ALA A 101 26.37 16.45 18.95
CA ALA A 101 27.63 16.65 19.66
C ALA A 101 28.78 15.94 18.94
N GLY A 102 29.97 16.51 19.03
CA GLY A 102 31.14 15.92 18.38
C GLY A 102 32.19 16.97 18.06
N HIS A 103 31.77 18.01 17.34
CA HIS A 103 32.68 19.10 16.97
C HIS A 103 33.35 19.69 18.20
N THR A 104 32.59 19.83 19.29
CA THR A 104 33.12 20.41 20.52
C THR A 104 34.14 19.48 21.16
N ASN A 105 35.36 19.99 21.35
CA ASN A 105 36.42 19.20 21.97
C ASN A 105 36.04 18.75 23.37
N GLY A 106 35.27 19.58 24.09
CA GLY A 106 34.88 19.26 25.46
C GLY A 106 34.20 17.90 25.55
N SER A 107 33.40 17.56 24.54
CA SER A 107 32.70 16.29 24.53
C SER A 107 33.68 15.12 24.51
N GLY A 108 34.82 15.28 23.84
CA GLY A 108 35.83 14.23 23.77
C GLY A 108 36.41 13.94 25.14
N SER A 109 36.30 12.69 25.58
CA SER A 109 36.83 12.30 26.88
C SER A 109 38.33 12.53 26.96
N GLU A 110 39.03 12.28 25.84
CA GLU A 110 40.48 12.46 25.81
C GLU A 110 40.84 13.79 25.17
N ASN A 111 41.83 14.47 25.75
CA ASN A 111 42.27 15.76 25.24
C ASN A 111 43.74 15.68 24.78
N LEU A 112 43.99 16.15 23.56
CA LEU A 112 45.34 16.13 23.02
C LEU A 112 46.28 16.96 23.87
N TYR A 113 45.80 18.11 24.35
CA TYR A 113 46.62 19.00 25.17
C TYR A 113 46.02 19.14 26.57
N PHE A 114 46.86 18.96 27.57
CA PHE A 114 46.42 19.03 28.97
C PHE A 114 45.96 20.45 29.32
N GLN A 115 46.75 21.44 28.93
CA GLN A 115 46.42 22.83 29.26
C GLN A 115 45.03 23.20 28.77
N MET A 1 -41.77 9.66 6.61
CA MET A 1 -40.83 8.78 7.36
C MET A 1 -39.61 9.59 7.78
N ASN A 2 -39.73 10.29 8.90
CA ASN A 2 -38.63 11.11 9.40
C ASN A 2 -37.38 10.27 9.61
N GLY A 3 -37.56 9.04 10.10
CA GLY A 3 -36.42 8.16 10.34
C GLY A 3 -35.92 8.29 11.78
N GLU A 4 -35.97 9.50 12.32
CA GLU A 4 -35.52 9.75 13.69
C GLU A 4 -36.24 8.85 14.69
N ASN A 5 -37.50 8.51 14.40
CA ASN A 5 -38.30 7.69 15.30
C ASN A 5 -37.56 6.40 15.69
N TYR A 6 -36.79 5.85 14.76
CA TYR A 6 -36.04 4.62 15.03
C TYR A 6 -34.54 4.91 15.04
N PHE A 7 -33.90 4.63 16.18
CA PHE A 7 -32.46 4.86 16.32
C PHE A 7 -31.62 3.65 15.87
N LYS A 8 -32.24 2.49 15.70
CA LYS A 8 -31.51 1.28 15.34
C LYS A 8 -30.71 1.49 14.06
N LEU A 9 -31.32 2.15 13.09
CA LEU A 9 -30.65 2.44 11.82
C LEU A 9 -30.31 3.92 11.72
N GLY A 10 -29.20 4.22 11.04
CA GLY A 10 -28.80 5.61 10.84
C GLY A 10 -27.99 6.13 12.03
N SER A 11 -26.94 5.40 12.41
CA SER A 11 -26.08 5.81 13.51
C SER A 11 -24.66 6.03 13.02
N ASP A 12 -24.07 7.16 13.41
CA ASP A 12 -22.70 7.49 13.01
C ASP A 12 -21.69 6.57 13.70
N SER A 13 -21.94 6.28 14.97
CA SER A 13 -21.00 5.47 15.75
C SER A 13 -20.89 4.05 15.20
N LYS A 14 -19.71 3.47 15.32
CA LYS A 14 -19.49 2.09 14.88
C LYS A 14 -19.45 1.11 16.06
N LEU A 15 -20.06 1.47 17.19
CA LEU A 15 -20.07 0.60 18.36
C LEU A 15 -20.69 -0.76 18.04
N LEU A 16 -21.69 -0.77 17.17
CA LEU A 16 -22.39 -2.01 16.84
C LEU A 16 -21.41 -3.08 16.36
N THR A 17 -20.36 -2.67 15.66
CA THR A 17 -19.36 -3.62 15.16
C THR A 17 -18.03 -3.42 15.88
N HIS A 18 -17.26 -4.51 16.00
CA HIS A 18 -15.96 -4.44 16.65
C HIS A 18 -15.09 -5.64 16.25
N ASN A 19 -15.71 -6.81 16.19
CA ASN A 19 -14.99 -8.03 15.84
C ASN A 19 -14.26 -7.88 14.51
N SER A 20 -14.86 -7.17 13.56
CA SER A 20 -14.26 -7.00 12.24
C SER A 20 -13.74 -5.58 12.06
N TYR A 21 -12.66 -5.45 11.29
CA TYR A 21 -12.07 -4.14 11.03
C TYR A 21 -11.56 -4.06 9.60
N GLN A 22 -11.41 -2.84 9.09
CA GLN A 22 -10.90 -2.65 7.73
C GLN A 22 -9.87 -1.53 7.70
N ASN A 23 -8.66 -1.86 7.27
CA ASN A 23 -7.59 -0.86 7.17
C ASN A 23 -6.51 -1.34 6.22
N ARG A 24 -5.79 -2.39 6.62
CA ARG A 24 -4.72 -2.96 5.81
C ARG A 24 -4.90 -4.46 5.67
N LEU A 25 -4.51 -5.01 4.53
CA LEU A 25 -4.61 -6.45 4.30
C LEU A 25 -3.25 -7.11 4.47
N PHE A 26 -3.17 -8.09 5.37
CA PHE A 26 -1.92 -8.80 5.61
C PHE A 26 -1.88 -10.11 4.81
N TYR A 27 -0.79 -10.34 4.10
CA TYR A 27 -0.59 -11.61 3.40
C TYR A 27 0.71 -12.26 3.88
N THR A 28 0.71 -13.58 4.03
CA THR A 28 1.87 -14.29 4.56
C THR A 28 2.58 -15.07 3.45
N LEU A 29 3.91 -15.09 3.52
CA LEU A 29 4.72 -15.82 2.55
C LEU A 29 4.88 -17.27 2.97
N LYS A 30 4.61 -18.18 2.04
CA LYS A 30 4.70 -19.61 2.30
C LYS A 30 5.61 -20.29 1.28
N THR A 31 6.35 -21.31 1.73
CA THR A 31 7.29 -22.01 0.85
C THR A 31 6.63 -22.46 -0.44
N GLY A 32 7.32 -22.23 -1.56
CA GLY A 32 6.78 -22.60 -2.88
C GLY A 32 6.37 -21.37 -3.68
N GLU A 33 5.99 -20.28 -3.01
CA GLU A 33 5.58 -19.06 -3.70
C GLU A 33 6.62 -17.98 -3.54
N THR A 34 6.81 -17.17 -4.58
CA THR A 34 7.74 -16.05 -4.54
C THR A 34 6.99 -14.73 -4.64
N VAL A 35 7.67 -13.63 -4.35
CA VAL A 35 7.02 -12.32 -4.36
C VAL A 35 6.39 -12.05 -5.73
N ALA A 36 7.12 -12.37 -6.80
CA ALA A 36 6.62 -12.12 -8.14
C ALA A 36 5.34 -12.92 -8.40
N ASP A 37 5.31 -14.17 -7.94
CA ASP A 37 4.15 -15.03 -8.18
C ASP A 37 2.90 -14.43 -7.54
N LEU A 38 3.04 -13.96 -6.30
CA LEU A 38 1.91 -13.38 -5.59
C LEU A 38 1.37 -12.18 -6.35
N SER A 39 2.27 -11.33 -6.84
CA SER A 39 1.87 -10.13 -7.55
C SER A 39 1.06 -10.48 -8.79
N LYS A 40 1.49 -11.52 -9.50
CA LYS A 40 0.80 -11.93 -10.72
C LYS A 40 -0.64 -12.35 -10.43
N SER A 41 -0.82 -13.15 -9.40
CA SER A 41 -2.15 -13.63 -9.03
C SER A 41 -3.08 -12.47 -8.68
N GLN A 42 -2.54 -11.53 -7.90
CA GLN A 42 -3.32 -10.37 -7.49
C GLN A 42 -3.51 -9.32 -8.59
N ASP A 43 -2.82 -9.49 -9.72
CA ASP A 43 -2.91 -8.52 -10.81
C ASP A 43 -2.44 -7.15 -10.34
N ILE A 44 -1.35 -7.14 -9.59
CA ILE A 44 -0.76 -5.90 -9.10
C ILE A 44 0.63 -5.70 -9.71
N ASN A 45 1.00 -4.45 -9.95
CA ASN A 45 2.29 -4.15 -10.55
C ASN A 45 3.41 -4.26 -9.53
N LEU A 46 4.52 -4.89 -9.92
CA LEU A 46 5.65 -5.05 -9.01
C LEU A 46 6.14 -3.69 -8.52
N SER A 47 6.12 -2.69 -9.39
CA SER A 47 6.58 -1.36 -9.02
C SER A 47 5.77 -0.83 -7.85
N THR A 48 4.46 -1.02 -7.90
CA THR A 48 3.58 -0.53 -6.85
C THR A 48 3.91 -1.20 -5.51
N ILE A 49 4.09 -2.51 -5.55
CA ILE A 49 4.36 -3.26 -4.33
C ILE A 49 5.62 -2.73 -3.66
N TRP A 50 6.66 -2.50 -4.45
CA TRP A 50 7.92 -1.98 -3.92
C TRP A 50 7.73 -0.63 -3.24
N SER A 51 7.02 0.28 -3.92
CA SER A 51 6.86 1.63 -3.39
C SER A 51 6.25 1.60 -1.98
N LEU A 52 5.31 0.70 -1.75
CA LEU A 52 4.67 0.62 -0.43
C LEU A 52 5.61 -0.01 0.61
N ASN A 53 6.15 -1.18 0.29
CA ASN A 53 6.94 -1.93 1.28
C ASN A 53 8.43 -1.58 1.28
N LYS A 54 8.84 -0.57 0.52
CA LYS A 54 10.24 -0.17 0.50
C LYS A 54 10.78 0.09 1.91
N HIS A 55 9.91 0.49 2.83
CA HIS A 55 10.34 0.75 4.20
C HIS A 55 10.60 -0.55 4.96
N LEU A 56 9.77 -1.57 4.68
CA LEU A 56 9.90 -2.86 5.37
C LEU A 56 11.21 -3.55 4.98
N TYR A 57 11.54 -3.50 3.69
CA TYR A 57 12.75 -4.17 3.18
C TYR A 57 13.79 -3.15 2.73
N SER A 58 15.06 -3.52 2.89
CA SER A 58 16.15 -2.61 2.58
C SER A 58 16.25 -2.34 1.08
N SER A 59 16.08 -3.39 0.27
CA SER A 59 16.24 -3.26 -1.17
C SER A 59 15.40 -4.30 -1.91
N GLU A 60 15.30 -4.13 -3.23
CA GLU A 60 14.53 -5.05 -4.05
C GLU A 60 15.07 -6.46 -3.98
N SER A 61 16.40 -6.60 -3.85
CA SER A 61 17.03 -7.92 -3.82
C SER A 61 16.43 -8.77 -2.70
N GLU A 62 16.26 -8.18 -1.53
CA GLU A 62 15.70 -8.90 -0.39
C GLU A 62 14.29 -9.38 -0.68
N MET A 63 13.52 -8.60 -1.44
CA MET A 63 12.16 -8.98 -1.78
C MET A 63 12.15 -10.23 -2.64
N MET A 64 12.93 -10.22 -3.71
CA MET A 64 12.96 -11.35 -4.64
C MET A 64 13.40 -12.63 -3.95
N LYS A 65 14.33 -12.52 -3.01
CA LYS A 65 14.86 -13.68 -2.30
C LYS A 65 14.10 -13.99 -1.01
N ALA A 66 12.90 -13.40 -0.83
CA ALA A 66 12.12 -13.63 0.38
C ALA A 66 11.91 -15.12 0.64
N ALA A 67 11.86 -15.47 1.92
CA ALA A 67 11.68 -16.87 2.33
C ALA A 67 10.42 -17.03 3.19
N PRO A 68 10.00 -18.24 3.47
CA PRO A 68 8.76 -18.46 4.28
C PRO A 68 8.85 -17.80 5.66
N GLY A 69 7.70 -17.33 6.15
CA GLY A 69 7.64 -16.73 7.48
C GLY A 69 7.60 -15.20 7.46
N GLN A 70 7.96 -14.58 6.34
CA GLN A 70 7.95 -13.13 6.24
C GLN A 70 6.57 -12.62 5.85
N GLN A 71 6.27 -11.37 6.22
CA GLN A 71 4.95 -10.80 5.96
C GLN A 71 5.03 -9.66 4.94
N ILE A 72 3.95 -9.49 4.18
CA ILE A 72 3.82 -8.39 3.25
C ILE A 72 2.57 -7.59 3.58
N ILE A 73 2.68 -6.26 3.58
CA ILE A 73 1.53 -5.41 3.91
C ILE A 73 1.00 -4.73 2.64
N LEU A 74 -0.32 -4.75 2.48
CA LEU A 74 -0.97 -4.06 1.38
C LEU A 74 -1.93 -2.99 1.92
N PRO A 75 -1.47 -1.78 2.14
CA PRO A 75 -2.36 -0.69 2.63
C PRO A 75 -3.00 0.09 1.49
N LEU A 76 -4.30 -0.12 1.29
CA LEU A 76 -5.03 0.58 0.23
C LEU A 76 -5.80 1.77 0.79
N LYS A 77 -5.76 2.88 0.06
CA LYS A 77 -6.48 4.08 0.49
C LYS A 77 -7.90 4.17 -0.08
N LYS A 78 -8.38 3.10 -0.72
CA LYS A 78 -9.73 3.11 -1.30
C LYS A 78 -10.79 3.40 -0.24
N LEU A 79 -10.57 2.92 0.98
CA LEU A 79 -11.54 3.11 2.05
C LEU A 79 -11.06 4.20 3.02
N PRO A 80 -11.38 5.46 2.78
CA PRO A 80 -10.95 6.55 3.69
C PRO A 80 -11.54 6.40 5.09
N PHE A 81 -10.97 7.10 6.07
CA PHE A 81 -11.42 7.01 7.44
C PHE A 81 -11.48 8.39 8.09
N GLU A 82 -12.25 8.50 9.16
CA GLU A 82 -12.36 9.77 9.88
C GLU A 82 -12.40 9.52 11.40
N TYR A 83 -13.30 8.63 11.82
CA TYR A 83 -13.43 8.29 13.22
C TYR A 83 -12.13 7.71 13.77
N SER A 84 -11.48 6.87 12.97
CA SER A 84 -10.23 6.24 13.38
C SER A 84 -9.18 7.27 13.76
N ALA A 85 -9.16 8.39 13.04
CA ALA A 85 -8.19 9.45 13.30
C ALA A 85 -8.30 9.93 14.74
N LEU A 86 -7.17 10.23 15.36
CA LEU A 86 -7.14 10.69 16.74
C LEU A 86 -6.32 11.99 16.87
N PRO A 87 -6.89 13.13 16.54
CA PRO A 87 -6.16 14.42 16.67
C PRO A 87 -5.56 14.61 18.06
N LEU A 88 -4.25 14.44 18.17
CA LEU A 88 -3.57 14.58 19.45
C LEU A 88 -2.95 15.96 19.59
N LEU A 89 -3.28 16.65 20.68
CA LEU A 89 -2.78 18.01 20.91
C LEU A 89 -1.26 18.00 21.02
N GLY A 90 -0.71 16.98 21.66
CA GLY A 90 0.74 16.88 21.82
C GLY A 90 1.44 16.89 20.46
N SER A 91 2.59 17.55 20.40
CA SER A 91 3.36 17.65 19.16
C SER A 91 4.77 17.10 19.36
N ALA A 92 5.33 16.55 18.29
CA ALA A 92 6.68 15.98 18.33
C ALA A 92 7.56 16.65 17.26
N PRO A 93 8.12 17.81 17.54
CA PRO A 93 8.96 18.53 16.54
C PRO A 93 10.39 17.98 16.50
N LEU A 94 10.63 17.01 15.62
CA LEU A 94 11.96 16.43 15.47
C LEU A 94 12.98 17.51 15.12
N VAL A 95 12.58 18.48 14.30
CA VAL A 95 13.47 19.56 13.89
C VAL A 95 13.94 20.34 15.12
N ALA A 96 13.05 20.54 16.08
CA ALA A 96 13.39 21.28 17.29
C ALA A 96 14.59 20.66 18.01
N ALA A 97 14.73 19.34 17.91
CA ALA A 97 15.81 18.64 18.59
C ALA A 97 17.17 19.14 18.08
N GLY A 98 18.01 19.58 19.01
CA GLY A 98 19.35 20.05 18.67
C GLY A 98 20.20 18.93 18.07
N GLY A 99 20.01 17.71 18.55
CA GLY A 99 20.78 16.58 18.06
C GLY A 99 20.73 16.46 16.53
N VAL A 100 19.58 16.81 15.95
CA VAL A 100 19.42 16.76 14.49
C VAL A 100 19.21 18.17 13.96
N ALA A 101 19.92 18.50 12.88
CA ALA A 101 19.79 19.83 12.28
C ALA A 101 19.99 19.76 10.77
N GLY A 102 19.42 20.73 10.06
CA GLY A 102 19.55 20.77 8.60
C GLY A 102 18.21 21.09 7.95
N HIS A 103 18.17 22.16 7.17
CA HIS A 103 16.95 22.55 6.48
C HIS A 103 17.17 22.57 4.97
N THR A 104 16.25 21.93 4.24
CA THR A 104 16.34 21.90 2.78
C THR A 104 16.27 23.31 2.19
N ASN A 105 15.42 24.15 2.77
CA ASN A 105 15.24 25.51 2.28
C ASN A 105 15.77 26.53 3.30
N GLY A 106 16.05 27.73 2.82
CA GLY A 106 16.55 28.80 3.68
C GLY A 106 15.86 30.12 3.37
N SER A 107 14.56 30.06 3.11
CA SER A 107 13.81 31.27 2.78
C SER A 107 13.75 32.21 3.99
N GLY A 108 13.56 33.50 3.71
CA GLY A 108 13.46 34.49 4.78
C GLY A 108 14.83 34.85 5.34
N SER A 109 15.87 34.80 4.51
CA SER A 109 17.20 35.16 4.95
C SER A 109 17.28 36.62 5.40
N GLU A 110 16.52 37.49 4.73
CA GLU A 110 16.52 38.91 5.06
C GLU A 110 15.18 39.31 5.67
N ASN A 111 15.24 40.12 6.72
CA ASN A 111 14.02 40.61 7.38
C ASN A 111 13.81 42.08 7.08
N LEU A 112 12.64 42.41 6.54
CA LEU A 112 12.32 43.79 6.20
C LEU A 112 12.33 44.68 7.45
N TYR A 113 11.87 44.14 8.56
CA TYR A 113 11.81 44.91 9.81
C TYR A 113 13.19 45.42 10.19
N PHE A 114 14.21 44.58 10.01
CA PHE A 114 15.58 44.96 10.34
C PHE A 114 16.34 45.37 9.08
N GLN A 115 17.02 46.51 9.15
CA GLN A 115 17.79 46.99 8.01
C GLN A 115 19.01 46.10 7.78
N MET A 1 -40.53 -9.31 -1.31
CA MET A 1 -41.23 -8.54 -2.38
C MET A 1 -40.64 -8.90 -3.74
N ASN A 2 -41.53 -9.14 -4.71
CA ASN A 2 -41.09 -9.51 -6.05
C ASN A 2 -40.12 -8.47 -6.63
N GLY A 3 -40.38 -7.19 -6.34
CA GLY A 3 -39.54 -6.11 -6.83
C GLY A 3 -38.92 -5.33 -5.68
N GLU A 4 -37.60 -5.40 -5.56
CA GLU A 4 -36.89 -4.68 -4.50
C GLU A 4 -36.11 -3.51 -5.09
N ASN A 5 -36.29 -2.33 -4.50
CA ASN A 5 -35.57 -1.15 -4.96
C ASN A 5 -35.53 -0.02 -3.90
N TYR A 6 -35.84 -0.35 -2.64
CA TYR A 6 -35.81 0.66 -1.58
C TYR A 6 -34.38 1.12 -1.30
N PHE A 7 -33.43 0.19 -1.37
CA PHE A 7 -32.03 0.51 -1.10
C PHE A 7 -31.52 1.61 -2.03
N LYS A 8 -31.98 1.58 -3.28
CA LYS A 8 -31.52 2.56 -4.26
C LYS A 8 -31.81 3.98 -3.78
N LEU A 9 -32.97 4.18 -3.18
CA LEU A 9 -33.35 5.49 -2.68
C LEU A 9 -32.41 5.94 -1.55
N GLY A 10 -32.02 4.99 -0.70
CA GLY A 10 -31.14 5.31 0.42
C GLY A 10 -29.83 5.92 -0.06
N SER A 11 -29.32 5.40 -1.18
CA SER A 11 -28.05 5.89 -1.72
C SER A 11 -28.10 7.39 -2.01
N ASP A 12 -29.25 7.88 -2.44
CA ASP A 12 -29.39 9.29 -2.80
C ASP A 12 -28.99 10.20 -1.65
N SER A 13 -29.32 9.80 -0.42
CA SER A 13 -29.03 10.62 0.75
C SER A 13 -28.09 9.88 1.71
N LYS A 14 -27.21 10.64 2.36
CA LYS A 14 -26.27 10.07 3.32
C LYS A 14 -26.35 10.83 4.64
N LEU A 15 -26.49 10.09 5.74
CA LEU A 15 -26.58 10.71 7.06
C LEU A 15 -25.29 11.47 7.39
N LEU A 16 -24.15 10.90 7.01
CA LEU A 16 -22.85 11.53 7.26
C LEU A 16 -22.24 12.03 5.96
N THR A 17 -21.87 13.31 5.94
CA THR A 17 -21.35 13.92 4.72
C THR A 17 -20.07 13.24 4.25
N HIS A 18 -19.18 12.92 5.17
CA HIS A 18 -17.91 12.28 4.82
C HIS A 18 -17.85 10.87 5.40
N ASN A 19 -17.39 9.92 4.58
CA ASN A 19 -17.30 8.53 5.01
C ASN A 19 -16.01 7.89 4.50
N SER A 20 -15.04 7.74 5.40
CA SER A 20 -13.77 7.13 5.05
C SER A 20 -13.47 5.94 5.96
N TYR A 21 -12.89 4.88 5.39
CA TYR A 21 -12.55 3.70 6.17
C TYR A 21 -11.07 3.34 5.98
N GLN A 22 -10.39 3.04 7.08
CA GLN A 22 -8.99 2.64 7.02
C GLN A 22 -8.86 1.14 7.25
N ASN A 23 -8.40 0.43 6.22
CA ASN A 23 -8.26 -1.02 6.31
C ASN A 23 -6.92 -1.45 5.70
N ARG A 24 -6.30 -2.47 6.31
CA ARG A 24 -5.06 -3.01 5.80
C ARG A 24 -5.16 -4.53 5.68
N LEU A 25 -4.61 -5.09 4.60
CA LEU A 25 -4.65 -6.54 4.41
C LEU A 25 -3.28 -7.15 4.64
N PHE A 26 -3.22 -8.12 5.56
CA PHE A 26 -1.96 -8.81 5.83
C PHE A 26 -1.86 -10.11 5.03
N TYR A 27 -0.74 -10.30 4.34
CA TYR A 27 -0.51 -11.55 3.62
C TYR A 27 0.80 -12.18 4.09
N THR A 28 0.84 -13.50 4.16
CA THR A 28 2.03 -14.20 4.68
C THR A 28 2.71 -15.00 3.58
N LEU A 29 4.04 -15.02 3.61
CA LEU A 29 4.82 -15.77 2.64
C LEU A 29 4.99 -17.22 3.09
N LYS A 30 4.68 -18.15 2.19
CA LYS A 30 4.78 -19.58 2.49
C LYS A 30 5.61 -20.28 1.42
N THR A 31 6.37 -21.28 1.83
CA THR A 31 7.25 -22.01 0.91
C THR A 31 6.47 -22.51 -0.31
N GLY A 32 7.05 -22.31 -1.49
CA GLY A 32 6.41 -22.72 -2.74
C GLY A 32 5.93 -21.52 -3.56
N GLU A 33 5.62 -20.41 -2.89
CA GLU A 33 5.16 -19.21 -3.59
C GLU A 33 6.24 -18.14 -3.56
N THR A 34 6.33 -17.36 -4.65
CA THR A 34 7.31 -16.28 -4.74
C THR A 34 6.60 -14.94 -4.78
N VAL A 35 7.34 -13.86 -4.50
CA VAL A 35 6.75 -12.53 -4.48
C VAL A 35 6.12 -12.21 -5.82
N ALA A 36 6.82 -12.54 -6.90
CA ALA A 36 6.30 -12.25 -8.24
C ALA A 36 4.99 -12.99 -8.49
N ASP A 37 4.92 -14.24 -8.03
CA ASP A 37 3.73 -15.05 -8.25
C ASP A 37 2.51 -14.40 -7.61
N LEU A 38 2.67 -13.94 -6.37
CA LEU A 38 1.56 -13.31 -5.66
C LEU A 38 1.08 -12.08 -6.41
N SER A 39 2.02 -11.28 -6.90
CA SER A 39 1.68 -10.06 -7.61
C SER A 39 0.83 -10.37 -8.84
N LYS A 40 1.20 -11.41 -9.57
CA LYS A 40 0.49 -11.78 -10.79
C LYS A 40 -0.96 -12.14 -10.49
N SER A 41 -1.17 -12.94 -9.46
CA SER A 41 -2.51 -13.40 -9.10
C SER A 41 -3.40 -12.21 -8.73
N GLN A 42 -2.85 -11.31 -7.94
CA GLN A 42 -3.60 -10.13 -7.49
C GLN A 42 -3.73 -9.04 -8.56
N ASP A 43 -3.09 -9.22 -9.72
CA ASP A 43 -3.14 -8.22 -10.78
C ASP A 43 -2.60 -6.88 -10.27
N ILE A 44 -1.49 -6.94 -9.54
CA ILE A 44 -0.86 -5.74 -9.00
C ILE A 44 0.52 -5.58 -9.64
N ASN A 45 0.93 -4.33 -9.86
CA ASN A 45 2.22 -4.05 -10.48
C ASN A 45 3.34 -4.18 -9.47
N LEU A 46 4.42 -4.85 -9.86
CA LEU A 46 5.56 -5.04 -8.97
C LEU A 46 6.09 -3.70 -8.47
N SER A 47 6.10 -2.70 -9.34
CA SER A 47 6.59 -1.37 -8.95
C SER A 47 5.79 -0.83 -7.78
N THR A 48 4.47 -0.99 -7.84
CA THR A 48 3.60 -0.49 -6.78
C THR A 48 3.92 -1.16 -5.45
N ILE A 49 4.09 -2.48 -5.49
CA ILE A 49 4.36 -3.24 -4.27
C ILE A 49 5.62 -2.73 -3.59
N TRP A 50 6.66 -2.50 -4.39
CA TRP A 50 7.92 -2.00 -3.85
C TRP A 50 7.74 -0.66 -3.17
N SER A 51 7.06 0.27 -3.84
CA SER A 51 6.92 1.63 -3.31
C SER A 51 6.31 1.61 -1.91
N LEU A 52 5.34 0.73 -1.69
CA LEU A 52 4.69 0.65 -0.37
C LEU A 52 5.60 0.00 0.66
N ASN A 53 6.12 -1.19 0.36
CA ASN A 53 6.90 -1.95 1.34
C ASN A 53 8.39 -1.58 1.34
N LYS A 54 8.79 -0.56 0.58
CA LYS A 54 10.18 -0.11 0.56
C LYS A 54 10.73 0.12 1.97
N HIS A 55 9.87 0.50 2.91
CA HIS A 55 10.30 0.74 4.28
C HIS A 55 10.56 -0.58 5.01
N LEU A 56 9.74 -1.59 4.72
CA LEU A 56 9.89 -2.89 5.39
C LEU A 56 11.19 -3.57 5.00
N TYR A 57 11.55 -3.48 3.72
CA TYR A 57 12.77 -4.12 3.21
C TYR A 57 13.83 -3.08 2.86
N SER A 58 15.09 -3.45 3.03
CA SER A 58 16.19 -2.51 2.81
C SER A 58 16.41 -2.27 1.31
N SER A 59 16.31 -3.33 0.51
CA SER A 59 16.60 -3.22 -0.91
C SER A 59 15.79 -4.21 -1.72
N GLU A 60 15.83 -4.07 -3.04
CA GLU A 60 15.09 -4.95 -3.94
C GLU A 60 15.61 -6.38 -3.86
N SER A 61 16.92 -6.54 -3.66
CA SER A 61 17.52 -7.87 -3.62
C SER A 61 16.86 -8.72 -2.55
N GLU A 62 16.59 -8.13 -1.39
CA GLU A 62 15.97 -8.86 -0.30
C GLU A 62 14.59 -9.35 -0.68
N MET A 63 13.86 -8.58 -1.48
CA MET A 63 12.53 -8.99 -1.94
C MET A 63 12.62 -10.23 -2.82
N MET A 64 13.53 -10.20 -3.79
CA MET A 64 13.68 -11.32 -4.72
C MET A 64 14.03 -12.61 -3.99
N LYS A 65 14.85 -12.50 -2.95
CA LYS A 65 15.30 -13.66 -2.19
C LYS A 65 14.40 -13.97 -0.98
N ALA A 66 13.19 -13.40 -0.95
CA ALA A 66 12.28 -13.61 0.18
C ALA A 66 12.07 -15.10 0.44
N ALA A 67 11.94 -15.44 1.73
CA ALA A 67 11.76 -16.84 2.13
C ALA A 67 10.53 -16.97 3.04
N PRO A 68 10.10 -18.17 3.34
CA PRO A 68 8.89 -18.38 4.20
C PRO A 68 9.05 -17.75 5.58
N GLY A 69 7.95 -17.26 6.14
CA GLY A 69 7.95 -16.67 7.48
C GLY A 69 7.91 -15.14 7.46
N GLN A 70 8.19 -14.51 6.32
CA GLN A 70 8.16 -13.05 6.24
C GLN A 70 6.76 -12.56 5.93
N GLN A 71 6.48 -11.31 6.32
CA GLN A 71 5.14 -10.74 6.12
C GLN A 71 5.18 -9.62 5.08
N ILE A 72 4.06 -9.46 4.39
CA ILE A 72 3.89 -8.38 3.43
C ILE A 72 2.62 -7.59 3.76
N ILE A 73 2.70 -6.27 3.68
CA ILE A 73 1.53 -5.42 3.96
C ILE A 73 0.97 -4.84 2.67
N LEU A 74 -0.34 -4.94 2.50
CA LEU A 74 -1.02 -4.38 1.34
C LEU A 74 -1.99 -3.28 1.78
N PRO A 75 -1.59 -2.03 1.77
CA PRO A 75 -2.51 -0.91 2.10
C PRO A 75 -3.32 -0.46 0.88
N LEU A 76 -4.58 -0.87 0.84
CA LEU A 76 -5.44 -0.52 -0.28
C LEU A 76 -5.56 1.00 -0.45
N LYS A 77 -5.62 1.71 0.67
CA LYS A 77 -5.72 3.16 0.63
C LYS A 77 -4.36 3.81 0.89
N LYS A 78 -4.07 4.86 0.14
CA LYS A 78 -2.80 5.58 0.30
C LYS A 78 -3.04 6.96 0.91
N LEU A 79 -2.20 7.31 1.88
CA LEU A 79 -2.30 8.62 2.53
C LEU A 79 -1.22 9.56 1.96
N PRO A 80 -1.51 10.80 1.65
CA PRO A 80 -0.50 11.72 1.06
C PRO A 80 0.32 12.45 2.13
N PHE A 81 -0.27 12.67 3.29
CA PHE A 81 0.41 13.38 4.37
C PHE A 81 0.81 12.43 5.49
N GLU A 82 2.06 12.54 5.93
CA GLU A 82 2.57 11.70 7.01
C GLU A 82 2.88 12.54 8.24
N TYR A 83 2.61 12.00 9.43
CA TYR A 83 2.87 12.71 10.68
C TYR A 83 3.92 11.99 11.50
N SER A 84 4.94 12.74 11.92
CA SER A 84 6.02 12.17 12.74
C SER A 84 5.54 11.76 14.13
N ALA A 85 4.49 12.40 14.62
CA ALA A 85 3.99 12.12 15.97
C ALA A 85 3.70 10.64 16.16
N LEU A 86 3.97 10.15 17.37
CA LEU A 86 3.75 8.74 17.69
C LEU A 86 2.88 8.62 18.95
N PRO A 87 1.57 8.64 18.82
CA PRO A 87 0.67 8.58 20.01
C PRO A 87 0.86 7.29 20.80
N LEU A 88 0.94 6.16 20.10
CA LEU A 88 1.12 4.87 20.76
C LEU A 88 2.60 4.51 20.81
N LEU A 89 3.05 4.04 21.96
CA LEU A 89 4.45 3.65 22.14
C LEU A 89 4.57 2.13 22.25
N GLY A 90 5.50 1.56 21.49
CA GLY A 90 5.72 0.13 21.52
C GLY A 90 7.18 -0.20 21.20
N SER A 91 7.88 -0.79 22.15
CA SER A 91 9.29 -1.13 21.96
C SER A 91 9.62 -2.47 22.60
N ALA A 92 10.70 -3.09 22.12
CA ALA A 92 11.14 -4.37 22.67
C ALA A 92 12.64 -4.30 23.01
N PRO A 93 12.99 -3.82 24.19
CA PRO A 93 14.43 -3.67 24.57
C PRO A 93 15.27 -4.91 24.24
N LEU A 94 14.71 -6.09 24.49
CA LEU A 94 15.44 -7.33 24.28
C LEU A 94 15.82 -7.51 22.82
N VAL A 95 14.93 -7.13 21.90
CA VAL A 95 15.18 -7.30 20.47
C VAL A 95 15.17 -5.95 19.75
N ALA A 96 16.24 -5.68 19.01
CA ALA A 96 16.32 -4.43 18.26
C ALA A 96 15.90 -4.63 16.81
N ALA A 97 14.77 -4.04 16.44
CA ALA A 97 14.28 -4.16 15.07
C ALA A 97 15.24 -3.48 14.10
N GLY A 98 15.77 -2.33 14.49
CA GLY A 98 16.72 -1.60 13.66
C GLY A 98 16.03 -0.92 12.47
N GLY A 99 14.77 -0.54 12.63
CA GLY A 99 14.03 0.13 11.55
C GLY A 99 14.72 1.43 11.16
N VAL A 100 15.25 2.15 12.15
CA VAL A 100 15.92 3.42 11.90
C VAL A 100 17.38 3.33 12.32
N ALA A 101 18.27 3.78 11.44
CA ALA A 101 19.70 3.78 11.74
C ALA A 101 20.17 5.18 12.11
N GLY A 102 20.87 5.28 13.25
CA GLY A 102 21.37 6.57 13.71
C GLY A 102 22.38 7.19 12.74
N HIS A 103 23.12 6.34 12.02
CA HIS A 103 24.18 6.81 11.15
C HIS A 103 23.72 7.92 10.21
N THR A 104 22.50 7.80 9.70
CA THR A 104 21.99 8.78 8.75
C THR A 104 21.94 10.18 9.37
N ASN A 105 21.57 10.25 10.65
CA ASN A 105 21.46 11.54 11.34
C ASN A 105 22.59 11.70 12.35
N GLY A 106 23.41 12.73 12.16
CA GLY A 106 24.51 13.01 13.09
C GLY A 106 24.19 14.17 14.01
N SER A 107 22.93 14.29 14.41
CA SER A 107 22.50 15.39 15.29
C SER A 107 23.23 15.33 16.63
N GLY A 108 23.55 14.13 17.11
CA GLY A 108 24.23 13.97 18.38
C GLY A 108 25.53 14.75 18.42
N SER A 109 26.23 14.79 17.28
CA SER A 109 27.50 15.51 17.21
C SER A 109 27.34 17.00 17.52
N GLU A 110 26.18 17.57 17.18
CA GLU A 110 25.94 18.98 17.43
C GLU A 110 26.03 19.31 18.92
N ASN A 111 25.56 18.38 19.75
CA ASN A 111 25.59 18.60 21.19
C ASN A 111 27.00 18.88 21.69
N LEU A 112 27.99 18.21 21.10
CA LEU A 112 29.37 18.38 21.53
C LEU A 112 29.82 19.83 21.40
N TYR A 113 29.37 20.50 20.34
CA TYR A 113 29.73 21.88 20.11
C TYR A 113 29.18 22.79 21.20
N PHE A 114 28.00 22.46 21.72
CA PHE A 114 27.37 23.27 22.76
C PHE A 114 28.30 23.42 23.96
N GLN A 115 28.97 22.34 24.33
CA GLN A 115 29.89 22.37 25.46
C GLN A 115 31.11 23.24 25.13
N MET A 1 -3.21 -2.20 40.59
CA MET A 1 -3.81 -2.64 41.89
C MET A 1 -4.49 -1.46 42.55
N ASN A 2 -3.72 -0.45 42.91
CA ASN A 2 -4.26 0.74 43.57
C ASN A 2 -4.72 1.81 42.57
N GLY A 3 -4.76 1.49 41.27
CA GLY A 3 -5.20 2.45 40.26
C GLY A 3 -6.60 2.97 40.57
N GLU A 4 -7.47 2.08 41.07
CA GLU A 4 -8.83 2.47 41.40
C GLU A 4 -8.86 3.63 42.40
N ASN A 5 -7.90 3.65 43.32
CA ASN A 5 -7.85 4.70 44.33
C ASN A 5 -7.86 6.08 43.71
N TYR A 6 -7.17 6.24 42.58
CA TYR A 6 -7.10 7.52 41.89
C TYR A 6 -7.74 7.42 40.51
N PHE A 7 -8.63 8.36 40.21
CA PHE A 7 -9.30 8.40 38.91
C PHE A 7 -8.29 8.56 37.78
N LYS A 8 -7.28 9.40 38.00
CA LYS A 8 -6.27 9.65 36.99
C LYS A 8 -5.61 8.35 36.51
N LEU A 9 -5.42 7.41 37.43
CA LEU A 9 -4.79 6.15 37.09
C LEU A 9 -5.77 5.22 36.39
N GLY A 10 -5.26 4.38 35.50
CA GLY A 10 -6.10 3.45 34.75
C GLY A 10 -6.66 4.08 33.48
N SER A 11 -5.92 5.01 32.88
CA SER A 11 -6.36 5.65 31.64
C SER A 11 -6.50 4.65 30.50
N ASP A 12 -5.67 3.60 30.51
CA ASP A 12 -5.70 2.59 29.46
C ASP A 12 -7.10 2.00 29.30
N SER A 13 -7.82 1.84 30.41
CA SER A 13 -9.15 1.23 30.39
C SER A 13 -10.09 1.94 29.41
N LYS A 14 -9.90 3.24 29.21
CA LYS A 14 -10.76 4.00 28.32
C LYS A 14 -10.49 3.65 26.87
N LEU A 15 -11.55 3.31 26.14
CA LEU A 15 -11.42 2.96 24.72
C LEU A 15 -10.94 4.14 23.89
N LEU A 16 -11.35 5.35 24.27
CA LEU A 16 -10.99 6.55 23.52
C LEU A 16 -9.48 6.65 23.33
N THR A 17 -8.72 6.22 24.34
CA THR A 17 -7.26 6.34 24.28
C THR A 17 -6.70 5.64 23.04
N HIS A 18 -7.31 4.53 22.65
CA HIS A 18 -6.85 3.77 21.48
C HIS A 18 -7.84 3.90 20.33
N ASN A 19 -7.33 4.20 19.14
CA ASN A 19 -8.17 4.33 17.96
C ASN A 19 -7.33 4.18 16.69
N SER A 20 -7.90 3.52 15.69
CA SER A 20 -7.21 3.32 14.41
C SER A 20 -8.02 3.94 13.27
N TYR A 21 -7.32 4.54 12.31
CA TYR A 21 -7.97 5.17 11.17
C TYR A 21 -7.69 4.42 9.87
N GLN A 22 -6.47 3.91 9.73
CA GLN A 22 -6.07 3.23 8.50
C GLN A 22 -6.27 1.73 8.63
N ASN A 23 -6.79 1.12 7.56
CA ASN A 23 -7.00 -0.33 7.53
C ASN A 23 -6.09 -0.98 6.50
N ARG A 24 -5.53 -2.13 6.86
CA ARG A 24 -4.64 -2.85 5.96
C ARG A 24 -4.73 -4.36 6.18
N LEU A 25 -4.39 -5.12 5.14
CA LEU A 25 -4.48 -6.58 5.21
C LEU A 25 -3.09 -7.20 5.22
N PHE A 26 -2.86 -8.13 6.15
CA PHE A 26 -1.59 -8.82 6.24
C PHE A 26 -1.63 -10.16 5.51
N TYR A 27 -0.62 -10.42 4.68
CA TYR A 27 -0.50 -11.70 4.00
C TYR A 27 0.83 -12.36 4.39
N THR A 28 0.81 -13.68 4.59
CA THR A 28 2.01 -14.39 5.04
C THR A 28 2.64 -15.18 3.89
N LEU A 29 3.97 -15.20 3.87
CA LEU A 29 4.70 -15.94 2.85
C LEU A 29 4.87 -17.40 3.26
N LYS A 30 4.35 -18.31 2.43
CA LYS A 30 4.47 -19.73 2.69
C LYS A 30 5.40 -20.38 1.68
N THR A 31 6.12 -21.42 2.11
CA THR A 31 7.07 -22.09 1.24
C THR A 31 6.41 -22.55 -0.06
N GLY A 32 7.07 -22.28 -1.19
CA GLY A 32 6.54 -22.67 -2.48
C GLY A 32 5.97 -21.49 -3.27
N GLU A 33 5.58 -20.42 -2.57
CA GLU A 33 5.01 -19.25 -3.23
C GLU A 33 6.02 -18.10 -3.22
N THR A 34 6.07 -17.35 -4.32
CA THR A 34 7.01 -16.23 -4.44
C THR A 34 6.27 -14.91 -4.51
N VAL A 35 6.97 -13.82 -4.19
CA VAL A 35 6.37 -12.49 -4.23
C VAL A 35 5.85 -12.19 -5.64
N ALA A 36 6.63 -12.57 -6.65
CA ALA A 36 6.23 -12.33 -8.03
C ALA A 36 4.91 -13.04 -8.34
N ASP A 37 4.74 -14.25 -7.80
CA ASP A 37 3.51 -15.01 -8.03
C ASP A 37 2.31 -14.23 -7.54
N LEU A 38 2.42 -13.66 -6.34
CA LEU A 38 1.33 -12.87 -5.78
C LEU A 38 1.01 -11.69 -6.69
N SER A 39 2.05 -11.04 -7.20
CA SER A 39 1.87 -9.87 -8.04
C SER A 39 1.07 -10.20 -9.29
N LYS A 40 1.36 -11.36 -9.87
CA LYS A 40 0.68 -11.78 -11.10
C LYS A 40 -0.82 -11.99 -10.84
N SER A 41 -1.14 -12.70 -9.77
CA SER A 41 -2.54 -12.99 -9.46
C SER A 41 -3.33 -11.71 -9.26
N GLN A 42 -2.73 -10.76 -8.55
CA GLN A 42 -3.38 -9.48 -8.30
C GLN A 42 -3.37 -8.54 -9.52
N ASP A 43 -2.54 -8.85 -10.52
CA ASP A 43 -2.42 -7.99 -11.69
C ASP A 43 -1.91 -6.60 -11.28
N ILE A 44 -0.91 -6.60 -10.40
CA ILE A 44 -0.31 -5.36 -9.91
C ILE A 44 1.15 -5.31 -10.32
N ASN A 45 1.66 -4.10 -10.58
CA ASN A 45 3.05 -3.95 -10.99
C ASN A 45 4.00 -4.12 -9.79
N LEU A 46 5.08 -4.84 -10.02
CA LEU A 46 6.07 -5.06 -8.94
C LEU A 46 6.57 -3.74 -8.40
N SER A 47 6.74 -2.74 -9.27
CA SER A 47 7.22 -1.43 -8.83
C SER A 47 6.29 -0.85 -7.78
N THR A 48 4.99 -0.97 -8.00
CA THR A 48 4.01 -0.43 -7.08
C THR A 48 4.13 -1.12 -5.71
N ILE A 49 4.27 -2.45 -5.73
CA ILE A 49 4.38 -3.20 -4.49
C ILE A 49 5.55 -2.71 -3.67
N TRP A 50 6.68 -2.49 -4.34
CA TRP A 50 7.88 -2.00 -3.65
C TRP A 50 7.63 -0.65 -3.00
N SER A 51 7.00 0.27 -3.73
CA SER A 51 6.78 1.62 -3.21
C SER A 51 6.06 1.59 -1.86
N LEU A 52 5.11 0.67 -1.72
CA LEU A 52 4.39 0.53 -0.45
C LEU A 52 5.29 -0.08 0.63
N ASN A 53 5.88 -1.23 0.32
CA ASN A 53 6.67 -1.96 1.30
C ASN A 53 8.14 -1.53 1.37
N LYS A 54 8.49 -0.42 0.70
CA LYS A 54 9.86 0.09 0.76
C LYS A 54 10.35 0.25 2.20
N HIS A 55 9.43 0.51 3.14
CA HIS A 55 9.81 0.67 4.53
C HIS A 55 10.20 -0.67 5.16
N LEU A 56 9.52 -1.74 4.75
CA LEU A 56 9.81 -3.06 5.30
C LEU A 56 11.14 -3.61 4.79
N TYR A 57 11.38 -3.46 3.49
CA TYR A 57 12.59 -3.98 2.86
C TYR A 57 13.42 -2.85 2.28
N SER A 58 14.75 -3.04 2.30
CA SER A 58 15.66 -1.99 1.87
C SER A 58 15.74 -1.89 0.35
N SER A 59 15.74 -3.03 -0.34
CA SER A 59 15.96 -3.04 -1.78
C SER A 59 15.26 -4.23 -2.45
N GLU A 60 15.24 -4.20 -3.78
CA GLU A 60 14.61 -5.27 -4.56
C GLU A 60 15.29 -6.61 -4.31
N SER A 61 16.61 -6.60 -4.09
CA SER A 61 17.36 -7.84 -3.91
C SER A 61 16.78 -8.66 -2.77
N GLU A 62 16.49 -7.99 -1.66
CA GLU A 62 15.94 -8.69 -0.49
C GLU A 62 14.57 -9.30 -0.82
N MET A 63 13.80 -8.64 -1.66
CA MET A 63 12.49 -9.17 -2.06
C MET A 63 12.65 -10.48 -2.83
N MET A 64 13.55 -10.48 -3.81
CA MET A 64 13.76 -11.66 -4.63
C MET A 64 14.20 -12.87 -3.80
N LYS A 65 15.01 -12.61 -2.78
CA LYS A 65 15.53 -13.68 -1.93
C LYS A 65 14.63 -13.96 -0.72
N ALA A 66 13.39 -13.48 -0.73
CA ALA A 66 12.47 -13.70 0.38
C ALA A 66 12.33 -15.18 0.69
N ALA A 67 12.16 -15.50 1.96
CA ALA A 67 12.02 -16.89 2.40
C ALA A 67 10.74 -17.06 3.24
N PRO A 68 10.33 -18.28 3.51
CA PRO A 68 9.07 -18.53 4.29
C PRO A 68 9.14 -17.91 5.69
N GLY A 69 8.01 -17.45 6.19
CA GLY A 69 7.93 -16.89 7.54
C GLY A 69 7.88 -15.35 7.56
N GLN A 70 8.18 -14.71 6.44
CA GLN A 70 8.16 -13.24 6.38
C GLN A 70 6.76 -12.73 6.07
N GLN A 71 6.50 -11.48 6.42
CA GLN A 71 5.17 -10.88 6.22
C GLN A 71 5.21 -9.78 5.17
N ILE A 72 4.11 -9.63 4.46
CA ILE A 72 3.94 -8.56 3.49
C ILE A 72 2.68 -7.75 3.83
N ILE A 73 2.75 -6.43 3.70
CA ILE A 73 1.63 -5.57 4.03
C ILE A 73 0.98 -5.03 2.75
N LEU A 74 -0.34 -5.11 2.68
CA LEU A 74 -1.09 -4.56 1.56
C LEU A 74 -1.99 -3.42 2.05
N PRO A 75 -1.56 -2.17 1.97
CA PRO A 75 -2.41 -1.03 2.42
C PRO A 75 -3.60 -0.80 1.49
N LEU A 76 -4.80 -0.84 2.06
CA LEU A 76 -6.01 -0.64 1.28
C LEU A 76 -6.01 0.72 0.59
N LYS A 77 -5.50 1.74 1.28
CA LYS A 77 -5.47 3.08 0.74
C LYS A 77 -4.20 3.31 -0.08
N LYS A 78 -4.37 3.67 -1.35
CA LYS A 78 -3.24 3.92 -2.23
C LYS A 78 -3.08 5.41 -2.56
N LEU A 79 -3.55 6.28 -1.67
CA LEU A 79 -3.47 7.73 -1.91
C LEU A 79 -2.79 8.43 -0.73
N PRO A 80 -1.48 8.44 -0.67
CA PRO A 80 -0.75 9.14 0.43
C PRO A 80 -1.15 10.61 0.53
N PHE A 81 -1.68 11.00 1.68
CA PHE A 81 -2.12 12.37 1.89
C PHE A 81 -0.95 13.35 1.75
N GLU A 82 0.22 12.95 2.23
CA GLU A 82 1.40 13.81 2.16
C GLU A 82 1.69 14.21 0.71
N TYR A 83 2.11 15.45 0.51
CA TYR A 83 2.44 15.94 -0.82
C TYR A 83 3.93 16.22 -0.97
N SER A 84 4.77 15.43 -0.29
CA SER A 84 6.21 15.61 -0.37
C SER A 84 6.73 15.40 -1.79
N ALA A 85 6.10 14.49 -2.52
CA ALA A 85 6.52 14.20 -3.90
C ALA A 85 6.22 15.38 -4.80
N LEU A 86 7.15 15.66 -5.72
CA LEU A 86 6.97 16.76 -6.68
C LEU A 86 7.25 16.28 -8.10
N PRO A 87 6.30 15.64 -8.76
CA PRO A 87 6.51 15.14 -10.15
C PRO A 87 6.92 16.25 -11.11
N LEU A 88 8.14 16.18 -11.63
CA LEU A 88 8.62 17.18 -12.58
C LEU A 88 8.50 16.66 -14.01
N LEU A 89 8.00 17.51 -14.90
CA LEU A 89 7.89 17.15 -16.31
C LEU A 89 8.99 17.83 -17.12
N GLY A 90 9.56 17.10 -18.08
CA GLY A 90 10.63 17.64 -18.90
C GLY A 90 10.28 17.56 -20.38
N SER A 91 10.25 18.72 -21.05
CA SER A 91 9.96 18.77 -22.47
C SER A 91 10.97 17.96 -23.28
N ALA A 92 12.23 17.93 -22.83
CA ALA A 92 13.28 17.21 -23.53
C ALA A 92 13.77 16.03 -22.70
N PRO A 93 13.16 14.87 -22.80
CA PRO A 93 13.59 13.69 -22.01
C PRO A 93 15.03 13.27 -22.31
N LEU A 94 15.88 13.28 -21.29
CA LEU A 94 17.28 12.91 -21.45
C LEU A 94 17.43 11.49 -21.98
N VAL A 95 16.52 10.60 -21.57
CA VAL A 95 16.58 9.20 -21.99
C VAL A 95 15.28 8.79 -22.68
N ALA A 96 15.42 8.05 -23.77
CA ALA A 96 14.26 7.62 -24.54
C ALA A 96 13.45 6.56 -23.77
N ALA A 97 14.15 5.67 -23.07
CA ALA A 97 13.48 4.60 -22.34
C ALA A 97 12.53 5.18 -21.28
N GLY A 98 12.96 6.25 -20.62
CA GLY A 98 12.13 6.89 -19.61
C GLY A 98 11.21 7.93 -20.23
N GLY A 99 10.45 8.62 -19.39
CA GLY A 99 9.54 9.65 -19.88
C GLY A 99 8.12 9.10 -20.03
N VAL A 100 7.15 9.81 -19.47
CA VAL A 100 5.75 9.39 -19.56
C VAL A 100 4.88 10.57 -20.01
N ALA A 101 3.71 10.26 -20.56
CA ALA A 101 2.80 11.30 -21.03
C ALA A 101 1.36 10.90 -20.77
N GLY A 102 0.49 11.90 -20.63
CA GLY A 102 -0.93 11.66 -20.39
C GLY A 102 -1.79 12.58 -21.25
N HIS A 103 -1.39 12.75 -22.50
CA HIS A 103 -2.12 13.62 -23.43
C HIS A 103 -2.79 12.81 -24.52
N THR A 104 -4.06 13.13 -24.79
CA THR A 104 -4.81 12.43 -25.82
C THR A 104 -4.26 12.72 -27.23
N ASN A 105 -3.73 13.93 -27.42
CA ASN A 105 -3.20 14.32 -28.72
C ASN A 105 -1.98 13.48 -29.06
N GLY A 106 -1.56 13.53 -30.33
CA GLY A 106 -0.41 12.76 -30.78
C GLY A 106 -0.79 11.31 -31.07
N SER A 107 -1.98 11.11 -31.61
CA SER A 107 -2.44 9.76 -31.93
C SER A 107 -1.59 9.16 -33.04
N GLY A 108 -1.55 7.82 -33.10
CA GLY A 108 -0.77 7.13 -34.13
C GLY A 108 -1.56 5.99 -34.73
N SER A 109 -1.66 5.99 -36.06
CA SER A 109 -2.39 4.94 -36.77
C SER A 109 -1.81 3.56 -36.45
N GLU A 110 -0.49 3.49 -36.33
CA GLU A 110 0.17 2.21 -36.07
C GLU A 110 -0.31 1.60 -34.75
N ASN A 111 -0.73 0.34 -34.81
CA ASN A 111 -1.17 -0.37 -33.62
C ASN A 111 -0.01 -0.56 -32.63
N LEU A 112 1.17 -0.83 -33.16
CA LEU A 112 2.34 -1.05 -32.32
C LEU A 112 3.17 0.23 -32.24
N TYR A 113 3.48 0.66 -31.01
CA TYR A 113 4.20 1.91 -30.81
C TYR A 113 5.61 1.85 -31.41
N PHE A 114 6.23 0.68 -31.34
CA PHE A 114 7.59 0.52 -31.86
C PHE A 114 7.59 -0.36 -33.10
N GLN A 115 8.52 -0.08 -34.01
CA GLN A 115 8.62 -0.85 -35.25
C GLN A 115 9.27 -2.20 -34.98
N MET A 1 -35.93 19.55 7.95
CA MET A 1 -35.13 19.15 9.13
C MET A 1 -33.89 20.03 9.23
N ASN A 2 -33.79 20.79 10.31
CA ASN A 2 -32.65 21.68 10.52
C ASN A 2 -31.32 20.92 10.49
N GLY A 3 -31.34 19.66 10.94
CA GLY A 3 -30.12 18.85 10.97
C GLY A 3 -29.47 18.78 9.61
N GLU A 4 -30.28 18.73 8.55
CA GLU A 4 -29.76 18.65 7.20
C GLU A 4 -28.89 19.86 6.85
N ASN A 5 -29.25 21.02 7.38
CA ASN A 5 -28.50 22.25 7.10
C ASN A 5 -27.03 22.09 7.44
N TYR A 6 -26.74 21.38 8.52
CA TYR A 6 -25.35 21.17 8.95
C TYR A 6 -24.97 19.70 8.84
N PHE A 7 -23.77 19.44 8.33
CA PHE A 7 -23.30 18.07 8.16
C PHE A 7 -21.86 17.95 8.65
N LYS A 8 -21.44 16.72 8.95
CA LYS A 8 -20.07 16.47 9.41
C LYS A 8 -19.50 15.25 8.70
N LEU A 9 -18.34 15.43 8.07
CA LEU A 9 -17.69 14.34 7.35
C LEU A 9 -17.37 13.18 8.29
N GLY A 10 -16.92 13.51 9.49
CA GLY A 10 -16.56 12.49 10.47
C GLY A 10 -17.81 11.89 11.12
N SER A 11 -17.70 10.62 11.52
CA SER A 11 -18.81 9.94 12.19
C SER A 11 -18.36 9.38 13.54
N ASP A 12 -19.15 9.64 14.57
CA ASP A 12 -18.82 9.14 15.91
C ASP A 12 -18.84 7.61 15.93
N SER A 13 -19.79 7.02 15.23
CA SER A 13 -19.91 5.57 15.20
C SER A 13 -18.64 4.92 14.65
N LYS A 14 -18.07 5.55 13.62
CA LYS A 14 -16.86 5.02 13.00
C LYS A 14 -15.73 4.92 14.02
N LEU A 15 -15.59 5.96 14.85
CA LEU A 15 -14.55 5.98 15.87
C LEU A 15 -14.73 4.85 16.86
N LEU A 16 -15.98 4.56 17.21
CA LEU A 16 -16.28 3.51 18.19
C LEU A 16 -15.76 2.16 17.73
N THR A 17 -15.86 1.90 16.43
CA THR A 17 -15.43 0.61 15.89
C THR A 17 -13.91 0.57 15.75
N HIS A 18 -13.32 -0.49 16.30
CA HIS A 18 -11.87 -0.68 16.20
C HIS A 18 -11.44 -0.90 14.76
N ASN A 19 -12.24 -1.67 14.02
CA ASN A 19 -11.90 -2.00 12.63
C ASN A 19 -11.64 -0.75 11.80
N SER A 20 -12.36 0.33 12.10
CA SER A 20 -12.22 1.56 11.32
C SER A 20 -10.77 2.05 11.31
N TYR A 21 -10.07 1.86 12.43
CA TYR A 21 -8.66 2.27 12.51
C TYR A 21 -7.79 1.46 11.56
N GLN A 22 -8.11 0.18 11.39
CA GLN A 22 -7.31 -0.69 10.53
C GLN A 22 -7.91 -0.79 9.14
N ASN A 23 -7.11 -0.47 8.12
CA ASN A 23 -7.55 -0.56 6.74
C ASN A 23 -6.49 -1.21 5.85
N ARG A 24 -5.75 -2.17 6.40
CA ARG A 24 -4.70 -2.86 5.65
C ARG A 24 -4.89 -4.36 5.71
N LEU A 25 -4.51 -5.05 4.64
CA LEU A 25 -4.63 -6.51 4.59
C LEU A 25 -3.25 -7.15 4.72
N PHE A 26 -3.14 -8.10 5.65
CA PHE A 26 -1.87 -8.80 5.85
C PHE A 26 -1.84 -10.12 5.09
N TYR A 27 -0.74 -10.35 4.35
CA TYR A 27 -0.54 -11.62 3.66
C TYR A 27 0.76 -12.25 4.13
N THR A 28 0.78 -13.58 4.23
CA THR A 28 1.95 -14.29 4.76
C THR A 28 2.66 -15.06 3.66
N LEU A 29 3.99 -15.08 3.72
CA LEU A 29 4.80 -15.81 2.76
C LEU A 29 4.98 -17.26 3.20
N LYS A 30 4.69 -18.18 2.29
CA LYS A 30 4.83 -19.61 2.58
C LYS A 30 5.75 -20.26 1.55
N THR A 31 6.46 -21.31 1.96
CA THR A 31 7.40 -21.99 1.07
C THR A 31 6.72 -22.43 -0.22
N GLY A 32 7.39 -22.18 -1.35
CA GLY A 32 6.85 -22.55 -2.65
C GLY A 32 6.38 -21.33 -3.45
N GLU A 33 6.01 -20.25 -2.75
CA GLU A 33 5.55 -19.04 -3.43
C GLU A 33 6.59 -17.93 -3.32
N THR A 34 6.72 -17.14 -4.39
CA THR A 34 7.65 -16.01 -4.39
C THR A 34 6.88 -14.71 -4.49
N VAL A 35 7.55 -13.60 -4.15
CA VAL A 35 6.90 -12.30 -4.16
C VAL A 35 6.33 -12.00 -5.54
N ALA A 36 7.11 -12.30 -6.58
CA ALA A 36 6.67 -12.03 -7.95
C ALA A 36 5.39 -12.79 -8.27
N ASP A 37 5.31 -14.05 -7.84
CA ASP A 37 4.14 -14.87 -8.13
C ASP A 37 2.89 -14.25 -7.53
N LEU A 38 2.99 -13.80 -6.29
CA LEU A 38 1.85 -13.19 -5.61
C LEU A 38 1.36 -11.97 -6.38
N SER A 39 2.31 -11.16 -6.83
CA SER A 39 1.98 -9.95 -7.57
C SER A 39 1.20 -10.26 -8.84
N LYS A 40 1.60 -11.32 -9.53
CA LYS A 40 0.95 -11.71 -10.78
C LYS A 40 -0.50 -12.08 -10.53
N SER A 41 -0.74 -12.89 -9.50
CA SER A 41 -2.09 -13.33 -9.18
C SER A 41 -3.00 -12.14 -8.87
N GLN A 42 -2.46 -11.19 -8.10
CA GLN A 42 -3.20 -9.98 -7.74
C GLN A 42 -3.29 -8.98 -8.90
N ASP A 43 -2.48 -9.14 -9.95
CA ASP A 43 -2.48 -8.21 -11.07
C ASP A 43 -2.05 -6.82 -10.61
N ILE A 44 -1.02 -6.78 -9.77
CA ILE A 44 -0.48 -5.53 -9.27
C ILE A 44 0.94 -5.34 -9.80
N ASN A 45 1.30 -4.10 -10.12
CA ASN A 45 2.62 -3.80 -10.64
C ASN A 45 3.69 -3.98 -9.56
N LEU A 46 4.78 -4.65 -9.92
CA LEU A 46 5.86 -4.89 -8.97
C LEU A 46 6.38 -3.56 -8.42
N SER A 47 6.46 -2.54 -9.27
CA SER A 47 6.95 -1.24 -8.83
C SER A 47 6.11 -0.69 -7.69
N THR A 48 4.79 -0.81 -7.84
CA THR A 48 3.88 -0.29 -6.82
C THR A 48 4.09 -1.00 -5.49
N ILE A 49 4.22 -2.33 -5.54
CA ILE A 49 4.38 -3.11 -4.32
C ILE A 49 5.63 -2.65 -3.57
N TRP A 50 6.72 -2.45 -4.29
CA TRP A 50 7.96 -2.01 -3.68
C TRP A 50 7.79 -0.65 -2.99
N SER A 51 7.15 0.30 -3.68
CA SER A 51 7.01 1.64 -3.14
C SER A 51 6.35 1.63 -1.75
N LEU A 52 5.36 0.75 -1.58
CA LEU A 52 4.68 0.64 -0.29
C LEU A 52 5.57 -0.03 0.74
N ASN A 53 6.10 -1.20 0.42
CA ASN A 53 6.88 -1.99 1.38
C ASN A 53 8.36 -1.61 1.41
N LYS A 54 8.76 -0.54 0.72
CA LYS A 54 10.14 -0.08 0.75
C LYS A 54 10.68 0.06 2.18
N HIS A 55 9.80 0.36 3.13
CA HIS A 55 10.22 0.51 4.52
C HIS A 55 10.54 -0.85 5.15
N LEU A 56 9.79 -1.87 4.78
CA LEU A 56 9.99 -3.20 5.33
C LEU A 56 11.29 -3.83 4.82
N TYR A 57 11.54 -3.68 3.52
CA TYR A 57 12.73 -4.28 2.89
C TYR A 57 13.64 -3.20 2.33
N SER A 58 14.94 -3.48 2.35
CA SER A 58 15.94 -2.50 1.92
C SER A 58 15.91 -2.30 0.40
N SER A 59 15.78 -3.39 -0.34
CA SER A 59 15.83 -3.32 -1.80
C SER A 59 15.00 -4.42 -2.44
N GLU A 60 14.82 -4.31 -3.76
CA GLU A 60 14.04 -5.29 -4.51
C GLU A 60 14.65 -6.68 -4.41
N SER A 61 15.99 -6.76 -4.36
CA SER A 61 16.66 -8.05 -4.31
C SER A 61 16.17 -8.88 -3.14
N GLU A 62 16.06 -8.25 -1.97
CA GLU A 62 15.58 -8.95 -0.78
C GLU A 62 14.16 -9.47 -0.98
N MET A 63 13.34 -8.73 -1.72
CA MET A 63 11.97 -9.14 -1.96
C MET A 63 11.92 -10.43 -2.77
N MET A 64 12.67 -10.47 -3.88
CA MET A 64 12.67 -11.64 -4.75
C MET A 64 13.18 -12.87 -4.00
N LYS A 65 14.15 -12.69 -3.12
CA LYS A 65 14.73 -13.80 -2.38
C LYS A 65 14.02 -14.07 -1.04
N ALA A 66 12.82 -13.50 -0.85
CA ALA A 66 12.08 -13.68 0.40
C ALA A 66 11.91 -15.16 0.72
N ALA A 67 11.89 -15.48 2.01
CA ALA A 67 11.74 -16.86 2.46
C ALA A 67 10.49 -17.00 3.34
N PRO A 68 10.08 -18.21 3.67
CA PRO A 68 8.85 -18.42 4.49
C PRO A 68 8.95 -17.75 5.86
N GLY A 69 7.82 -17.27 6.37
CA GLY A 69 7.78 -16.66 7.70
C GLY A 69 7.73 -15.13 7.66
N GLN A 70 8.05 -14.52 6.53
CA GLN A 70 8.04 -13.07 6.42
C GLN A 70 6.64 -12.57 6.05
N GLN A 71 6.35 -11.32 6.42
CA GLN A 71 5.03 -10.75 6.17
C GLN A 71 5.09 -9.68 5.07
N ILE A 72 3.99 -9.53 4.36
CA ILE A 72 3.85 -8.48 3.36
C ILE A 72 2.59 -7.67 3.67
N ILE A 73 2.68 -6.34 3.56
CA ILE A 73 1.54 -5.47 3.84
C ILE A 73 0.97 -4.91 2.53
N LEU A 74 -0.34 -5.00 2.39
CA LEU A 74 -1.03 -4.45 1.24
C LEU A 74 -2.03 -3.37 1.69
N PRO A 75 -1.63 -2.12 1.75
CA PRO A 75 -2.57 -1.02 2.16
C PRO A 75 -3.46 -0.57 1.01
N LEU A 76 -4.75 -0.90 1.09
CA LEU A 76 -5.69 -0.51 0.06
C LEU A 76 -6.38 0.79 0.44
N LYS A 77 -6.58 1.67 -0.55
CA LYS A 77 -7.21 2.96 -0.31
C LYS A 77 -8.54 3.05 -1.06
N LYS A 78 -9.58 3.44 -0.34
CA LYS A 78 -10.90 3.63 -0.94
C LYS A 78 -10.85 4.68 -2.05
N LEU A 79 -10.05 5.73 -1.85
CA LEU A 79 -9.91 6.80 -2.83
C LEU A 79 -8.49 6.85 -3.36
N PRO A 80 -8.17 6.09 -4.40
CA PRO A 80 -6.77 6.07 -4.95
C PRO A 80 -6.38 7.35 -5.71
N PHE A 81 -7.25 8.35 -5.69
CA PHE A 81 -6.95 9.62 -6.35
C PHE A 81 -6.52 10.67 -5.31
N GLU A 82 -5.39 11.31 -5.57
CA GLU A 82 -4.85 12.30 -4.64
C GLU A 82 -4.88 13.71 -5.25
N TYR A 83 -5.00 14.72 -4.40
CA TYR A 83 -5.01 16.10 -4.86
C TYR A 83 -3.87 16.88 -4.19
N SER A 84 -3.20 17.72 -4.95
CA SER A 84 -2.06 18.49 -4.43
C SER A 84 -2.37 19.98 -4.44
N ALA A 85 -2.05 20.65 -3.33
CA ALA A 85 -2.24 22.09 -3.23
C ALA A 85 -1.33 22.85 -4.19
N LEU A 86 -0.14 22.29 -4.47
CA LEU A 86 0.82 22.94 -5.35
C LEU A 86 0.78 22.32 -6.75
N PRO A 87 0.18 22.95 -7.73
CA PRO A 87 0.18 22.39 -9.13
C PRO A 87 1.57 21.98 -9.61
N LEU A 88 2.60 22.64 -9.07
CA LEU A 88 3.96 22.35 -9.50
C LEU A 88 4.29 20.87 -9.32
N LEU A 89 3.80 20.28 -8.23
CA LEU A 89 4.03 18.86 -7.98
C LEU A 89 2.97 18.02 -8.69
N GLY A 90 3.39 16.88 -9.24
CA GLY A 90 2.48 16.01 -9.96
C GLY A 90 2.21 14.73 -9.17
N SER A 91 1.63 14.90 -7.98
CA SER A 91 1.31 13.75 -7.13
C SER A 91 0.43 12.75 -7.87
N ALA A 92 -0.47 13.24 -8.71
CA ALA A 92 -1.37 12.37 -9.46
C ALA A 92 -0.65 11.78 -10.67
N PRO A 93 -0.56 10.47 -10.84
CA PRO A 93 0.14 9.88 -12.02
C PRO A 93 -0.49 10.32 -13.34
N LEU A 94 -1.81 10.43 -13.35
CA LEU A 94 -2.53 10.83 -14.55
C LEU A 94 -2.66 12.35 -14.62
N VAL A 95 -2.51 12.90 -15.82
CA VAL A 95 -2.60 14.35 -16.01
C VAL A 95 -3.75 14.68 -16.96
N ALA A 96 -4.58 15.64 -16.56
CA ALA A 96 -5.70 16.06 -17.38
C ALA A 96 -5.23 16.68 -18.70
N ALA A 97 -4.12 17.40 -18.65
CA ALA A 97 -3.61 18.06 -19.85
C ALA A 97 -3.31 17.05 -20.95
N GLY A 98 -3.59 17.44 -22.19
CA GLY A 98 -3.34 16.57 -23.34
C GLY A 98 -2.13 17.03 -24.14
N GLY A 99 -2.12 16.72 -25.42
CA GLY A 99 -1.03 17.11 -26.29
C GLY A 99 -0.09 15.93 -26.59
N VAL A 100 0.09 15.07 -25.60
CA VAL A 100 0.96 13.90 -25.79
C VAL A 100 0.40 13.01 -26.89
N ALA A 101 -0.92 12.83 -26.91
CA ALA A 101 -1.56 11.99 -27.91
C ALA A 101 -1.37 12.57 -29.30
N GLY A 102 -1.27 11.68 -30.30
CA GLY A 102 -1.09 12.11 -31.68
C GLY A 102 -2.22 11.58 -32.56
N HIS A 103 -2.55 12.32 -33.61
CA HIS A 103 -3.63 11.92 -34.53
C HIS A 103 -3.11 11.82 -35.96
N THR A 104 -3.44 10.72 -36.62
CA THR A 104 -3.04 10.51 -38.01
C THR A 104 -3.66 11.57 -38.92
N ASN A 105 -4.90 11.97 -38.62
CA ASN A 105 -5.60 12.92 -39.46
C ASN A 105 -4.79 14.22 -39.59
N GLY A 106 -5.19 15.06 -40.53
CA GLY A 106 -4.47 16.32 -40.77
C GLY A 106 -3.22 16.08 -41.62
N SER A 107 -3.35 15.20 -42.62
CA SER A 107 -2.23 14.87 -43.48
C SER A 107 -1.66 16.11 -44.15
N GLY A 108 -2.54 17.05 -44.52
CA GLY A 108 -2.10 18.27 -45.18
C GLY A 108 -1.05 19.01 -44.36
N SER A 109 -1.24 19.03 -43.05
CA SER A 109 -0.28 19.67 -42.15
C SER A 109 1.08 18.99 -42.25
N GLU A 110 1.08 17.67 -42.38
CA GLU A 110 2.33 16.93 -42.46
C GLU A 110 3.15 17.33 -43.69
N ASN A 111 2.46 17.64 -44.79
CA ASN A 111 3.15 18.02 -46.01
C ASN A 111 3.29 19.54 -46.11
N LEU A 112 4.53 20.02 -45.97
CA LEU A 112 4.80 21.44 -46.05
C LEU A 112 4.37 22.00 -47.41
N TYR A 113 4.61 21.22 -48.47
CA TYR A 113 4.26 21.66 -49.82
C TYR A 113 2.77 21.51 -50.06
N PHE A 114 2.18 22.53 -50.69
CA PHE A 114 0.74 22.52 -50.99
C PHE A 114 0.51 22.59 -52.49
N GLN A 115 -0.63 22.09 -52.94
CA GLN A 115 -0.98 22.10 -54.36
C GLN A 115 -2.41 22.53 -54.56
N MET A 1 -24.72 -8.82 -5.08
CA MET A 1 -26.21 -8.83 -5.04
C MET A 1 -26.71 -7.40 -4.86
N ASN A 2 -28.02 -7.21 -5.02
CA ASN A 2 -28.61 -5.88 -4.88
C ASN A 2 -29.35 -5.76 -3.55
N GLY A 3 -28.99 -4.74 -2.78
CA GLY A 3 -29.64 -4.50 -1.49
C GLY A 3 -31.15 -4.32 -1.65
N GLU A 4 -31.57 -3.72 -2.76
CA GLU A 4 -32.99 -3.47 -3.00
C GLU A 4 -33.80 -4.77 -2.97
N ASN A 5 -33.19 -5.88 -3.41
CA ASN A 5 -33.88 -7.16 -3.43
C ASN A 5 -34.44 -7.51 -2.05
N TYR A 6 -33.72 -7.14 -1.00
CA TYR A 6 -34.17 -7.40 0.37
C TYR A 6 -34.44 -6.10 1.10
N PHE A 7 -35.58 -6.04 1.79
CA PHE A 7 -35.96 -4.84 2.54
C PHE A 7 -35.04 -4.63 3.74
N LYS A 8 -34.68 -5.72 4.41
CA LYS A 8 -33.82 -5.65 5.58
C LYS A 8 -32.36 -5.52 5.18
N LEU A 9 -31.69 -4.51 5.70
CA LEU A 9 -30.28 -4.30 5.38
C LEU A 9 -29.43 -5.47 5.84
N GLY A 10 -29.76 -6.03 7.00
CA GLY A 10 -29.04 -7.18 7.53
C GLY A 10 -27.94 -6.75 8.49
N SER A 11 -27.28 -5.64 8.17
CA SER A 11 -26.21 -5.11 9.02
C SER A 11 -26.48 -3.65 9.37
N ASP A 12 -26.20 -3.28 10.62
CA ASP A 12 -26.41 -1.90 11.06
C ASP A 12 -25.16 -1.03 10.92
N SER A 13 -24.13 -1.52 10.23
CA SER A 13 -22.89 -0.74 10.05
C SER A 13 -22.61 -0.53 8.57
N LYS A 14 -22.23 0.70 8.23
CA LYS A 14 -21.87 1.01 6.84
C LYS A 14 -20.61 0.26 6.42
N LEU A 15 -19.66 0.12 7.34
CA LEU A 15 -18.41 -0.57 7.03
C LEU A 15 -18.51 -2.05 7.37
N LEU A 16 -18.22 -2.90 6.39
CA LEU A 16 -18.31 -4.34 6.60
C LEU A 16 -17.38 -4.82 7.70
N THR A 17 -16.19 -4.22 7.78
CA THR A 17 -15.22 -4.61 8.79
C THR A 17 -15.66 -4.13 10.17
N HIS A 18 -15.72 -5.07 11.12
CA HIS A 18 -16.11 -4.74 12.48
C HIS A 18 -15.15 -3.74 13.11
N ASN A 19 -13.86 -3.92 12.83
CA ASN A 19 -12.84 -3.05 13.41
C ASN A 19 -12.46 -1.93 12.44
N SER A 20 -12.98 -0.73 12.72
CA SER A 20 -12.67 0.43 11.88
C SER A 20 -11.18 0.72 11.86
N TYR A 21 -10.50 0.50 12.99
CA TYR A 21 -9.08 0.79 13.09
C TYR A 21 -8.27 0.00 12.07
N GLN A 22 -8.71 -1.22 11.76
CA GLN A 22 -7.99 -2.06 10.81
C GLN A 22 -8.47 -1.81 9.39
N ASN A 23 -7.58 -1.33 8.54
CA ASN A 23 -7.92 -1.06 7.14
C ASN A 23 -6.83 -1.54 6.17
N ARG A 24 -6.08 -2.56 6.58
CA ARG A 24 -5.01 -3.10 5.73
C ARG A 24 -5.12 -4.61 5.63
N LEU A 25 -4.67 -5.17 4.51
CA LEU A 25 -4.74 -6.61 4.31
C LEU A 25 -3.36 -7.24 4.53
N PHE A 26 -3.29 -8.20 5.45
CA PHE A 26 -2.04 -8.89 5.71
C PHE A 26 -1.95 -10.20 4.94
N TYR A 27 -0.84 -10.41 4.23
CA TYR A 27 -0.61 -11.68 3.54
C TYR A 27 0.72 -12.27 4.01
N THR A 28 0.77 -13.59 4.13
CA THR A 28 1.97 -14.26 4.64
C THR A 28 2.68 -15.07 3.55
N LEU A 29 4.00 -15.04 3.58
CA LEU A 29 4.80 -15.79 2.62
C LEU A 29 5.01 -17.23 3.10
N LYS A 30 4.70 -18.18 2.22
CA LYS A 30 4.84 -19.60 2.55
C LYS A 30 5.67 -20.32 1.49
N THR A 31 6.46 -21.30 1.93
CA THR A 31 7.33 -22.03 1.01
C THR A 31 6.55 -22.57 -0.19
N GLY A 32 7.14 -22.42 -1.39
CA GLY A 32 6.49 -22.87 -2.61
C GLY A 32 6.01 -21.70 -3.47
N GLU A 33 5.69 -20.56 -2.84
CA GLU A 33 5.24 -19.38 -3.57
C GLU A 33 6.33 -18.31 -3.58
N THR A 34 6.42 -17.56 -4.67
CA THR A 34 7.43 -16.51 -4.78
C THR A 34 6.78 -15.13 -4.85
N VAL A 35 7.58 -14.09 -4.63
CA VAL A 35 7.06 -12.73 -4.62
C VAL A 35 6.33 -12.43 -5.93
N ALA A 36 6.92 -12.85 -7.05
CA ALA A 36 6.31 -12.61 -8.35
C ALA A 36 4.94 -13.28 -8.43
N ASP A 37 4.80 -14.46 -7.84
CA ASP A 37 3.53 -15.18 -7.88
C ASP A 37 2.44 -14.35 -7.21
N LEU A 38 2.77 -13.77 -6.05
CA LEU A 38 1.80 -12.92 -5.34
C LEU A 38 1.37 -11.76 -6.21
N SER A 39 2.33 -11.15 -6.89
CA SER A 39 2.06 -9.99 -7.73
C SER A 39 1.05 -10.33 -8.82
N LYS A 40 1.21 -11.51 -9.42
CA LYS A 40 0.32 -11.94 -10.50
C LYS A 40 -1.12 -12.09 -9.99
N SER A 41 -1.27 -12.76 -8.85
CA SER A 41 -2.60 -13.01 -8.30
C SER A 41 -3.32 -11.70 -8.03
N GLN A 42 -2.60 -10.75 -7.46
CA GLN A 42 -3.16 -9.43 -7.16
C GLN A 42 -3.30 -8.55 -8.41
N ASP A 43 -2.65 -8.92 -9.52
CA ASP A 43 -2.69 -8.10 -10.73
C ASP A 43 -2.11 -6.71 -10.45
N ILE A 44 -1.00 -6.69 -9.71
CA ILE A 44 -0.35 -5.43 -9.36
C ILE A 44 1.08 -5.44 -9.91
N ASN A 45 1.59 -4.26 -10.27
CA ASN A 45 2.94 -4.16 -10.79
C ASN A 45 3.97 -4.31 -9.67
N LEU A 46 5.04 -5.04 -9.95
CA LEU A 46 6.08 -5.25 -8.94
C LEU A 46 6.62 -3.92 -8.43
N SER A 47 6.75 -2.93 -9.32
CA SER A 47 7.25 -1.63 -8.91
C SER A 47 6.35 -1.02 -7.84
N THR A 48 5.04 -1.14 -8.03
CA THR A 48 4.09 -0.59 -7.07
C THR A 48 4.26 -1.25 -5.70
N ILE A 49 4.42 -2.57 -5.70
CA ILE A 49 4.55 -3.31 -4.45
C ILE A 49 5.75 -2.79 -3.66
N TRP A 50 6.86 -2.59 -4.34
CA TRP A 50 8.06 -2.08 -3.70
C TRP A 50 7.82 -0.70 -3.08
N SER A 51 7.19 0.19 -3.83
CA SER A 51 6.98 1.56 -3.36
C SER A 51 6.29 1.58 -2.00
N LEU A 52 5.31 0.69 -1.81
CA LEU A 52 4.60 0.62 -0.54
C LEU A 52 5.48 -0.01 0.56
N ASN A 53 6.04 -1.18 0.26
CA ASN A 53 6.78 -1.94 1.28
C ASN A 53 8.26 -1.56 1.37
N LYS A 54 8.67 -0.48 0.71
CA LYS A 54 10.06 -0.02 0.81
C LYS A 54 10.51 0.12 2.27
N HIS A 55 9.58 0.37 3.18
CA HIS A 55 9.92 0.51 4.59
C HIS A 55 10.24 -0.85 5.22
N LEU A 56 9.51 -1.88 4.80
CA LEU A 56 9.73 -3.22 5.35
C LEU A 56 11.06 -3.81 4.88
N TYR A 57 11.38 -3.62 3.60
CA TYR A 57 12.60 -4.18 3.03
C TYR A 57 13.56 -3.07 2.60
N SER A 58 14.85 -3.36 2.70
CA SER A 58 15.87 -2.35 2.37
C SER A 58 15.94 -2.10 0.88
N SER A 59 15.86 -3.16 0.09
CA SER A 59 15.99 -3.03 -1.37
C SER A 59 15.24 -4.13 -2.10
N GLU A 60 15.13 -3.99 -3.41
CA GLU A 60 14.43 -4.97 -4.23
C GLU A 60 15.08 -6.35 -4.14
N SER A 61 16.41 -6.38 -4.03
CA SER A 61 17.13 -7.65 -3.99
C SER A 61 16.61 -8.54 -2.87
N GLU A 62 16.39 -7.95 -1.70
CA GLU A 62 15.89 -8.72 -0.57
C GLU A 62 14.51 -9.31 -0.86
N MET A 63 13.68 -8.58 -1.61
CA MET A 63 12.37 -9.08 -1.96
C MET A 63 12.47 -10.33 -2.84
N MET A 64 13.33 -10.27 -3.85
CA MET A 64 13.49 -11.40 -4.76
C MET A 64 13.94 -12.66 -4.01
N LYS A 65 14.80 -12.47 -3.01
CA LYS A 65 15.31 -13.61 -2.23
C LYS A 65 14.45 -13.92 -1.00
N ALA A 66 13.22 -13.38 -0.94
CA ALA A 66 12.35 -13.59 0.21
C ALA A 66 12.17 -15.08 0.49
N ALA A 67 12.01 -15.41 1.77
CA ALA A 67 11.84 -16.79 2.19
C ALA A 67 10.60 -16.93 3.08
N PRO A 68 10.17 -18.14 3.38
CA PRO A 68 8.95 -18.34 4.23
C PRO A 68 9.09 -17.69 5.60
N GLY A 69 7.97 -17.20 6.13
CA GLY A 69 7.94 -16.59 7.46
C GLY A 69 7.86 -15.06 7.43
N GLN A 70 8.14 -14.44 6.28
CA GLN A 70 8.09 -13.00 6.18
C GLN A 70 6.68 -12.52 5.84
N GLN A 71 6.39 -11.27 6.18
CA GLN A 71 5.04 -10.72 5.97
C GLN A 71 5.05 -9.64 4.88
N ILE A 72 3.93 -9.51 4.20
CA ILE A 72 3.75 -8.46 3.19
C ILE A 72 2.49 -7.67 3.53
N ILE A 73 2.57 -6.34 3.46
CA ILE A 73 1.42 -5.49 3.76
C ILE A 73 0.86 -4.89 2.48
N LEU A 74 -0.46 -4.97 2.33
CA LEU A 74 -1.17 -4.35 1.21
C LEU A 74 -2.09 -3.24 1.74
N PRO A 75 -1.66 -2.00 1.75
CA PRO A 75 -2.52 -0.88 2.27
C PRO A 75 -3.56 -0.44 1.24
N LEU A 76 -4.80 -0.27 1.71
CA LEU A 76 -5.89 0.17 0.83
C LEU A 76 -6.07 1.69 0.84
N LYS A 77 -5.04 2.44 1.25
CA LYS A 77 -5.15 3.89 1.33
C LYS A 77 -5.56 4.49 -0.01
N LYS A 78 -5.07 3.90 -1.11
CA LYS A 78 -5.38 4.42 -2.44
C LYS A 78 -6.69 3.83 -2.96
N LEU A 79 -7.52 4.69 -3.55
CA LEU A 79 -8.79 4.25 -4.12
C LEU A 79 -8.93 4.78 -5.56
N PRO A 80 -8.25 4.19 -6.51
CA PRO A 80 -8.24 4.70 -7.90
C PRO A 80 -9.35 4.13 -8.78
N PHE A 81 -10.53 4.76 -8.70
CA PHE A 81 -11.65 4.39 -9.57
C PHE A 81 -11.98 5.54 -10.51
N GLU A 82 -12.20 5.22 -11.78
CA GLU A 82 -12.51 6.24 -12.78
C GLU A 82 -13.97 6.09 -13.26
N TYR A 83 -14.63 7.22 -13.45
CA TYR A 83 -16.02 7.21 -13.93
C TYR A 83 -16.11 7.90 -15.29
N SER A 84 -16.78 7.23 -16.22
CA SER A 84 -16.94 7.78 -17.58
C SER A 84 -17.77 9.06 -17.57
N ALA A 85 -18.72 9.17 -16.63
CA ALA A 85 -19.60 10.32 -16.58
C ALA A 85 -18.79 11.61 -16.42
N LEU A 86 -19.26 12.67 -17.07
CA LEU A 86 -18.60 13.97 -16.98
C LEU A 86 -19.61 15.06 -16.60
N PRO A 87 -19.90 15.23 -15.33
CA PRO A 87 -20.90 16.25 -14.89
C PRO A 87 -20.29 17.64 -14.75
N LEU A 88 -19.94 18.24 -15.89
CA LEU A 88 -19.37 19.59 -15.89
C LEU A 88 -20.42 20.59 -16.36
N LEU A 89 -20.65 21.62 -15.53
CA LEU A 89 -21.64 22.64 -15.86
C LEU A 89 -21.30 23.33 -17.17
N GLY A 90 -20.02 23.60 -17.38
CA GLY A 90 -19.58 24.27 -18.60
C GLY A 90 -19.50 23.30 -19.77
N SER A 91 -20.25 23.60 -20.82
CA SER A 91 -20.24 22.76 -22.03
C SER A 91 -18.85 22.68 -22.64
N ALA A 92 -18.09 23.78 -22.55
CA ALA A 92 -16.75 23.82 -23.14
C ALA A 92 -15.69 23.72 -22.04
N PRO A 93 -15.24 22.54 -21.67
CA PRO A 93 -14.20 22.39 -20.60
C PRO A 93 -12.88 23.05 -21.00
N LEU A 94 -12.55 24.14 -20.32
CA LEU A 94 -11.31 24.87 -20.60
C LEU A 94 -10.08 23.98 -20.41
N VAL A 95 -10.14 23.04 -19.47
CA VAL A 95 -9.01 22.19 -19.17
C VAL A 95 -8.62 21.37 -20.41
N ALA A 96 -7.35 21.48 -20.80
CA ALA A 96 -6.84 20.76 -21.97
C ALA A 96 -6.88 19.25 -21.76
N ALA A 97 -6.70 18.81 -20.52
CA ALA A 97 -6.67 17.38 -20.22
C ALA A 97 -7.92 16.68 -20.74
N GLY A 98 -7.75 15.45 -21.22
CA GLY A 98 -8.86 14.68 -21.76
C GLY A 98 -8.82 13.24 -21.26
N GLY A 99 -9.90 12.79 -20.66
CA GLY A 99 -9.98 11.42 -20.16
C GLY A 99 -9.74 10.41 -21.28
N VAL A 100 -10.24 10.72 -22.47
CA VAL A 100 -10.06 9.85 -23.63
C VAL A 100 -9.27 10.58 -24.71
N ALA A 101 -8.25 9.92 -25.24
CA ALA A 101 -7.42 10.51 -26.29
C ALA A 101 -8.25 10.77 -27.54
N GLY A 102 -9.12 9.81 -27.88
CA GLY A 102 -9.97 9.95 -29.06
C GLY A 102 -9.19 9.73 -30.36
N HIS A 103 -8.12 8.94 -30.31
CA HIS A 103 -7.32 8.64 -31.50
C HIS A 103 -7.45 7.18 -31.93
N THR A 104 -8.59 6.56 -31.64
CA THR A 104 -8.80 5.16 -32.00
C THR A 104 -8.86 5.00 -33.52
N ASN A 105 -8.25 3.93 -34.03
CA ASN A 105 -8.25 3.66 -35.46
C ASN A 105 -8.95 2.35 -35.77
N GLY A 106 -9.93 2.40 -36.66
CA GLY A 106 -10.66 1.20 -37.05
C GLY A 106 -9.72 0.13 -37.60
N SER A 107 -8.71 0.56 -38.34
CA SER A 107 -7.75 -0.38 -38.92
C SER A 107 -7.01 -1.12 -37.82
N GLY A 108 -6.51 -2.32 -38.15
CA GLY A 108 -5.79 -3.12 -37.17
C GLY A 108 -4.96 -4.20 -37.86
N SER A 109 -3.65 -4.14 -37.67
CA SER A 109 -2.75 -5.14 -38.25
C SER A 109 -3.03 -6.54 -37.73
N GLU A 110 -3.55 -6.65 -36.51
CA GLU A 110 -3.83 -7.95 -35.91
C GLU A 110 -4.79 -8.77 -36.77
N ASN A 111 -5.72 -8.09 -37.44
CA ASN A 111 -6.69 -8.78 -38.28
C ASN A 111 -6.05 -9.20 -39.60
N LEU A 112 -5.94 -10.50 -39.81
CA LEU A 112 -5.33 -11.02 -41.03
C LEU A 112 -6.08 -10.55 -42.27
N TYR A 113 -7.42 -10.46 -42.16
CA TYR A 113 -8.24 -10.03 -43.28
C TYR A 113 -7.86 -8.63 -43.74
N PHE A 114 -7.52 -7.76 -42.79
CA PHE A 114 -7.14 -6.39 -43.11
C PHE A 114 -5.96 -6.39 -44.08
N GLN A 115 -4.99 -7.26 -43.83
CA GLN A 115 -3.81 -7.33 -44.68
C GLN A 115 -4.18 -7.87 -46.06
N MET A 1 -18.63 -17.72 7.07
CA MET A 1 -17.49 -17.07 6.36
C MET A 1 -16.23 -17.18 7.20
N ASN A 2 -15.56 -18.33 7.12
CA ASN A 2 -14.33 -18.54 7.88
C ASN A 2 -13.11 -18.44 6.97
N GLY A 3 -12.23 -17.49 7.27
CA GLY A 3 -11.02 -17.31 6.47
C GLY A 3 -10.16 -18.56 6.48
N GLU A 4 -10.11 -19.24 7.62
CA GLU A 4 -9.28 -20.44 7.74
C GLU A 4 -10.02 -21.73 7.35
N ASN A 5 -11.14 -21.60 6.63
CA ASN A 5 -11.90 -22.77 6.19
C ASN A 5 -11.01 -23.73 5.42
N TYR A 6 -10.10 -23.20 4.61
CA TYR A 6 -9.18 -24.03 3.83
C TYR A 6 -8.31 -24.89 4.75
N PHE A 7 -7.93 -24.35 5.91
CA PHE A 7 -7.09 -25.10 6.84
C PHE A 7 -7.95 -25.81 7.86
N LYS A 8 -7.74 -27.12 7.98
CA LYS A 8 -8.60 -27.95 8.83
C LYS A 8 -8.53 -27.53 10.29
N LEU A 9 -7.32 -27.29 10.79
CA LEU A 9 -7.15 -26.97 12.21
C LEU A 9 -7.86 -25.66 12.57
N GLY A 10 -7.68 -24.64 11.72
CA GLY A 10 -8.31 -23.34 11.96
C GLY A 10 -7.99 -22.82 13.36
N SER A 11 -6.73 -22.96 13.78
CA SER A 11 -6.33 -22.57 15.13
C SER A 11 -6.61 -21.09 15.37
N ASP A 12 -7.29 -20.81 16.48
CA ASP A 12 -7.56 -19.43 16.87
C ASP A 12 -6.29 -18.66 17.22
N SER A 13 -5.31 -19.36 17.80
CA SER A 13 -4.07 -18.73 18.24
C SER A 13 -3.43 -17.92 17.11
N LYS A 14 -3.59 -18.37 15.87
CA LYS A 14 -2.99 -17.67 14.73
C LYS A 14 -3.46 -16.22 14.68
N LEU A 15 -2.50 -15.30 14.73
CA LEU A 15 -2.81 -13.87 14.67
C LEU A 15 -3.49 -13.50 13.35
N LEU A 16 -3.13 -14.18 12.27
CA LEU A 16 -3.70 -13.89 10.96
C LEU A 16 -5.24 -13.91 11.00
N THR A 17 -5.81 -14.75 11.86
CA THR A 17 -7.26 -14.87 11.95
C THR A 17 -7.93 -13.51 12.15
N HIS A 18 -7.29 -12.66 12.96
CA HIS A 18 -7.82 -11.33 13.23
C HIS A 18 -6.86 -10.25 12.76
N ASN A 19 -7.37 -9.29 12.00
CA ASN A 19 -6.55 -8.19 11.50
C ASN A 19 -6.83 -6.91 12.29
N SER A 20 -5.79 -6.35 12.90
CA SER A 20 -5.95 -5.16 13.72
C SER A 20 -6.49 -3.98 12.91
N TYR A 21 -6.07 -3.89 11.64
CA TYR A 21 -6.51 -2.79 10.78
C TYR A 21 -7.20 -3.33 9.52
N GLN A 22 -8.48 -3.00 9.37
CA GLN A 22 -9.24 -3.40 8.19
C GLN A 22 -8.71 -2.71 6.93
N ASN A 23 -8.29 -1.46 7.07
CA ASN A 23 -7.84 -0.67 5.93
C ASN A 23 -6.73 -1.40 5.17
N ARG A 24 -5.85 -2.08 5.88
CA ARG A 24 -4.74 -2.79 5.26
C ARG A 24 -4.85 -4.30 5.51
N LEU A 25 -4.50 -5.09 4.50
CA LEU A 25 -4.58 -6.54 4.62
C LEU A 25 -3.18 -7.14 4.74
N PHE A 26 -3.00 -8.03 5.71
CA PHE A 26 -1.71 -8.70 5.89
C PHE A 26 -1.70 -10.06 5.21
N TYR A 27 -0.64 -10.33 4.44
CA TYR A 27 -0.48 -11.65 3.82
C TYR A 27 0.86 -12.25 4.26
N THR A 28 0.89 -13.56 4.46
CA THR A 28 2.09 -14.23 4.94
C THR A 28 2.75 -15.03 3.82
N LEU A 29 4.08 -15.03 3.80
CA LEU A 29 4.83 -15.78 2.81
C LEU A 29 5.02 -17.23 3.26
N LYS A 30 4.67 -18.17 2.38
CA LYS A 30 4.79 -19.59 2.68
C LYS A 30 5.60 -20.30 1.60
N THR A 31 6.40 -21.28 1.99
CA THR A 31 7.25 -22.00 1.06
C THR A 31 6.44 -22.55 -0.12
N GLY A 32 6.99 -22.39 -1.33
CA GLY A 32 6.32 -22.85 -2.54
C GLY A 32 5.81 -21.68 -3.39
N GLU A 33 5.50 -20.55 -2.76
CA GLU A 33 5.03 -19.37 -3.48
C GLU A 33 6.06 -18.25 -3.43
N THR A 34 6.18 -17.49 -4.50
CA THR A 34 7.15 -16.40 -4.57
C THR A 34 6.44 -15.05 -4.65
N VAL A 35 7.18 -13.98 -4.37
CA VAL A 35 6.61 -12.64 -4.39
C VAL A 35 6.02 -12.34 -5.77
N ALA A 36 6.73 -12.75 -6.82
CA ALA A 36 6.26 -12.49 -8.18
C ALA A 36 4.90 -13.16 -8.41
N ASP A 37 4.72 -14.37 -7.88
CA ASP A 37 3.47 -15.09 -8.06
C ASP A 37 2.31 -14.30 -7.46
N LEU A 38 2.53 -13.77 -6.26
CA LEU A 38 1.50 -12.99 -5.58
C LEU A 38 1.10 -11.79 -6.45
N SER A 39 2.09 -11.11 -7.00
CA SER A 39 1.85 -9.92 -7.80
C SER A 39 0.98 -10.23 -9.01
N LYS A 40 1.26 -11.36 -9.66
CA LYS A 40 0.52 -11.74 -10.86
C LYS A 40 -0.95 -11.97 -10.55
N SER A 41 -1.21 -12.72 -9.48
CA SER A 41 -2.58 -13.06 -9.12
C SER A 41 -3.40 -11.81 -8.82
N GLN A 42 -2.80 -10.88 -8.07
CA GLN A 42 -3.49 -9.65 -7.69
C GLN A 42 -3.54 -8.60 -8.80
N ASP A 43 -2.88 -8.87 -9.94
CA ASP A 43 -2.87 -7.90 -11.05
C ASP A 43 -2.25 -6.59 -10.58
N ILE A 44 -1.16 -6.69 -9.83
CA ILE A 44 -0.46 -5.52 -9.31
C ILE A 44 0.95 -5.47 -9.89
N ASN A 45 1.49 -4.27 -10.06
CA ASN A 45 2.83 -4.12 -10.61
C ASN A 45 3.88 -4.26 -9.51
N LEU A 46 4.95 -4.98 -9.81
CA LEU A 46 6.01 -5.19 -8.83
C LEU A 46 6.56 -3.86 -8.32
N SER A 47 6.66 -2.87 -9.21
CA SER A 47 7.17 -1.56 -8.82
C SER A 47 6.32 -0.96 -7.72
N THR A 48 5.00 -1.07 -7.87
CA THR A 48 4.08 -0.51 -6.87
C THR A 48 4.29 -1.19 -5.52
N ILE A 49 4.42 -2.52 -5.54
CA ILE A 49 4.58 -3.26 -4.29
C ILE A 49 5.81 -2.76 -3.53
N TRP A 50 6.90 -2.56 -4.26
CA TRP A 50 8.13 -2.07 -3.65
C TRP A 50 7.92 -0.71 -3.00
N SER A 51 7.28 0.21 -3.71
CA SER A 51 7.10 1.57 -3.20
C SER A 51 6.42 1.57 -1.83
N LEU A 52 5.45 0.67 -1.65
CA LEU A 52 4.76 0.58 -0.38
C LEU A 52 5.63 -0.04 0.71
N ASN A 53 6.19 -1.22 0.43
CA ASN A 53 6.96 -1.96 1.43
C ASN A 53 8.44 -1.58 1.48
N LYS A 54 8.84 -0.53 0.75
CA LYS A 54 10.22 -0.06 0.78
C LYS A 54 10.73 0.15 2.21
N HIS A 55 9.83 0.48 3.13
CA HIS A 55 10.23 0.70 4.52
C HIS A 55 10.55 -0.62 5.22
N LEU A 56 9.80 -1.67 4.89
CA LEU A 56 10.02 -2.98 5.51
C LEU A 56 11.33 -3.61 5.06
N TYR A 57 11.62 -3.50 3.76
CA TYR A 57 12.81 -4.12 3.19
C TYR A 57 13.82 -3.06 2.75
N SER A 58 15.10 -3.40 2.85
CA SER A 58 16.16 -2.45 2.51
C SER A 58 16.20 -2.16 1.03
N SER A 59 16.04 -3.21 0.20
CA SER A 59 16.15 -3.05 -1.24
C SER A 59 15.31 -4.10 -1.97
N GLU A 60 15.17 -3.92 -3.28
CA GLU A 60 14.40 -4.85 -4.10
C GLU A 60 14.99 -6.26 -4.07
N SER A 61 16.31 -6.34 -4.00
CA SER A 61 16.99 -7.65 -4.01
C SER A 61 16.46 -8.54 -2.90
N GLU A 62 16.30 -7.98 -1.71
CA GLU A 62 15.80 -8.76 -0.58
C GLU A 62 14.40 -9.30 -0.84
N MET A 63 13.57 -8.53 -1.56
CA MET A 63 12.23 -8.98 -1.88
C MET A 63 12.26 -10.20 -2.80
N MET A 64 13.08 -10.13 -3.85
CA MET A 64 13.17 -11.22 -4.81
C MET A 64 13.61 -12.52 -4.13
N LYS A 65 14.52 -12.41 -3.17
CA LYS A 65 15.04 -13.57 -2.46
C LYS A 65 14.25 -13.88 -1.18
N ALA A 66 13.06 -13.32 -1.03
CA ALA A 66 12.26 -13.54 0.18
C ALA A 66 12.06 -15.02 0.45
N ALA A 67 11.99 -15.38 1.73
CA ALA A 67 11.81 -16.76 2.14
C ALA A 67 10.61 -16.91 3.07
N PRO A 68 10.18 -18.12 3.37
CA PRO A 68 8.98 -18.33 4.25
C PRO A 68 9.16 -17.69 5.62
N GLY A 69 8.07 -17.21 6.19
CA GLY A 69 8.09 -16.62 7.53
C GLY A 69 8.02 -15.09 7.51
N GLN A 70 8.29 -14.46 6.37
CA GLN A 70 8.25 -13.00 6.29
C GLN A 70 6.84 -12.51 5.98
N GLN A 71 6.55 -11.27 6.36
CA GLN A 71 5.23 -10.70 6.16
C GLN A 71 5.25 -9.60 5.10
N ILE A 72 4.14 -9.48 4.38
CA ILE A 72 3.96 -8.41 3.40
C ILE A 72 2.68 -7.65 3.69
N ILE A 73 2.73 -6.32 3.61
CA ILE A 73 1.55 -5.50 3.83
C ILE A 73 1.03 -4.94 2.52
N LEU A 74 -0.28 -5.07 2.30
CA LEU A 74 -0.92 -4.55 1.11
C LEU A 74 -2.01 -3.55 1.47
N PRO A 75 -1.73 -2.26 1.45
CA PRO A 75 -2.79 -1.23 1.75
C PRO A 75 -3.73 -1.04 0.57
N LEU A 76 -4.96 -1.52 0.72
CA LEU A 76 -5.96 -1.40 -0.33
C LEU A 76 -6.92 -0.25 -0.03
N LYS A 77 -7.11 0.63 -1.02
CA LYS A 77 -8.01 1.76 -0.87
C LYS A 77 -9.35 1.48 -1.52
N LYS A 78 -10.43 1.90 -0.87
CA LYS A 78 -11.77 1.68 -1.40
C LYS A 78 -12.23 2.79 -2.36
N LEU A 79 -11.41 3.82 -2.58
CA LEU A 79 -11.79 4.92 -3.47
C LEU A 79 -10.69 5.15 -4.52
N PRO A 80 -10.66 4.36 -5.59
CA PRO A 80 -9.65 4.56 -6.66
C PRO A 80 -9.71 5.97 -7.24
N PHE A 81 -8.63 6.39 -7.91
CA PHE A 81 -8.58 7.72 -8.52
C PHE A 81 -7.98 7.65 -9.91
N GLU A 82 -8.33 8.62 -10.74
CA GLU A 82 -7.81 8.68 -12.11
C GLU A 82 -7.66 10.14 -12.56
N TYR A 83 -6.59 10.42 -13.30
CA TYR A 83 -6.36 11.75 -13.82
C TYR A 83 -6.40 11.75 -15.35
N SER A 84 -7.23 12.63 -15.91
CA SER A 84 -7.36 12.73 -17.36
C SER A 84 -6.08 13.21 -18.03
N ALA A 85 -5.31 14.04 -17.33
CA ALA A 85 -4.09 14.59 -17.90
C ALA A 85 -2.86 13.79 -17.45
N LEU A 86 -1.94 13.56 -18.37
CA LEU A 86 -0.72 12.82 -18.07
C LEU A 86 0.52 13.61 -18.56
N PRO A 87 1.02 14.55 -17.78
CA PRO A 87 2.21 15.35 -18.20
C PRO A 87 3.45 14.48 -18.37
N LEU A 88 3.95 14.42 -19.60
CA LEU A 88 5.14 13.62 -19.90
C LEU A 88 6.37 14.50 -19.97
N LEU A 89 7.41 14.13 -19.22
CA LEU A 89 8.64 14.91 -19.21
C LEU A 89 9.29 14.92 -20.59
N GLY A 90 9.26 13.77 -21.26
CA GLY A 90 9.83 13.66 -22.59
C GLY A 90 11.37 13.67 -22.56
N SER A 91 11.95 13.10 -21.50
CA SER A 91 13.40 13.05 -21.37
C SER A 91 13.87 11.60 -21.25
N ALA A 92 15.06 11.32 -21.77
CA ALA A 92 15.61 9.97 -21.72
C ALA A 92 17.02 9.98 -21.11
N PRO A 93 17.13 10.08 -19.79
CA PRO A 93 18.45 10.07 -19.12
C PRO A 93 18.94 8.65 -18.83
N LEU A 94 19.36 7.95 -19.88
CA LEU A 94 19.83 6.57 -19.73
C LEU A 94 21.35 6.53 -19.63
N VAL A 95 21.85 5.77 -18.67
CA VAL A 95 23.29 5.63 -18.48
C VAL A 95 23.91 4.94 -19.70
N ALA A 96 23.23 3.91 -20.19
CA ALA A 96 23.73 3.17 -21.35
C ALA A 96 23.84 4.09 -22.58
N ALA A 97 22.88 4.99 -22.72
CA ALA A 97 22.89 5.92 -23.85
C ALA A 97 24.13 6.81 -23.81
N GLY A 98 24.57 7.19 -22.60
CA GLY A 98 25.73 8.05 -22.46
C GLY A 98 26.97 7.41 -23.09
N GLY A 99 27.53 8.08 -24.09
CA GLY A 99 28.72 7.58 -24.77
C GLY A 99 29.87 7.38 -23.78
N VAL A 100 29.97 8.26 -22.79
CA VAL A 100 31.04 8.17 -21.78
C VAL A 100 30.45 7.77 -20.44
N ALA A 101 31.06 6.78 -19.81
CA ALA A 101 30.59 6.30 -18.51
C ALA A 101 30.71 7.39 -17.45
N GLY A 102 31.79 8.17 -17.52
CA GLY A 102 32.01 9.23 -16.54
C GLY A 102 31.04 10.39 -16.74
N HIS A 103 30.24 10.66 -15.72
CA HIS A 103 29.27 11.74 -15.78
C HIS A 103 29.97 13.08 -16.01
N THR A 104 31.12 13.27 -15.36
CA THR A 104 31.86 14.52 -15.47
C THR A 104 32.47 14.65 -16.86
N ASN A 105 32.34 15.83 -17.45
CA ASN A 105 32.89 16.09 -18.78
C ASN A 105 34.06 17.07 -18.70
N GLY A 106 35.19 16.67 -19.25
CA GLY A 106 36.37 17.53 -19.26
C GLY A 106 36.09 18.87 -19.94
N SER A 107 35.28 18.82 -21.00
CA SER A 107 34.93 20.04 -21.72
C SER A 107 34.30 21.08 -20.81
N GLY A 108 33.52 20.63 -19.82
CA GLY A 108 32.87 21.53 -18.88
C GLY A 108 33.88 22.44 -18.19
N SER A 109 35.09 21.93 -17.95
CA SER A 109 36.11 22.70 -17.26
C SER A 109 36.38 24.04 -17.97
N GLU A 110 36.28 24.04 -19.30
CA GLU A 110 36.54 25.25 -20.07
C GLU A 110 35.59 26.38 -19.67
N ASN A 111 34.36 26.04 -19.34
CA ASN A 111 33.36 27.07 -19.01
C ASN A 111 33.37 27.47 -17.53
N LEU A 112 34.35 27.00 -16.75
CA LEU A 112 34.43 27.36 -15.34
C LEU A 112 34.59 28.86 -15.16
N TYR A 113 35.34 29.50 -16.07
CA TYR A 113 35.57 30.94 -16.00
C TYR A 113 35.00 31.65 -17.23
N PHE A 114 34.39 32.80 -16.99
CA PHE A 114 33.80 33.58 -18.07
C PHE A 114 34.62 34.85 -18.32
N GLN A 115 34.88 35.15 -19.59
CA GLN A 115 35.65 36.33 -19.95
C GLN A 115 34.91 37.15 -21.00
N MET A 1 5.51 0.12 38.56
CA MET A 1 4.39 0.22 39.53
C MET A 1 3.72 -1.15 39.66
N ASN A 2 2.71 -1.23 40.52
CA ASN A 2 1.98 -2.47 40.71
C ASN A 2 1.44 -3.02 39.40
N GLY A 3 0.93 -2.11 38.57
CA GLY A 3 0.39 -2.51 37.27
C GLY A 3 -0.92 -3.26 37.42
N GLU A 4 -1.75 -2.84 38.38
CA GLU A 4 -3.02 -3.50 38.62
C GLU A 4 -3.89 -3.50 37.36
N ASN A 5 -3.84 -2.41 36.60
CA ASN A 5 -4.62 -2.30 35.37
C ASN A 5 -3.77 -2.64 34.15
N TYR A 6 -3.80 -3.91 33.76
CA TYR A 6 -3.03 -4.36 32.60
C TYR A 6 -3.51 -3.72 31.30
N PHE A 7 -4.79 -3.33 31.25
CA PHE A 7 -5.35 -2.73 30.04
C PHE A 7 -4.53 -1.52 29.59
N LYS A 8 -4.08 -0.74 30.57
CA LYS A 8 -3.28 0.45 30.26
C LYS A 8 -2.01 0.06 29.50
N LEU A 9 -1.40 -1.04 29.91
CA LEU A 9 -0.17 -1.52 29.25
C LEU A 9 -0.41 -1.81 27.78
N GLY A 10 -1.59 -2.32 27.45
CA GLY A 10 -1.92 -2.67 26.07
C GLY A 10 -1.71 -1.48 25.14
N SER A 11 -2.05 -0.29 25.61
CA SER A 11 -1.89 0.91 24.80
C SER A 11 -0.44 1.10 24.38
N ASP A 12 0.48 0.80 25.29
CA ASP A 12 1.91 0.93 25.01
C ASP A 12 2.31 0.09 23.80
N SER A 13 1.71 -1.09 23.66
CA SER A 13 2.05 -1.99 22.57
C SER A 13 1.88 -1.30 21.21
N LYS A 14 0.84 -0.48 21.09
CA LYS A 14 0.59 0.24 19.84
C LYS A 14 1.14 1.67 19.93
N LEU A 15 1.93 2.05 18.93
CA LEU A 15 2.50 3.39 18.90
C LEU A 15 1.39 4.44 18.79
N LEU A 16 0.37 4.15 18.00
CA LEU A 16 -0.76 5.07 17.82
C LEU A 16 -1.93 4.65 18.70
N THR A 17 -2.59 5.62 19.31
CA THR A 17 -3.75 5.36 20.17
C THR A 17 -5.02 6.02 19.63
N HIS A 18 -4.87 7.15 18.95
CA HIS A 18 -6.01 7.87 18.41
C HIS A 18 -6.86 6.98 17.51
N ASN A 19 -6.18 6.17 16.70
CA ASN A 19 -6.89 5.27 15.79
C ASN A 19 -7.06 3.90 16.44
N SER A 20 -8.24 3.67 17.01
CA SER A 20 -8.51 2.41 17.68
C SER A 20 -8.44 1.23 16.71
N TYR A 21 -8.88 1.44 15.47
CA TYR A 21 -8.91 0.37 14.48
C TYR A 21 -8.08 0.73 13.25
N GLN A 22 -7.33 -0.24 12.75
CA GLN A 22 -6.52 -0.05 11.56
C GLN A 22 -7.06 -0.91 10.41
N ASN A 23 -7.00 -0.37 9.19
CA ASN A 23 -7.53 -1.08 8.02
C ASN A 23 -6.42 -1.40 7.03
N ARG A 24 -5.76 -2.54 7.23
CA ARG A 24 -4.74 -2.99 6.29
C ARG A 24 -4.86 -4.49 6.06
N LEU A 25 -4.45 -4.96 4.90
CA LEU A 25 -4.53 -6.39 4.59
C LEU A 25 -3.17 -7.05 4.76
N PHE A 26 -3.10 -8.05 5.64
CA PHE A 26 -1.86 -8.77 5.86
C PHE A 26 -1.82 -10.06 5.03
N TYR A 27 -0.72 -10.26 4.31
CA TYR A 27 -0.52 -11.50 3.57
C TYR A 27 0.79 -12.16 4.03
N THR A 28 0.80 -13.48 4.12
CA THR A 28 1.97 -14.20 4.62
C THR A 28 2.63 -15.01 3.52
N LEU A 29 3.97 -15.05 3.54
CA LEU A 29 4.72 -15.83 2.57
C LEU A 29 4.87 -17.28 3.04
N LYS A 30 4.51 -18.21 2.16
CA LYS A 30 4.58 -19.64 2.47
C LYS A 30 5.41 -20.38 1.44
N THR A 31 6.13 -21.40 1.88
CA THR A 31 7.00 -22.16 0.97
C THR A 31 6.23 -22.66 -0.25
N GLY A 32 6.85 -22.50 -1.42
CA GLY A 32 6.21 -22.90 -2.67
C GLY A 32 5.77 -21.70 -3.51
N GLU A 33 5.48 -20.58 -2.86
CA GLU A 33 5.06 -19.37 -3.57
C GLU A 33 6.18 -18.34 -3.58
N THR A 34 6.28 -17.58 -4.67
CA THR A 34 7.29 -16.53 -4.79
C THR A 34 6.62 -15.17 -4.85
N VAL A 35 7.40 -14.12 -4.59
CA VAL A 35 6.85 -12.76 -4.58
C VAL A 35 6.20 -12.44 -5.92
N ALA A 36 6.88 -12.80 -7.01
CA ALA A 36 6.37 -12.51 -8.34
C ALA A 36 5.04 -13.23 -8.57
N ASP A 37 4.92 -14.46 -8.09
CA ASP A 37 3.71 -15.23 -8.30
C ASP A 37 2.52 -14.54 -7.65
N LEU A 38 2.71 -14.07 -6.42
CA LEU A 38 1.63 -13.39 -5.70
C LEU A 38 1.18 -12.15 -6.48
N SER A 39 2.14 -11.40 -7.00
CA SER A 39 1.83 -10.18 -7.72
C SER A 39 0.97 -10.47 -8.94
N LYS A 40 1.28 -11.54 -9.65
CA LYS A 40 0.54 -11.91 -10.85
C LYS A 40 -0.92 -12.22 -10.52
N SER A 41 -1.14 -13.01 -9.48
CA SER A 41 -2.49 -13.40 -9.09
C SER A 41 -3.32 -12.16 -8.73
N GLN A 42 -2.71 -11.26 -7.97
CA GLN A 42 -3.41 -10.04 -7.55
C GLN A 42 -3.52 -8.99 -8.67
N ASP A 43 -2.85 -9.21 -9.80
CA ASP A 43 -2.88 -8.24 -10.90
C ASP A 43 -2.34 -6.89 -10.44
N ILE A 44 -1.25 -6.93 -9.67
CA ILE A 44 -0.61 -5.72 -9.18
C ILE A 44 0.80 -5.61 -9.77
N ASN A 45 1.24 -4.38 -10.01
CA ASN A 45 2.56 -4.16 -10.60
C ASN A 45 3.64 -4.29 -9.53
N LEU A 46 4.72 -4.98 -9.88
CA LEU A 46 5.82 -5.19 -8.94
C LEU A 46 6.36 -3.85 -8.44
N SER A 47 6.43 -2.86 -9.32
CA SER A 47 6.92 -1.55 -8.94
C SER A 47 6.08 -0.96 -7.81
N THR A 48 4.76 -1.09 -7.94
CA THR A 48 3.85 -0.55 -6.94
C THR A 48 4.10 -1.20 -5.58
N ILE A 49 4.26 -2.52 -5.58
CA ILE A 49 4.45 -3.27 -4.34
C ILE A 49 5.69 -2.74 -3.62
N TRP A 50 6.76 -2.56 -4.36
CA TRP A 50 8.01 -2.06 -3.77
C TRP A 50 7.81 -0.69 -3.14
N SER A 51 7.16 0.22 -3.86
CA SER A 51 6.99 1.58 -3.36
C SER A 51 6.34 1.61 -1.99
N LEU A 52 5.37 0.73 -1.77
CA LEU A 52 4.69 0.67 -0.48
C LEU A 52 5.58 0.05 0.59
N ASN A 53 6.12 -1.15 0.31
CA ASN A 53 6.89 -1.88 1.31
C ASN A 53 8.38 -1.49 1.35
N LYS A 54 8.77 -0.45 0.62
CA LYS A 54 10.15 0.02 0.64
C LYS A 54 10.66 0.25 2.07
N HIS A 55 9.76 0.59 2.99
CA HIS A 55 10.16 0.82 4.38
C HIS A 55 10.42 -0.50 5.10
N LEU A 56 9.65 -1.53 4.78
CA LEU A 56 9.81 -2.83 5.43
C LEU A 56 11.14 -3.48 5.03
N TYR A 57 11.49 -3.39 3.76
CA TYR A 57 12.72 -4.01 3.26
C TYR A 57 13.72 -2.94 2.82
N SER A 58 15.01 -3.27 2.98
CA SER A 58 16.07 -2.31 2.68
C SER A 58 16.16 -2.04 1.18
N SER A 59 16.03 -3.09 0.37
CA SER A 59 16.19 -2.95 -1.07
C SER A 59 15.39 -4.02 -1.82
N GLU A 60 15.30 -3.86 -3.13
CA GLU A 60 14.57 -4.81 -3.97
C GLU A 60 15.20 -6.21 -3.91
N SER A 61 16.52 -6.26 -3.78
CA SER A 61 17.22 -7.55 -3.76
C SER A 61 16.66 -8.44 -2.66
N GLU A 62 16.44 -7.88 -1.49
CA GLU A 62 15.90 -8.64 -0.37
C GLU A 62 14.53 -9.22 -0.70
N MET A 63 13.72 -8.48 -1.45
CA MET A 63 12.40 -8.95 -1.84
C MET A 63 12.51 -10.19 -2.73
N MET A 64 13.40 -10.12 -3.73
CA MET A 64 13.58 -11.23 -4.66
C MET A 64 13.99 -12.51 -3.93
N LYS A 65 14.84 -12.35 -2.91
CA LYS A 65 15.33 -13.51 -2.16
C LYS A 65 14.43 -13.84 -0.94
N ALA A 66 13.21 -13.30 -0.90
CA ALA A 66 12.31 -13.56 0.22
C ALA A 66 12.13 -15.05 0.46
N ALA A 67 11.97 -15.42 1.73
CA ALA A 67 11.78 -16.81 2.10
C ALA A 67 10.54 -16.97 2.98
N PRO A 68 10.09 -18.18 3.23
CA PRO A 68 8.87 -18.42 4.07
C PRO A 68 8.99 -17.80 5.46
N GLY A 69 7.86 -17.33 5.99
CA GLY A 69 7.84 -16.77 7.34
C GLY A 69 7.79 -15.23 7.37
N GLN A 70 8.11 -14.58 6.24
CA GLN A 70 8.09 -13.13 6.19
C GLN A 70 6.70 -12.60 5.86
N GLN A 71 6.43 -11.36 6.27
CA GLN A 71 5.12 -10.76 6.07
C GLN A 71 5.17 -9.64 5.04
N ILE A 72 4.06 -9.47 4.32
CA ILE A 72 3.91 -8.38 3.36
C ILE A 72 2.66 -7.57 3.71
N ILE A 73 2.76 -6.24 3.63
CA ILE A 73 1.63 -5.38 3.95
C ILE A 73 1.03 -4.78 2.68
N LEU A 74 -0.29 -4.84 2.58
CA LEU A 74 -1.01 -4.26 1.45
C LEU A 74 -1.92 -3.13 1.95
N PRO A 75 -1.51 -1.89 1.88
CA PRO A 75 -2.39 -0.75 2.31
C PRO A 75 -3.38 -0.36 1.22
N LEU A 76 -4.62 -0.78 1.39
CA LEU A 76 -5.67 -0.47 0.41
C LEU A 76 -5.81 1.04 0.23
N LYS A 77 -5.68 1.79 1.32
CA LYS A 77 -5.82 3.23 1.26
C LYS A 77 -4.48 3.89 0.87
N LYS A 78 -4.55 4.85 -0.03
CA LYS A 78 -3.35 5.55 -0.48
C LYS A 78 -3.29 6.95 0.13
N LEU A 79 -2.07 7.47 0.29
CA LEU A 79 -1.87 8.79 0.88
C LEU A 79 -1.06 9.67 -0.08
N PRO A 80 -1.70 10.37 -1.00
CA PRO A 80 -0.98 11.25 -1.97
C PRO A 80 0.08 12.12 -1.29
N PHE A 81 -0.23 12.63 -0.11
CA PHE A 81 0.72 13.45 0.64
C PHE A 81 1.29 12.66 1.81
N GLU A 82 2.62 12.62 1.92
CA GLU A 82 3.29 11.89 2.98
C GLU A 82 4.07 12.85 3.87
N TYR A 83 3.89 12.72 5.19
CA TYR A 83 4.58 13.59 6.14
C TYR A 83 6.09 13.35 6.09
N SER A 84 6.49 12.09 5.95
CA SER A 84 7.91 11.75 5.88
C SER A 84 8.57 12.45 4.71
N ALA A 85 9.89 12.60 4.79
CA ALA A 85 10.65 13.26 3.72
C ALA A 85 11.92 12.48 3.42
N LEU A 86 12.42 12.63 2.20
CA LEU A 86 13.64 11.94 1.77
C LEU A 86 14.67 12.95 1.25
N PRO A 87 15.39 13.63 2.13
CA PRO A 87 16.42 14.64 1.69
C PRO A 87 17.40 14.05 0.68
N LEU A 88 17.47 14.68 -0.49
CA LEU A 88 18.40 14.24 -1.53
C LEU A 88 19.64 15.12 -1.54
N LEU A 89 20.81 14.50 -1.47
CA LEU A 89 22.06 15.25 -1.44
C LEU A 89 22.22 16.07 -2.71
N GLY A 90 21.85 15.50 -3.84
CA GLY A 90 21.95 16.20 -5.12
C GLY A 90 23.41 16.35 -5.54
N SER A 91 24.19 15.30 -5.33
CA SER A 91 25.61 15.34 -5.67
C SER A 91 25.83 15.62 -7.16
N ALA A 92 24.90 15.19 -8.00
CA ALA A 92 25.02 15.39 -9.45
C ALA A 92 23.81 16.18 -9.98
N PRO A 93 23.80 17.49 -9.80
CA PRO A 93 22.66 18.33 -10.32
C PRO A 93 22.44 18.13 -11.81
N LEU A 94 21.27 17.62 -12.18
CA LEU A 94 20.94 17.40 -13.58
C LEU A 94 20.07 18.53 -14.11
N VAL A 95 20.47 19.11 -15.23
CA VAL A 95 19.71 20.20 -15.85
C VAL A 95 19.25 19.81 -17.24
N ALA A 96 17.97 20.02 -17.52
CA ALA A 96 17.42 19.69 -18.83
C ALA A 96 18.03 20.56 -19.94
N ALA A 97 18.29 21.83 -19.61
CA ALA A 97 18.86 22.76 -20.59
C ALA A 97 20.23 22.29 -21.04
N GLY A 98 20.53 22.53 -22.32
CA GLY A 98 21.84 22.16 -22.88
C GLY A 98 22.47 23.34 -23.59
N GLY A 99 22.49 24.49 -22.92
CA GLY A 99 23.03 25.70 -23.51
C GLY A 99 24.52 25.56 -23.79
N VAL A 100 24.92 25.86 -25.03
CA VAL A 100 26.33 25.80 -25.40
C VAL A 100 27.14 26.83 -24.62
N ALA A 101 26.55 28.01 -24.39
CA ALA A 101 27.23 29.08 -23.67
C ALA A 101 27.67 28.62 -22.27
N GLY A 102 26.91 27.70 -21.67
CA GLY A 102 27.24 27.20 -20.33
C GLY A 102 28.68 26.71 -20.25
N HIS A 103 29.20 26.16 -21.35
CA HIS A 103 30.57 25.68 -21.39
C HIS A 103 31.45 26.65 -22.17
N THR A 104 32.57 27.05 -21.56
CA THR A 104 33.48 27.98 -22.20
C THR A 104 34.02 27.40 -23.51
N ASN A 105 34.34 26.11 -23.50
CA ASN A 105 34.87 25.45 -24.68
C ASN A 105 33.94 25.62 -25.87
N GLY A 106 32.65 25.54 -25.62
CA GLY A 106 31.66 25.70 -26.69
C GLY A 106 31.66 24.51 -27.63
N SER A 107 31.90 23.31 -27.11
CA SER A 107 31.93 22.10 -27.92
C SER A 107 30.91 21.08 -27.41
N GLY A 108 30.36 20.30 -28.33
CA GLY A 108 29.39 19.28 -27.97
C GLY A 108 29.59 18.01 -28.79
N SER A 109 29.73 16.88 -28.10
CA SER A 109 29.93 15.61 -28.78
C SER A 109 28.74 15.25 -29.67
N GLU A 110 27.54 15.64 -29.26
CA GLU A 110 26.34 15.34 -30.04
C GLU A 110 26.40 15.99 -31.42
N ASN A 111 26.96 17.20 -31.49
CA ASN A 111 27.07 17.91 -32.76
C ASN A 111 28.51 17.91 -33.25
N LEU A 112 28.73 17.29 -34.40
CA LEU A 112 30.07 17.23 -34.98
C LEU A 112 30.21 18.25 -36.11
N TYR A 113 31.19 19.15 -35.97
CA TYR A 113 31.42 20.18 -36.98
C TYR A 113 32.64 19.89 -37.87
N PHE A 114 33.35 18.79 -37.63
CA PHE A 114 34.53 18.45 -38.42
C PHE A 114 34.49 16.99 -38.86
N GLN A 115 35.30 16.65 -39.85
CA GLN A 115 35.36 15.28 -40.37
C GLN A 115 36.80 14.80 -40.43
N MET A 1 -21.77 16.20 32.18
CA MET A 1 -22.51 17.35 31.59
C MET A 1 -22.65 17.14 30.08
N ASN A 2 -23.76 17.62 29.52
CA ASN A 2 -24.00 17.48 28.09
C ASN A 2 -22.86 18.07 27.27
N GLY A 3 -22.28 19.17 27.77
CA GLY A 3 -21.17 19.82 27.06
C GLY A 3 -20.04 18.84 26.77
N GLU A 4 -19.79 17.92 27.71
CA GLU A 4 -18.73 16.94 27.54
C GLU A 4 -18.93 16.12 26.25
N ASN A 5 -20.19 15.82 25.94
CA ASN A 5 -20.50 15.04 24.74
C ASN A 5 -19.92 15.71 23.50
N TYR A 6 -19.97 17.04 23.46
CA TYR A 6 -19.45 17.79 22.31
C TYR A 6 -18.08 18.37 22.63
N PHE A 7 -17.18 18.34 21.65
CA PHE A 7 -15.84 18.87 21.82
C PHE A 7 -15.49 19.85 20.70
N LYS A 8 -14.51 20.70 20.96
CA LYS A 8 -14.12 21.71 19.97
C LYS A 8 -12.92 21.25 19.15
N LEU A 9 -11.83 20.89 19.83
CA LEU A 9 -10.61 20.52 19.15
C LEU A 9 -10.63 19.05 18.73
N GLY A 10 -10.12 18.77 17.54
CA GLY A 10 -10.07 17.41 17.02
C GLY A 10 -8.95 17.27 16.00
N SER A 11 -7.78 17.81 16.34
CA SER A 11 -6.64 17.79 15.42
C SER A 11 -6.28 16.37 15.00
N ASP A 12 -6.43 15.42 15.92
CA ASP A 12 -6.08 14.03 15.63
C ASP A 12 -7.17 13.36 14.80
N SER A 13 -6.87 13.12 13.53
CA SER A 13 -7.82 12.46 12.64
C SER A 13 -8.17 11.07 13.13
N LYS A 14 -7.18 10.36 13.68
CA LYS A 14 -7.40 9.01 14.17
C LYS A 14 -7.75 9.02 15.66
N LEU A 15 -8.76 8.25 16.02
CA LEU A 15 -9.20 8.17 17.41
C LEU A 15 -8.78 6.82 18.01
N LEU A 16 -8.07 6.88 19.13
CA LEU A 16 -7.57 5.66 19.77
C LEU A 16 -8.70 4.73 20.18
N THR A 17 -9.83 5.30 20.59
CA THR A 17 -10.97 4.52 21.05
C THR A 17 -11.38 3.47 20.00
N HIS A 18 -11.31 3.86 18.73
CA HIS A 18 -11.68 2.95 17.64
C HIS A 18 -10.44 2.54 16.84
N ASN A 19 -10.33 1.24 16.59
CA ASN A 19 -9.18 0.72 15.84
C ASN A 19 -9.63 -0.43 14.93
N SER A 20 -9.60 -0.18 13.62
CA SER A 20 -10.01 -1.20 12.65
C SER A 20 -8.84 -1.60 11.76
N TYR A 21 -8.79 -2.88 11.41
CA TYR A 21 -7.72 -3.39 10.56
C TYR A 21 -8.08 -3.40 9.06
N GLN A 22 -9.33 -3.08 8.72
CA GLN A 22 -9.77 -3.12 7.33
C GLN A 22 -8.87 -2.28 6.43
N ASN A 23 -8.36 -1.17 6.97
CA ASN A 23 -7.53 -0.27 6.18
C ASN A 23 -6.36 -1.00 5.51
N ARG A 24 -5.79 -1.98 6.22
CA ARG A 24 -4.66 -2.72 5.69
C ARG A 24 -4.88 -4.23 5.82
N LEU A 25 -4.47 -4.98 4.80
CA LEU A 25 -4.58 -6.43 4.82
C LEU A 25 -3.19 -7.06 4.92
N PHE A 26 -3.04 -7.99 5.86
CA PHE A 26 -1.76 -8.66 6.06
C PHE A 26 -1.71 -9.99 5.30
N TYR A 27 -0.63 -10.20 4.56
CA TYR A 27 -0.43 -11.47 3.85
C TYR A 27 0.87 -12.12 4.32
N THR A 28 0.87 -13.45 4.42
CA THR A 28 2.05 -14.16 4.94
C THR A 28 2.73 -14.97 3.84
N LEU A 29 4.06 -15.01 3.90
CA LEU A 29 4.86 -15.75 2.93
C LEU A 29 5.02 -17.21 3.36
N LYS A 30 4.82 -18.12 2.41
CA LYS A 30 4.96 -19.55 2.69
C LYS A 30 5.81 -20.23 1.62
N THR A 31 6.42 -21.36 1.98
CA THR A 31 7.30 -22.07 1.06
C THR A 31 6.60 -22.37 -0.26
N GLY A 32 7.29 -22.11 -1.37
CA GLY A 32 6.76 -22.39 -2.69
C GLY A 32 6.23 -21.14 -3.40
N GLU A 33 5.92 -20.09 -2.65
CA GLU A 33 5.38 -18.87 -3.24
C GLU A 33 6.42 -17.74 -3.22
N THR A 34 6.48 -17.00 -4.32
CA THR A 34 7.39 -15.85 -4.41
C THR A 34 6.59 -14.56 -4.52
N VAL A 35 7.22 -13.44 -4.16
CA VAL A 35 6.54 -12.15 -4.19
C VAL A 35 6.04 -11.86 -5.60
N ALA A 36 6.86 -12.14 -6.60
CA ALA A 36 6.51 -11.86 -7.98
C ALA A 36 5.27 -12.65 -8.39
N ASP A 37 5.21 -13.93 -8.01
CA ASP A 37 4.09 -14.78 -8.41
C ASP A 37 2.77 -14.23 -7.86
N LEU A 38 2.78 -13.84 -6.60
CA LEU A 38 1.58 -13.30 -5.97
C LEU A 38 1.10 -12.06 -6.73
N SER A 39 2.04 -11.19 -7.08
CA SER A 39 1.70 -9.95 -7.77
C SER A 39 1.02 -10.24 -9.11
N LYS A 40 1.51 -11.26 -9.81
CA LYS A 40 0.95 -11.61 -11.12
C LYS A 40 -0.51 -12.03 -10.98
N SER A 41 -0.79 -12.88 -9.99
CA SER A 41 -2.14 -13.36 -9.78
C SER A 41 -3.09 -12.20 -9.47
N GLN A 42 -2.62 -11.28 -8.63
CA GLN A 42 -3.41 -10.11 -8.26
C GLN A 42 -3.47 -9.05 -9.37
N ASP A 43 -2.60 -9.15 -10.38
CA ASP A 43 -2.56 -8.17 -11.45
C ASP A 43 -2.18 -6.79 -10.90
N ILE A 44 -1.18 -6.78 -10.02
CA ILE A 44 -0.69 -5.54 -9.42
C ILE A 44 0.73 -5.28 -9.89
N ASN A 45 1.07 -4.01 -10.08
CA ASN A 45 2.40 -3.64 -10.56
C ASN A 45 3.46 -3.89 -9.50
N LEU A 46 4.53 -4.56 -9.89
CA LEU A 46 5.63 -4.84 -8.96
C LEU A 46 6.19 -3.53 -8.38
N SER A 47 6.27 -2.50 -9.22
CA SER A 47 6.81 -1.22 -8.77
C SER A 47 5.97 -0.67 -7.61
N THR A 48 4.65 -0.79 -7.73
CA THR A 48 3.76 -0.28 -6.69
C THR A 48 4.01 -0.98 -5.36
N ILE A 49 4.10 -2.31 -5.41
CA ILE A 49 4.29 -3.09 -4.20
C ILE A 49 5.55 -2.66 -3.47
N TRP A 50 6.63 -2.50 -4.23
CA TRP A 50 7.91 -2.06 -3.66
C TRP A 50 7.76 -0.70 -2.97
N SER A 51 7.14 0.25 -3.64
CA SER A 51 7.04 1.61 -3.11
C SER A 51 6.41 1.60 -1.71
N LEU A 52 5.41 0.75 -1.51
CA LEU A 52 4.76 0.65 -0.21
C LEU A 52 5.67 -0.01 0.83
N ASN A 53 6.19 -1.18 0.50
CA ASN A 53 6.99 -1.96 1.45
C ASN A 53 8.49 -1.59 1.44
N LYS A 54 8.87 -0.55 0.70
CA LYS A 54 10.26 -0.12 0.68
C LYS A 54 10.83 0.09 2.08
N HIS A 55 9.98 0.45 3.04
CA HIS A 55 10.43 0.65 4.41
C HIS A 55 10.77 -0.68 5.09
N LEU A 56 10.01 -1.72 4.78
CA LEU A 56 10.23 -3.04 5.38
C LEU A 56 11.51 -3.68 4.87
N TYR A 57 11.74 -3.59 3.56
CA TYR A 57 12.92 -4.22 2.96
C TYR A 57 13.86 -3.16 2.39
N SER A 58 15.15 -3.46 2.43
CA SER A 58 16.17 -2.49 2.02
C SER A 58 16.24 -2.35 0.50
N SER A 59 16.10 -3.45 -0.21
CA SER A 59 16.28 -3.44 -1.66
C SER A 59 15.39 -4.47 -2.36
N GLU A 60 15.33 -4.38 -3.68
CA GLU A 60 14.51 -5.31 -4.47
C GLU A 60 15.03 -6.75 -4.33
N SER A 61 16.34 -6.92 -4.23
CA SER A 61 16.92 -8.25 -4.15
C SER A 61 16.34 -9.02 -2.98
N GLU A 62 16.21 -8.36 -1.84
CA GLU A 62 15.68 -9.01 -0.64
C GLU A 62 14.24 -9.49 -0.85
N MET A 63 13.47 -8.72 -1.61
CA MET A 63 12.08 -9.10 -1.89
C MET A 63 12.02 -10.37 -2.72
N MET A 64 12.81 -10.42 -3.80
CA MET A 64 12.80 -11.57 -4.70
C MET A 64 13.21 -12.85 -3.95
N LYS A 65 14.17 -12.71 -3.03
CA LYS A 65 14.67 -13.87 -2.29
C LYS A 65 13.91 -14.12 -0.99
N ALA A 66 12.73 -13.54 -0.83
CA ALA A 66 11.94 -13.71 0.39
C ALA A 66 11.75 -15.19 0.72
N ALA A 67 11.75 -15.51 2.01
CA ALA A 67 11.60 -16.88 2.47
C ALA A 67 10.38 -17.02 3.39
N PRO A 68 9.95 -18.22 3.69
CA PRO A 68 8.74 -18.42 4.57
C PRO A 68 8.92 -17.77 5.94
N GLY A 69 7.82 -17.26 6.49
CA GLY A 69 7.83 -16.67 7.83
C GLY A 69 7.81 -15.14 7.80
N GLN A 70 8.15 -14.53 6.67
CA GLN A 70 8.15 -13.08 6.57
C GLN A 70 6.77 -12.55 6.21
N GLN A 71 6.50 -11.30 6.57
CA GLN A 71 5.19 -10.71 6.34
C GLN A 71 5.26 -9.60 5.28
N ILE A 72 4.14 -9.42 4.57
CA ILE A 72 4.00 -8.34 3.61
C ILE A 72 2.73 -7.55 3.89
N ILE A 73 2.80 -6.23 3.76
CA ILE A 73 1.64 -5.38 4.00
C ILE A 73 1.06 -4.86 2.69
N LEU A 74 -0.25 -4.99 2.53
CA LEU A 74 -0.94 -4.47 1.35
C LEU A 74 -1.98 -3.44 1.79
N PRO A 75 -1.68 -2.16 1.77
CA PRO A 75 -2.67 -1.12 2.14
C PRO A 75 -3.61 -0.74 1.00
N LEU A 76 -4.36 -1.72 0.51
CA LEU A 76 -5.32 -1.49 -0.56
C LEU A 76 -6.74 -1.44 0.00
N LYS A 77 -7.46 -0.36 -0.30
CA LYS A 77 -8.82 -0.19 0.20
C LYS A 77 -9.84 -0.48 -0.89
N LYS A 78 -10.97 -1.05 -0.51
CA LYS A 78 -12.04 -1.36 -1.45
C LYS A 78 -13.34 -0.70 -1.03
N LEU A 79 -14.12 -0.25 -2.00
CA LEU A 79 -15.40 0.42 -1.74
C LEU A 79 -16.51 -0.24 -2.55
N PRO A 80 -17.13 -1.30 -2.05
CA PRO A 80 -18.19 -2.01 -2.82
C PRO A 80 -19.58 -1.39 -2.65
N PHE A 81 -19.61 -0.09 -2.34
CA PHE A 81 -20.88 0.61 -2.20
C PHE A 81 -21.14 1.49 -3.42
N GLU A 82 -22.31 1.34 -4.03
CA GLU A 82 -22.67 2.11 -5.21
C GLU A 82 -22.84 3.60 -4.88
N TYR A 83 -23.39 3.88 -3.70
CA TYR A 83 -23.68 5.25 -3.30
C TYR A 83 -22.41 6.08 -3.20
N SER A 84 -21.32 5.46 -2.74
CA SER A 84 -20.06 6.17 -2.56
C SER A 84 -18.99 5.62 -3.50
N ALA A 85 -18.00 6.45 -3.81
CA ALA A 85 -16.92 6.03 -4.69
C ALA A 85 -15.60 6.69 -4.30
N LEU A 86 -14.50 6.00 -4.53
CA LEU A 86 -13.17 6.52 -4.22
C LEU A 86 -12.26 6.39 -5.44
N PRO A 87 -12.31 7.31 -6.39
CA PRO A 87 -11.49 7.21 -7.62
C PRO A 87 -10.02 7.55 -7.39
N LEU A 88 -9.26 6.60 -6.88
CA LEU A 88 -7.84 6.79 -6.65
C LEU A 88 -7.04 6.08 -7.74
N LEU A 89 -6.16 6.82 -8.42
CA LEU A 89 -5.36 6.24 -9.49
C LEU A 89 -3.95 5.92 -9.01
N GLY A 90 -3.51 4.70 -9.27
CA GLY A 90 -2.16 4.28 -8.90
C GLY A 90 -1.11 5.14 -9.60
N SER A 91 -1.38 5.50 -10.86
CA SER A 91 -0.43 6.27 -11.64
C SER A 91 -0.14 7.62 -10.98
N ALA A 92 1.03 8.16 -11.24
CA ALA A 92 1.44 9.44 -10.68
C ALA A 92 1.91 10.39 -11.80
N PRO A 93 1.02 11.14 -12.42
CA PRO A 93 1.42 12.05 -13.54
C PRO A 93 2.67 12.88 -13.22
N LEU A 94 2.72 13.43 -12.01
CA LEU A 94 3.84 14.28 -11.61
C LEU A 94 5.17 13.54 -11.72
N VAL A 95 5.16 12.25 -11.38
CA VAL A 95 6.38 11.45 -11.41
C VAL A 95 6.39 10.55 -12.65
N ALA A 96 7.52 10.54 -13.35
CA ALA A 96 7.65 9.72 -14.56
C ALA A 96 8.44 8.46 -14.26
N ALA A 97 8.08 7.37 -14.92
CA ALA A 97 8.76 6.09 -14.73
C ALA A 97 8.91 5.36 -16.05
N GLY A 98 9.88 4.46 -16.11
CA GLY A 98 10.12 3.69 -17.33
C GLY A 98 10.71 2.31 -17.01
N GLY A 99 11.06 1.58 -18.07
CA GLY A 99 11.61 0.24 -17.90
C GLY A 99 11.05 -0.73 -18.93
N VAL A 100 10.83 -0.24 -20.14
CA VAL A 100 10.29 -1.07 -21.23
C VAL A 100 11.23 -1.03 -22.42
N ALA A 101 11.47 -2.20 -23.02
CA ALA A 101 12.34 -2.29 -24.18
C ALA A 101 11.52 -2.47 -25.45
N GLY A 102 12.06 -2.02 -26.58
CA GLY A 102 11.35 -2.12 -27.85
C GLY A 102 10.75 -0.78 -28.28
N HIS A 103 10.34 0.04 -27.31
CA HIS A 103 9.77 1.35 -27.61
C HIS A 103 10.81 2.48 -27.51
N THR A 104 12.10 2.15 -27.46
CA THR A 104 13.15 3.17 -27.37
C THR A 104 13.06 4.14 -28.54
N ASN A 105 12.77 3.62 -29.72
CA ASN A 105 12.68 4.46 -30.91
C ASN A 105 11.66 5.58 -30.71
N GLY A 106 10.55 5.27 -30.05
CA GLY A 106 9.53 6.27 -29.78
C GLY A 106 8.80 6.68 -31.06
N SER A 107 8.55 5.71 -31.94
CA SER A 107 7.88 5.97 -33.21
C SER A 107 6.63 5.11 -33.34
N GLY A 108 5.69 5.57 -34.16
CA GLY A 108 4.44 4.83 -34.37
C GLY A 108 3.41 5.10 -33.27
N SER A 109 3.50 6.25 -32.61
CA SER A 109 2.54 6.62 -31.57
C SER A 109 2.02 8.04 -31.79
N GLU A 110 0.72 8.22 -31.63
CA GLU A 110 0.12 9.55 -31.80
C GLU A 110 0.56 10.49 -30.69
N ASN A 111 0.67 9.97 -29.47
CA ASN A 111 1.05 10.79 -28.33
C ASN A 111 2.38 11.51 -28.58
N LEU A 112 3.30 10.84 -29.27
CA LEU A 112 4.61 11.43 -29.55
C LEU A 112 4.60 12.11 -30.92
N TYR A 113 5.26 13.26 -31.00
CA TYR A 113 5.34 13.98 -32.26
C TYR A 113 6.70 14.65 -32.41
N PHE A 114 7.05 15.03 -33.65
CA PHE A 114 8.33 15.68 -33.91
C PHE A 114 8.17 16.79 -34.94
N GLN A 115 9.14 17.68 -35.01
CA GLN A 115 9.11 18.78 -35.95
C GLN A 115 10.00 18.48 -37.16
N MET A 1 -40.23 1.77 20.12
CA MET A 1 -39.50 1.04 19.06
C MET A 1 -39.22 -0.39 19.54
N ASN A 2 -39.48 -1.35 18.66
CA ASN A 2 -39.27 -2.76 18.99
C ASN A 2 -37.82 -3.00 19.44
N GLY A 3 -36.89 -2.32 18.81
CA GLY A 3 -35.48 -2.48 19.16
C GLY A 3 -35.15 -1.78 20.47
N GLU A 4 -34.49 -2.49 21.38
CA GLU A 4 -34.12 -1.92 22.67
C GLU A 4 -32.60 -1.89 22.81
N ASN A 5 -32.09 -0.85 23.46
CA ASN A 5 -30.65 -0.70 23.64
C ASN A 5 -30.26 -0.22 25.06
N TYR A 6 -31.24 0.23 25.84
CA TYR A 6 -30.95 0.74 27.18
C TYR A 6 -30.35 -0.34 28.07
N PHE A 7 -30.77 -1.58 27.90
CA PHE A 7 -30.30 -2.67 28.75
C PHE A 7 -28.82 -3.00 28.51
N LYS A 8 -28.29 -2.65 27.34
CA LYS A 8 -26.90 -2.94 27.03
C LYS A 8 -25.97 -1.90 27.65
N LEU A 9 -25.06 -2.35 28.50
CA LEU A 9 -24.11 -1.46 29.14
C LEU A 9 -23.18 -0.80 28.12
N GLY A 10 -22.78 -1.56 27.10
CA GLY A 10 -21.87 -1.05 26.09
C GLY A 10 -22.58 -0.26 24.98
N SER A 11 -23.76 0.27 25.28
CA SER A 11 -24.50 1.04 24.28
C SER A 11 -23.73 2.30 23.86
N ASP A 12 -22.93 2.85 24.77
CA ASP A 12 -22.18 4.08 24.49
C ASP A 12 -20.80 3.80 23.86
N SER A 13 -20.59 2.61 23.32
CA SER A 13 -19.31 2.26 22.71
C SER A 13 -18.96 3.25 21.61
N LYS A 14 -17.81 3.91 21.75
CA LYS A 14 -17.40 4.92 20.78
C LYS A 14 -17.19 4.31 19.40
N LEU A 15 -16.61 3.11 19.35
CA LEU A 15 -16.32 2.46 18.08
C LEU A 15 -17.32 1.35 17.79
N LEU A 16 -17.93 1.40 16.62
CA LEU A 16 -18.87 0.37 16.20
C LEU A 16 -18.15 -0.97 15.97
N THR A 17 -16.94 -0.90 15.41
CA THR A 17 -16.18 -2.10 15.10
C THR A 17 -14.84 -2.11 15.84
N HIS A 18 -14.52 -3.25 16.45
CA HIS A 18 -13.27 -3.41 17.17
C HIS A 18 -12.07 -3.27 16.22
N ASN A 19 -12.21 -3.81 15.01
CA ASN A 19 -11.12 -3.80 14.05
C ASN A 19 -11.00 -2.47 13.29
N SER A 20 -11.72 -1.43 13.73
CA SER A 20 -11.66 -0.14 13.06
C SER A 20 -10.22 0.40 13.00
N TYR A 21 -9.45 0.12 14.05
CA TYR A 21 -8.07 0.61 14.10
C TYR A 21 -7.24 0.08 12.94
N GLN A 22 -7.51 -1.16 12.52
CA GLN A 22 -6.75 -1.76 11.43
C GLN A 22 -7.36 -1.40 10.08
N ASN A 23 -6.52 -0.91 9.18
CA ASN A 23 -6.97 -0.54 7.83
C ASN A 23 -6.08 -1.12 6.73
N ARG A 24 -5.38 -2.22 7.03
CA ARG A 24 -4.51 -2.86 6.05
C ARG A 24 -4.70 -4.37 6.06
N LEU A 25 -4.44 -5.01 4.93
CA LEU A 25 -4.56 -6.47 4.86
C LEU A 25 -3.18 -7.11 4.92
N PHE A 26 -3.01 -8.04 5.86
CA PHE A 26 -1.74 -8.73 6.01
C PHE A 26 -1.76 -10.08 5.28
N TYR A 27 -0.72 -10.33 4.49
CA TYR A 27 -0.58 -11.63 3.82
C TYR A 27 0.74 -12.28 4.24
N THR A 28 0.73 -13.60 4.43
CA THR A 28 1.92 -14.31 4.89
C THR A 28 2.55 -15.09 3.75
N LEU A 29 3.89 -15.11 3.74
CA LEU A 29 4.63 -15.85 2.72
C LEU A 29 4.78 -17.32 3.12
N LYS A 30 4.28 -18.21 2.28
CA LYS A 30 4.38 -19.64 2.54
C LYS A 30 5.34 -20.31 1.55
N THR A 31 6.03 -21.33 2.00
CA THR A 31 7.01 -22.02 1.16
C THR A 31 6.37 -22.48 -0.15
N GLY A 32 7.07 -22.25 -1.26
CA GLY A 32 6.57 -22.65 -2.58
C GLY A 32 6.09 -21.45 -3.40
N GLU A 33 5.69 -20.36 -2.74
CA GLU A 33 5.21 -19.18 -3.45
C GLU A 33 6.25 -18.06 -3.37
N THR A 34 6.34 -17.27 -4.44
CA THR A 34 7.29 -16.16 -4.49
C THR A 34 6.57 -14.82 -4.54
N VAL A 35 7.30 -13.75 -4.24
CA VAL A 35 6.70 -12.41 -4.23
C VAL A 35 6.12 -12.10 -5.60
N ALA A 36 6.85 -12.46 -6.65
CA ALA A 36 6.37 -12.22 -8.02
C ALA A 36 5.04 -12.94 -8.26
N ASP A 37 4.92 -14.16 -7.71
CA ASP A 37 3.70 -14.93 -7.90
C ASP A 37 2.50 -14.18 -7.32
N LEU A 38 2.67 -13.62 -6.13
CA LEU A 38 1.61 -12.85 -5.50
C LEU A 38 1.19 -11.69 -6.39
N SER A 39 2.18 -11.00 -6.95
CA SER A 39 1.93 -9.84 -7.78
C SER A 39 1.06 -10.21 -9.00
N LYS A 40 1.37 -11.36 -9.60
CA LYS A 40 0.65 -11.80 -10.79
C LYS A 40 -0.83 -12.04 -10.46
N SER A 41 -1.09 -12.74 -9.36
CA SER A 41 -2.46 -13.07 -8.98
C SER A 41 -3.27 -11.81 -8.73
N GLN A 42 -2.68 -10.85 -8.04
CA GLN A 42 -3.37 -9.60 -7.72
C GLN A 42 -3.44 -8.63 -8.91
N ASP A 43 -2.76 -8.95 -10.02
CA ASP A 43 -2.75 -8.05 -11.17
C ASP A 43 -2.16 -6.70 -10.78
N ILE A 44 -1.08 -6.73 -10.01
CA ILE A 44 -0.41 -5.51 -9.55
C ILE A 44 1.01 -5.47 -10.12
N ASN A 45 1.52 -4.27 -10.37
CA ASN A 45 2.87 -4.12 -10.91
C ASN A 45 3.90 -4.24 -9.78
N LEU A 46 5.01 -4.92 -10.08
CA LEU A 46 6.05 -5.12 -9.08
C LEU A 46 6.55 -3.76 -8.55
N SER A 47 6.62 -2.76 -9.43
CA SER A 47 7.08 -1.45 -9.01
C SER A 47 6.19 -0.88 -7.90
N THR A 48 4.88 -1.04 -8.07
CA THR A 48 3.94 -0.53 -7.09
C THR A 48 4.14 -1.21 -5.74
N ILE A 49 4.31 -2.53 -5.77
CA ILE A 49 4.47 -3.29 -4.54
C ILE A 49 5.67 -2.77 -3.76
N TRP A 50 6.77 -2.55 -4.47
CA TRP A 50 7.98 -2.03 -3.83
C TRP A 50 7.74 -0.69 -3.17
N SER A 51 7.07 0.22 -3.89
CA SER A 51 6.86 1.58 -3.37
C SER A 51 6.20 1.56 -1.99
N LEU A 52 5.24 0.65 -1.80
CA LEU A 52 4.56 0.53 -0.52
C LEU A 52 5.47 -0.10 0.54
N ASN A 53 6.03 -1.26 0.24
CA ASN A 53 6.82 -2.01 1.23
C ASN A 53 8.30 -1.63 1.24
N LYS A 54 8.69 -0.57 0.53
CA LYS A 54 10.06 -0.11 0.53
C LYS A 54 10.60 0.11 1.95
N HIS A 55 9.71 0.46 2.89
CA HIS A 55 10.12 0.67 4.27
C HIS A 55 10.42 -0.66 4.97
N LEU A 56 9.64 -1.70 4.64
CA LEU A 56 9.83 -3.00 5.27
C LEU A 56 11.15 -3.64 4.86
N TYR A 57 11.49 -3.54 3.57
CA TYR A 57 12.71 -4.14 3.05
C TYR A 57 13.72 -3.08 2.63
N SER A 58 15.00 -3.39 2.77
CA SER A 58 16.06 -2.43 2.49
C SER A 58 16.22 -2.20 0.98
N SER A 59 16.13 -3.27 0.20
CA SER A 59 16.39 -3.18 -1.23
C SER A 59 15.57 -4.22 -2.00
N GLU A 60 15.57 -4.09 -3.32
CA GLU A 60 14.83 -5.01 -4.17
C GLU A 60 15.39 -6.42 -4.08
N SER A 61 16.70 -6.54 -3.92
CA SER A 61 17.34 -7.85 -3.87
C SER A 61 16.74 -8.71 -2.76
N GLU A 62 16.50 -8.09 -1.60
CA GLU A 62 15.93 -8.82 -0.47
C GLU A 62 14.55 -9.35 -0.81
N MET A 63 13.77 -8.60 -1.59
CA MET A 63 12.45 -9.04 -1.98
C MET A 63 12.52 -10.29 -2.85
N MET A 64 13.39 -10.27 -3.86
CA MET A 64 13.54 -11.40 -4.77
C MET A 64 13.94 -12.66 -4.02
N LYS A 65 14.78 -12.51 -3.00
CA LYS A 65 15.26 -13.66 -2.23
C LYS A 65 14.40 -13.96 -1.00
N ALA A 66 13.18 -13.41 -0.96
CA ALA A 66 12.31 -13.62 0.19
C ALA A 66 12.15 -15.11 0.52
N ALA A 67 12.02 -15.40 1.82
CA ALA A 67 11.91 -16.78 2.27
C ALA A 67 10.62 -16.96 3.10
N PRO A 68 10.22 -18.18 3.40
CA PRO A 68 8.98 -18.42 4.18
C PRO A 68 9.04 -17.82 5.58
N GLY A 69 7.89 -17.35 6.07
CA GLY A 69 7.81 -16.80 7.42
C GLY A 69 7.76 -15.27 7.45
N GLN A 70 8.06 -14.61 6.32
CA GLN A 70 8.05 -13.16 6.28
C GLN A 70 6.65 -12.63 5.94
N GLN A 71 6.38 -11.38 6.29
CA GLN A 71 5.07 -10.79 6.07
C GLN A 71 5.12 -9.68 5.03
N ILE A 72 3.99 -9.50 4.34
CA ILE A 72 3.83 -8.41 3.38
C ILE A 72 2.58 -7.61 3.73
N ILE A 73 2.67 -6.28 3.62
CA ILE A 73 1.53 -5.41 3.92
C ILE A 73 0.94 -4.85 2.62
N LEU A 74 -0.39 -4.94 2.50
CA LEU A 74 -1.09 -4.40 1.34
C LEU A 74 -2.11 -3.34 1.79
N PRO A 75 -1.80 -2.07 1.69
CA PRO A 75 -2.81 -1.00 2.00
C PRO A 75 -3.93 -0.99 0.98
N LEU A 76 -5.16 -1.29 1.42
CA LEU A 76 -6.29 -1.37 0.52
C LEU A 76 -7.09 -0.06 0.49
N LYS A 77 -7.38 0.40 -0.71
CA LYS A 77 -8.21 1.60 -0.89
C LYS A 77 -9.62 1.41 -0.34
N LYS A 78 -10.11 0.18 -0.32
CA LYS A 78 -11.48 -0.11 0.08
C LYS A 78 -11.84 0.54 1.42
N LEU A 79 -10.84 0.68 2.31
CA LEU A 79 -11.08 1.28 3.62
C LEU A 79 -10.26 2.56 3.78
N PRO A 80 -10.70 3.68 3.23
CA PRO A 80 -9.97 4.97 3.38
C PRO A 80 -9.81 5.37 4.84
N PHE A 81 -8.79 6.16 5.13
CA PHE A 81 -8.55 6.61 6.50
C PHE A 81 -8.13 8.09 6.50
N GLU A 82 -8.34 8.76 7.63
CA GLU A 82 -7.96 10.15 7.78
C GLU A 82 -7.11 10.34 9.03
N TYR A 83 -6.18 11.29 8.98
CA TYR A 83 -5.31 11.56 10.11
C TYR A 83 -5.05 13.05 10.25
N SER A 84 -4.83 13.50 11.48
CA SER A 84 -4.61 14.92 11.75
C SER A 84 -3.12 15.26 11.77
N ALA A 85 -2.30 14.33 12.28
CA ALA A 85 -0.87 14.58 12.42
C ALA A 85 -0.22 14.84 11.06
N LEU A 86 0.82 15.66 11.05
CA LEU A 86 1.57 15.95 9.83
C LEU A 86 3.06 15.70 10.05
N PRO A 87 3.49 14.44 10.11
CA PRO A 87 4.93 14.12 10.30
C PRO A 87 5.80 14.70 9.18
N LEU A 88 6.65 15.66 9.53
CA LEU A 88 7.53 16.28 8.54
C LEU A 88 8.93 15.69 8.63
N LEU A 89 9.44 15.25 7.49
CA LEU A 89 10.78 14.64 7.45
C LEU A 89 11.80 15.66 6.95
N GLY A 90 12.99 15.65 7.56
CA GLY A 90 14.05 16.56 7.15
C GLY A 90 14.79 17.12 8.37
N SER A 91 16.11 16.99 8.35
CA SER A 91 16.94 17.51 9.45
C SER A 91 17.96 18.51 8.91
N ALA A 92 18.31 19.49 9.73
CA ALA A 92 19.28 20.52 9.34
C ALA A 92 20.41 20.61 10.37
N PRO A 93 21.31 19.64 10.41
CA PRO A 93 22.47 19.70 11.35
C PRO A 93 23.33 20.94 11.12
N LEU A 94 23.30 21.86 12.07
CA LEU A 94 24.07 23.10 11.95
C LEU A 94 25.57 22.79 11.79
N VAL A 95 26.04 21.79 12.52
CA VAL A 95 27.44 21.41 12.45
C VAL A 95 27.82 20.95 11.04
N ALA A 96 26.90 20.23 10.39
CA ALA A 96 27.15 19.72 9.05
C ALA A 96 27.30 20.87 8.06
N ALA A 97 28.13 20.65 7.03
CA ALA A 97 28.35 21.66 6.01
C ALA A 97 28.32 21.02 4.62
N GLY A 98 27.94 21.81 3.62
CA GLY A 98 27.85 21.30 2.25
C GLY A 98 27.33 22.37 1.30
N GLY A 99 26.93 21.94 0.11
CA GLY A 99 26.41 22.87 -0.89
C GLY A 99 27.53 23.55 -1.66
N VAL A 100 28.59 22.79 -1.95
CA VAL A 100 29.71 23.34 -2.70
C VAL A 100 29.26 23.80 -4.08
N ALA A 101 28.41 23.00 -4.72
CA ALA A 101 27.89 23.35 -6.04
C ALA A 101 27.03 24.60 -5.96
N GLY A 102 27.06 25.40 -7.03
CA GLY A 102 26.28 26.64 -7.07
C GLY A 102 25.49 26.73 -8.37
N HIS A 103 24.20 27.02 -8.26
CA HIS A 103 23.33 27.16 -9.43
C HIS A 103 23.30 28.59 -9.97
N THR A 104 23.76 29.57 -9.19
CA THR A 104 23.73 30.97 -9.63
C THR A 104 24.44 31.14 -10.96
N ASN A 105 25.55 30.43 -11.14
CA ASN A 105 26.31 30.51 -12.38
C ASN A 105 25.83 29.46 -13.38
N GLY A 106 26.15 29.67 -14.65
CA GLY A 106 25.75 28.74 -15.69
C GLY A 106 26.41 29.09 -17.02
N SER A 107 27.16 28.14 -17.57
CA SER A 107 27.84 28.36 -18.85
C SER A 107 26.83 28.63 -19.97
N GLY A 108 25.69 27.95 -19.91
CA GLY A 108 24.65 28.14 -20.92
C GLY A 108 25.06 27.59 -22.29
N SER A 109 25.84 26.51 -22.28
CA SER A 109 26.28 25.91 -23.53
C SER A 109 25.11 25.41 -24.38
N GLU A 110 24.03 24.98 -23.72
CA GLU A 110 22.86 24.47 -24.43
C GLU A 110 22.26 25.54 -25.34
N ASN A 111 22.32 26.81 -24.92
CA ASN A 111 21.76 27.89 -25.71
C ASN A 111 22.82 28.53 -26.59
N LEU A 112 22.62 28.44 -27.90
CA LEU A 112 23.57 29.01 -28.86
C LEU A 112 23.23 30.47 -29.23
N TYR A 113 22.22 31.06 -28.58
CA TYR A 113 21.85 32.44 -28.88
C TYR A 113 23.03 33.39 -28.72
N PHE A 114 23.86 33.14 -27.72
CA PHE A 114 25.01 34.00 -27.46
C PHE A 114 26.32 33.25 -27.67
N GLN A 115 27.39 34.00 -27.95
CA GLN A 115 28.69 33.40 -28.19
C GLN A 115 29.41 33.11 -26.87
N MET A 1 -32.63 -33.89 -3.27
CA MET A 1 -31.19 -33.54 -3.34
C MET A 1 -31.04 -32.10 -3.81
N ASN A 2 -30.08 -31.39 -3.22
CA ASN A 2 -29.83 -30.00 -3.59
C ASN A 2 -28.64 -29.90 -4.55
N GLY A 3 -28.88 -29.35 -5.73
CA GLY A 3 -27.83 -29.22 -6.73
C GLY A 3 -27.08 -27.90 -6.57
N GLU A 4 -27.69 -26.82 -7.04
CA GLU A 4 -27.07 -25.51 -6.95
C GLU A 4 -26.92 -25.07 -5.50
N ASN A 5 -25.76 -24.51 -5.18
CA ASN A 5 -25.51 -24.04 -3.82
C ASN A 5 -25.76 -22.52 -3.66
N TYR A 6 -26.36 -21.87 -4.67
CA TYR A 6 -26.60 -20.44 -4.61
C TYR A 6 -27.45 -20.07 -3.40
N PHE A 7 -28.45 -20.89 -3.11
CA PHE A 7 -29.35 -20.62 -2.00
C PHE A 7 -28.58 -20.49 -0.69
N LYS A 8 -27.59 -21.35 -0.50
CA LYS A 8 -26.79 -21.34 0.72
C LYS A 8 -25.46 -20.63 0.50
N LEU A 9 -25.15 -19.67 1.37
CA LEU A 9 -23.89 -18.95 1.28
C LEU A 9 -22.88 -19.53 2.27
N GLY A 10 -21.70 -19.89 1.77
CA GLY A 10 -20.66 -20.46 2.61
C GLY A 10 -20.19 -19.48 3.67
N SER A 11 -20.11 -18.19 3.30
CA SER A 11 -19.63 -17.17 4.22
C SER A 11 -20.69 -16.09 4.46
N ASP A 12 -20.80 -15.68 5.72
CA ASP A 12 -21.72 -14.61 6.09
C ASP A 12 -21.27 -13.26 5.52
N SER A 13 -19.95 -13.06 5.42
CA SER A 13 -19.41 -11.79 4.96
C SER A 13 -19.92 -11.44 3.56
N LYS A 14 -20.14 -12.46 2.73
CA LYS A 14 -20.64 -12.22 1.37
C LYS A 14 -21.98 -11.48 1.40
N LEU A 15 -22.80 -11.75 2.39
CA LEU A 15 -24.10 -11.09 2.51
C LEU A 15 -23.95 -9.57 2.52
N LEU A 16 -22.90 -9.08 3.15
CA LEU A 16 -22.65 -7.64 3.21
C LEU A 16 -21.76 -7.20 2.05
N THR A 17 -22.21 -6.22 1.30
CA THR A 17 -21.47 -5.72 0.16
C THR A 17 -20.18 -5.03 0.60
N HIS A 18 -20.23 -4.32 1.72
CA HIS A 18 -19.08 -3.53 2.18
C HIS A 18 -18.43 -4.16 3.40
N ASN A 19 -17.10 -4.19 3.39
CA ASN A 19 -16.35 -4.72 4.53
C ASN A 19 -15.72 -3.56 5.33
N SER A 20 -16.01 -3.52 6.62
CA SER A 20 -15.51 -2.44 7.48
C SER A 20 -13.99 -2.40 7.48
N TYR A 21 -13.36 -3.56 7.42
CA TYR A 21 -11.90 -3.62 7.50
C TYR A 21 -11.28 -3.77 6.10
N GLN A 22 -10.65 -2.71 5.63
CA GLN A 22 -10.00 -2.72 4.32
C GLN A 22 -8.69 -1.91 4.28
N ASN A 23 -8.48 -1.04 5.27
CA ASN A 23 -7.33 -0.15 5.24
C ASN A 23 -6.01 -0.91 5.05
N ARG A 24 -5.90 -2.07 5.69
CA ARG A 24 -4.68 -2.87 5.58
C ARG A 24 -5.00 -4.36 5.61
N LEU A 25 -4.57 -5.07 4.57
CA LEU A 25 -4.72 -6.52 4.52
C LEU A 25 -3.36 -7.18 4.68
N PHE A 26 -3.30 -8.21 5.53
CA PHE A 26 -2.05 -8.94 5.75
C PHE A 26 -1.98 -10.19 4.89
N TYR A 27 -0.86 -10.39 4.20
CA TYR A 27 -0.63 -11.63 3.46
C TYR A 27 0.68 -12.25 3.92
N THR A 28 0.72 -13.58 4.02
CA THR A 28 1.91 -14.26 4.54
C THR A 28 2.60 -15.08 3.46
N LEU A 29 3.93 -15.10 3.50
CA LEU A 29 4.72 -15.87 2.55
C LEU A 29 4.89 -17.30 3.02
N LYS A 30 4.52 -18.25 2.18
CA LYS A 30 4.63 -19.68 2.51
C LYS A 30 5.53 -20.39 1.50
N THR A 31 6.20 -21.46 1.96
CA THR A 31 7.12 -22.20 1.09
C THR A 31 6.42 -22.64 -0.18
N GLY A 32 7.11 -22.46 -1.30
CA GLY A 32 6.57 -22.85 -2.61
C GLY A 32 6.10 -21.64 -3.43
N GLU A 33 5.77 -20.53 -2.76
CA GLU A 33 5.31 -19.33 -3.46
C GLU A 33 6.40 -18.27 -3.48
N THR A 34 6.47 -17.51 -4.57
CA THR A 34 7.44 -16.43 -4.71
C THR A 34 6.74 -15.09 -4.76
N VAL A 35 7.49 -14.01 -4.49
CA VAL A 35 6.90 -12.68 -4.47
C VAL A 35 6.26 -12.36 -5.82
N ALA A 36 6.96 -12.70 -6.90
CA ALA A 36 6.45 -12.43 -8.24
C ALA A 36 5.13 -13.16 -8.48
N ASP A 37 5.04 -14.40 -8.01
CA ASP A 37 3.84 -15.19 -8.22
C ASP A 37 2.63 -14.51 -7.58
N LEU A 38 2.80 -14.03 -6.35
CA LEU A 38 1.72 -13.36 -5.64
C LEU A 38 1.26 -12.14 -6.42
N SER A 39 2.21 -11.38 -6.94
CA SER A 39 1.89 -10.16 -7.67
C SER A 39 1.03 -10.47 -8.90
N LYS A 40 1.35 -11.56 -9.58
CA LYS A 40 0.60 -11.94 -10.77
C LYS A 40 -0.85 -12.26 -10.44
N SER A 41 -1.05 -13.05 -9.38
CA SER A 41 -2.40 -13.43 -8.99
C SER A 41 -3.25 -12.21 -8.64
N GLN A 42 -2.64 -11.27 -7.93
CA GLN A 42 -3.33 -10.05 -7.54
C GLN A 42 -3.47 -9.05 -8.70
N ASP A 43 -2.71 -9.25 -9.79
CA ASP A 43 -2.74 -8.31 -10.91
C ASP A 43 -2.25 -6.94 -10.48
N ILE A 44 -1.18 -6.92 -9.69
CA ILE A 44 -0.58 -5.69 -9.21
C ILE A 44 0.84 -5.55 -9.78
N ASN A 45 1.23 -4.32 -10.07
CA ASN A 45 2.56 -4.07 -10.63
C ASN A 45 3.63 -4.22 -9.56
N LEU A 46 4.71 -4.92 -9.90
CA LEU A 46 5.80 -5.12 -8.95
C LEU A 46 6.33 -3.79 -8.43
N SER A 47 6.40 -2.79 -9.30
CA SER A 47 6.90 -1.48 -8.90
C SER A 47 6.04 -0.91 -7.77
N THR A 48 4.73 -1.04 -7.91
CA THR A 48 3.81 -0.52 -6.90
C THR A 48 4.05 -1.19 -5.55
N ILE A 49 4.21 -2.51 -5.57
CA ILE A 49 4.41 -3.26 -4.33
C ILE A 49 5.63 -2.74 -3.60
N TRP A 50 6.71 -2.54 -4.34
CA TRP A 50 7.95 -2.03 -3.74
C TRP A 50 7.73 -0.67 -3.10
N SER A 51 7.07 0.24 -3.81
CA SER A 51 6.89 1.60 -3.31
C SER A 51 6.25 1.61 -1.92
N LEU A 52 5.28 0.73 -1.71
CA LEU A 52 4.61 0.65 -0.41
C LEU A 52 5.51 0.02 0.65
N ASN A 53 6.03 -1.16 0.36
CA ASN A 53 6.81 -1.91 1.34
C ASN A 53 8.29 -1.53 1.37
N LYS A 54 8.68 -0.49 0.63
CA LYS A 54 10.07 -0.04 0.63
C LYS A 54 10.60 0.18 2.05
N HIS A 55 9.73 0.54 2.98
CA HIS A 55 10.14 0.76 4.36
C HIS A 55 10.43 -0.57 5.07
N LEU A 56 9.65 -1.60 4.76
CA LEU A 56 9.83 -2.90 5.39
C LEU A 56 11.14 -3.56 4.96
N TYR A 57 11.46 -3.47 3.68
CA TYR A 57 12.68 -4.09 3.15
C TYR A 57 13.67 -3.03 2.69
N SER A 58 14.96 -3.36 2.81
CA SER A 58 16.01 -2.40 2.49
C SER A 58 16.09 -2.14 0.99
N SER A 59 15.96 -3.19 0.19
CA SER A 59 16.11 -3.06 -1.26
C SER A 59 15.34 -4.15 -2.00
N GLU A 60 15.24 -3.99 -3.31
CA GLU A 60 14.53 -4.95 -4.15
C GLU A 60 15.17 -6.34 -4.07
N SER A 61 16.49 -6.39 -3.93
CA SER A 61 17.20 -7.66 -3.90
C SER A 61 16.66 -8.55 -2.80
N GLU A 62 16.42 -7.97 -1.62
CA GLU A 62 15.89 -8.73 -0.50
C GLU A 62 14.52 -9.31 -0.81
N MET A 63 13.72 -8.58 -1.58
CA MET A 63 12.40 -9.06 -1.96
C MET A 63 12.51 -10.31 -2.83
N MET A 64 13.38 -10.26 -3.82
CA MET A 64 13.56 -11.39 -4.73
C MET A 64 14.00 -12.65 -3.98
N LYS A 65 14.84 -12.46 -2.97
CA LYS A 65 15.34 -13.59 -2.19
C LYS A 65 14.46 -13.90 -0.96
N ALA A 66 13.24 -13.37 -0.92
CA ALA A 66 12.35 -13.59 0.22
C ALA A 66 12.20 -15.08 0.52
N ALA A 67 12.03 -15.39 1.80
CA ALA A 67 11.89 -16.78 2.25
C ALA A 67 10.62 -16.94 3.09
N PRO A 68 10.19 -18.16 3.37
CA PRO A 68 8.95 -18.39 4.16
C PRO A 68 9.01 -17.76 5.55
N GLY A 69 7.88 -17.29 6.04
CA GLY A 69 7.80 -16.71 7.38
C GLY A 69 7.72 -15.18 7.38
N GLN A 70 8.03 -14.54 6.24
CA GLN A 70 7.99 -13.08 6.18
C GLN A 70 6.59 -12.58 5.84
N GLN A 71 6.29 -11.35 6.22
CA GLN A 71 4.97 -10.78 6.01
C GLN A 71 5.01 -9.65 4.97
N ILE A 72 3.90 -9.51 4.26
CA ILE A 72 3.75 -8.43 3.29
C ILE A 72 2.49 -7.63 3.63
N ILE A 73 2.58 -6.30 3.57
CA ILE A 73 1.45 -5.44 3.86
C ILE A 73 0.89 -4.82 2.58
N LEU A 74 -0.43 -4.89 2.43
CA LEU A 74 -1.11 -4.24 1.32
C LEU A 74 -2.06 -3.17 1.85
N PRO A 75 -1.60 -1.95 2.05
CA PRO A 75 -2.47 -0.86 2.61
C PRO A 75 -3.16 -0.05 1.52
N LEU A 76 -4.50 -0.05 1.55
CA LEU A 76 -5.27 0.74 0.60
C LEU A 76 -5.68 2.06 1.26
N LYS A 77 -5.52 3.16 0.54
CA LYS A 77 -5.86 4.48 1.07
C LYS A 77 -7.14 4.99 0.44
N LYS A 78 -7.93 5.72 1.22
CA LYS A 78 -9.19 6.28 0.73
C LYS A 78 -9.23 7.79 0.97
N LEU A 79 -9.98 8.50 0.13
CA LEU A 79 -10.11 9.95 0.26
C LEU A 79 -11.58 10.34 0.45
N PRO A 80 -12.11 10.27 1.66
CA PRO A 80 -13.54 10.59 1.90
C PRO A 80 -13.77 12.09 2.05
N PHE A 81 -14.31 12.70 1.00
CA PHE A 81 -14.62 14.13 1.02
C PHE A 81 -15.60 14.47 2.13
N GLU A 82 -16.53 13.56 2.41
CA GLU A 82 -17.56 13.80 3.44
C GLU A 82 -16.93 14.10 4.79
N TYR A 83 -15.78 13.50 5.08
CA TYR A 83 -15.10 13.69 6.36
C TYR A 83 -13.87 14.57 6.19
N SER A 84 -13.71 15.53 7.10
CA SER A 84 -12.57 16.45 7.04
C SER A 84 -11.33 15.90 7.75
N ALA A 85 -11.26 14.57 7.91
CA ALA A 85 -10.12 13.96 8.60
C ALA A 85 -8.79 14.39 7.98
N LEU A 86 -7.78 14.55 8.82
CA LEU A 86 -6.47 14.98 8.35
C LEU A 86 -5.39 13.96 8.75
N PRO A 87 -5.15 12.94 7.97
CA PRO A 87 -4.11 11.92 8.30
C PRO A 87 -2.72 12.53 8.38
N LEU A 88 -2.11 12.45 9.55
CA LEU A 88 -0.77 13.00 9.75
C LEU A 88 0.22 12.40 8.76
N LEU A 89 0.08 11.11 8.48
CA LEU A 89 0.97 10.44 7.55
C LEU A 89 0.40 10.54 6.13
N GLY A 90 1.28 10.76 5.16
CA GLY A 90 0.86 10.89 3.77
C GLY A 90 1.80 10.13 2.83
N SER A 91 1.22 9.28 2.00
CA SER A 91 2.01 8.50 1.03
C SER A 91 2.78 9.43 0.09
N ALA A 92 2.19 10.57 -0.26
CA ALA A 92 2.81 11.51 -1.19
C ALA A 92 3.06 12.85 -0.51
N PRO A 93 4.15 13.01 0.22
CA PRO A 93 4.46 14.32 0.89
C PRO A 93 4.47 15.48 -0.10
N LEU A 94 3.59 16.45 0.13
CA LEU A 94 3.51 17.62 -0.74
C LEU A 94 4.27 18.80 -0.13
N VAL A 95 5.17 19.39 -0.91
CA VAL A 95 5.98 20.50 -0.43
C VAL A 95 5.11 21.69 -0.04
N ALA A 96 4.08 21.95 -0.84
CA ALA A 96 3.20 23.09 -0.59
C ALA A 96 2.64 23.06 0.83
N ALA A 97 2.33 21.87 1.33
CA ALA A 97 1.82 21.74 2.69
C ALA A 97 2.96 21.65 3.70
N GLY A 98 2.99 22.61 4.62
CA GLY A 98 4.03 22.64 5.64
C GLY A 98 3.88 21.47 6.62
N GLY A 99 2.65 21.12 6.95
CA GLY A 99 2.39 20.08 7.94
C GLY A 99 3.04 18.76 7.54
N VAL A 100 2.90 18.38 6.28
CA VAL A 100 3.48 17.12 5.79
C VAL A 100 5.00 17.21 5.65
N ALA A 101 5.51 18.39 5.32
CA ALA A 101 6.95 18.56 5.15
C ALA A 101 7.68 18.26 6.46
N GLY A 102 8.86 17.66 6.34
CA GLY A 102 9.66 17.31 7.51
C GLY A 102 11.05 17.94 7.42
N HIS A 103 11.34 18.86 8.33
CA HIS A 103 12.64 19.52 8.35
C HIS A 103 13.77 18.50 8.45
N THR A 104 13.55 17.46 9.25
CA THR A 104 14.58 16.43 9.45
C THR A 104 14.61 15.48 8.26
N ASN A 105 15.81 15.16 7.80
CA ASN A 105 16.00 14.25 6.67
C ASN A 105 16.59 12.93 7.15
N GLY A 106 15.90 11.83 6.85
CA GLY A 106 16.37 10.51 7.27
C GLY A 106 17.34 9.90 6.26
N SER A 107 18.08 10.73 5.54
CA SER A 107 19.04 10.24 4.55
C SER A 107 20.10 9.35 5.21
N GLY A 108 20.48 9.67 6.44
CA GLY A 108 21.50 8.90 7.14
C GLY A 108 22.87 9.13 6.53
N SER A 109 23.50 8.06 6.06
CA SER A 109 24.82 8.17 5.45
C SER A 109 24.76 9.08 4.23
N GLU A 110 25.85 9.80 3.98
CA GLU A 110 25.92 10.72 2.84
C GLU A 110 27.11 10.40 1.96
N ASN A 111 26.94 10.58 0.65
CA ASN A 111 28.01 10.35 -0.31
C ASN A 111 28.39 11.66 -1.01
N LEU A 112 29.58 12.15 -0.71
CA LEU A 112 30.04 13.40 -1.32
C LEU A 112 30.93 13.11 -2.52
N TYR A 113 30.78 13.92 -3.57
CA TYR A 113 31.56 13.73 -4.79
C TYR A 113 32.57 14.86 -5.01
N PHE A 114 32.97 15.54 -3.93
CA PHE A 114 33.94 16.63 -4.04
C PHE A 114 35.26 16.14 -4.63
N GLN A 115 35.67 14.94 -4.22
CA GLN A 115 36.93 14.37 -4.71
C GLN A 115 36.77 12.88 -4.94
N MET A 1 -13.06 0.83 25.80
CA MET A 1 -13.93 1.88 26.38
C MET A 1 -13.53 3.24 25.79
N ASN A 2 -14.01 3.49 24.57
CA ASN A 2 -13.70 4.75 23.89
C ASN A 2 -14.93 5.66 23.87
N GLY A 3 -14.69 6.96 23.89
CA GLY A 3 -15.78 7.93 23.89
C GLY A 3 -16.30 8.17 25.31
N GLU A 4 -15.38 8.28 26.26
CA GLU A 4 -15.77 8.50 27.65
C GLU A 4 -16.55 9.80 27.80
N ASN A 5 -16.17 10.82 27.05
CA ASN A 5 -16.86 12.11 27.11
C ASN A 5 -17.67 12.36 25.84
N TYR A 6 -18.96 12.08 25.90
CA TYR A 6 -19.84 12.31 24.77
C TYR A 6 -19.98 13.79 24.44
N PHE A 7 -19.95 14.64 25.47
CA PHE A 7 -20.13 16.08 25.29
C PHE A 7 -19.12 16.62 24.28
N LYS A 8 -17.89 16.15 24.35
CA LYS A 8 -16.84 16.64 23.46
C LYS A 8 -16.90 15.93 22.12
N LEU A 9 -17.06 16.71 21.05
CA LEU A 9 -17.11 16.15 19.70
C LEU A 9 -15.77 15.53 19.30
N GLY A 10 -14.68 16.13 19.76
CA GLY A 10 -13.35 15.64 19.40
C GLY A 10 -13.19 14.15 19.74
N SER A 11 -13.82 13.70 20.82
CA SER A 11 -13.71 12.31 21.24
C SER A 11 -14.15 11.37 20.13
N ASP A 12 -15.18 11.76 19.38
CA ASP A 12 -15.67 10.92 18.30
C ASP A 12 -14.99 11.28 16.98
N SER A 13 -14.83 10.28 16.12
CA SER A 13 -14.19 10.49 14.81
C SER A 13 -15.14 10.09 13.69
N LYS A 14 -15.31 10.98 12.72
CA LYS A 14 -16.20 10.71 11.59
C LYS A 14 -15.73 9.52 10.78
N LEU A 15 -14.41 9.35 10.64
CA LEU A 15 -13.87 8.26 9.84
C LEU A 15 -13.72 6.99 10.67
N LEU A 16 -14.57 6.00 10.38
CA LEU A 16 -14.49 4.71 11.06
C LEU A 16 -13.24 3.94 10.65
N THR A 17 -12.82 4.08 9.39
CA THR A 17 -11.70 3.33 8.87
C THR A 17 -10.46 3.47 9.75
N HIS A 18 -10.20 4.68 10.22
CA HIS A 18 -9.05 4.92 11.08
C HIS A 18 -9.11 4.06 12.33
N ASN A 19 -10.30 3.99 12.92
CA ASN A 19 -10.51 3.21 14.14
C ASN A 19 -10.17 1.73 13.94
N SER A 20 -10.40 1.22 12.73
CA SER A 20 -10.22 -0.21 12.48
C SER A 20 -9.02 -0.48 11.58
N TYR A 21 -8.33 -1.59 11.83
CA TYR A 21 -7.19 -1.99 11.01
C TYR A 21 -7.59 -2.78 9.76
N GLN A 22 -8.88 -3.10 9.59
CA GLN A 22 -9.34 -3.86 8.43
C GLN A 22 -8.93 -3.20 7.11
N ASN A 23 -8.82 -1.87 7.11
CA ASN A 23 -8.48 -1.14 5.89
C ASN A 23 -7.25 -1.72 5.18
N ARG A 24 -6.35 -2.35 5.94
CA ARG A 24 -5.16 -2.96 5.36
C ARG A 24 -5.15 -4.47 5.60
N LEU A 25 -4.67 -5.22 4.61
CA LEU A 25 -4.70 -6.68 4.67
C LEU A 25 -3.28 -7.25 4.77
N PHE A 26 -3.07 -8.13 5.73
CA PHE A 26 -1.76 -8.77 5.90
C PHE A 26 -1.72 -10.14 5.21
N TYR A 27 -0.69 -10.37 4.41
CA TYR A 27 -0.51 -11.67 3.77
C TYR A 27 0.81 -12.29 4.22
N THR A 28 0.81 -13.60 4.44
CA THR A 28 2.00 -14.29 4.94
C THR A 28 2.69 -15.08 3.83
N LEU A 29 4.01 -15.08 3.86
CA LEU A 29 4.80 -15.81 2.87
C LEU A 29 4.98 -17.26 3.30
N LYS A 30 4.64 -18.18 2.40
CA LYS A 30 4.77 -19.61 2.67
C LYS A 30 5.69 -20.27 1.64
N THR A 31 6.42 -21.28 2.08
CA THR A 31 7.37 -21.96 1.19
C THR A 31 6.68 -22.45 -0.08
N GLY A 32 7.32 -22.23 -1.23
CA GLY A 32 6.77 -22.65 -2.51
C GLY A 32 6.27 -21.47 -3.35
N GLU A 33 5.88 -20.38 -2.69
CA GLU A 33 5.38 -19.21 -3.41
C GLU A 33 6.40 -18.07 -3.35
N THR A 34 6.49 -17.29 -4.43
CA THR A 34 7.43 -16.19 -4.49
C THR A 34 6.71 -14.85 -4.56
N VAL A 35 7.44 -13.77 -4.25
CA VAL A 35 6.84 -12.44 -4.25
C VAL A 35 6.26 -12.13 -5.64
N ALA A 36 7.00 -12.47 -6.68
CA ALA A 36 6.54 -12.23 -8.03
C ALA A 36 5.22 -12.96 -8.30
N ASP A 37 5.10 -14.17 -7.78
CA ASP A 37 3.88 -14.96 -7.99
C ASP A 37 2.68 -14.22 -7.42
N LEU A 38 2.84 -13.66 -6.23
CA LEU A 38 1.75 -12.91 -5.60
C LEU A 38 1.34 -11.74 -6.49
N SER A 39 2.34 -11.05 -7.02
CA SER A 39 2.09 -9.87 -7.85
C SER A 39 1.25 -10.23 -9.07
N LYS A 40 1.56 -11.36 -9.69
CA LYS A 40 0.85 -11.79 -10.90
C LYS A 40 -0.61 -12.06 -10.61
N SER A 41 -0.88 -12.80 -9.54
CA SER A 41 -2.25 -13.15 -9.18
C SER A 41 -3.08 -11.89 -8.93
N GLN A 42 -2.49 -10.94 -8.22
CA GLN A 42 -3.16 -9.67 -7.91
C GLN A 42 -3.23 -8.73 -9.12
N ASP A 43 -2.44 -8.99 -10.16
CA ASP A 43 -2.41 -8.10 -11.33
C ASP A 43 -1.92 -6.70 -10.91
N ILE A 44 -0.89 -6.68 -10.07
CA ILE A 44 -0.33 -5.42 -9.60
C ILE A 44 1.13 -5.31 -10.07
N ASN A 45 1.56 -4.08 -10.36
CA ASN A 45 2.93 -3.87 -10.83
C ASN A 45 3.93 -4.04 -9.69
N LEU A 46 5.03 -4.74 -9.98
CA LEU A 46 6.06 -4.96 -8.97
C LEU A 46 6.57 -3.64 -8.41
N SER A 47 6.67 -2.62 -9.27
CA SER A 47 7.16 -1.32 -8.81
C SER A 47 6.26 -0.77 -7.71
N THR A 48 4.95 -0.91 -7.90
CA THR A 48 4.00 -0.39 -6.92
C THR A 48 4.18 -1.10 -5.57
N ILE A 49 4.32 -2.42 -5.63
CA ILE A 49 4.46 -3.20 -4.40
C ILE A 49 5.67 -2.72 -3.60
N TRP A 50 6.78 -2.51 -4.29
CA TRP A 50 7.99 -2.04 -3.63
C TRP A 50 7.77 -0.68 -2.97
N SER A 51 7.14 0.25 -3.69
CA SER A 51 6.96 1.60 -3.17
C SER A 51 6.28 1.58 -1.80
N LEU A 52 5.30 0.71 -1.63
CA LEU A 52 4.60 0.60 -0.35
C LEU A 52 5.48 -0.05 0.71
N ASN A 53 6.03 -1.22 0.40
CA ASN A 53 6.81 -1.98 1.38
C ASN A 53 8.30 -1.60 1.41
N LYS A 54 8.68 -0.53 0.71
CA LYS A 54 10.07 -0.07 0.72
C LYS A 54 10.60 0.10 2.14
N HIS A 55 9.72 0.42 3.09
CA HIS A 55 10.15 0.60 4.48
C HIS A 55 10.50 -0.74 5.12
N LEU A 56 9.77 -1.79 4.77
CA LEU A 56 10.02 -3.11 5.35
C LEU A 56 11.33 -3.71 4.82
N TYR A 57 11.55 -3.59 3.51
CA TYR A 57 12.74 -4.18 2.88
C TYR A 57 13.65 -3.10 2.32
N SER A 58 14.95 -3.37 2.34
CA SER A 58 15.94 -2.38 1.91
C SER A 58 15.95 -2.20 0.39
N SER A 59 15.82 -3.31 -0.34
CA SER A 59 15.93 -3.27 -1.79
C SER A 59 15.09 -4.35 -2.45
N GLU A 60 14.96 -4.27 -3.77
CA GLU A 60 14.17 -5.23 -4.52
C GLU A 60 14.76 -6.64 -4.42
N SER A 61 16.09 -6.73 -4.36
CA SER A 61 16.76 -8.02 -4.31
C SER A 61 16.25 -8.85 -3.13
N GLU A 62 16.11 -8.20 -1.98
CA GLU A 62 15.63 -8.89 -0.79
C GLU A 62 14.21 -9.42 -0.99
N MET A 63 13.39 -8.69 -1.75
CA MET A 63 12.03 -9.13 -2.02
C MET A 63 12.04 -10.43 -2.83
N MET A 64 12.82 -10.45 -3.90
CA MET A 64 12.88 -11.62 -4.77
C MET A 64 13.34 -12.86 -4.01
N LYS A 65 14.28 -12.67 -3.09
CA LYS A 65 14.83 -13.79 -2.32
C LYS A 65 14.07 -14.04 -1.02
N ALA A 66 12.86 -13.50 -0.88
CA ALA A 66 12.08 -13.68 0.33
C ALA A 66 11.91 -15.17 0.67
N ALA A 67 11.90 -15.47 1.96
CA ALA A 67 11.77 -16.84 2.43
C ALA A 67 10.54 -16.99 3.33
N PRO A 68 10.14 -18.20 3.67
CA PRO A 68 8.93 -18.42 4.51
C PRO A 68 9.05 -17.74 5.88
N GLY A 69 7.92 -17.26 6.40
CA GLY A 69 7.89 -16.65 7.72
C GLY A 69 7.84 -15.12 7.68
N GLN A 70 8.15 -14.51 6.53
CA GLN A 70 8.14 -13.06 6.42
C GLN A 70 6.74 -12.57 6.05
N GLN A 71 6.45 -11.31 6.40
CA GLN A 71 5.12 -10.75 6.16
C GLN A 71 5.17 -9.65 5.10
N ILE A 72 4.07 -9.51 4.36
CA ILE A 72 3.91 -8.44 3.40
C ILE A 72 2.61 -7.69 3.69
N ILE A 73 2.66 -6.36 3.64
CA ILE A 73 1.48 -5.55 3.93
C ILE A 73 0.92 -4.95 2.64
N LEU A 74 -0.39 -5.05 2.46
CA LEU A 74 -1.07 -4.44 1.33
C LEU A 74 -2.09 -3.42 1.84
N PRO A 75 -1.72 -2.17 2.01
CA PRO A 75 -2.67 -1.13 2.51
C PRO A 75 -3.63 -0.65 1.43
N LEU A 76 -4.93 -0.86 1.66
CA LEU A 76 -5.94 -0.42 0.72
C LEU A 76 -6.55 0.90 1.18
N LYS A 77 -6.55 1.90 0.30
CA LYS A 77 -7.08 3.22 0.64
C LYS A 77 -8.27 3.58 -0.24
N LYS A 78 -9.23 4.29 0.33
CA LYS A 78 -10.39 4.74 -0.43
C LYS A 78 -10.23 6.19 -0.91
N LEU A 79 -8.99 6.63 -1.12
CA LEU A 79 -8.71 8.00 -1.55
C LEU A 79 -7.90 7.99 -2.85
N PRO A 80 -8.53 7.75 -3.98
CA PRO A 80 -7.79 7.66 -5.28
C PRO A 80 -7.61 9.04 -5.94
N PHE A 81 -7.11 10.00 -5.16
CA PHE A 81 -6.86 11.34 -5.69
C PHE A 81 -5.37 11.60 -5.83
N GLU A 82 -4.98 12.08 -7.00
CA GLU A 82 -3.57 12.39 -7.27
C GLU A 82 -3.06 13.48 -6.33
N TYR A 83 -3.92 14.44 -5.99
CA TYR A 83 -3.53 15.53 -5.12
C TYR A 83 -4.17 15.36 -3.74
N SER A 84 -3.35 15.45 -2.70
CA SER A 84 -3.84 15.27 -1.33
C SER A 84 -3.42 16.42 -0.43
N ALA A 85 -4.33 16.84 0.45
CA ALA A 85 -4.02 17.88 1.41
C ALA A 85 -3.06 17.37 2.48
N LEU A 86 -3.18 16.10 2.84
CA LEU A 86 -2.33 15.53 3.89
C LEU A 86 -0.96 15.16 3.32
N PRO A 87 0.11 15.36 4.04
CA PRO A 87 1.48 15.01 3.53
C PRO A 87 1.92 13.57 3.86
N LEU A 88 1.05 12.80 4.50
CA LEU A 88 1.39 11.44 4.88
C LEU A 88 1.85 10.62 3.67
N LEU A 89 1.24 10.87 2.52
CA LEU A 89 1.60 10.15 1.30
C LEU A 89 2.82 10.77 0.66
N GLY A 90 3.69 9.92 0.10
CA GLY A 90 4.91 10.39 -0.54
C GLY A 90 4.88 10.14 -2.05
N SER A 91 5.65 10.93 -2.79
CA SER A 91 5.72 10.80 -4.23
C SER A 91 7.15 10.59 -4.69
N ALA A 92 7.33 9.91 -5.82
CA ALA A 92 8.65 9.63 -6.36
C ALA A 92 8.80 10.20 -7.77
N PRO A 93 9.15 11.46 -7.92
CA PRO A 93 9.30 12.08 -9.28
C PRO A 93 10.43 11.42 -10.07
N LEU A 94 10.09 10.89 -11.24
CA LEU A 94 11.09 10.24 -12.09
C LEU A 94 12.20 11.22 -12.48
N VAL A 95 11.83 12.48 -12.70
CA VAL A 95 12.80 13.50 -13.10
C VAL A 95 13.06 14.45 -11.93
N ALA A 96 14.33 14.77 -11.70
CA ALA A 96 14.71 15.66 -10.62
C ALA A 96 15.82 16.60 -11.05
N ALA A 97 15.93 17.74 -10.37
CA ALA A 97 16.95 18.73 -10.71
C ALA A 97 17.48 19.40 -9.46
N GLY A 98 18.67 19.98 -9.57
CA GLY A 98 19.30 20.66 -8.43
C GLY A 98 20.02 19.67 -7.50
N GLY A 99 20.56 18.60 -8.07
CA GLY A 99 21.28 17.61 -7.27
C GLY A 99 22.45 18.24 -6.52
N VAL A 100 23.09 19.24 -7.13
CA VAL A 100 24.23 19.90 -6.51
C VAL A 100 23.85 20.59 -5.20
N ALA A 101 22.63 21.11 -5.12
CA ALA A 101 22.17 21.80 -3.92
C ALA A 101 22.30 20.90 -2.70
N GLY A 102 22.67 21.50 -1.56
CA GLY A 102 22.85 20.75 -0.32
C GLY A 102 21.88 21.25 0.75
N HIS A 103 20.61 21.39 0.38
CA HIS A 103 19.59 21.87 1.31
C HIS A 103 19.57 21.02 2.58
N THR A 104 19.77 19.71 2.42
CA THR A 104 19.74 18.80 3.56
C THR A 104 20.77 19.21 4.61
N ASN A 105 20.37 19.15 5.88
CA ASN A 105 21.26 19.52 6.97
C ASN A 105 21.09 18.56 8.15
N GLY A 106 21.93 18.72 9.17
CA GLY A 106 21.86 17.87 10.35
C GLY A 106 22.17 18.67 11.61
N SER A 107 21.93 18.07 12.77
CA SER A 107 22.18 18.74 14.04
C SER A 107 22.49 17.71 15.13
N GLY A 108 22.93 18.20 16.29
CA GLY A 108 23.22 17.33 17.41
C GLY A 108 24.61 16.71 17.28
N SER A 109 25.56 17.49 16.78
CA SER A 109 26.93 17.00 16.63
C SER A 109 27.50 16.54 17.97
N GLU A 110 27.14 17.25 19.05
CA GLU A 110 27.62 16.89 20.38
C GLU A 110 27.15 15.50 20.79
N ASN A 111 25.96 15.09 20.32
CA ASN A 111 25.42 13.78 20.67
C ASN A 111 26.41 12.66 20.39
N LEU A 112 27.24 12.82 19.37
CA LEU A 112 28.21 11.79 19.01
C LEU A 112 29.42 11.86 19.93
N TYR A 113 29.81 10.70 20.47
CA TYR A 113 30.96 10.62 21.37
C TYR A 113 32.26 10.94 20.63
N PHE A 114 32.34 10.57 19.35
CA PHE A 114 33.56 10.77 18.57
C PHE A 114 33.28 11.68 17.38
N GLN A 115 34.35 12.30 16.86
CA GLN A 115 34.21 13.20 15.73
C GLN A 115 34.41 12.45 14.42
N MET A 1 -36.86 15.34 22.36
CA MET A 1 -36.30 13.98 22.60
C MET A 1 -34.79 14.01 22.39
N ASN A 2 -34.05 14.22 23.47
CA ASN A 2 -32.59 14.28 23.40
C ASN A 2 -31.97 12.99 23.93
N GLY A 3 -30.97 12.48 23.23
CA GLY A 3 -30.30 11.26 23.64
C GLY A 3 -29.49 10.66 22.49
N GLU A 4 -29.75 9.39 22.19
CA GLU A 4 -29.03 8.72 21.12
C GLU A 4 -29.17 9.46 19.80
N ASN A 5 -28.08 9.53 19.04
CA ASN A 5 -28.11 10.20 17.74
C ASN A 5 -27.76 9.22 16.63
N TYR A 6 -28.77 8.80 15.88
CA TYR A 6 -28.56 7.86 14.78
C TYR A 6 -27.72 8.48 13.65
N PHE A 7 -27.79 9.79 13.49
CA PHE A 7 -27.02 10.47 12.45
C PHE A 7 -25.53 10.14 12.57
N LYS A 8 -25.04 10.04 13.80
CA LYS A 8 -23.63 9.74 14.03
C LYS A 8 -23.23 8.44 13.36
N LEU A 9 -24.11 7.45 13.42
CA LEU A 9 -23.85 6.16 12.79
C LEU A 9 -23.62 6.34 11.28
N GLY A 10 -24.39 7.22 10.68
CA GLY A 10 -24.24 7.50 9.24
C GLY A 10 -24.64 6.29 8.40
N SER A 11 -23.69 5.76 7.64
CA SER A 11 -23.97 4.66 6.73
C SER A 11 -24.37 3.41 7.51
N ASP A 12 -25.15 2.54 6.86
CA ASP A 12 -25.57 1.29 7.46
C ASP A 12 -24.97 0.07 6.76
N SER A 13 -23.87 0.26 6.02
CA SER A 13 -23.25 -0.85 5.29
C SER A 13 -21.88 -1.19 5.86
N LYS A 14 -21.65 -2.48 6.06
CA LYS A 14 -20.36 -2.95 6.54
C LYS A 14 -19.23 -2.63 5.57
N LEU A 15 -19.55 -2.64 4.27
CA LEU A 15 -18.54 -2.39 3.23
C LEU A 15 -17.79 -1.08 3.49
N LEU A 16 -18.46 -0.10 4.10
CA LEU A 16 -17.84 1.20 4.34
C LEU A 16 -16.62 1.05 5.25
N THR A 17 -15.47 1.51 4.76
CA THR A 17 -14.22 1.38 5.50
C THR A 17 -14.25 2.17 6.81
N HIS A 18 -14.93 3.31 6.80
CA HIS A 18 -14.98 4.18 7.97
C HIS A 18 -15.44 3.41 9.22
N ASN A 19 -16.37 2.49 9.03
CA ASN A 19 -16.91 1.73 10.16
C ASN A 19 -15.81 1.03 10.95
N SER A 20 -14.78 0.56 10.24
CA SER A 20 -13.66 -0.12 10.90
C SER A 20 -12.39 0.73 10.83
N TYR A 21 -11.69 0.80 11.95
CA TYR A 21 -10.45 1.55 12.03
C TYR A 21 -9.37 0.93 11.14
N GLN A 22 -9.31 -0.39 11.11
CA GLN A 22 -8.28 -1.09 10.34
C GLN A 22 -8.71 -1.24 8.89
N ASN A 23 -7.86 -0.75 7.98
CA ASN A 23 -8.14 -0.84 6.55
C ASN A 23 -6.94 -1.39 5.77
N ARG A 24 -6.18 -2.29 6.39
CA ARG A 24 -5.01 -2.88 5.74
C ARG A 24 -5.13 -4.40 5.74
N LEU A 25 -4.64 -5.03 4.67
CA LEU A 25 -4.71 -6.48 4.55
C LEU A 25 -3.32 -7.10 4.73
N PHE A 26 -3.23 -8.07 5.63
CA PHE A 26 -1.97 -8.77 5.85
C PHE A 26 -1.91 -10.07 5.05
N TYR A 27 -0.82 -10.28 4.32
CA TYR A 27 -0.62 -11.53 3.60
C TYR A 27 0.70 -12.17 4.03
N THR A 28 0.73 -13.49 4.15
CA THR A 28 1.93 -14.19 4.62
C THR A 28 2.54 -15.03 3.51
N LEU A 29 3.87 -15.06 3.48
CA LEU A 29 4.58 -15.86 2.49
C LEU A 29 4.72 -17.30 2.97
N LYS A 30 4.15 -18.22 2.20
CA LYS A 30 4.19 -19.64 2.54
C LYS A 30 5.12 -20.40 1.61
N THR A 31 5.67 -21.51 2.10
CA THR A 31 6.61 -22.31 1.30
C THR A 31 6.01 -22.69 -0.05
N GLY A 32 6.79 -22.51 -1.11
CA GLY A 32 6.34 -22.85 -2.45
C GLY A 32 5.94 -21.62 -3.28
N GLU A 33 5.61 -20.51 -2.61
CA GLU A 33 5.19 -19.30 -3.31
C GLU A 33 6.28 -18.23 -3.24
N THR A 34 6.43 -17.47 -4.33
CA THR A 34 7.40 -16.38 -4.38
C THR A 34 6.67 -15.04 -4.47
N VAL A 35 7.39 -13.96 -4.17
CA VAL A 35 6.79 -12.63 -4.20
C VAL A 35 6.22 -12.34 -5.59
N ALA A 36 6.96 -12.69 -6.62
CA ALA A 36 6.53 -12.43 -7.99
C ALA A 36 5.22 -13.15 -8.29
N ASP A 37 5.10 -14.40 -7.84
CA ASP A 37 3.90 -15.19 -8.11
C ASP A 37 2.67 -14.52 -7.51
N LEU A 38 2.80 -14.05 -6.26
CA LEU A 38 1.69 -13.39 -5.59
C LEU A 38 1.23 -12.17 -6.38
N SER A 39 2.20 -11.39 -6.86
CA SER A 39 1.89 -10.18 -7.60
C SER A 39 1.09 -10.49 -8.85
N LYS A 40 1.47 -11.56 -9.55
CA LYS A 40 0.78 -11.93 -10.79
C LYS A 40 -0.69 -12.26 -10.51
N SER A 41 -0.92 -13.06 -9.48
CA SER A 41 -2.27 -13.50 -9.16
C SER A 41 -3.17 -12.31 -8.82
N GLN A 42 -2.64 -11.38 -8.03
CA GLN A 42 -3.41 -10.21 -7.61
C GLN A 42 -3.49 -9.12 -8.69
N ASP A 43 -2.85 -9.32 -9.84
CA ASP A 43 -2.87 -8.32 -10.91
C ASP A 43 -2.30 -6.99 -10.40
N ILE A 44 -1.22 -7.07 -9.64
CA ILE A 44 -0.57 -5.89 -9.09
C ILE A 44 0.83 -5.75 -9.70
N ASN A 45 1.27 -4.50 -9.89
CA ASN A 45 2.58 -4.26 -10.48
C ASN A 45 3.67 -4.36 -9.42
N LEU A 46 4.76 -5.03 -9.77
CA LEU A 46 5.87 -5.21 -8.83
C LEU A 46 6.38 -3.86 -8.34
N SER A 47 6.42 -2.87 -9.23
CA SER A 47 6.90 -1.54 -8.87
C SER A 47 6.06 -0.96 -7.74
N THR A 48 4.75 -1.11 -7.85
CA THR A 48 3.84 -0.57 -6.83
C THR A 48 4.10 -1.22 -5.48
N ILE A 49 4.25 -2.54 -5.48
CA ILE A 49 4.46 -3.28 -4.24
C ILE A 49 5.70 -2.75 -3.52
N TRP A 50 6.77 -2.55 -4.28
CA TRP A 50 8.02 -2.04 -3.72
C TRP A 50 7.81 -0.66 -3.07
N SER A 51 7.14 0.23 -3.78
CA SER A 51 6.97 1.59 -3.29
C SER A 51 6.32 1.61 -1.89
N LEU A 52 5.37 0.73 -1.67
CA LEU A 52 4.70 0.66 -0.37
C LEU A 52 5.58 0.02 0.69
N ASN A 53 6.10 -1.17 0.40
CA ASN A 53 6.88 -1.92 1.40
C ASN A 53 8.37 -1.55 1.42
N LYS A 54 8.76 -0.52 0.68
CA LYS A 54 10.16 -0.08 0.68
C LYS A 54 10.69 0.16 2.11
N HIS A 55 9.81 0.51 3.04
CA HIS A 55 10.22 0.72 4.42
C HIS A 55 10.51 -0.60 5.13
N LEU A 56 9.73 -1.63 4.83
CA LEU A 56 9.91 -2.93 5.46
C LEU A 56 11.23 -3.58 5.03
N TYR A 57 11.54 -3.48 3.74
CA TYR A 57 12.75 -4.11 3.21
C TYR A 57 13.78 -3.05 2.80
N SER A 58 15.05 -3.40 2.94
CA SER A 58 16.12 -2.46 2.66
C SER A 58 16.22 -2.14 1.17
N SER A 59 16.07 -3.15 0.33
CA SER A 59 16.22 -2.96 -1.11
C SER A 59 15.41 -4.00 -1.89
N GLU A 60 15.31 -3.79 -3.19
CA GLU A 60 14.57 -4.70 -4.05
C GLU A 60 15.18 -6.09 -4.05
N SER A 61 16.51 -6.18 -3.94
CA SER A 61 17.19 -7.47 -3.97
C SER A 61 16.64 -8.40 -2.89
N GLU A 62 16.44 -7.86 -1.70
CA GLU A 62 15.92 -8.66 -0.59
C GLU A 62 14.54 -9.22 -0.91
N MET A 63 13.72 -8.45 -1.62
CA MET A 63 12.39 -8.91 -2.00
C MET A 63 12.47 -10.11 -2.95
N MET A 64 13.35 -10.01 -3.95
CA MET A 64 13.50 -11.09 -4.93
C MET A 64 13.92 -12.39 -4.25
N LYS A 65 14.78 -12.28 -3.24
CA LYS A 65 15.26 -13.46 -2.52
C LYS A 65 14.41 -13.79 -1.29
N ALA A 66 13.20 -13.24 -1.19
CA ALA A 66 12.35 -13.47 -0.03
C ALA A 66 12.15 -14.96 0.21
N ALA A 67 12.00 -15.33 1.48
CA ALA A 67 11.83 -16.73 1.85
C ALA A 67 10.57 -16.90 2.72
N PRO A 68 10.14 -18.11 2.98
CA PRO A 68 8.90 -18.36 3.80
C PRO A 68 9.02 -17.79 5.20
N GLY A 69 7.90 -17.32 5.75
CA GLY A 69 7.88 -16.78 7.10
C GLY A 69 7.83 -15.25 7.15
N GLN A 70 8.11 -14.58 6.04
CA GLN A 70 8.09 -13.12 6.02
C GLN A 70 6.69 -12.59 5.74
N GLN A 71 6.43 -11.36 6.17
CA GLN A 71 5.11 -10.77 6.01
C GLN A 71 5.12 -9.65 4.97
N ILE A 72 4.00 -9.49 4.28
CA ILE A 72 3.81 -8.42 3.31
C ILE A 72 2.56 -7.63 3.66
N ILE A 73 2.64 -6.30 3.61
CA ILE A 73 1.50 -5.46 3.92
C ILE A 73 0.93 -4.84 2.65
N LEU A 74 -0.38 -4.89 2.50
CA LEU A 74 -1.07 -4.27 1.37
C LEU A 74 -2.02 -3.18 1.87
N PRO A 75 -1.58 -1.95 1.96
CA PRO A 75 -2.48 -0.82 2.37
C PRO A 75 -3.12 -0.12 1.18
N LEU A 76 -4.36 -0.49 0.88
CA LEU A 76 -5.07 0.12 -0.24
C LEU A 76 -5.96 1.26 0.22
N LYS A 77 -6.00 2.35 -0.54
CA LYS A 77 -6.83 3.50 -0.21
C LYS A 77 -7.71 3.87 -1.39
N LYS A 78 -8.90 4.40 -1.08
CA LYS A 78 -9.85 4.81 -2.12
C LYS A 78 -10.19 6.29 -1.99
N LEU A 79 -10.52 6.93 -3.11
CA LEU A 79 -10.87 8.35 -3.11
C LEU A 79 -12.26 8.54 -3.74
N PRO A 80 -13.32 8.28 -3.00
CA PRO A 80 -14.71 8.45 -3.55
C PRO A 80 -14.98 9.86 -4.07
N PHE A 81 -14.17 10.83 -3.66
CA PHE A 81 -14.38 12.22 -4.08
C PHE A 81 -13.56 12.54 -5.33
N GLU A 82 -14.21 13.13 -6.31
CA GLU A 82 -13.55 13.51 -7.56
C GLU A 82 -13.44 15.03 -7.66
N TYR A 83 -12.31 15.50 -8.19
CA TYR A 83 -12.09 16.94 -8.35
C TYR A 83 -11.57 17.26 -9.75
N SER A 84 -11.92 18.45 -10.24
CA SER A 84 -11.53 18.87 -11.58
C SER A 84 -10.15 19.50 -11.61
N ALA A 85 -9.75 20.15 -10.51
CA ALA A 85 -8.47 20.83 -10.45
C ALA A 85 -7.32 19.89 -10.80
N LEU A 86 -6.27 20.44 -11.41
CA LEU A 86 -5.11 19.63 -11.80
C LEU A 86 -3.82 20.24 -11.24
N PRO A 87 -3.55 20.04 -9.96
CA PRO A 87 -2.30 20.57 -9.34
C PRO A 87 -1.13 19.61 -9.50
N LEU A 88 -0.19 19.96 -10.38
CA LEU A 88 0.96 19.09 -10.62
C LEU A 88 2.13 19.50 -9.74
N LEU A 89 2.78 18.50 -9.14
CA LEU A 89 3.94 18.76 -8.28
C LEU A 89 5.23 18.35 -8.98
N GLY A 90 6.19 19.25 -9.01
CA GLY A 90 7.48 18.96 -9.63
C GLY A 90 8.19 17.80 -8.94
N SER A 91 8.03 17.70 -7.62
CA SER A 91 8.72 16.66 -6.85
C SER A 91 8.32 15.26 -7.32
N ALA A 92 7.08 15.10 -7.78
CA ALA A 92 6.61 13.79 -8.22
C ALA A 92 7.11 13.48 -9.64
N PRO A 93 7.37 12.23 -9.97
CA PRO A 93 7.86 11.87 -11.33
C PRO A 93 6.74 11.59 -12.33
N LEU A 94 5.58 11.16 -11.82
CA LEU A 94 4.45 10.82 -12.69
C LEU A 94 4.05 11.99 -13.57
N VAL A 95 4.16 13.21 -13.04
CA VAL A 95 3.75 14.40 -13.78
C VAL A 95 4.92 15.35 -13.99
N ALA A 96 4.87 16.14 -15.06
CA ALA A 96 5.93 17.07 -15.38
C ALA A 96 5.36 18.38 -15.91
N ALA A 97 6.12 19.47 -15.75
CA ALA A 97 5.68 20.77 -16.21
C ALA A 97 6.83 21.52 -16.88
N GLY A 98 6.57 22.05 -18.08
CA GLY A 98 7.58 22.81 -18.80
C GLY A 98 7.99 24.06 -18.03
N GLY A 99 7.03 24.69 -17.35
CA GLY A 99 7.29 25.91 -16.62
C GLY A 99 8.45 25.76 -15.63
N VAL A 100 8.59 24.55 -15.07
CA VAL A 100 9.65 24.29 -14.10
C VAL A 100 10.53 23.12 -14.54
N ALA A 101 11.83 23.24 -14.27
CA ALA A 101 12.77 22.19 -14.63
C ALA A 101 13.31 21.50 -13.38
N GLY A 102 13.58 20.20 -13.49
CA GLY A 102 14.09 19.43 -12.37
C GLY A 102 15.56 19.09 -12.54
N HIS A 103 16.35 20.09 -12.95
CA HIS A 103 17.78 19.88 -13.16
C HIS A 103 18.44 19.32 -11.91
N THR A 104 18.02 19.80 -10.74
CA THR A 104 18.57 19.31 -9.48
C THR A 104 18.40 17.80 -9.35
N ASN A 105 17.26 17.29 -9.81
CA ASN A 105 16.98 15.85 -9.74
C ASN A 105 17.33 15.18 -11.06
N GLY A 106 17.66 13.89 -10.99
CA GLY A 106 18.02 13.14 -12.19
C GLY A 106 19.47 13.39 -12.58
N SER A 107 20.35 13.49 -11.59
CA SER A 107 21.76 13.73 -11.83
C SER A 107 22.59 12.52 -11.41
N GLY A 108 23.47 12.09 -12.30
CA GLY A 108 24.34 10.94 -12.03
C GLY A 108 25.27 11.22 -10.84
N SER A 109 25.73 12.46 -10.73
CA SER A 109 26.65 12.83 -9.66
C SER A 109 26.05 12.51 -8.29
N GLU A 110 24.74 12.72 -8.15
CA GLU A 110 24.06 12.44 -6.88
C GLU A 110 24.16 10.96 -6.52
N ASN A 111 24.13 10.09 -7.52
CA ASN A 111 24.21 8.65 -7.28
C ASN A 111 25.64 8.16 -7.48
N LEU A 112 26.21 7.58 -6.42
CA LEU A 112 27.59 7.10 -6.47
C LEU A 112 27.77 6.09 -7.60
N TYR A 113 26.77 5.24 -7.80
CA TYR A 113 26.84 4.21 -8.84
C TYR A 113 25.80 4.48 -9.92
N PHE A 114 26.26 4.94 -11.08
CA PHE A 114 25.36 5.31 -12.17
C PHE A 114 24.58 4.11 -12.68
N GLN A 115 25.29 3.01 -12.91
CA GLN A 115 24.64 1.79 -13.41
C GLN A 115 23.80 1.15 -12.30
N MET A 1 -19.63 36.58 15.35
CA MET A 1 -20.31 37.65 14.57
C MET A 1 -21.19 37.01 13.49
N ASN A 2 -21.73 37.84 12.60
CA ASN A 2 -22.59 37.35 11.53
C ASN A 2 -21.76 36.95 10.32
N GLY A 3 -22.32 36.08 9.48
CA GLY A 3 -21.63 35.63 8.29
C GLY A 3 -20.64 34.50 8.60
N GLU A 4 -21.02 33.63 9.53
CA GLU A 4 -20.16 32.52 9.91
C GLU A 4 -19.99 31.54 8.75
N ASN A 5 -18.76 31.21 8.42
CA ASN A 5 -18.48 30.26 7.35
C ASN A 5 -19.00 28.88 7.71
N TYR A 6 -18.85 28.49 8.97
CA TYR A 6 -19.30 27.18 9.42
C TYR A 6 -20.39 27.32 10.48
N PHE A 7 -21.48 26.57 10.30
CA PHE A 7 -22.59 26.63 11.25
C PHE A 7 -22.31 25.86 12.55
N LYS A 8 -21.36 24.92 12.51
CA LYS A 8 -21.03 24.14 13.71
C LYS A 8 -19.99 24.87 14.54
N LEU A 9 -20.31 25.10 15.82
CA LEU A 9 -19.39 25.76 16.73
C LEU A 9 -18.14 24.92 16.96
N GLY A 10 -18.30 23.60 17.03
CA GLY A 10 -17.18 22.71 17.29
C GLY A 10 -16.25 22.61 16.09
N SER A 11 -15.00 23.03 16.29
CA SER A 11 -14.00 22.96 15.23
C SER A 11 -13.76 21.51 14.79
N ASP A 12 -13.84 20.58 15.73
CA ASP A 12 -13.60 19.17 15.44
C ASP A 12 -14.49 18.68 14.30
N SER A 13 -15.73 19.17 14.26
CA SER A 13 -16.67 18.74 13.24
C SER A 13 -16.14 19.02 11.84
N LYS A 14 -15.38 20.09 11.68
CA LYS A 14 -14.82 20.45 10.38
C LYS A 14 -13.97 19.31 9.83
N LEU A 15 -13.24 18.63 10.71
CA LEU A 15 -12.38 17.53 10.27
C LEU A 15 -13.09 16.19 10.40
N LEU A 16 -13.06 15.41 9.31
CA LEU A 16 -13.72 14.11 9.31
C LEU A 16 -12.71 12.99 9.52
N THR A 17 -13.07 12.02 10.36
CA THR A 17 -12.19 10.88 10.62
C THR A 17 -12.10 9.95 9.42
N HIS A 18 -13.15 9.87 8.62
CA HIS A 18 -13.17 8.98 7.46
C HIS A 18 -11.98 9.27 6.54
N ASN A 19 -11.63 10.55 6.39
CA ASN A 19 -10.53 10.93 5.52
C ASN A 19 -9.24 10.17 5.85
N SER A 20 -9.04 9.89 7.14
CA SER A 20 -7.85 9.17 7.57
C SER A 20 -8.07 7.66 7.50
N TYR A 21 -6.99 6.93 7.23
CA TYR A 21 -7.08 5.47 7.13
C TYR A 21 -5.90 4.82 7.85
N GLN A 22 -6.03 3.52 8.11
CA GLN A 22 -4.97 2.79 8.82
C GLN A 22 -5.06 1.29 8.57
N ASN A 23 -6.27 0.77 8.40
CA ASN A 23 -6.46 -0.66 8.21
C ASN A 23 -5.73 -1.15 6.96
N ARG A 24 -5.00 -2.26 7.11
CA ARG A 24 -4.29 -2.86 5.99
C ARG A 24 -4.52 -4.37 5.97
N LEU A 25 -4.31 -4.99 4.81
CA LEU A 25 -4.45 -6.44 4.70
C LEU A 25 -3.09 -7.11 4.74
N PHE A 26 -2.91 -8.03 5.68
CA PHE A 26 -1.64 -8.74 5.81
C PHE A 26 -1.68 -10.08 5.09
N TYR A 27 -0.64 -10.37 4.31
CA TYR A 27 -0.51 -11.68 3.67
C TYR A 27 0.80 -12.33 4.11
N THR A 28 0.78 -13.64 4.33
CA THR A 28 1.96 -14.34 4.82
C THR A 28 2.65 -15.13 3.71
N LEU A 29 3.98 -15.15 3.73
CA LEU A 29 4.75 -15.88 2.75
C LEU A 29 4.94 -17.34 3.18
N LYS A 30 4.65 -18.26 2.27
CA LYS A 30 4.77 -19.68 2.56
C LYS A 30 5.63 -20.37 1.50
N THR A 31 6.43 -21.34 1.92
CA THR A 31 7.33 -22.04 1.00
C THR A 31 6.57 -22.58 -0.21
N GLY A 32 7.14 -22.39 -1.40
CA GLY A 32 6.51 -22.85 -2.64
C GLY A 32 6.00 -21.68 -3.48
N GLU A 33 5.63 -20.57 -2.83
CA GLU A 33 5.13 -19.40 -3.56
C GLU A 33 6.17 -18.28 -3.53
N THR A 34 6.23 -17.51 -4.61
CA THR A 34 7.20 -16.41 -4.71
C THR A 34 6.50 -15.06 -4.73
N VAL A 35 7.25 -14.00 -4.45
CA VAL A 35 6.67 -12.65 -4.44
C VAL A 35 6.06 -12.33 -5.80
N ALA A 36 6.75 -12.70 -6.86
CA ALA A 36 6.25 -12.44 -8.21
C ALA A 36 4.90 -13.12 -8.43
N ASP A 37 4.75 -14.34 -7.90
CA ASP A 37 3.50 -15.08 -8.07
C ASP A 37 2.34 -14.30 -7.45
N LEU A 38 2.55 -13.79 -6.25
CA LEU A 38 1.52 -13.01 -5.57
C LEU A 38 1.12 -11.80 -6.42
N SER A 39 2.11 -11.12 -6.97
CA SER A 39 1.86 -9.92 -7.77
C SER A 39 0.97 -10.23 -8.97
N LYS A 40 1.24 -11.34 -9.63
CA LYS A 40 0.47 -11.72 -10.81
C LYS A 40 -0.99 -11.96 -10.47
N SER A 41 -1.24 -12.70 -9.41
CA SER A 41 -2.60 -13.03 -9.02
C SER A 41 -3.40 -11.77 -8.69
N GLN A 42 -2.78 -10.85 -7.95
CA GLN A 42 -3.43 -9.61 -7.56
C GLN A 42 -3.51 -8.57 -8.69
N ASP A 43 -2.88 -8.84 -9.83
CA ASP A 43 -2.89 -7.89 -10.95
C ASP A 43 -2.25 -6.56 -10.51
N ILE A 44 -1.16 -6.67 -9.77
CA ILE A 44 -0.43 -5.49 -9.29
C ILE A 44 0.98 -5.47 -9.88
N ASN A 45 1.51 -4.27 -10.09
CA ASN A 45 2.85 -4.15 -10.66
C ASN A 45 3.91 -4.27 -9.56
N LEU A 46 4.99 -4.98 -9.87
CA LEU A 46 6.05 -5.19 -8.89
C LEU A 46 6.59 -3.85 -8.39
N SER A 47 6.70 -2.86 -9.28
CA SER A 47 7.20 -1.56 -8.88
C SER A 47 6.32 -0.96 -7.79
N THR A 48 5.01 -1.07 -7.95
CA THR A 48 4.09 -0.52 -6.97
C THR A 48 4.28 -1.19 -5.61
N ILE A 49 4.42 -2.50 -5.61
CA ILE A 49 4.57 -3.24 -4.36
C ILE A 49 5.78 -2.72 -3.59
N TRP A 50 6.89 -2.55 -4.30
CA TRP A 50 8.11 -2.06 -3.67
C TRP A 50 7.90 -0.68 -3.04
N SER A 51 7.28 0.23 -3.79
CA SER A 51 7.10 1.59 -3.31
C SER A 51 6.42 1.62 -1.94
N LEU A 52 5.43 0.76 -1.75
CA LEU A 52 4.73 0.70 -0.47
C LEU A 52 5.60 0.06 0.62
N ASN A 53 6.14 -1.12 0.33
CA ASN A 53 6.89 -1.87 1.33
C ASN A 53 8.38 -1.49 1.41
N LYS A 54 8.78 -0.42 0.72
CA LYS A 54 10.16 0.05 0.78
C LYS A 54 10.65 0.23 2.22
N HIS A 55 9.72 0.50 3.15
CA HIS A 55 10.09 0.68 4.55
C HIS A 55 10.39 -0.66 5.22
N LEU A 56 9.63 -1.70 4.84
CA LEU A 56 9.83 -3.02 5.43
C LEU A 56 11.16 -3.64 4.98
N TYR A 57 11.47 -3.49 3.70
CA TYR A 57 12.70 -4.07 3.14
C TYR A 57 13.62 -2.98 2.62
N SER A 58 14.93 -3.23 2.71
CA SER A 58 15.92 -2.24 2.32
C SER A 58 15.93 -2.01 0.81
N SER A 59 15.81 -3.09 0.04
CA SER A 59 15.90 -2.98 -1.41
C SER A 59 15.10 -4.08 -2.10
N GLU A 60 14.94 -3.95 -3.41
CA GLU A 60 14.20 -4.93 -4.20
C GLU A 60 14.85 -6.32 -4.11
N SER A 61 16.18 -6.36 -4.04
CA SER A 61 16.89 -7.63 -4.01
C SER A 61 16.41 -8.51 -2.86
N GLU A 62 16.23 -7.90 -1.70
CA GLU A 62 15.76 -8.65 -0.53
C GLU A 62 14.37 -9.23 -0.77
N MET A 63 13.53 -8.50 -1.51
CA MET A 63 12.19 -8.99 -1.82
C MET A 63 12.26 -10.26 -2.68
N MET A 64 13.09 -10.21 -3.72
CA MET A 64 13.22 -11.35 -4.63
C MET A 64 13.68 -12.60 -3.89
N LYS A 65 14.58 -12.42 -2.91
CA LYS A 65 15.11 -13.55 -2.15
C LYS A 65 14.29 -13.86 -0.89
N ALA A 66 13.06 -13.34 -0.80
CA ALA A 66 12.22 -13.57 0.37
C ALA A 66 12.07 -15.06 0.65
N ALA A 67 11.97 -15.39 1.93
CA ALA A 67 11.82 -16.78 2.35
C ALA A 67 10.58 -16.96 3.23
N PRO A 68 10.14 -18.17 3.47
CA PRO A 68 8.91 -18.41 4.30
C PRO A 68 9.02 -17.78 5.68
N GLY A 69 7.89 -17.32 6.20
CA GLY A 69 7.85 -16.73 7.54
C GLY A 69 7.77 -15.20 7.53
N GLN A 70 8.10 -14.56 6.40
CA GLN A 70 8.06 -13.11 6.32
C GLN A 70 6.67 -12.62 5.94
N GLN A 71 6.37 -11.37 6.28
CA GLN A 71 5.05 -10.80 6.02
C GLN A 71 5.12 -9.67 4.99
N ILE A 72 4.03 -9.51 4.25
CA ILE A 72 3.91 -8.43 3.28
C ILE A 72 2.65 -7.61 3.61
N ILE A 73 2.75 -6.29 3.51
CA ILE A 73 1.63 -5.43 3.82
C ILE A 73 1.04 -4.83 2.53
N LEU A 74 -0.27 -4.93 2.39
CA LEU A 74 -0.97 -4.35 1.25
C LEU A 74 -1.96 -3.28 1.72
N PRO A 75 -1.61 -2.01 1.70
CA PRO A 75 -2.55 -0.92 2.07
C PRO A 75 -3.38 -0.45 0.89
N LEU A 76 -4.00 -1.40 0.20
CA LEU A 76 -4.83 -1.08 -0.97
C LEU A 76 -6.31 -1.17 -0.63
N LYS A 77 -7.09 -0.20 -1.10
CA LYS A 77 -8.53 -0.19 -0.86
C LYS A 77 -9.28 -0.51 -2.15
N LYS A 78 -10.18 -1.49 -2.08
CA LYS A 78 -10.96 -1.89 -3.24
C LYS A 78 -11.83 -0.73 -3.75
N LEU A 79 -12.35 0.08 -2.82
CA LEU A 79 -13.24 1.18 -3.18
C LEU A 79 -12.65 2.53 -2.75
N PRO A 80 -11.86 3.17 -3.59
CA PRO A 80 -11.27 4.50 -3.23
C PRO A 80 -12.35 5.56 -3.04
N PHE A 81 -12.89 5.63 -1.82
CA PHE A 81 -13.94 6.58 -1.51
C PHE A 81 -13.50 8.01 -1.78
N GLU A 82 -12.24 8.32 -1.48
CA GLU A 82 -11.73 9.67 -1.63
C GLU A 82 -11.59 10.03 -3.10
N TYR A 83 -12.18 11.16 -3.48
CA TYR A 83 -12.14 11.61 -4.87
C TYR A 83 -10.71 11.90 -5.32
N SER A 84 -9.92 12.49 -4.41
CA SER A 84 -8.55 12.85 -4.75
C SER A 84 -7.76 11.64 -5.24
N ALA A 85 -6.66 11.90 -5.94
CA ALA A 85 -5.84 10.82 -6.50
C ALA A 85 -4.36 11.10 -6.28
N LEU A 86 -3.57 10.03 -6.25
CA LEU A 86 -2.13 10.15 -6.04
C LEU A 86 -1.38 9.42 -7.17
N PRO A 87 -1.02 10.10 -8.24
CA PRO A 87 -0.28 9.45 -9.37
C PRO A 87 0.88 8.56 -8.89
N LEU A 88 1.48 8.93 -7.76
CA LEU A 88 2.60 8.16 -7.23
C LEU A 88 2.21 6.70 -7.00
N LEU A 89 1.02 6.51 -6.42
CA LEU A 89 0.48 5.17 -6.25
C LEU A 89 -0.57 4.88 -7.31
N GLY A 90 -0.40 3.78 -8.03
CA GLY A 90 -1.32 3.43 -9.11
C GLY A 90 -2.35 2.40 -8.64
N SER A 91 -3.57 2.54 -9.15
CA SER A 91 -4.65 1.60 -8.82
C SER A 91 -5.22 0.98 -10.08
N ALA A 92 -5.74 -0.24 -9.97
CA ALA A 92 -6.32 -0.93 -11.13
C ALA A 92 -7.78 -1.31 -10.85
N PRO A 93 -8.70 -0.36 -10.92
CA PRO A 93 -10.15 -0.67 -10.70
C PRO A 93 -10.67 -1.71 -11.70
N LEU A 94 -10.79 -2.95 -11.24
CA LEU A 94 -11.26 -4.02 -12.11
C LEU A 94 -12.65 -3.71 -12.65
N VAL A 95 -13.50 -3.11 -11.82
CA VAL A 95 -14.86 -2.77 -12.23
C VAL A 95 -14.82 -1.79 -13.40
N ALA A 96 -13.92 -0.82 -13.33
CA ALA A 96 -13.80 0.19 -14.39
C ALA A 96 -13.37 -0.47 -15.70
N ALA A 97 -13.86 0.08 -16.81
CA ALA A 97 -13.52 -0.45 -18.12
C ALA A 97 -13.33 0.68 -19.13
N GLY A 98 -12.51 0.43 -20.15
CA GLY A 98 -12.26 1.43 -21.17
C GLY A 98 -11.41 0.86 -22.31
N GLY A 99 -11.99 0.82 -23.51
CA GLY A 99 -11.27 0.31 -24.66
C GLY A 99 -9.96 1.07 -24.89
N VAL A 100 -10.00 2.38 -24.67
CA VAL A 100 -8.81 3.21 -24.84
C VAL A 100 -7.74 2.78 -23.84
N ALA A 101 -8.15 2.49 -22.61
CA ALA A 101 -7.21 2.06 -21.57
C ALA A 101 -6.55 0.75 -21.97
N GLY A 102 -5.29 0.58 -21.53
CA GLY A 102 -4.54 -0.63 -21.84
C GLY A 102 -3.87 -1.18 -20.59
N HIS A 103 -3.48 -2.46 -20.65
CA HIS A 103 -2.83 -3.10 -19.51
C HIS A 103 -1.57 -3.83 -19.97
N THR A 104 -0.64 -4.05 -19.04
CA THR A 104 0.61 -4.74 -19.35
C THR A 104 0.78 -5.98 -18.45
N ASN A 105 -0.32 -6.68 -18.19
CA ASN A 105 -0.28 -7.85 -17.33
C ASN A 105 0.74 -8.87 -17.84
N GLY A 106 0.83 -9.02 -19.16
CA GLY A 106 1.80 -9.92 -19.76
C GLY A 106 1.43 -11.38 -19.49
N SER A 107 0.14 -11.68 -19.54
CA SER A 107 -0.33 -13.04 -19.30
C SER A 107 -0.83 -13.68 -20.58
N GLY A 108 -0.53 -14.96 -20.77
CA GLY A 108 -0.94 -15.68 -21.97
C GLY A 108 -2.12 -16.61 -21.67
N SER A 109 -2.10 -17.24 -20.49
CA SER A 109 -3.16 -18.16 -20.11
C SER A 109 -4.00 -17.59 -18.98
N GLU A 110 -5.32 -17.70 -19.12
CA GLU A 110 -6.23 -17.21 -18.09
C GLU A 110 -6.09 -18.01 -16.80
N ASN A 111 -5.82 -19.31 -16.92
CA ASN A 111 -5.68 -20.18 -15.75
C ASN A 111 -4.21 -20.41 -15.43
N LEU A 112 -3.80 -19.97 -14.24
CA LEU A 112 -2.42 -20.13 -13.82
C LEU A 112 -2.04 -21.61 -13.69
N TYR A 113 -2.96 -22.41 -13.16
CA TYR A 113 -2.70 -23.83 -12.97
C TYR A 113 -2.58 -24.57 -14.30
N PHE A 114 -3.36 -24.15 -15.29
CA PHE A 114 -3.33 -24.79 -16.60
C PHE A 114 -2.45 -24.01 -17.56
N GLN A 115 -1.55 -24.72 -18.25
CA GLN A 115 -0.66 -24.08 -19.19
C GLN A 115 -1.17 -24.26 -20.62
N MET A 1 -35.39 19.82 3.89
CA MET A 1 -34.05 20.38 4.20
C MET A 1 -33.07 19.23 4.49
N ASN A 2 -33.53 18.24 5.24
CA ASN A 2 -32.69 17.10 5.59
C ASN A 2 -32.98 15.92 4.67
N GLY A 3 -32.00 15.56 3.85
CA GLY A 3 -32.15 14.45 2.91
C GLY A 3 -32.57 13.15 3.62
N GLU A 4 -32.19 13.00 4.88
CA GLU A 4 -32.48 11.77 5.62
C GLU A 4 -33.97 11.46 5.65
N ASN A 5 -34.82 12.49 5.64
CA ASN A 5 -36.26 12.29 5.76
C ASN A 5 -36.91 11.82 4.45
N TYR A 6 -36.10 11.43 3.44
CA TYR A 6 -36.63 10.96 2.18
C TYR A 6 -36.14 9.54 1.90
N PHE A 7 -37.05 8.65 1.56
CA PHE A 7 -36.72 7.24 1.39
C PHE A 7 -35.73 7.03 0.23
N LYS A 8 -36.01 7.63 -0.92
CA LYS A 8 -35.19 7.41 -2.10
C LYS A 8 -33.75 7.86 -1.87
N LEU A 9 -33.58 8.99 -1.18
CA LEU A 9 -32.24 9.51 -0.92
C LEU A 9 -31.43 8.54 -0.08
N GLY A 10 -32.07 7.90 0.89
CA GLY A 10 -31.38 6.97 1.77
C GLY A 10 -30.80 5.79 0.98
N SER A 11 -31.55 5.32 0.00
CA SER A 11 -31.12 4.16 -0.78
C SER A 11 -29.83 4.44 -1.54
N ASP A 12 -29.63 5.68 -1.98
CA ASP A 12 -28.44 6.04 -2.75
C ASP A 12 -27.18 5.72 -1.96
N SER A 13 -27.20 6.02 -0.66
CA SER A 13 -26.03 5.79 0.18
C SER A 13 -25.69 4.30 0.29
N LYS A 14 -26.72 3.45 0.28
CA LYS A 14 -26.50 2.01 0.41
C LYS A 14 -25.63 1.47 -0.72
N LEU A 15 -25.84 1.99 -1.92
CA LEU A 15 -25.10 1.51 -3.09
C LEU A 15 -23.60 1.69 -2.90
N LEU A 16 -23.20 2.80 -2.31
CA LEU A 16 -21.78 3.11 -2.14
C LEU A 16 -21.35 2.93 -0.68
N THR A 17 -20.15 2.40 -0.48
CA THR A 17 -19.59 2.24 0.86
C THR A 17 -18.27 2.99 0.97
N HIS A 18 -18.11 3.76 2.04
CA HIS A 18 -16.90 4.56 2.23
C HIS A 18 -15.99 3.97 3.30
N ASN A 19 -16.58 3.36 4.32
CA ASN A 19 -15.80 2.83 5.44
C ASN A 19 -15.21 1.46 5.12
N SER A 20 -14.13 1.11 5.79
CA SER A 20 -13.49 -0.19 5.61
C SER A 20 -13.20 -0.83 6.97
N TYR A 21 -13.59 -2.09 7.13
CA TYR A 21 -13.38 -2.78 8.39
C TYR A 21 -11.89 -2.93 8.69
N GLN A 22 -11.11 -3.25 7.65
CA GLN A 22 -9.67 -3.41 7.81
C GLN A 22 -8.93 -2.25 7.14
N ASN A 23 -8.06 -1.59 7.90
CA ASN A 23 -7.27 -0.50 7.35
C ASN A 23 -6.35 -1.01 6.24
N ARG A 24 -5.77 -2.19 6.45
CA ARG A 24 -4.88 -2.79 5.47
C ARG A 24 -4.95 -4.31 5.53
N LEU A 25 -4.48 -4.97 4.48
CA LEU A 25 -4.56 -6.43 4.40
C LEU A 25 -3.19 -7.07 4.63
N PHE A 26 -3.14 -8.05 5.53
CA PHE A 26 -1.90 -8.77 5.79
C PHE A 26 -1.84 -10.06 4.99
N TYR A 27 -0.72 -10.29 4.30
CA TYR A 27 -0.51 -11.53 3.58
C TYR A 27 0.80 -12.16 4.03
N THR A 28 0.84 -13.49 4.11
CA THR A 28 2.03 -14.18 4.62
C THR A 28 2.67 -15.04 3.52
N LEU A 29 3.99 -15.08 3.51
CA LEU A 29 4.72 -15.88 2.54
C LEU A 29 4.85 -17.32 3.02
N LYS A 30 4.46 -18.26 2.16
CA LYS A 30 4.50 -19.68 2.49
C LYS A 30 5.31 -20.45 1.45
N THR A 31 6.02 -21.48 1.89
CA THR A 31 6.86 -22.26 0.99
C THR A 31 6.07 -22.75 -0.23
N GLY A 32 6.68 -22.60 -1.40
CA GLY A 32 6.03 -23.01 -2.65
C GLY A 32 5.59 -21.80 -3.49
N GLU A 33 5.32 -20.66 -2.84
CA GLU A 33 4.89 -19.46 -3.55
C GLU A 33 6.01 -18.43 -3.56
N THR A 34 6.10 -17.67 -4.66
CA THR A 34 7.11 -16.63 -4.78
C THR A 34 6.44 -15.26 -4.83
N VAL A 35 7.23 -14.21 -4.57
CA VAL A 35 6.68 -12.85 -4.54
C VAL A 35 6.02 -12.52 -5.89
N ALA A 36 6.70 -12.87 -6.97
CA ALA A 36 6.19 -12.58 -8.30
C ALA A 36 4.85 -13.29 -8.53
N ASP A 37 4.74 -14.52 -8.06
CA ASP A 37 3.52 -15.30 -8.27
C ASP A 37 2.33 -14.60 -7.62
N LEU A 38 2.53 -14.13 -6.39
CA LEU A 38 1.46 -13.44 -5.66
C LEU A 38 1.01 -12.21 -6.43
N SER A 39 1.97 -11.46 -6.95
CA SER A 39 1.67 -10.23 -7.68
C SER A 39 0.79 -10.53 -8.90
N LYS A 40 1.09 -11.62 -9.60
CA LYS A 40 0.33 -11.99 -10.78
C LYS A 40 -1.13 -12.28 -10.44
N SER A 41 -1.33 -13.06 -9.39
CA SER A 41 -2.68 -13.42 -8.98
C SER A 41 -3.50 -12.19 -8.63
N GLN A 42 -2.88 -11.26 -7.92
CA GLN A 42 -3.55 -10.01 -7.53
C GLN A 42 -3.67 -9.02 -8.70
N ASP A 43 -2.93 -9.24 -9.78
CA ASP A 43 -2.94 -8.31 -10.91
C ASP A 43 -2.42 -6.94 -10.48
N ILE A 44 -1.34 -6.95 -9.70
CA ILE A 44 -0.71 -5.72 -9.23
C ILE A 44 0.69 -5.61 -9.82
N ASN A 45 1.11 -4.39 -10.12
CA ASN A 45 2.43 -4.16 -10.69
C ASN A 45 3.51 -4.32 -9.63
N LEU A 46 4.59 -5.03 -9.97
CA LEU A 46 5.69 -5.24 -9.03
C LEU A 46 6.24 -3.90 -8.54
N SER A 47 6.30 -2.91 -9.42
CA SER A 47 6.81 -1.60 -9.04
C SER A 47 5.96 -1.02 -7.91
N THR A 48 4.64 -1.16 -8.02
CA THR A 48 3.74 -0.64 -7.00
C THR A 48 4.02 -1.30 -5.65
N ILE A 49 4.20 -2.62 -5.67
CA ILE A 49 4.43 -3.36 -4.43
C ILE A 49 5.67 -2.80 -3.72
N TRP A 50 6.73 -2.57 -4.49
CA TRP A 50 7.96 -2.04 -3.91
C TRP A 50 7.72 -0.69 -3.25
N SER A 51 7.04 0.21 -3.95
CA SER A 51 6.83 1.57 -3.43
C SER A 51 6.19 1.54 -2.05
N LEU A 52 5.25 0.63 -1.83
CA LEU A 52 4.58 0.53 -0.54
C LEU A 52 5.49 -0.08 0.52
N ASN A 53 6.05 -1.26 0.22
CA ASN A 53 6.85 -1.98 1.21
C ASN A 53 8.32 -1.54 1.27
N LYS A 54 8.69 -0.50 0.54
CA LYS A 54 10.05 0.01 0.58
C LYS A 54 10.54 0.25 2.01
N HIS A 55 9.63 0.58 2.91
CA HIS A 55 10.00 0.83 4.31
C HIS A 55 10.28 -0.48 5.05
N LEU A 56 9.51 -1.51 4.73
CA LEU A 56 9.67 -2.81 5.40
C LEU A 56 11.01 -3.44 5.05
N TYR A 57 11.41 -3.34 3.79
CA TYR A 57 12.67 -3.93 3.34
C TYR A 57 13.70 -2.85 3.01
N SER A 58 14.97 -3.17 3.23
CA SER A 58 16.04 -2.21 3.01
C SER A 58 16.26 -1.93 1.53
N SER A 59 16.21 -2.97 0.71
CA SER A 59 16.50 -2.83 -0.71
C SER A 59 15.77 -3.88 -1.54
N GLU A 60 15.80 -3.71 -2.85
CA GLU A 60 15.13 -4.63 -3.76
C GLU A 60 15.70 -6.04 -3.65
N SER A 61 17.02 -6.14 -3.41
CA SER A 61 17.67 -7.44 -3.34
C SER A 61 17.00 -8.33 -2.31
N GLU A 62 16.69 -7.76 -1.15
CA GLU A 62 16.06 -8.54 -0.08
C GLU A 62 14.70 -9.08 -0.51
N MET A 63 13.97 -8.32 -1.31
CA MET A 63 12.68 -8.78 -1.81
C MET A 63 12.84 -9.99 -2.72
N MET A 64 13.78 -9.90 -3.66
CA MET A 64 14.01 -10.99 -4.60
C MET A 64 14.36 -12.30 -3.89
N LYS A 65 15.12 -12.19 -2.80
CA LYS A 65 15.56 -13.36 -2.04
C LYS A 65 14.59 -13.72 -0.91
N ALA A 66 13.38 -13.19 -0.94
CA ALA A 66 12.40 -13.46 0.12
C ALA A 66 12.22 -14.96 0.33
N ALA A 67 12.02 -15.34 1.58
CA ALA A 67 11.84 -16.75 1.95
C ALA A 67 10.60 -16.93 2.82
N PRO A 68 10.14 -18.15 3.02
CA PRO A 68 8.93 -18.40 3.86
C PRO A 68 9.07 -17.85 5.27
N GLY A 69 7.96 -17.38 5.85
CA GLY A 69 7.95 -16.85 7.21
C GLY A 69 7.90 -15.32 7.26
N GLN A 70 8.20 -14.65 6.16
CA GLN A 70 8.19 -13.18 6.15
C GLN A 70 6.80 -12.65 5.85
N GLN A 71 6.54 -11.41 6.25
CA GLN A 71 5.23 -10.80 6.07
C GLN A 71 5.26 -9.72 5.00
N ILE A 72 4.15 -9.59 4.30
CA ILE A 72 3.98 -8.54 3.28
C ILE A 72 2.73 -7.73 3.60
N ILE A 73 2.81 -6.41 3.48
CA ILE A 73 1.67 -5.55 3.76
C ILE A 73 1.09 -4.99 2.46
N LEU A 74 -0.24 -5.02 2.36
CA LEU A 74 -0.93 -4.43 1.22
C LEU A 74 -1.79 -3.27 1.71
N PRO A 75 -1.27 -2.05 1.76
CA PRO A 75 -2.06 -0.88 2.24
C PRO A 75 -3.02 -0.36 1.18
N LEU A 76 -4.29 -0.23 1.55
CA LEU A 76 -5.29 0.29 0.65
C LEU A 76 -5.52 1.78 0.89
N LYS A 77 -5.67 2.55 -0.19
CA LYS A 77 -5.89 3.99 -0.06
C LYS A 77 -7.36 4.36 0.16
N LYS A 78 -8.26 3.38 0.17
CA LYS A 78 -9.68 3.64 0.39
C LYS A 78 -9.91 4.36 1.73
N LEU A 79 -9.11 4.00 2.73
CA LEU A 79 -9.24 4.61 4.06
C LEU A 79 -7.96 5.37 4.42
N PRO A 80 -7.83 6.62 4.01
CA PRO A 80 -6.60 7.42 4.31
C PRO A 80 -6.46 7.70 5.80
N PHE A 81 -5.78 6.81 6.52
CA PHE A 81 -5.56 6.98 7.95
C PHE A 81 -4.14 7.49 8.21
N GLU A 82 -4.05 8.54 9.03
CA GLU A 82 -2.75 9.12 9.37
C GLU A 82 -2.41 8.87 10.83
N TYR A 83 -1.11 8.88 11.14
CA TYR A 83 -0.66 8.66 12.50
C TYR A 83 0.26 9.80 12.96
N SER A 84 0.17 10.13 14.24
CA SER A 84 1.00 11.21 14.80
C SER A 84 2.38 10.73 15.27
N ALA A 85 2.60 9.42 15.32
CA ALA A 85 3.88 8.88 15.80
C ALA A 85 5.04 9.46 14.98
N LEU A 86 6.13 9.79 15.67
CA LEU A 86 7.30 10.35 15.02
C LEU A 86 8.58 9.71 15.56
N PRO A 87 9.00 8.59 15.02
CA PRO A 87 10.25 7.91 15.51
C PRO A 87 11.48 8.79 15.29
N LEU A 88 11.76 9.66 16.26
CA LEU A 88 12.90 10.56 16.16
C LEU A 88 14.21 9.78 16.03
N LEU A 89 14.31 8.66 16.74
CA LEU A 89 15.52 7.86 16.70
C LEU A 89 15.86 7.45 15.27
N GLY A 90 14.84 7.10 14.50
CA GLY A 90 15.04 6.70 13.11
C GLY A 90 15.71 5.34 13.01
N SER A 91 15.38 4.43 13.92
CA SER A 91 15.97 3.10 13.92
C SER A 91 14.88 2.03 14.06
N ALA A 92 15.15 0.83 13.55
CA ALA A 92 14.21 -0.27 13.66
C ALA A 92 14.94 -1.59 13.88
N PRO A 93 14.34 -2.56 14.54
CA PRO A 93 14.97 -3.89 14.74
C PRO A 93 14.67 -4.87 13.60
N LEU A 94 13.49 -4.74 13.01
CA LEU A 94 13.08 -5.65 11.95
C LEU A 94 14.04 -5.61 10.76
N VAL A 95 14.58 -4.43 10.48
CA VAL A 95 15.49 -4.28 9.34
C VAL A 95 16.72 -5.17 9.51
N ALA A 96 17.22 -5.27 10.74
CA ALA A 96 18.39 -6.10 11.00
C ALA A 96 18.08 -7.56 10.72
N ALA A 97 19.07 -8.27 10.17
CA ALA A 97 18.90 -9.69 9.84
C ALA A 97 19.87 -10.55 10.67
N GLY A 98 21.14 -10.59 10.26
CA GLY A 98 22.13 -11.39 10.99
C GLY A 98 21.93 -12.88 10.75
N GLY A 99 21.55 -13.24 9.53
CA GLY A 99 21.31 -14.64 9.18
C GLY A 99 22.54 -15.50 9.45
N VAL A 100 23.74 -14.93 9.29
CA VAL A 100 24.98 -15.67 9.49
C VAL A 100 25.87 -14.97 10.52
N ALA A 101 26.45 -15.75 11.42
CA ALA A 101 27.35 -15.21 12.43
C ALA A 101 28.62 -14.67 11.79
N GLY A 102 29.14 -15.40 10.80
CA GLY A 102 30.34 -14.98 10.08
C GLY A 102 31.59 -15.63 10.65
N HIS A 103 31.60 -15.85 11.97
CA HIS A 103 32.76 -16.45 12.63
C HIS A 103 32.37 -17.70 13.39
N THR A 104 33.22 -18.72 13.35
CA THR A 104 32.96 -19.96 14.07
C THR A 104 34.13 -20.28 15.00
N ASN A 105 33.81 -20.70 16.22
CA ASN A 105 34.84 -21.04 17.20
C ASN A 105 34.89 -22.55 17.43
N GLY A 106 36.11 -23.09 17.40
CA GLY A 106 36.31 -24.52 17.61
C GLY A 106 36.75 -24.82 19.05
N SER A 107 36.30 -24.02 20.00
CA SER A 107 36.66 -24.21 21.40
C SER A 107 35.46 -23.95 22.31
N GLY A 108 35.44 -24.61 23.46
CA GLY A 108 34.34 -24.44 24.40
C GLY A 108 33.12 -25.26 23.98
N SER A 109 33.38 -26.48 23.52
CA SER A 109 32.30 -27.36 23.07
C SER A 109 31.30 -27.63 24.18
N GLU A 110 31.77 -27.67 25.42
CA GLU A 110 30.89 -27.91 26.57
C GLU A 110 29.77 -26.87 26.62
N ASN A 111 30.11 -25.62 26.29
CA ASN A 111 29.11 -24.55 26.30
C ASN A 111 28.73 -24.17 24.88
N LEU A 112 27.47 -24.41 24.52
CA LEU A 112 26.99 -24.10 23.18
C LEU A 112 26.23 -22.77 23.18
N TYR A 113 26.58 -21.90 22.24
CA TYR A 113 25.90 -20.62 22.11
C TYR A 113 24.42 -20.81 21.81
N PHE A 114 24.13 -21.77 20.93
CA PHE A 114 22.75 -22.06 20.58
C PHE A 114 22.26 -23.30 21.30
N GLN A 115 21.08 -23.20 21.91
CA GLN A 115 20.50 -24.34 22.64
C GLN A 115 19.27 -24.87 21.91
N MET A 1 -36.68 -5.29 27.77
CA MET A 1 -37.72 -5.10 26.72
C MET A 1 -38.34 -6.45 26.37
N ASN A 2 -39.50 -6.74 26.96
CA ASN A 2 -40.18 -8.00 26.70
C ASN A 2 -40.43 -8.20 25.22
N GLY A 3 -40.76 -7.11 24.51
CA GLY A 3 -41.03 -7.18 23.09
C GLY A 3 -39.82 -6.71 22.27
N GLU A 4 -38.62 -7.04 22.73
CA GLU A 4 -37.40 -6.64 22.04
C GLU A 4 -37.39 -7.09 20.58
N ASN A 5 -38.08 -8.20 20.28
CA ASN A 5 -38.12 -8.74 18.93
C ASN A 5 -38.47 -7.67 17.87
N TYR A 6 -39.07 -6.56 18.29
CA TYR A 6 -39.54 -5.55 17.34
C TYR A 6 -38.46 -5.16 16.33
N PHE A 7 -37.21 -5.06 16.80
CA PHE A 7 -36.10 -4.69 15.93
C PHE A 7 -35.34 -5.93 15.49
N LYS A 8 -35.20 -6.11 14.18
CA LYS A 8 -34.56 -7.31 13.64
C LYS A 8 -33.10 -7.41 14.09
N LEU A 9 -32.39 -6.27 14.07
CA LEU A 9 -30.98 -6.28 14.43
C LEU A 9 -30.78 -5.89 15.90
N GLY A 10 -29.99 -6.69 16.61
CA GLY A 10 -29.70 -6.41 18.00
C GLY A 10 -28.98 -5.07 18.17
N SER A 11 -28.08 -4.77 17.23
CA SER A 11 -27.31 -3.53 17.30
C SER A 11 -27.56 -2.65 16.08
N ASP A 12 -27.66 -1.35 16.33
CA ASP A 12 -27.86 -0.37 15.25
C ASP A 12 -26.61 -0.19 14.39
N SER A 13 -25.43 -0.40 14.99
CA SER A 13 -24.17 -0.18 14.28
C SER A 13 -24.09 -0.98 12.98
N LYS A 14 -24.77 -2.13 12.92
CA LYS A 14 -24.72 -2.97 11.74
C LYS A 14 -25.14 -2.20 10.49
N LEU A 15 -26.11 -1.32 10.65
CA LEU A 15 -26.62 -0.54 9.51
C LEU A 15 -25.49 0.26 8.85
N LEU A 16 -24.59 0.79 9.68
CA LEU A 16 -23.49 1.60 9.15
C LEU A 16 -22.22 0.76 9.01
N THR A 17 -21.55 0.90 7.86
CA THR A 17 -20.30 0.17 7.61
C THR A 17 -19.14 1.13 7.31
N HIS A 18 -19.25 2.40 7.73
CA HIS A 18 -18.19 3.37 7.47
C HIS A 18 -16.85 2.90 8.04
N ASN A 19 -16.89 2.24 9.20
CA ASN A 19 -15.66 1.81 9.86
C ASN A 19 -15.25 0.42 9.39
N SER A 20 -13.95 0.23 9.20
CA SER A 20 -13.41 -1.06 8.79
C SER A 20 -12.51 -1.63 9.88
N TYR A 21 -12.72 -2.89 10.23
CA TYR A 21 -11.92 -3.53 11.26
C TYR A 21 -10.46 -3.62 10.86
N GLN A 22 -10.22 -3.97 9.60
CA GLN A 22 -8.85 -4.10 9.09
C GLN A 22 -8.49 -2.90 8.21
N ASN A 23 -7.58 -2.07 8.70
CA ASN A 23 -7.11 -0.93 7.93
C ASN A 23 -6.37 -1.40 6.67
N ARG A 24 -5.55 -2.44 6.84
CA ARG A 24 -4.79 -2.99 5.73
C ARG A 24 -4.94 -4.51 5.70
N LEU A 25 -4.62 -5.12 4.56
CA LEU A 25 -4.69 -6.57 4.44
C LEU A 25 -3.30 -7.17 4.56
N PHE A 26 -3.12 -8.06 5.55
CA PHE A 26 -1.85 -8.72 5.75
C PHE A 26 -1.82 -10.09 5.09
N TYR A 27 -0.76 -10.36 4.33
CA TYR A 27 -0.57 -11.68 3.73
C TYR A 27 0.76 -12.27 4.18
N THR A 28 0.79 -13.58 4.39
CA THR A 28 2.01 -14.24 4.87
C THR A 28 2.68 -15.05 3.78
N LEU A 29 4.00 -15.02 3.75
CA LEU A 29 4.77 -15.77 2.77
C LEU A 29 4.99 -17.21 3.24
N LYS A 30 4.67 -18.16 2.37
CA LYS A 30 4.82 -19.58 2.70
C LYS A 30 5.65 -20.29 1.63
N THR A 31 6.47 -21.24 2.05
CA THR A 31 7.34 -21.96 1.13
C THR A 31 6.57 -22.52 -0.06
N GLY A 32 7.11 -22.36 -1.26
CA GLY A 32 6.47 -22.84 -2.47
C GLY A 32 5.93 -21.70 -3.34
N GLU A 33 5.57 -20.57 -2.72
CA GLU A 33 5.06 -19.43 -3.46
C GLU A 33 6.08 -18.30 -3.48
N THR A 34 6.11 -17.54 -4.58
CA THR A 34 7.08 -16.46 -4.73
C THR A 34 6.38 -15.10 -4.76
N VAL A 35 7.14 -14.05 -4.50
CA VAL A 35 6.59 -12.70 -4.50
C VAL A 35 5.96 -12.39 -5.86
N ALA A 36 6.65 -12.78 -6.93
CA ALA A 36 6.16 -12.52 -8.28
C ALA A 36 4.80 -13.18 -8.48
N ASP A 37 4.62 -14.38 -7.95
CA ASP A 37 3.36 -15.09 -8.09
C ASP A 37 2.22 -14.28 -7.50
N LEU A 38 2.45 -13.75 -6.30
CA LEU A 38 1.44 -12.93 -5.63
C LEU A 38 1.07 -11.73 -6.50
N SER A 39 2.08 -11.10 -7.08
CA SER A 39 1.86 -9.90 -7.89
C SER A 39 0.93 -10.20 -9.06
N LYS A 40 1.16 -11.32 -9.73
CA LYS A 40 0.37 -11.69 -10.90
C LYS A 40 -1.09 -11.90 -10.53
N SER A 41 -1.33 -12.65 -9.46
CA SER A 41 -2.70 -12.98 -9.06
C SER A 41 -3.49 -11.72 -8.72
N GLN A 42 -2.85 -10.80 -8.00
CA GLN A 42 -3.52 -9.57 -7.59
C GLN A 42 -3.58 -8.51 -8.69
N ASP A 43 -2.96 -8.77 -9.84
CA ASP A 43 -2.96 -7.79 -10.94
C ASP A 43 -2.32 -6.48 -10.49
N ILE A 44 -1.21 -6.60 -9.76
CA ILE A 44 -0.48 -5.43 -9.27
C ILE A 44 0.94 -5.43 -9.84
N ASN A 45 1.50 -4.25 -10.01
CA ASN A 45 2.85 -4.13 -10.56
C ASN A 45 3.88 -4.25 -9.45
N LEU A 46 4.96 -4.98 -9.73
CA LEU A 46 6.02 -5.17 -8.73
C LEU A 46 6.55 -3.83 -8.24
N SER A 47 6.67 -2.86 -9.14
CA SER A 47 7.18 -1.54 -8.76
C SER A 47 6.30 -0.92 -7.68
N THR A 48 4.98 -1.03 -7.86
CA THR A 48 4.05 -0.47 -6.89
C THR A 48 4.21 -1.13 -5.53
N ILE A 49 4.37 -2.45 -5.52
CA ILE A 49 4.50 -3.19 -4.28
C ILE A 49 5.69 -2.66 -3.48
N TRP A 50 6.81 -2.47 -4.17
CA TRP A 50 8.02 -1.97 -3.52
C TRP A 50 7.79 -0.60 -2.90
N SER A 51 7.15 0.30 -3.66
CA SER A 51 6.95 1.67 -3.19
C SER A 51 6.25 1.70 -1.83
N LEU A 52 5.29 0.81 -1.64
CA LEU A 52 4.59 0.73 -0.35
C LEU A 52 5.47 0.09 0.72
N ASN A 53 6.04 -1.07 0.41
CA ASN A 53 6.79 -1.85 1.40
C ASN A 53 8.28 -1.48 1.46
N LYS A 54 8.68 -0.38 0.82
CA LYS A 54 10.07 0.08 0.90
C LYS A 54 10.55 0.18 2.36
N HIS A 55 9.64 0.42 3.29
CA HIS A 55 10.01 0.52 4.70
C HIS A 55 10.35 -0.84 5.28
N LEU A 56 9.63 -1.88 4.84
CA LEU A 56 9.87 -3.23 5.34
C LEU A 56 11.19 -3.80 4.82
N TYR A 57 11.46 -3.59 3.53
CA TYR A 57 12.67 -4.14 2.91
C TYR A 57 13.60 -3.02 2.47
N SER A 58 14.90 -3.29 2.51
CA SER A 58 15.90 -2.28 2.19
C SER A 58 16.06 -2.11 0.67
N SER A 59 16.01 -3.21 -0.06
CA SER A 59 16.28 -3.17 -1.50
C SER A 59 15.57 -4.29 -2.24
N GLU A 60 15.59 -4.22 -3.56
CA GLU A 60 14.95 -5.22 -4.41
C GLU A 60 15.59 -6.60 -4.20
N SER A 61 16.90 -6.63 -3.98
CA SER A 61 17.60 -7.91 -3.84
C SER A 61 16.98 -8.75 -2.73
N GLU A 62 16.69 -8.13 -1.60
CA GLU A 62 16.11 -8.84 -0.47
C GLU A 62 14.74 -9.43 -0.84
N MET A 63 13.98 -8.72 -1.66
CA MET A 63 12.67 -9.21 -2.08
C MET A 63 12.80 -10.48 -2.92
N MET A 64 13.72 -10.46 -3.89
CA MET A 64 13.92 -11.62 -4.75
C MET A 64 14.31 -12.85 -3.95
N LYS A 65 15.12 -12.66 -2.92
CA LYS A 65 15.58 -13.77 -2.08
C LYS A 65 14.65 -14.03 -0.88
N ALA A 66 13.42 -13.49 -0.91
CA ALA A 66 12.50 -13.67 0.20
C ALA A 66 12.31 -15.13 0.55
N ALA A 67 12.10 -15.40 1.83
CA ALA A 67 11.93 -16.77 2.32
C ALA A 67 10.69 -16.88 3.20
N PRO A 68 10.21 -18.07 3.49
CA PRO A 68 8.99 -18.25 4.34
C PRO A 68 9.12 -17.58 5.70
N GLY A 69 8.01 -17.07 6.21
CA GLY A 69 7.99 -16.43 7.53
C GLY A 69 7.92 -14.91 7.46
N GLN A 70 8.18 -14.31 6.30
CA GLN A 70 8.13 -12.86 6.17
C GLN A 70 6.71 -12.40 5.84
N GLN A 71 6.40 -11.15 6.19
CA GLN A 71 5.06 -10.62 5.97
C GLN A 71 5.06 -9.52 4.91
N ILE A 72 3.94 -9.39 4.22
CA ILE A 72 3.76 -8.33 3.23
C ILE A 72 2.49 -7.55 3.55
N ILE A 73 2.55 -6.23 3.49
CA ILE A 73 1.39 -5.39 3.78
C ILE A 73 0.84 -4.78 2.49
N LEU A 74 -0.47 -4.89 2.32
CA LEU A 74 -1.15 -4.31 1.16
C LEU A 74 -2.19 -3.28 1.61
N PRO A 75 -1.87 -2.00 1.63
CA PRO A 75 -2.87 -0.95 1.99
C PRO A 75 -3.80 -0.61 0.83
N LEU A 76 -4.87 -1.39 0.70
CA LEU A 76 -5.82 -1.19 -0.40
C LEU A 76 -7.05 -0.43 0.08
N LYS A 77 -7.55 0.46 -0.77
CA LYS A 77 -8.75 1.23 -0.45
C LYS A 77 -9.81 1.03 -1.54
N LYS A 78 -11.05 0.74 -1.12
CA LYS A 78 -12.12 0.50 -2.07
C LYS A 78 -13.39 1.26 -1.66
N LEU A 79 -14.21 1.58 -2.65
CA LEU A 79 -15.49 2.25 -2.41
C LEU A 79 -16.64 1.43 -2.99
N PRO A 80 -17.12 0.42 -2.30
CA PRO A 80 -18.19 -0.47 -2.84
C PRO A 80 -19.50 0.27 -3.07
N PHE A 81 -19.77 1.26 -2.23
CA PHE A 81 -21.01 2.04 -2.36
C PHE A 81 -20.74 3.38 -3.03
N GLU A 82 -21.53 3.70 -4.05
CA GLU A 82 -21.39 4.96 -4.77
C GLU A 82 -22.68 5.77 -4.66
N TYR A 83 -22.56 7.08 -4.68
CA TYR A 83 -23.73 7.97 -4.58
C TYR A 83 -23.78 8.91 -5.78
N SER A 84 -24.92 8.92 -6.46
CA SER A 84 -25.08 9.73 -7.66
C SER A 84 -24.89 11.21 -7.38
N ALA A 85 -25.38 11.67 -6.23
CA ALA A 85 -25.28 13.09 -5.88
C ALA A 85 -23.83 13.55 -5.81
N LEU A 86 -22.93 12.66 -5.39
CA LEU A 86 -21.51 13.00 -5.28
C LEU A 86 -20.68 12.12 -6.23
N PRO A 87 -20.58 12.48 -7.49
CA PRO A 87 -19.79 11.68 -8.48
C PRO A 87 -18.30 11.98 -8.39
N LEU A 88 -17.61 11.30 -7.48
CA LEU A 88 -16.18 11.50 -7.31
C LEU A 88 -15.38 10.48 -8.12
N LEU A 89 -14.36 10.96 -8.82
CA LEU A 89 -13.51 10.09 -9.62
C LEU A 89 -12.15 9.89 -8.94
N GLY A 90 -11.74 8.63 -8.78
CA GLY A 90 -10.47 8.33 -8.15
C GLY A 90 -9.43 7.94 -9.19
N SER A 91 -9.81 7.07 -10.11
CA SER A 91 -8.89 6.62 -11.15
C SER A 91 -8.49 7.79 -12.04
N ALA A 92 -7.31 7.69 -12.64
CA ALA A 92 -6.81 8.74 -13.53
C ALA A 92 -6.39 8.16 -14.88
N PRO A 93 -7.32 7.88 -15.77
CA PRO A 93 -7.00 7.32 -17.12
C PRO A 93 -5.93 8.14 -17.82
N LEU A 94 -4.72 7.59 -17.92
CA LEU A 94 -3.62 8.29 -18.57
C LEU A 94 -3.99 8.66 -20.01
N VAL A 95 -4.69 7.76 -20.68
CA VAL A 95 -5.10 8.00 -22.08
C VAL A 95 -6.62 8.03 -22.17
N ALA A 96 -7.14 9.03 -22.89
CA ALA A 96 -8.58 9.17 -23.07
C ALA A 96 -8.99 8.72 -24.46
N ALA A 97 -10.20 8.16 -24.57
CA ALA A 97 -10.69 7.68 -25.86
C ALA A 97 -12.18 7.99 -26.01
N GLY A 98 -12.62 8.13 -27.24
CA GLY A 98 -14.03 8.41 -27.52
C GLY A 98 -14.51 7.65 -28.75
N GLY A 99 -15.82 7.65 -28.97
CA GLY A 99 -16.40 6.97 -30.12
C GLY A 99 -17.53 7.78 -30.73
N VAL A 100 -17.86 7.47 -31.98
CA VAL A 100 -18.94 8.17 -32.66
C VAL A 100 -19.85 7.17 -33.41
N ALA A 101 -21.15 7.42 -33.37
CA ALA A 101 -22.11 6.57 -34.07
C ALA A 101 -22.70 7.31 -35.26
N GLY A 102 -22.95 6.58 -36.35
CA GLY A 102 -23.52 7.17 -37.55
C GLY A 102 -24.91 6.62 -37.84
N HIS A 103 -25.09 5.32 -37.61
CA HIS A 103 -26.37 4.67 -37.86
C HIS A 103 -26.99 4.17 -36.56
N THR A 104 -28.30 4.36 -36.42
CA THR A 104 -29.01 3.94 -35.22
C THR A 104 -29.96 2.79 -35.52
N ASN A 105 -29.87 1.73 -34.73
CA ASN A 105 -30.75 0.57 -34.90
C ASN A 105 -32.21 0.95 -34.72
N GLY A 106 -32.47 1.88 -33.79
CA GLY A 106 -33.85 2.30 -33.53
C GLY A 106 -34.51 2.82 -34.79
N SER A 107 -35.49 2.06 -35.29
CA SER A 107 -36.20 2.44 -36.51
C SER A 107 -36.95 3.76 -36.35
N GLY A 108 -37.42 4.04 -35.13
CA GLY A 108 -38.19 5.25 -34.89
C GLY A 108 -37.43 6.50 -35.34
N SER A 109 -36.12 6.52 -35.07
CA SER A 109 -35.29 7.65 -35.45
C SER A 109 -35.28 7.85 -36.97
N GLU A 110 -35.33 6.75 -37.71
CA GLU A 110 -35.26 6.80 -39.17
C GLU A 110 -36.39 7.61 -39.79
N ASN A 111 -37.53 7.68 -39.10
CA ASN A 111 -38.71 8.35 -39.66
C ASN A 111 -38.39 9.74 -40.19
N LEU A 112 -38.71 9.96 -41.47
CA LEU A 112 -38.50 11.26 -42.10
C LEU A 112 -39.32 12.36 -41.42
N TYR A 113 -40.52 12.00 -40.97
CA TYR A 113 -41.41 12.97 -40.35
C TYR A 113 -40.73 13.71 -39.19
N PHE A 114 -39.85 13.00 -38.48
CA PHE A 114 -39.15 13.60 -37.35
C PHE A 114 -38.40 14.87 -37.78
N GLN A 115 -37.77 14.81 -38.95
CA GLN A 115 -37.04 15.96 -39.47
C GLN A 115 -36.85 15.83 -40.98
N MET A 1 -2.74 -13.27 24.05
CA MET A 1 -3.51 -13.79 22.89
C MET A 1 -4.83 -13.02 22.78
N ASN A 2 -5.42 -13.04 21.58
CA ASN A 2 -6.68 -12.34 21.36
C ASN A 2 -7.75 -12.79 22.36
N GLY A 3 -7.75 -14.08 22.69
CA GLY A 3 -8.72 -14.62 23.63
C GLY A 3 -10.14 -14.53 23.05
N GLU A 4 -11.03 -13.88 23.78
CA GLU A 4 -12.41 -13.74 23.34
C GLU A 4 -12.47 -13.05 21.98
N ASN A 5 -13.40 -13.49 21.13
CA ASN A 5 -13.55 -12.92 19.80
C ASN A 5 -14.82 -12.08 19.66
N TYR A 6 -15.32 -11.54 20.76
CA TYR A 6 -16.53 -10.71 20.74
C TYR A 6 -16.32 -9.42 19.93
N PHE A 7 -15.08 -8.93 19.86
CA PHE A 7 -14.79 -7.71 19.13
C PHE A 7 -15.28 -7.81 17.69
N LYS A 8 -15.16 -9.00 17.10
CA LYS A 8 -15.57 -9.20 15.71
C LYS A 8 -17.03 -8.80 15.52
N LEU A 9 -17.87 -9.12 16.50
CA LEU A 9 -19.29 -8.77 16.42
C LEU A 9 -19.47 -7.27 16.25
N GLY A 10 -18.66 -6.49 16.95
CA GLY A 10 -18.75 -5.03 16.87
C GLY A 10 -18.55 -4.55 15.44
N SER A 11 -17.67 -5.22 14.69
CA SER A 11 -17.39 -4.83 13.31
C SER A 11 -18.65 -4.80 12.46
N ASP A 12 -19.59 -5.71 12.75
CA ASP A 12 -20.81 -5.79 11.97
C ASP A 12 -21.54 -4.46 11.92
N SER A 13 -21.50 -3.72 13.03
CA SER A 13 -22.18 -2.43 13.11
C SER A 13 -21.18 -1.30 13.35
N LYS A 14 -21.47 -0.14 12.79
CA LYS A 14 -20.59 1.02 12.96
C LYS A 14 -21.42 2.27 13.27
N LEU A 15 -21.13 2.89 14.41
CA LEU A 15 -21.90 4.05 14.85
C LEU A 15 -21.80 5.21 13.86
N LEU A 16 -20.62 5.38 13.27
CA LEU A 16 -20.41 6.48 12.35
C LEU A 16 -20.68 6.06 10.91
N THR A 17 -21.35 6.92 10.16
CA THR A 17 -21.64 6.63 8.75
C THR A 17 -20.36 6.69 7.90
N HIS A 18 -19.45 7.59 8.26
CA HIS A 18 -18.19 7.73 7.52
C HIS A 18 -17.00 7.36 8.40
N ASN A 19 -16.08 6.58 7.85
CA ASN A 19 -14.90 6.16 8.59
C ASN A 19 -13.66 6.90 8.09
N SER A 20 -13.08 7.72 8.97
CA SER A 20 -11.88 8.48 8.62
C SER A 20 -10.60 7.63 8.64
N TYR A 21 -10.68 6.39 9.10
CA TYR A 21 -9.50 5.53 9.19
C TYR A 21 -9.55 4.43 8.13
N GLN A 22 -8.40 4.12 7.55
CA GLN A 22 -8.31 3.09 6.52
C GLN A 22 -7.59 1.86 7.07
N ASN A 23 -7.96 0.69 6.55
CA ASN A 23 -7.35 -0.56 6.99
C ASN A 23 -6.54 -1.19 5.87
N ARG A 24 -5.75 -2.21 6.21
CA ARG A 24 -4.91 -2.87 5.23
C ARG A 24 -4.83 -4.37 5.51
N LEU A 25 -4.44 -5.16 4.51
CA LEU A 25 -4.44 -6.62 4.63
C LEU A 25 -3.02 -7.16 4.73
N PHE A 26 -2.78 -8.00 5.73
CA PHE A 26 -1.48 -8.65 5.88
C PHE A 26 -1.51 -10.04 5.26
N TYR A 27 -0.51 -10.35 4.43
CA TYR A 27 -0.39 -11.69 3.86
C TYR A 27 0.94 -12.31 4.26
N THR A 28 0.95 -13.61 4.54
CA THR A 28 2.16 -14.28 5.00
C THR A 28 2.78 -15.11 3.88
N LEU A 29 4.10 -15.12 3.82
CA LEU A 29 4.82 -15.89 2.81
C LEU A 29 5.01 -17.34 3.27
N LYS A 30 4.66 -18.27 2.39
CA LYS A 30 4.78 -19.69 2.69
C LYS A 30 5.55 -20.40 1.59
N THR A 31 6.37 -21.39 1.97
CA THR A 31 7.20 -22.10 1.01
C THR A 31 6.37 -22.64 -0.16
N GLY A 32 6.89 -22.46 -1.37
CA GLY A 32 6.19 -22.92 -2.57
C GLY A 32 5.64 -21.75 -3.40
N GLU A 33 5.32 -20.62 -2.75
CA GLU A 33 4.80 -19.46 -3.46
C GLU A 33 5.82 -18.32 -3.41
N THR A 34 5.86 -17.53 -4.49
CA THR A 34 6.83 -16.44 -4.60
C THR A 34 6.10 -15.08 -4.61
N VAL A 35 6.85 -14.03 -4.29
CA VAL A 35 6.29 -12.69 -4.27
C VAL A 35 5.70 -12.34 -5.64
N ALA A 36 6.43 -12.71 -6.70
CA ALA A 36 5.97 -12.43 -8.05
C ALA A 36 4.61 -13.10 -8.31
N ASP A 37 4.44 -14.31 -7.79
CA ASP A 37 3.18 -15.03 -7.98
C ASP A 37 2.02 -14.24 -7.41
N LEU A 38 2.21 -13.71 -6.20
CA LEU A 38 1.17 -12.91 -5.56
C LEU A 38 0.81 -11.71 -6.43
N SER A 39 1.82 -11.05 -6.96
CA SER A 39 1.62 -9.85 -7.75
C SER A 39 0.75 -10.15 -8.97
N LYS A 40 1.03 -11.27 -9.64
CA LYS A 40 0.28 -11.63 -10.84
C LYS A 40 -1.19 -11.87 -10.52
N SER A 41 -1.47 -12.60 -9.45
CA SER A 41 -2.83 -12.94 -9.09
C SER A 41 -3.65 -11.69 -8.80
N GLN A 42 -3.06 -10.75 -8.07
CA GLN A 42 -3.76 -9.52 -7.70
C GLN A 42 -3.76 -8.45 -8.80
N ASP A 43 -3.15 -8.74 -9.95
CA ASP A 43 -3.10 -7.77 -11.05
C ASP A 43 -2.42 -6.48 -10.59
N ILE A 44 -1.35 -6.63 -9.83
CA ILE A 44 -0.59 -5.48 -9.33
C ILE A 44 0.82 -5.50 -9.93
N ASN A 45 1.38 -4.31 -10.14
CA ASN A 45 2.72 -4.22 -10.71
C ASN A 45 3.78 -4.34 -9.61
N LEU A 46 4.86 -5.06 -9.92
CA LEU A 46 5.93 -5.26 -8.94
C LEU A 46 6.47 -3.92 -8.45
N SER A 47 6.56 -2.94 -9.35
CA SER A 47 7.06 -1.62 -8.98
C SER A 47 6.19 -1.02 -7.87
N THR A 48 4.88 -1.15 -8.01
CA THR A 48 3.95 -0.61 -7.02
C THR A 48 4.19 -1.25 -5.66
N ILE A 49 4.36 -2.57 -5.66
CA ILE A 49 4.56 -3.30 -4.41
C ILE A 49 5.78 -2.75 -3.67
N TRP A 50 6.85 -2.54 -4.42
CA TRP A 50 8.08 -2.01 -3.83
C TRP A 50 7.84 -0.65 -3.18
N SER A 51 7.17 0.24 -3.89
CA SER A 51 6.97 1.60 -3.40
C SER A 51 6.31 1.60 -2.02
N LEU A 52 5.35 0.70 -1.81
CA LEU A 52 4.68 0.60 -0.52
C LEU A 52 5.58 -0.01 0.55
N ASN A 53 6.17 -1.17 0.24
CA ASN A 53 6.93 -1.91 1.24
C ASN A 53 8.40 -1.48 1.33
N LYS A 54 8.80 -0.42 0.66
CA LYS A 54 10.17 0.08 0.76
C LYS A 54 10.63 0.24 2.21
N HIS A 55 9.69 0.50 3.12
CA HIS A 55 10.04 0.67 4.52
C HIS A 55 10.34 -0.68 5.19
N LEU A 56 9.60 -1.72 4.80
CA LEU A 56 9.80 -3.04 5.38
C LEU A 56 11.15 -3.64 4.98
N TYR A 57 11.53 -3.45 3.72
CA TYR A 57 12.78 -4.02 3.21
C TYR A 57 13.78 -2.91 2.87
N SER A 58 15.06 -3.22 3.03
CA SER A 58 16.11 -2.23 2.81
C SER A 58 16.37 -2.02 1.32
N SER A 59 16.32 -3.10 0.55
CA SER A 59 16.64 -3.01 -0.87
C SER A 59 15.84 -4.04 -1.68
N GLU A 60 15.90 -3.90 -3.00
CA GLU A 60 15.18 -4.81 -3.90
C GLU A 60 15.70 -6.23 -3.79
N SER A 61 17.02 -6.38 -3.58
CA SER A 61 17.63 -7.71 -3.52
C SER A 61 16.96 -8.56 -2.44
N GLU A 62 16.70 -7.96 -1.30
CA GLU A 62 16.07 -8.68 -0.19
C GLU A 62 14.70 -9.20 -0.57
N MET A 63 13.95 -8.44 -1.37
CA MET A 63 12.64 -8.87 -1.80
C MET A 63 12.73 -10.10 -2.71
N MET A 64 13.63 -10.04 -3.69
CA MET A 64 13.77 -11.14 -4.64
C MET A 64 14.14 -12.44 -3.93
N LYS A 65 14.96 -12.34 -2.89
CA LYS A 65 15.41 -13.53 -2.16
C LYS A 65 14.49 -13.86 -0.98
N ALA A 66 13.28 -13.31 -0.93
CA ALA A 66 12.36 -13.55 0.17
C ALA A 66 12.15 -15.05 0.39
N ALA A 67 12.01 -15.43 1.66
CA ALA A 67 11.82 -16.82 2.03
C ALA A 67 10.63 -16.97 2.99
N PRO A 68 10.17 -18.18 3.26
CA PRO A 68 9.00 -18.38 4.16
C PRO A 68 9.20 -17.74 5.53
N GLY A 69 8.10 -17.26 6.11
CA GLY A 69 8.16 -16.65 7.45
C GLY A 69 8.08 -15.12 7.42
N GLN A 70 8.36 -14.51 6.27
CA GLN A 70 8.33 -13.05 6.17
C GLN A 70 6.93 -12.56 5.85
N GLN A 71 6.66 -11.29 6.19
CA GLN A 71 5.32 -10.73 5.98
C GLN A 71 5.35 -9.65 4.89
N ILE A 72 4.23 -9.54 4.18
CA ILE A 72 4.06 -8.50 3.18
C ILE A 72 2.77 -7.73 3.48
N ILE A 73 2.84 -6.40 3.35
CA ILE A 73 1.66 -5.57 3.61
C ILE A 73 1.09 -5.03 2.30
N LEU A 74 -0.23 -5.15 2.15
CA LEU A 74 -0.92 -4.64 0.98
C LEU A 74 -2.00 -3.64 1.40
N PRO A 75 -1.71 -2.35 1.40
CA PRO A 75 -2.76 -1.34 1.73
C PRO A 75 -3.71 -1.10 0.55
N LEU A 76 -4.92 -1.62 0.66
CA LEU A 76 -5.90 -1.49 -0.41
C LEU A 76 -6.86 -0.34 -0.13
N LYS A 77 -7.02 0.54 -1.12
CA LYS A 77 -7.93 1.68 -0.99
C LYS A 77 -9.05 1.59 -2.01
N LYS A 78 -10.28 1.84 -1.55
CA LYS A 78 -11.43 1.83 -2.44
C LYS A 78 -11.87 3.25 -2.78
N LEU A 79 -12.29 3.46 -4.02
CA LEU A 79 -12.73 4.78 -4.46
C LEU A 79 -14.10 4.70 -5.13
N PRO A 80 -15.18 4.64 -4.37
CA PRO A 80 -16.56 4.62 -4.94
C PRO A 80 -17.05 6.02 -5.29
N PHE A 81 -17.55 6.20 -6.51
CA PHE A 81 -18.02 7.50 -6.94
C PHE A 81 -19.36 7.38 -7.67
N GLU A 82 -20.12 8.48 -7.68
CA GLU A 82 -21.40 8.51 -8.38
C GLU A 82 -21.47 9.72 -9.31
N TYR A 83 -21.98 9.50 -10.51
CA TYR A 83 -22.12 10.59 -11.48
C TYR A 83 -23.17 11.60 -11.02
N SER A 84 -24.27 11.09 -10.47
CA SER A 84 -25.35 11.95 -10.00
C SER A 84 -24.91 12.82 -8.83
N ALA A 85 -24.02 12.32 -8.00
CA ALA A 85 -23.56 13.05 -6.81
C ALA A 85 -22.13 13.58 -7.02
N LEU A 86 -21.80 14.64 -6.30
CA LEU A 86 -20.46 15.22 -6.38
C LEU A 86 -19.81 15.24 -4.99
N PRO A 87 -19.30 14.12 -4.53
CA PRO A 87 -18.66 14.05 -3.17
C PRO A 87 -17.57 15.11 -3.00
N LEU A 88 -17.75 15.98 -2.01
CA LEU A 88 -16.76 17.01 -1.72
C LEU A 88 -15.40 16.41 -1.39
N LEU A 89 -15.42 15.27 -0.69
CA LEU A 89 -14.18 14.59 -0.31
C LEU A 89 -13.32 14.27 -1.53
N GLY A 90 -13.97 13.93 -2.64
CA GLY A 90 -13.26 13.59 -3.86
C GLY A 90 -12.24 14.66 -4.25
N SER A 91 -12.56 15.92 -3.98
CA SER A 91 -11.67 17.02 -4.29
C SER A 91 -10.37 16.91 -3.50
N ALA A 92 -9.27 17.38 -4.08
CA ALA A 92 -7.97 17.32 -3.43
C ALA A 92 -7.35 18.72 -3.32
N PRO A 93 -7.73 19.50 -2.33
CA PRO A 93 -7.17 20.88 -2.17
C PRO A 93 -5.65 20.93 -2.33
N LEU A 94 -4.98 19.79 -2.11
CA LEU A 94 -3.53 19.75 -2.21
C LEU A 94 -3.09 19.53 -3.65
N VAL A 95 -2.11 20.32 -4.09
CA VAL A 95 -1.59 20.20 -5.45
C VAL A 95 -0.88 18.85 -5.63
N ALA A 96 -0.15 18.42 -4.60
CA ALA A 96 0.60 17.17 -4.68
C ALA A 96 -0.33 15.99 -4.98
N ALA A 97 -1.55 16.03 -4.42
CA ALA A 97 -2.50 14.96 -4.66
C ALA A 97 -2.83 14.83 -6.14
N GLY A 98 -2.93 15.96 -6.83
CA GLY A 98 -3.22 15.96 -8.26
C GLY A 98 -1.95 15.83 -9.08
N GLY A 99 -2.10 15.88 -10.40
CA GLY A 99 -0.95 15.79 -11.29
C GLY A 99 -1.39 15.60 -12.74
N VAL A 100 -0.96 16.52 -13.61
CA VAL A 100 -1.32 16.44 -15.02
C VAL A 100 -0.04 16.38 -15.87
N ALA A 101 -0.04 15.50 -16.86
CA ALA A 101 1.11 15.34 -17.75
C ALA A 101 0.82 15.98 -19.11
N GLY A 102 1.87 16.51 -19.74
CA GLY A 102 1.72 17.15 -21.04
C GLY A 102 2.29 18.57 -21.01
N HIS A 103 1.40 19.54 -20.81
CA HIS A 103 1.82 20.94 -20.75
C HIS A 103 2.93 21.15 -19.73
N THR A 104 2.85 20.43 -18.60
CA THR A 104 3.84 20.56 -17.55
C THR A 104 5.25 20.32 -18.09
N ASN A 105 5.38 19.35 -18.99
CA ASN A 105 6.68 19.03 -19.56
C ASN A 105 6.88 19.74 -20.90
N GLY A 106 7.65 20.83 -20.87
CA GLY A 106 7.92 21.59 -22.08
C GLY A 106 8.62 20.73 -23.14
N SER A 107 9.46 19.80 -22.70
CA SER A 107 10.21 18.96 -23.62
C SER A 107 9.28 18.22 -24.59
N GLY A 108 8.10 17.84 -24.11
CA GLY A 108 7.15 17.11 -24.94
C GLY A 108 6.84 17.88 -26.22
N SER A 109 6.73 19.19 -26.11
CA SER A 109 6.44 20.04 -27.27
C SER A 109 7.57 19.96 -28.31
N GLU A 110 8.80 19.79 -27.84
CA GLU A 110 9.95 19.72 -28.75
C GLU A 110 9.82 18.54 -29.71
N ASN A 111 9.24 17.43 -29.25
CA ASN A 111 9.10 16.24 -30.09
C ASN A 111 8.38 16.57 -31.40
N LEU A 112 7.41 17.47 -31.33
CA LEU A 112 6.68 17.87 -32.53
C LEU A 112 7.22 19.19 -33.08
N TYR A 113 7.35 19.27 -34.40
CA TYR A 113 7.86 20.48 -35.04
C TYR A 113 6.90 20.97 -36.13
N PHE A 114 6.64 22.27 -36.13
CA PHE A 114 5.75 22.86 -37.14
C PHE A 114 6.35 22.75 -38.54
N GLN A 115 7.67 22.93 -38.63
CA GLN A 115 8.34 22.87 -39.92
C GLN A 115 8.19 21.49 -40.56
N MET A 1 -20.93 12.56 17.87
CA MET A 1 -20.61 11.12 18.13
C MET A 1 -20.82 10.82 19.62
N ASN A 2 -21.90 10.10 19.93
CA ASN A 2 -22.20 9.76 21.31
C ASN A 2 -21.03 9.01 21.95
N GLY A 3 -20.40 8.12 21.19
CA GLY A 3 -19.24 7.40 21.68
C GLY A 3 -19.64 6.37 22.73
N GLU A 4 -20.75 5.68 22.50
CA GLU A 4 -21.23 4.68 23.44
C GLU A 4 -20.22 3.55 23.60
N ASN A 5 -19.56 3.17 22.51
CA ASN A 5 -18.57 2.10 22.56
C ASN A 5 -17.15 2.59 22.90
N TYR A 6 -17.00 3.86 23.28
CA TYR A 6 -15.69 4.41 23.59
C TYR A 6 -15.02 3.62 24.73
N PHE A 7 -15.82 3.24 25.73
CA PHE A 7 -15.26 2.56 26.88
C PHE A 7 -14.57 1.26 26.49
N LYS A 8 -15.17 0.54 25.54
CA LYS A 8 -14.61 -0.74 25.11
C LYS A 8 -13.59 -0.53 23.99
N LEU A 9 -12.39 -1.05 24.19
CA LEU A 9 -11.33 -0.97 23.18
C LEU A 9 -11.12 -2.34 22.54
N GLY A 10 -10.89 -2.36 21.24
CA GLY A 10 -10.68 -3.61 20.53
C GLY A 10 -9.42 -3.55 19.67
N SER A 11 -9.23 -2.43 18.98
CA SER A 11 -8.08 -2.26 18.10
C SER A 11 -7.20 -1.10 18.57
N ASP A 12 -5.89 -1.27 18.41
CA ASP A 12 -4.94 -0.21 18.78
C ASP A 12 -4.53 0.67 17.60
N SER A 13 -5.23 0.55 16.46
CA SER A 13 -4.89 1.36 15.29
C SER A 13 -4.98 2.85 15.58
N LYS A 14 -5.94 3.23 16.41
CA LYS A 14 -6.13 4.65 16.74
C LYS A 14 -4.94 5.18 17.54
N LEU A 15 -4.44 6.34 17.15
CA LEU A 15 -3.32 6.96 17.83
C LEU A 15 -3.35 8.47 17.63
N LEU A 16 -3.07 8.92 16.41
CA LEU A 16 -3.10 10.34 16.10
C LEU A 16 -4.42 10.71 15.41
N THR A 17 -5.05 11.77 15.90
CA THR A 17 -6.31 12.22 15.33
C THR A 17 -6.12 12.66 13.87
N HIS A 18 -5.01 13.34 13.60
CA HIS A 18 -4.75 13.85 12.26
C HIS A 18 -4.73 12.71 11.24
N ASN A 19 -4.02 11.64 11.57
CA ASN A 19 -3.90 10.49 10.67
C ASN A 19 -4.63 9.28 11.22
N SER A 20 -5.59 8.76 10.45
CA SER A 20 -6.36 7.59 10.88
C SER A 20 -6.39 6.54 9.77
N TYR A 21 -6.40 5.27 10.17
CA TYR A 21 -6.50 4.16 9.22
C TYR A 21 -7.37 3.05 9.80
N GLN A 22 -7.89 2.19 8.94
CA GLN A 22 -8.80 1.13 9.38
C GLN A 22 -8.57 -0.17 8.61
N ASN A 23 -8.71 -0.10 7.28
CA ASN A 23 -8.67 -1.31 6.47
C ASN A 23 -7.30 -1.54 5.85
N ARG A 24 -6.68 -2.66 6.22
CA ARG A 24 -5.43 -3.08 5.62
C ARG A 24 -5.34 -4.61 5.61
N LEU A 25 -4.69 -5.19 4.61
CA LEU A 25 -4.64 -6.64 4.47
C LEU A 25 -3.24 -7.18 4.74
N PHE A 26 -3.15 -8.15 5.66
CA PHE A 26 -1.88 -8.82 5.91
C PHE A 26 -1.81 -10.13 5.13
N TYR A 27 -0.70 -10.38 4.44
CA TYR A 27 -0.48 -11.64 3.77
C TYR A 27 0.83 -12.26 4.22
N THR A 28 0.87 -13.58 4.34
CA THR A 28 2.07 -14.27 4.83
C THR A 28 2.74 -15.07 3.70
N LEU A 29 4.06 -15.08 3.70
CA LEU A 29 4.83 -15.81 2.70
C LEU A 29 5.05 -17.26 3.14
N LYS A 30 4.71 -18.19 2.25
CA LYS A 30 4.87 -19.61 2.54
C LYS A 30 5.72 -20.29 1.48
N THR A 31 6.50 -21.29 1.89
CA THR A 31 7.39 -21.99 0.96
C THR A 31 6.61 -22.53 -0.24
N GLY A 32 7.17 -22.36 -1.43
CA GLY A 32 6.53 -22.83 -2.66
C GLY A 32 5.99 -21.67 -3.50
N GLU A 33 5.66 -20.55 -2.86
CA GLU A 33 5.13 -19.39 -3.58
C GLU A 33 6.16 -18.26 -3.59
N THR A 34 6.18 -17.50 -4.68
CA THR A 34 7.13 -16.39 -4.82
C THR A 34 6.40 -15.06 -4.86
N VAL A 35 7.14 -13.98 -4.61
CA VAL A 35 6.55 -12.64 -4.61
C VAL A 35 5.89 -12.35 -5.95
N ALA A 36 6.57 -12.74 -7.03
CA ALA A 36 6.04 -12.50 -8.36
C ALA A 36 4.69 -13.19 -8.55
N ASP A 37 4.55 -14.40 -8.00
CA ASP A 37 3.30 -15.14 -8.13
C ASP A 37 2.15 -14.34 -7.49
N LEU A 38 2.40 -13.81 -6.30
CA LEU A 38 1.40 -13.02 -5.61
C LEU A 38 0.97 -11.83 -6.47
N SER A 39 1.95 -11.17 -7.07
CA SER A 39 1.69 -9.98 -7.88
C SER A 39 0.75 -10.31 -9.03
N LYS A 40 0.99 -11.44 -9.68
CA LYS A 40 0.18 -11.83 -10.83
C LYS A 40 -1.28 -12.05 -10.43
N SER A 41 -1.49 -12.78 -9.34
CA SER A 41 -2.83 -13.11 -8.90
C SER A 41 -3.63 -11.84 -8.57
N GLN A 42 -2.97 -10.91 -7.87
CA GLN A 42 -3.63 -9.67 -7.47
C GLN A 42 -3.74 -8.64 -8.60
N ASP A 43 -3.15 -8.92 -9.77
CA ASP A 43 -3.18 -7.98 -10.88
C ASP A 43 -2.53 -6.66 -10.47
N ILE A 44 -1.41 -6.75 -9.76
CA ILE A 44 -0.69 -5.58 -9.29
C ILE A 44 0.71 -5.56 -9.92
N ASN A 45 1.25 -4.36 -10.12
CA ASN A 45 2.57 -4.23 -10.72
C ASN A 45 3.65 -4.37 -9.65
N LEU A 46 4.73 -5.06 -9.98
CA LEU A 46 5.82 -5.26 -9.03
C LEU A 46 6.35 -3.92 -8.51
N SER A 47 6.41 -2.93 -9.40
CA SER A 47 6.90 -1.61 -9.01
C SER A 47 6.06 -1.05 -7.88
N THR A 48 4.74 -1.19 -8.00
CA THR A 48 3.83 -0.67 -6.98
C THR A 48 4.08 -1.34 -5.63
N ILE A 49 4.25 -2.66 -5.65
CA ILE A 49 4.46 -3.41 -4.42
C ILE A 49 5.69 -2.88 -3.68
N TRP A 50 6.76 -2.67 -4.43
CA TRP A 50 8.00 -2.15 -3.84
C TRP A 50 7.77 -0.79 -3.19
N SER A 51 7.10 0.11 -3.91
CA SER A 51 6.92 1.48 -3.42
C SER A 51 6.28 1.49 -2.03
N LEU A 52 5.32 0.60 -1.81
CA LEU A 52 4.65 0.54 -0.51
C LEU A 52 5.54 -0.09 0.55
N ASN A 53 6.07 -1.28 0.28
CA ASN A 53 6.85 -2.01 1.29
C ASN A 53 8.34 -1.64 1.29
N LYS A 54 8.74 -0.62 0.53
CA LYS A 54 10.13 -0.18 0.53
C LYS A 54 10.66 0.08 1.94
N HIS A 55 9.78 0.49 2.85
CA HIS A 55 10.20 0.76 4.23
C HIS A 55 10.45 -0.55 4.99
N LEU A 56 9.66 -1.58 4.70
CA LEU A 56 9.80 -2.86 5.39
C LEU A 56 11.13 -3.53 5.04
N TYR A 57 11.52 -3.45 3.77
CA TYR A 57 12.76 -4.08 3.31
C TYR A 57 13.81 -3.04 2.95
N SER A 58 15.08 -3.40 3.17
CA SER A 58 16.17 -2.47 2.96
C SER A 58 16.39 -2.18 1.47
N SER A 59 16.30 -3.22 0.65
CA SER A 59 16.57 -3.07 -0.78
C SER A 59 15.80 -4.09 -1.60
N GLU A 60 15.82 -3.89 -2.93
CA GLU A 60 15.11 -4.79 -3.84
C GLU A 60 15.64 -6.22 -3.74
N SER A 61 16.95 -6.35 -3.53
CA SER A 61 17.58 -7.67 -3.48
C SER A 61 16.91 -8.56 -2.44
N GLU A 62 16.62 -7.98 -1.28
CA GLU A 62 16.01 -8.75 -0.20
C GLU A 62 14.64 -9.28 -0.61
N MET A 63 13.89 -8.50 -1.39
CA MET A 63 12.58 -8.94 -1.86
C MET A 63 12.71 -10.15 -2.79
N MET A 64 13.64 -10.06 -3.73
CA MET A 64 13.84 -11.16 -4.68
C MET A 64 14.20 -12.46 -3.97
N LYS A 65 14.99 -12.35 -2.91
CA LYS A 65 15.43 -13.53 -2.16
C LYS A 65 14.50 -13.86 -0.98
N ALA A 66 13.28 -13.33 -0.97
CA ALA A 66 12.35 -13.56 0.13
C ALA A 66 12.18 -15.06 0.40
N ALA A 67 12.03 -15.39 1.68
CA ALA A 67 11.88 -16.78 2.10
C ALA A 67 10.67 -16.95 3.01
N PRO A 68 10.26 -18.16 3.31
CA PRO A 68 9.06 -18.40 4.18
C PRO A 68 9.19 -17.75 5.55
N GLY A 69 8.07 -17.29 6.10
CA GLY A 69 8.06 -16.70 7.44
C GLY A 69 7.99 -15.17 7.43
N GLN A 70 8.25 -14.54 6.30
CA GLN A 70 8.22 -13.08 6.23
C GLN A 70 6.81 -12.58 5.93
N GLN A 71 6.53 -11.34 6.32
CA GLN A 71 5.20 -10.77 6.13
C GLN A 71 5.22 -9.64 5.11
N ILE A 72 4.08 -9.48 4.42
CA ILE A 72 3.90 -8.40 3.46
C ILE A 72 2.62 -7.62 3.79
N ILE A 73 2.68 -6.30 3.69
CA ILE A 73 1.51 -5.47 3.97
C ILE A 73 0.94 -4.92 2.66
N LEU A 74 -0.39 -4.99 2.53
CA LEU A 74 -1.08 -4.48 1.36
C LEU A 74 -2.03 -3.34 1.76
N PRO A 75 -1.61 -2.10 1.69
CA PRO A 75 -2.52 -0.95 1.94
C PRO A 75 -3.25 -0.51 0.67
N LEU A 76 -4.58 -0.48 0.73
CA LEU A 76 -5.38 -0.11 -0.42
C LEU A 76 -5.83 1.34 -0.32
N LYS A 77 -5.49 2.13 -1.34
CA LYS A 77 -5.82 3.56 -1.35
C LYS A 77 -7.33 3.79 -1.31
N LYS A 78 -8.08 2.91 -1.94
CA LYS A 78 -9.54 3.09 -2.02
C LYS A 78 -10.15 3.21 -0.64
N LEU A 79 -11.23 3.97 -0.54
CA LEU A 79 -11.90 4.20 0.75
C LEU A 79 -13.38 3.80 0.65
N PRO A 80 -13.70 2.54 0.84
CA PRO A 80 -15.12 2.07 0.74
C PRO A 80 -16.11 2.99 1.46
N PHE A 81 -15.62 3.73 2.46
CA PHE A 81 -16.49 4.63 3.23
C PHE A 81 -16.21 6.09 2.86
N GLU A 82 -17.27 6.88 2.79
CA GLU A 82 -17.14 8.27 2.39
C GLU A 82 -16.98 9.23 3.59
N TYR A 83 -16.63 8.70 4.76
CA TYR A 83 -16.45 9.54 5.94
C TYR A 83 -15.42 10.63 5.67
N SER A 84 -14.37 10.31 4.92
CA SER A 84 -13.30 11.26 4.65
C SER A 84 -13.85 12.49 3.92
N ALA A 85 -13.44 13.66 4.39
CA ALA A 85 -13.85 14.92 3.76
C ALA A 85 -13.16 15.11 2.41
N LEU A 86 -11.92 14.63 2.28
CA LEU A 86 -11.16 14.80 1.05
C LEU A 86 -10.83 13.43 0.43
N PRO A 87 -11.76 12.81 -0.25
CA PRO A 87 -11.50 11.47 -0.90
C PRO A 87 -10.36 11.53 -1.91
N LEU A 88 -9.33 10.73 -1.68
CA LEU A 88 -8.21 10.67 -2.61
C LEU A 88 -8.69 10.28 -4.01
N LEU A 89 -9.64 9.34 -4.07
CA LEU A 89 -10.18 8.89 -5.34
C LEU A 89 -10.78 10.06 -6.12
N GLY A 90 -11.36 11.02 -5.41
CA GLY A 90 -12.01 12.17 -6.06
C GLY A 90 -11.07 12.84 -7.07
N SER A 91 -9.77 12.83 -6.79
CA SER A 91 -8.78 13.43 -7.69
C SER A 91 -7.91 12.36 -8.32
N ALA A 92 -7.50 12.58 -9.56
CA ALA A 92 -6.66 11.64 -10.29
C ALA A 92 -5.42 12.33 -10.86
N PRO A 93 -4.36 12.47 -10.09
CA PRO A 93 -3.11 13.14 -10.59
C PRO A 93 -2.49 12.37 -11.77
N LEU A 94 -2.63 11.05 -11.74
CA LEU A 94 -2.08 10.22 -12.82
C LEU A 94 -3.16 9.91 -13.84
N VAL A 95 -2.82 10.08 -15.12
CA VAL A 95 -3.76 9.80 -16.20
C VAL A 95 -4.10 8.31 -16.21
N ALA A 96 -3.09 7.46 -16.02
CA ALA A 96 -3.30 6.02 -16.02
C ALA A 96 -4.18 5.61 -14.85
N ALA A 97 -5.06 4.63 -15.07
CA ALA A 97 -5.95 4.16 -14.02
C ALA A 97 -6.20 2.66 -14.17
N GLY A 98 -6.46 2.00 -13.04
CA GLY A 98 -6.75 0.56 -13.04
C GLY A 98 -8.20 0.29 -12.69
N GLY A 99 -9.10 1.16 -13.14
CA GLY A 99 -10.53 1.00 -12.85
C GLY A 99 -11.27 0.44 -14.07
N VAL A 100 -10.63 -0.50 -14.77
CA VAL A 100 -11.23 -1.10 -15.95
C VAL A 100 -11.19 -2.62 -15.84
N ALA A 101 -12.10 -3.27 -16.57
CA ALA A 101 -12.16 -4.74 -16.55
C ALA A 101 -12.54 -5.27 -17.94
N GLY A 102 -12.04 -6.46 -18.25
CA GLY A 102 -12.35 -7.09 -19.54
C GLY A 102 -13.29 -8.28 -19.37
N HIS A 103 -14.21 -8.18 -18.41
CA HIS A 103 -15.18 -9.25 -18.16
C HIS A 103 -16.01 -9.52 -19.41
N THR A 104 -16.39 -8.46 -20.12
CA THR A 104 -17.22 -8.59 -21.30
C THR A 104 -16.57 -9.53 -22.33
N ASN A 105 -15.27 -9.42 -22.48
CA ASN A 105 -14.54 -10.27 -23.42
C ASN A 105 -13.80 -11.39 -22.68
N GLY A 106 -14.06 -12.63 -23.08
CA GLY A 106 -13.41 -13.77 -22.45
C GLY A 106 -11.89 -13.67 -22.55
N SER A 107 -11.40 -13.18 -23.69
CA SER A 107 -9.97 -13.06 -23.90
C SER A 107 -9.33 -12.18 -22.82
N GLY A 108 -10.03 -11.11 -22.44
CA GLY A 108 -9.53 -10.21 -21.41
C GLY A 108 -8.34 -9.39 -21.91
N SER A 109 -8.38 -9.00 -23.18
CA SER A 109 -7.30 -8.22 -23.77
C SER A 109 -7.09 -6.92 -23.00
N GLU A 110 -8.19 -6.30 -22.56
CA GLU A 110 -8.10 -5.06 -21.80
C GLU A 110 -7.35 -5.26 -20.49
N ASN A 111 -7.51 -6.42 -19.86
CA ASN A 111 -6.87 -6.71 -18.59
C ASN A 111 -5.35 -6.51 -18.69
N LEU A 112 -4.78 -6.88 -19.83
CA LEU A 112 -3.34 -6.75 -20.03
C LEU A 112 -3.00 -5.45 -20.76
N TYR A 113 -2.10 -4.67 -20.16
CA TYR A 113 -1.72 -3.38 -20.74
C TYR A 113 -1.13 -3.56 -22.14
N PHE A 114 -0.32 -4.59 -22.30
CA PHE A 114 0.32 -4.85 -23.59
C PHE A 114 -0.48 -5.87 -24.40
N GLN A 115 -0.73 -5.56 -25.66
CA GLN A 115 -1.49 -6.45 -26.53
C GLN A 115 -0.81 -7.82 -26.62
N MET A 1 -13.43 -1.65 -26.49
CA MET A 1 -14.55 -0.73 -26.11
C MET A 1 -15.32 -1.36 -24.93
N ASN A 2 -15.26 -0.70 -23.78
CA ASN A 2 -15.94 -1.18 -22.59
C ASN A 2 -17.25 -0.43 -22.37
N GLY A 3 -18.36 -1.15 -22.41
CA GLY A 3 -19.67 -0.55 -22.21
C GLY A 3 -19.99 -0.42 -20.73
N GLU A 4 -21.19 0.07 -20.43
CA GLU A 4 -21.62 0.23 -19.05
C GLU A 4 -23.14 0.25 -18.95
N ASN A 5 -23.76 -0.89 -19.21
CA ASN A 5 -25.21 -1.01 -19.15
C ASN A 5 -25.73 -0.60 -17.78
N TYR A 6 -25.01 -0.96 -16.73
CA TYR A 6 -25.41 -0.62 -15.37
C TYR A 6 -25.17 0.87 -15.09
N PHE A 7 -26.25 1.57 -14.74
CA PHE A 7 -26.16 3.00 -14.44
C PHE A 7 -26.52 3.26 -12.98
N LYS A 8 -27.65 2.69 -12.54
CA LYS A 8 -28.11 2.90 -11.17
C LYS A 8 -27.07 2.43 -10.16
N LEU A 9 -26.42 1.32 -10.47
CA LEU A 9 -25.40 0.77 -9.56
C LEU A 9 -24.31 1.81 -9.32
N GLY A 10 -23.90 2.49 -10.38
CA GLY A 10 -22.88 3.53 -10.27
C GLY A 10 -21.59 3.00 -9.63
N SER A 11 -21.28 1.73 -9.85
CA SER A 11 -20.08 1.14 -9.29
C SER A 11 -19.45 0.14 -10.26
N ASP A 12 -18.15 0.29 -10.49
CA ASP A 12 -17.42 -0.63 -11.36
C ASP A 12 -17.42 -2.04 -10.78
N SER A 13 -17.31 -2.15 -9.47
CA SER A 13 -17.25 -3.46 -8.82
C SER A 13 -18.46 -3.68 -7.90
N LYS A 14 -19.03 -4.88 -7.99
CA LYS A 14 -20.14 -5.25 -7.12
C LYS A 14 -19.70 -5.29 -5.67
N LEU A 15 -18.48 -5.77 -5.42
CA LEU A 15 -17.94 -5.84 -4.07
C LEU A 15 -17.15 -4.57 -3.77
N LEU A 16 -17.50 -3.91 -2.66
CA LEU A 16 -16.84 -2.66 -2.30
C LEU A 16 -15.80 -2.87 -1.21
N THR A 17 -14.62 -2.30 -1.41
CA THR A 17 -13.56 -2.37 -0.41
C THR A 17 -13.97 -1.67 0.88
N HIS A 18 -14.74 -0.59 0.77
CA HIS A 18 -15.18 0.17 1.94
C HIS A 18 -15.83 -0.72 2.99
N ASN A 19 -16.48 -1.80 2.55
CA ASN A 19 -17.18 -2.70 3.48
C ASN A 19 -16.26 -3.15 4.61
N SER A 20 -14.99 -3.37 4.30
CA SER A 20 -14.03 -3.78 5.32
C SER A 20 -13.70 -2.62 6.24
N TYR A 21 -13.73 -2.86 7.55
CA TYR A 21 -13.43 -1.83 8.52
C TYR A 21 -11.95 -1.46 8.49
N GLN A 22 -11.09 -2.44 8.26
CA GLN A 22 -9.65 -2.20 8.25
C GLN A 22 -9.15 -1.99 6.82
N ASN A 23 -8.34 -0.96 6.63
CA ASN A 23 -7.78 -0.67 5.30
C ASN A 23 -6.43 -1.36 5.06
N ARG A 24 -6.02 -2.27 5.94
CA ARG A 24 -4.75 -2.97 5.77
C ARG A 24 -4.96 -4.48 5.84
N LEU A 25 -4.56 -5.18 4.80
CA LEU A 25 -4.66 -6.64 4.77
C LEU A 25 -3.28 -7.27 4.91
N PHE A 26 -3.17 -8.25 5.80
CA PHE A 26 -1.90 -8.95 6.00
C PHE A 26 -1.87 -10.24 5.20
N TYR A 27 -0.79 -10.44 4.44
CA TYR A 27 -0.58 -11.69 3.71
C TYR A 27 0.75 -12.31 4.15
N THR A 28 0.78 -13.63 4.29
CA THR A 28 1.98 -14.30 4.78
C THR A 28 2.66 -15.10 3.66
N LEU A 29 3.98 -15.10 3.66
CA LEU A 29 4.76 -15.83 2.68
C LEU A 29 4.98 -17.28 3.13
N LYS A 30 4.64 -18.22 2.26
CA LYS A 30 4.81 -19.64 2.56
C LYS A 30 5.69 -20.30 1.49
N THR A 31 6.42 -21.34 1.89
CA THR A 31 7.31 -22.03 0.97
C THR A 31 6.58 -22.48 -0.29
N GLY A 32 7.19 -22.25 -1.44
CA GLY A 32 6.58 -22.64 -2.72
C GLY A 32 6.09 -21.43 -3.50
N GLU A 33 5.75 -20.33 -2.82
CA GLU A 33 5.26 -19.13 -3.48
C GLU A 33 6.33 -18.05 -3.49
N THR A 34 6.38 -17.28 -4.58
CA THR A 34 7.35 -16.20 -4.70
C THR A 34 6.63 -14.85 -4.74
N VAL A 35 7.37 -13.78 -4.47
CA VAL A 35 6.77 -12.44 -4.46
C VAL A 35 6.12 -12.14 -5.81
N ALA A 36 6.83 -12.48 -6.88
CA ALA A 36 6.31 -12.21 -8.23
C ALA A 36 5.00 -12.95 -8.46
N ASP A 37 4.91 -14.19 -7.96
CA ASP A 37 3.70 -14.98 -8.18
C ASP A 37 2.49 -14.31 -7.54
N LEU A 38 2.67 -13.84 -6.31
CA LEU A 38 1.58 -13.18 -5.60
C LEU A 38 1.11 -11.95 -6.37
N SER A 39 2.06 -11.18 -6.87
CA SER A 39 1.73 -9.95 -7.60
C SER A 39 0.89 -10.26 -8.83
N LYS A 40 1.23 -11.32 -9.54
CA LYS A 40 0.51 -11.70 -10.75
C LYS A 40 -0.94 -12.02 -10.44
N SER A 41 -1.17 -12.81 -9.40
CA SER A 41 -2.51 -13.22 -9.02
C SER A 41 -3.36 -12.00 -8.66
N GLN A 42 -2.78 -11.08 -7.90
CA GLN A 42 -3.48 -9.87 -7.50
C GLN A 42 -3.61 -8.83 -8.62
N ASP A 43 -2.95 -9.06 -9.75
CA ASP A 43 -2.99 -8.10 -10.85
C ASP A 43 -2.43 -6.74 -10.41
N ILE A 44 -1.34 -6.79 -9.65
CA ILE A 44 -0.68 -5.57 -9.19
C ILE A 44 0.72 -5.48 -9.79
N ASN A 45 1.18 -4.26 -10.06
CA ASN A 45 2.49 -4.07 -10.64
C ASN A 45 3.57 -4.20 -9.57
N LEU A 46 4.67 -4.87 -9.93
CA LEU A 46 5.76 -5.08 -8.97
C LEU A 46 6.27 -3.74 -8.44
N SER A 47 6.33 -2.73 -9.31
CA SER A 47 6.82 -1.41 -8.90
C SER A 47 5.95 -0.86 -7.77
N THR A 48 4.63 -1.00 -7.92
CA THR A 48 3.72 -0.48 -6.91
C THR A 48 3.94 -1.16 -5.57
N ILE A 49 4.09 -2.48 -5.58
CA ILE A 49 4.26 -3.23 -4.35
C ILE A 49 5.48 -2.73 -3.60
N TRP A 50 6.58 -2.52 -4.33
CA TRP A 50 7.81 -2.04 -3.71
C TRP A 50 7.61 -0.67 -3.06
N SER A 51 6.97 0.24 -3.79
CA SER A 51 6.78 1.60 -3.28
C SER A 51 6.13 1.60 -1.91
N LEU A 52 5.15 0.72 -1.71
CA LEU A 52 4.47 0.64 -0.42
C LEU A 52 5.37 0.00 0.64
N ASN A 53 5.89 -1.18 0.34
CA ASN A 53 6.68 -1.93 1.33
C ASN A 53 8.17 -1.55 1.34
N LYS A 54 8.55 -0.49 0.64
CA LYS A 54 9.93 -0.03 0.65
C LYS A 54 10.47 0.15 2.08
N HIS A 55 9.59 0.48 3.01
CA HIS A 55 10.01 0.65 4.40
C HIS A 55 10.32 -0.70 5.07
N LEU A 56 9.55 -1.73 4.71
CA LEU A 56 9.75 -3.05 5.30
C LEU A 56 11.07 -3.67 4.85
N TYR A 57 11.39 -3.53 3.56
CA TYR A 57 12.60 -4.13 3.01
C TYR A 57 13.59 -3.05 2.59
N SER A 58 14.88 -3.36 2.71
CA SER A 58 15.93 -2.39 2.43
C SER A 58 16.14 -2.20 0.93
N SER A 59 16.07 -3.29 0.17
CA SER A 59 16.38 -3.22 -1.26
C SER A 59 15.66 -4.33 -2.04
N GLU A 60 15.72 -4.22 -3.36
CA GLU A 60 15.08 -5.20 -4.24
C GLU A 60 15.66 -6.59 -4.04
N SER A 61 16.97 -6.67 -3.78
CA SER A 61 17.63 -7.96 -3.63
C SER A 61 16.96 -8.81 -2.56
N GLU A 62 16.64 -8.18 -1.43
CA GLU A 62 16.01 -8.89 -0.33
C GLU A 62 14.64 -9.45 -0.74
N MET A 63 13.93 -8.72 -1.60
CA MET A 63 12.62 -9.18 -2.06
C MET A 63 12.76 -10.46 -2.89
N MET A 64 13.69 -10.43 -3.84
CA MET A 64 13.88 -11.57 -4.73
C MET A 64 14.26 -12.84 -3.93
N LYS A 65 15.06 -12.66 -2.89
CA LYS A 65 15.50 -13.79 -2.08
C LYS A 65 14.58 -14.07 -0.89
N ALA A 66 13.36 -13.53 -0.90
CA ALA A 66 12.42 -13.73 0.21
C ALA A 66 12.23 -15.21 0.50
N ALA A 67 12.04 -15.52 1.78
CA ALA A 67 11.86 -16.90 2.21
C ALA A 67 10.62 -17.02 3.11
N PRO A 68 10.17 -18.23 3.42
CA PRO A 68 8.95 -18.42 4.27
C PRO A 68 9.09 -17.75 5.64
N GLY A 69 7.98 -17.24 6.15
CA GLY A 69 7.96 -16.64 7.48
C GLY A 69 7.89 -15.10 7.44
N GLN A 70 8.14 -14.50 6.28
CA GLN A 70 8.11 -13.03 6.18
C GLN A 70 6.69 -12.55 5.88
N GLN A 71 6.39 -11.31 6.26
CA GLN A 71 5.06 -10.75 6.08
C GLN A 71 5.07 -9.64 5.04
N ILE A 72 3.94 -9.49 4.36
CA ILE A 72 3.75 -8.41 3.40
C ILE A 72 2.48 -7.63 3.74
N ILE A 73 2.54 -6.30 3.63
CA ILE A 73 1.38 -5.47 3.92
C ILE A 73 0.79 -4.91 2.63
N LEU A 74 -0.52 -5.02 2.50
CA LEU A 74 -1.24 -4.47 1.36
C LEU A 74 -2.15 -3.33 1.83
N PRO A 75 -1.70 -2.09 1.77
CA PRO A 75 -2.56 -0.93 2.16
C PRO A 75 -3.39 -0.40 1.00
N LEU A 76 -4.70 -0.32 1.22
CA LEU A 76 -5.60 0.17 0.17
C LEU A 76 -5.23 1.59 -0.25
N LYS A 77 -4.82 2.41 0.72
CA LYS A 77 -4.46 3.79 0.42
C LYS A 77 -2.99 3.88 0.00
N LYS A 78 -2.77 4.43 -1.20
CA LYS A 78 -1.41 4.57 -1.73
C LYS A 78 -0.56 5.47 -0.84
N LEU A 79 -1.18 6.51 -0.28
CA LEU A 79 -0.45 7.50 0.52
C LEU A 79 -1.00 7.57 1.95
N PRO A 80 -0.52 6.73 2.85
CA PRO A 80 -0.95 6.80 4.28
C PRO A 80 -0.77 8.20 4.86
N PHE A 81 -1.53 8.52 5.90
CA PHE A 81 -1.44 9.84 6.53
C PHE A 81 -1.41 9.72 8.05
N GLU A 82 -0.74 10.66 8.70
CA GLU A 82 -0.65 10.66 10.16
C GLU A 82 -1.57 11.70 10.81
N TYR A 83 -2.62 12.10 10.11
CA TYR A 83 -3.55 13.09 10.64
C TYR A 83 -4.13 12.64 11.99
N SER A 84 -4.42 11.35 12.09
CA SER A 84 -4.97 10.80 13.33
C SER A 84 -4.03 11.02 14.51
N ALA A 85 -2.73 11.03 14.25
CA ALA A 85 -1.75 11.22 15.31
C ALA A 85 -1.99 12.54 16.05
N LEU A 86 -1.70 12.55 17.34
CA LEU A 86 -1.91 13.74 18.17
C LEU A 86 -0.60 14.16 18.83
N PRO A 87 0.23 14.95 18.19
CA PRO A 87 1.54 15.37 18.79
C PRO A 87 1.34 16.16 20.08
N LEU A 88 1.88 15.63 21.17
CA LEU A 88 1.75 16.28 22.47
C LEU A 88 2.36 17.67 22.46
N LEU A 89 3.44 17.86 21.70
CA LEU A 89 4.13 19.14 21.67
C LEU A 89 3.39 20.12 20.75
N GLY A 90 3.30 21.37 21.18
CA GLY A 90 2.63 22.40 20.40
C GLY A 90 3.28 23.76 20.63
N SER A 91 2.92 24.72 19.78
CA SER A 91 3.46 26.08 19.91
C SER A 91 2.39 27.11 19.59
N ALA A 92 2.56 28.32 20.12
CA ALA A 92 1.59 29.39 19.89
C ALA A 92 2.30 30.75 19.87
N PRO A 93 2.79 31.20 18.74
CA PRO A 93 3.48 32.53 18.66
C PRO A 93 2.72 33.63 19.38
N LEU A 94 1.48 33.86 18.95
CA LEU A 94 0.64 34.88 19.60
C LEU A 94 -0.30 34.22 20.61
N VAL A 95 -0.40 34.81 21.79
CA VAL A 95 -1.26 34.29 22.85
C VAL A 95 -2.22 35.38 23.34
N ALA A 96 -3.49 35.02 23.45
CA ALA A 96 -4.50 35.96 23.94
C ALA A 96 -4.22 36.34 25.39
N ALA A 97 -3.77 35.38 26.19
CA ALA A 97 -3.48 35.62 27.60
C ALA A 97 -2.38 36.67 27.76
N GLY A 98 -1.42 36.69 26.84
CA GLY A 98 -0.32 37.64 26.92
C GLY A 98 0.64 37.26 28.06
N GLY A 99 0.82 38.17 29.01
CA GLY A 99 1.71 37.92 30.14
C GLY A 99 1.29 36.65 30.87
N VAL A 100 2.28 35.82 31.20
CA VAL A 100 2.02 34.56 31.91
C VAL A 100 2.77 34.52 33.23
N ALA A 101 2.07 34.14 34.29
CA ALA A 101 2.70 34.03 35.61
C ALA A 101 2.96 32.56 35.94
N GLY A 102 4.21 32.26 36.32
CA GLY A 102 4.58 30.90 36.67
C GLY A 102 3.76 30.38 37.85
N HIS A 103 3.50 31.25 38.81
CA HIS A 103 2.73 30.87 40.00
C HIS A 103 1.45 31.70 40.09
N THR A 104 0.33 31.02 40.30
CA THR A 104 -0.95 31.70 40.44
C THR A 104 -0.93 32.65 41.63
N ASN A 105 -0.32 32.20 42.74
CA ASN A 105 -0.24 33.01 43.94
C ASN A 105 1.17 33.53 44.15
N GLY A 106 1.31 34.84 44.30
CA GLY A 106 2.62 35.45 44.53
C GLY A 106 3.29 34.86 45.77
N SER A 107 2.50 34.60 46.81
CA SER A 107 3.02 34.05 48.04
C SER A 107 3.43 32.58 47.82
N GLY A 108 4.26 32.07 48.74
CA GLY A 108 4.71 30.68 48.63
C GLY A 108 5.79 30.55 47.57
N SER A 109 6.68 31.53 47.50
CA SER A 109 7.76 31.52 46.51
C SER A 109 9.12 31.28 47.18
N GLU A 110 9.93 30.43 46.57
CA GLU A 110 11.25 30.14 47.10
C GLU A 110 12.19 31.34 46.97
N ASN A 111 12.02 32.12 45.92
CA ASN A 111 12.90 33.26 45.66
C ASN A 111 12.57 34.50 46.52
N LEU A 112 11.66 34.35 47.49
CA LEU A 112 11.30 35.46 48.36
C LEU A 112 11.95 35.30 49.73
N TYR A 113 12.59 36.35 50.22
CA TYR A 113 13.26 36.31 51.52
C TYR A 113 12.47 37.11 52.54
N PHE A 114 12.26 36.52 53.71
CA PHE A 114 11.51 37.19 54.77
C PHE A 114 11.94 36.67 56.16
N GLN A 115 12.19 35.36 56.24
CA GLN A 115 12.60 34.76 57.50
C GLN A 115 13.84 35.46 58.05
N MET A 1 -48.77 6.22 14.06
CA MET A 1 -49.58 5.52 15.08
C MET A 1 -49.01 5.78 16.47
N ASN A 2 -49.72 5.32 17.50
CA ASN A 2 -49.27 5.52 18.87
C ASN A 2 -48.70 4.22 19.42
N GLY A 3 -47.73 4.34 20.33
CA GLY A 3 -47.10 3.17 20.93
C GLY A 3 -45.73 2.83 20.31
N GLU A 4 -45.39 3.46 19.18
CA GLU A 4 -44.10 3.20 18.53
C GLU A 4 -42.94 3.57 19.45
N ASN A 5 -43.12 4.62 20.25
CA ASN A 5 -42.06 5.06 21.16
C ASN A 5 -41.56 3.93 22.05
N TYR A 6 -42.46 3.03 22.44
CA TYR A 6 -42.09 1.91 23.30
C TYR A 6 -41.88 0.65 22.48
N PHE A 7 -40.69 0.07 22.58
CA PHE A 7 -40.39 -1.16 21.85
C PHE A 7 -39.20 -1.91 22.45
N LYS A 8 -38.95 -1.73 23.75
CA LYS A 8 -37.84 -2.41 24.41
C LYS A 8 -38.01 -3.93 24.34
N LEU A 9 -39.25 -4.40 24.46
CA LEU A 9 -39.52 -5.83 24.42
C LEU A 9 -39.03 -6.44 23.12
N GLY A 10 -39.20 -5.72 22.02
CA GLY A 10 -38.79 -6.21 20.71
C GLY A 10 -37.26 -6.20 20.58
N SER A 11 -36.73 -7.24 19.95
CA SER A 11 -35.29 -7.34 19.74
C SER A 11 -34.99 -8.03 18.41
N ASP A 12 -33.77 -7.85 17.91
CA ASP A 12 -33.38 -8.46 16.65
C ASP A 12 -31.92 -8.91 16.70
N SER A 13 -31.69 -10.15 17.11
CA SER A 13 -30.34 -10.70 17.20
C SER A 13 -29.63 -10.70 15.86
N LYS A 14 -30.39 -10.86 14.78
CA LYS A 14 -29.80 -10.95 13.44
C LYS A 14 -28.91 -9.74 13.15
N LEU A 15 -29.29 -8.57 13.66
CA LEU A 15 -28.51 -7.35 13.43
C LEU A 15 -27.46 -7.17 14.51
N LEU A 16 -26.25 -6.82 14.08
CA LEU A 16 -25.15 -6.59 15.02
C LEU A 16 -24.88 -5.09 15.13
N THR A 17 -24.71 -4.61 16.36
CA THR A 17 -24.52 -3.18 16.58
C THR A 17 -23.04 -2.80 16.68
N HIS A 18 -22.15 -3.61 16.11
CA HIS A 18 -20.73 -3.31 16.13
C HIS A 18 -20.12 -3.45 14.74
N ASN A 19 -19.46 -2.40 14.27
CA ASN A 19 -18.83 -2.40 12.96
C ASN A 19 -17.31 -2.39 13.10
N SER A 20 -16.64 -3.35 12.46
CA SER A 20 -15.19 -3.43 12.52
C SER A 20 -14.57 -3.13 11.15
N TYR A 21 -13.49 -2.36 11.15
CA TYR A 21 -12.81 -2.01 9.90
C TYR A 21 -11.30 -2.14 10.06
N GLN A 22 -10.65 -2.71 9.04
CA GLN A 22 -9.21 -2.86 9.05
C GLN A 22 -8.57 -1.90 8.05
N ASN A 23 -7.63 -1.09 8.52
CA ASN A 23 -6.97 -0.11 7.67
C ASN A 23 -6.25 -0.77 6.50
N ARG A 24 -5.64 -1.92 6.76
CA ARG A 24 -4.85 -2.61 5.75
C ARG A 24 -4.89 -4.13 5.94
N LEU A 25 -4.56 -4.86 4.89
CA LEU A 25 -4.62 -6.33 4.93
C LEU A 25 -3.23 -6.94 5.00
N PHE A 26 -3.05 -7.89 5.90
CA PHE A 26 -1.77 -8.58 6.03
C PHE A 26 -1.79 -9.90 5.26
N TYR A 27 -0.74 -10.14 4.47
CA TYR A 27 -0.58 -11.41 3.76
C TYR A 27 0.74 -12.06 4.17
N THR A 28 0.76 -13.38 4.28
CA THR A 28 1.95 -14.10 4.74
C THR A 28 2.57 -14.92 3.62
N LEU A 29 3.91 -14.95 3.59
CA LEU A 29 4.63 -15.73 2.60
C LEU A 29 4.79 -17.18 3.05
N LYS A 30 4.40 -18.11 2.17
CA LYS A 30 4.48 -19.53 2.49
C LYS A 30 5.34 -20.25 1.45
N THR A 31 6.00 -21.33 1.88
CA THR A 31 6.88 -22.09 0.99
C THR A 31 6.13 -22.52 -0.28
N GLY A 32 6.80 -22.38 -1.42
CA GLY A 32 6.20 -22.75 -2.70
C GLY A 32 5.78 -21.53 -3.53
N GLU A 33 5.53 -20.40 -2.86
CA GLU A 33 5.11 -19.19 -3.57
C GLU A 33 6.26 -18.18 -3.63
N THR A 34 6.34 -17.45 -4.74
CA THR A 34 7.37 -16.43 -4.91
C THR A 34 6.74 -15.04 -4.96
N VAL A 35 7.55 -14.01 -4.75
CA VAL A 35 7.02 -12.65 -4.71
C VAL A 35 6.32 -12.32 -6.03
N ALA A 36 6.94 -12.69 -7.15
CA ALA A 36 6.38 -12.39 -8.46
C ALA A 36 5.02 -13.09 -8.62
N ASP A 37 4.93 -14.34 -8.14
CA ASP A 37 3.70 -15.09 -8.28
C ASP A 37 2.54 -14.38 -7.59
N LEU A 38 2.78 -13.91 -6.38
CA LEU A 38 1.75 -13.21 -5.62
C LEU A 38 1.28 -11.98 -6.39
N SER A 39 2.23 -11.24 -6.96
CA SER A 39 1.91 -10.02 -7.69
C SER A 39 0.98 -10.32 -8.86
N LYS A 40 1.25 -11.40 -9.57
CA LYS A 40 0.44 -11.77 -10.72
C LYS A 40 -1.01 -12.05 -10.32
N SER A 41 -1.18 -12.84 -9.27
CA SER A 41 -2.51 -13.23 -8.82
C SER A 41 -3.32 -12.00 -8.41
N GLN A 42 -2.69 -11.10 -7.67
CA GLN A 42 -3.37 -9.88 -7.21
C GLN A 42 -3.54 -8.82 -8.30
N ASP A 43 -2.96 -9.05 -9.49
CA ASP A 43 -3.05 -8.07 -10.56
C ASP A 43 -2.44 -6.74 -10.13
N ILE A 44 -1.29 -6.82 -9.46
CA ILE A 44 -0.58 -5.64 -8.99
C ILE A 44 0.78 -5.55 -9.67
N ASN A 45 1.25 -4.33 -9.92
CA ASN A 45 2.55 -4.13 -10.55
C ASN A 45 3.65 -4.22 -9.50
N LEU A 46 4.74 -4.89 -9.85
CA LEU A 46 5.85 -5.07 -8.91
C LEU A 46 6.36 -3.72 -8.40
N SER A 47 6.38 -2.73 -9.28
CA SER A 47 6.85 -1.40 -8.90
C SER A 47 6.00 -0.84 -7.77
N THR A 48 4.68 -0.98 -7.89
CA THR A 48 3.78 -0.46 -6.88
C THR A 48 4.02 -1.15 -5.53
N ILE A 49 4.20 -2.46 -5.57
CA ILE A 49 4.39 -3.23 -4.34
C ILE A 49 5.60 -2.70 -3.57
N TRP A 50 6.70 -2.47 -4.29
CA TRP A 50 7.90 -1.94 -3.66
C TRP A 50 7.65 -0.57 -3.03
N SER A 51 6.99 0.32 -3.75
CA SER A 51 6.79 1.68 -3.28
C SER A 51 6.13 1.69 -1.90
N LEU A 52 5.18 0.79 -1.69
CA LEU A 52 4.51 0.69 -0.39
C LEU A 52 5.40 0.03 0.66
N ASN A 53 5.96 -1.14 0.31
CA ASN A 53 6.74 -1.93 1.28
C ASN A 53 8.22 -1.53 1.35
N LYS A 54 8.61 -0.44 0.69
CA LYS A 54 9.98 0.03 0.73
C LYS A 54 10.48 0.18 2.18
N HIS A 55 9.59 0.49 3.11
CA HIS A 55 9.98 0.64 4.51
C HIS A 55 10.34 -0.71 5.12
N LEU A 56 9.62 -1.76 4.74
CA LEU A 56 9.86 -3.09 5.30
C LEU A 56 11.20 -3.66 4.84
N TYR A 57 11.49 -3.51 3.55
CA TYR A 57 12.73 -4.08 2.98
C TYR A 57 13.70 -2.97 2.61
N SER A 58 15.00 -3.27 2.74
CA SER A 58 16.03 -2.29 2.48
C SER A 58 16.29 -2.11 0.99
N SER A 59 16.25 -3.21 0.24
CA SER A 59 16.59 -3.15 -1.18
C SER A 59 15.84 -4.22 -1.98
N GLU A 60 15.92 -4.12 -3.30
CA GLU A 60 15.26 -5.07 -4.19
C GLU A 60 15.78 -6.48 -3.98
N SER A 61 17.08 -6.62 -3.73
CA SER A 61 17.69 -7.93 -3.59
C SER A 61 16.99 -8.76 -2.51
N GLU A 62 16.69 -8.13 -1.38
CA GLU A 62 16.06 -8.82 -0.27
C GLU A 62 14.69 -9.37 -0.66
N MET A 63 13.96 -8.63 -1.50
CA MET A 63 12.66 -9.10 -1.97
C MET A 63 12.81 -10.35 -2.84
N MET A 64 13.75 -10.31 -3.76
CA MET A 64 13.95 -11.44 -4.67
C MET A 64 14.29 -12.72 -3.92
N LYS A 65 15.06 -12.58 -2.85
CA LYS A 65 15.48 -13.74 -2.05
C LYS A 65 14.53 -14.03 -0.89
N ALA A 66 13.31 -13.48 -0.92
CA ALA A 66 12.35 -13.70 0.17
C ALA A 66 12.14 -15.18 0.45
N ALA A 67 11.96 -15.51 1.72
CA ALA A 67 11.76 -16.89 2.15
C ALA A 67 10.52 -17.01 3.02
N PRO A 68 10.03 -18.20 3.29
CA PRO A 68 8.81 -18.39 4.13
C PRO A 68 8.95 -17.74 5.50
N GLY A 69 7.83 -17.24 6.02
CA GLY A 69 7.82 -16.64 7.37
C GLY A 69 7.80 -15.12 7.35
N GLN A 70 8.10 -14.49 6.21
CA GLN A 70 8.11 -13.04 6.13
C GLN A 70 6.73 -12.50 5.81
N GLN A 71 6.49 -11.23 6.15
CA GLN A 71 5.17 -10.62 5.98
C GLN A 71 5.19 -9.59 4.86
N ILE A 72 4.04 -9.45 4.21
CA ILE A 72 3.84 -8.42 3.19
C ILE A 72 2.59 -7.61 3.53
N ILE A 73 2.66 -6.29 3.37
CA ILE A 73 1.52 -5.44 3.67
C ILE A 73 0.89 -4.92 2.38
N LEU A 74 -0.44 -4.98 2.33
CA LEU A 74 -1.18 -4.46 1.19
C LEU A 74 -2.18 -3.40 1.66
N PRO A 75 -1.81 -2.13 1.64
CA PRO A 75 -2.76 -1.04 2.01
C PRO A 75 -3.56 -0.54 0.80
N LEU A 76 -4.41 -1.40 0.27
CA LEU A 76 -5.22 -1.05 -0.89
C LEU A 76 -6.62 -0.63 -0.47
N LYS A 77 -7.08 0.51 -0.98
CA LYS A 77 -8.41 1.02 -0.64
C LYS A 77 -9.22 1.27 -1.91
N LYS A 78 -10.52 1.00 -1.83
CA LYS A 78 -11.42 1.24 -2.96
C LYS A 78 -12.53 2.20 -2.55
N LEU A 79 -12.86 3.14 -3.44
CA LEU A 79 -13.89 4.13 -3.15
C LEU A 79 -14.93 4.20 -4.29
N PRO A 80 -15.87 3.29 -4.34
CA PRO A 80 -16.94 3.32 -5.38
C PRO A 80 -17.69 4.65 -5.36
N PHE A 81 -17.78 5.30 -6.52
CA PHE A 81 -18.45 6.60 -6.62
C PHE A 81 -19.34 6.66 -7.85
N GLU A 82 -20.26 7.62 -7.85
CA GLU A 82 -21.17 7.80 -8.98
C GLU A 82 -21.76 9.22 -8.95
N TYR A 83 -20.89 10.20 -9.15
CA TYR A 83 -21.31 11.60 -9.13
C TYR A 83 -21.08 12.26 -10.49
N SER A 84 -22.10 12.96 -10.97
CA SER A 84 -21.99 13.68 -12.24
C SER A 84 -20.95 14.81 -12.16
N ALA A 85 -20.78 15.39 -10.98
CA ALA A 85 -19.83 16.50 -10.80
C ALA A 85 -18.41 16.08 -11.18
N LEU A 86 -18.08 14.81 -10.96
CA LEU A 86 -16.73 14.31 -11.25
C LEU A 86 -16.77 13.28 -12.39
N PRO A 87 -16.73 13.73 -13.63
CA PRO A 87 -16.74 12.78 -14.79
C PRO A 87 -15.34 12.24 -15.08
N LEU A 88 -15.14 10.96 -14.82
CA LEU A 88 -13.84 10.32 -15.04
C LEU A 88 -13.84 9.53 -16.34
N LEU A 89 -12.84 9.80 -17.19
CA LEU A 89 -12.72 9.11 -18.46
C LEU A 89 -11.71 7.98 -18.37
N GLY A 90 -12.10 6.79 -18.82
CA GLY A 90 -11.22 5.63 -18.77
C GLY A 90 -10.59 5.36 -20.12
N SER A 91 -10.20 6.43 -20.83
CA SER A 91 -9.57 6.29 -22.14
C SER A 91 -8.12 6.76 -22.10
N ALA A 92 -7.26 6.06 -22.83
CA ALA A 92 -5.84 6.41 -22.88
C ALA A 92 -5.39 6.58 -24.33
N PRO A 93 -5.59 7.74 -24.93
CA PRO A 93 -5.17 7.98 -26.34
C PRO A 93 -3.75 7.51 -26.62
N LEU A 94 -2.90 7.60 -25.60
CA LEU A 94 -1.50 7.19 -25.75
C LEU A 94 -1.30 5.77 -25.22
N VAL A 95 -0.65 4.93 -26.03
CA VAL A 95 -0.40 3.54 -25.64
C VAL A 95 1.11 3.27 -25.61
N ALA A 96 1.57 2.62 -24.55
CA ALA A 96 2.98 2.29 -24.41
C ALA A 96 3.22 0.80 -24.64
N ALA A 97 4.39 0.47 -25.16
CA ALA A 97 4.73 -0.93 -25.42
C ALA A 97 6.20 -1.20 -25.08
N GLY A 98 6.49 -2.44 -24.72
CA GLY A 98 7.86 -2.83 -24.38
C GLY A 98 8.45 -3.79 -25.41
N GLY A 99 8.08 -3.62 -26.67
CA GLY A 99 8.60 -4.48 -27.73
C GLY A 99 10.12 -4.46 -27.78
N VAL A 100 10.71 -3.31 -27.49
CA VAL A 100 12.16 -3.15 -27.54
C VAL A 100 12.86 -4.12 -26.58
N ALA A 101 12.23 -4.40 -25.44
CA ALA A 101 12.83 -5.26 -24.43
C ALA A 101 13.18 -6.62 -25.02
N GLY A 102 12.30 -7.14 -25.88
CA GLY A 102 12.55 -8.43 -26.50
C GLY A 102 12.46 -9.57 -25.49
N HIS A 103 11.43 -9.52 -24.64
CA HIS A 103 11.25 -10.52 -23.60
C HIS A 103 11.26 -11.94 -24.17
N THR A 104 10.66 -12.10 -25.35
CA THR A 104 10.59 -13.41 -25.98
C THR A 104 11.98 -14.00 -26.18
N ASN A 105 12.93 -13.15 -26.60
CA ASN A 105 14.29 -13.60 -26.82
C ASN A 105 14.89 -14.21 -25.56
N GLY A 106 14.61 -13.57 -24.42
CA GLY A 106 15.11 -14.05 -23.14
C GLY A 106 16.61 -13.78 -22.98
N SER A 107 17.10 -12.71 -23.59
CA SER A 107 18.51 -12.36 -23.49
C SER A 107 18.93 -12.12 -22.04
N GLY A 108 18.05 -11.50 -21.26
CA GLY A 108 18.35 -11.19 -19.88
C GLY A 108 18.49 -12.46 -19.05
N SER A 109 19.41 -12.43 -18.07
CA SER A 109 19.62 -13.57 -17.20
C SER A 109 19.38 -13.19 -15.74
N GLU A 110 18.72 -14.08 -15.00
CA GLU A 110 18.44 -13.83 -13.60
C GLU A 110 19.72 -13.89 -12.76
N ASN A 111 20.62 -14.81 -13.11
CA ASN A 111 21.86 -14.98 -12.37
C ASN A 111 23.02 -14.32 -13.09
N LEU A 112 23.41 -13.13 -12.61
CA LEU A 112 24.51 -12.39 -13.21
C LEU A 112 25.83 -13.15 -13.07
N TYR A 113 26.01 -13.85 -11.95
CA TYR A 113 27.25 -14.58 -11.69
C TYR A 113 26.98 -16.07 -11.50
N PHE A 114 27.90 -16.90 -11.99
CA PHE A 114 27.77 -18.34 -11.85
C PHE A 114 28.12 -18.80 -10.44
N GLN A 115 29.04 -18.10 -9.78
CA GLN A 115 29.47 -18.46 -8.44
C GLN A 115 28.27 -18.58 -7.50
N MET A 1 -17.25 7.85 33.26
CA MET A 1 -18.58 8.16 32.67
C MET A 1 -18.41 9.18 31.54
N ASN A 2 -18.02 10.40 31.91
CA ASN A 2 -17.82 11.45 30.93
C ASN A 2 -16.80 11.02 29.87
N GLY A 3 -15.77 10.28 30.28
CA GLY A 3 -14.75 9.82 29.36
C GLY A 3 -15.35 9.07 28.18
N GLU A 4 -16.42 8.32 28.43
CA GLU A 4 -17.06 7.55 27.38
C GLU A 4 -17.52 8.43 26.23
N ASN A 5 -17.98 9.65 26.56
CA ASN A 5 -18.45 10.58 25.53
C ASN A 5 -17.41 11.66 25.27
N TYR A 6 -17.04 11.83 24.00
CA TYR A 6 -16.05 12.84 23.61
C TYR A 6 -16.64 13.86 22.64
N PHE A 7 -17.94 14.13 22.75
CA PHE A 7 -18.59 15.08 21.85
C PHE A 7 -17.95 16.46 21.94
N LYS A 8 -17.53 16.85 23.14
CA LYS A 8 -16.94 18.17 23.35
C LYS A 8 -15.46 18.15 22.96
N LEU A 9 -15.11 18.95 21.97
CA LEU A 9 -13.72 19.05 21.53
C LEU A 9 -12.82 19.64 22.62
N GLY A 10 -13.36 20.59 23.38
CA GLY A 10 -12.59 21.26 24.42
C GLY A 10 -11.93 20.26 25.38
N SER A 11 -12.60 19.14 25.63
CA SER A 11 -12.07 18.14 26.55
C SER A 11 -11.81 16.82 25.82
N ASP A 12 -10.78 16.11 26.25
CA ASP A 12 -10.44 14.83 25.66
C ASP A 12 -9.88 13.89 26.71
N SER A 13 -10.76 13.10 27.32
CA SER A 13 -10.35 12.19 28.38
C SER A 13 -9.34 11.16 27.88
N LYS A 14 -9.44 10.77 26.62
CA LYS A 14 -8.53 9.78 26.04
C LYS A 14 -7.76 10.38 24.86
N LEU A 15 -6.45 10.17 24.85
CA LEU A 15 -5.61 10.67 23.76
C LEU A 15 -5.97 10.00 22.43
N LEU A 16 -6.31 8.72 22.48
CA LEU A 16 -6.64 7.98 21.27
C LEU A 16 -8.13 8.08 20.97
N THR A 17 -8.47 8.17 19.68
CA THR A 17 -9.87 8.26 19.27
C THR A 17 -10.15 7.31 18.11
N HIS A 18 -11.39 6.85 18.02
CA HIS A 18 -11.79 5.94 16.94
C HIS A 18 -12.63 6.65 15.87
N ASN A 19 -12.51 7.97 15.76
CA ASN A 19 -13.29 8.72 14.78
C ASN A 19 -13.07 8.18 13.37
N SER A 20 -11.84 7.78 13.08
CA SER A 20 -11.50 7.24 11.75
C SER A 20 -11.06 5.79 11.85
N TYR A 21 -11.37 5.02 10.81
CA TYR A 21 -11.01 3.60 10.79
C TYR A 21 -10.22 3.27 9.52
N GLN A 22 -9.15 2.50 9.68
CA GLN A 22 -8.33 2.09 8.55
C GLN A 22 -8.38 0.57 8.37
N ASN A 23 -8.23 0.11 7.13
CA ASN A 23 -8.29 -1.31 6.83
C ASN A 23 -7.16 -1.71 5.88
N ARG A 24 -6.31 -2.63 6.35
CA ARG A 24 -5.20 -3.14 5.54
C ARG A 24 -5.21 -4.66 5.54
N LEU A 25 -4.70 -5.26 4.47
CA LEU A 25 -4.69 -6.72 4.36
C LEU A 25 -3.29 -7.27 4.61
N PHE A 26 -3.17 -8.15 5.59
CA PHE A 26 -1.89 -8.79 5.88
C PHE A 26 -1.81 -10.15 5.20
N TYR A 27 -0.72 -10.41 4.49
CA TYR A 27 -0.51 -11.72 3.86
C TYR A 27 0.82 -12.30 4.32
N THR A 28 0.84 -13.62 4.51
CA THR A 28 2.05 -14.30 4.99
C THR A 28 2.71 -15.10 3.87
N LEU A 29 4.03 -15.10 3.85
CA LEU A 29 4.78 -15.83 2.83
C LEU A 29 4.95 -17.29 3.22
N LYS A 30 4.41 -18.18 2.38
CA LYS A 30 4.52 -19.62 2.62
C LYS A 30 5.50 -20.25 1.64
N THR A 31 6.23 -21.25 2.09
CA THR A 31 7.22 -21.91 1.24
C THR A 31 6.59 -22.41 -0.05
N GLY A 32 7.27 -22.15 -1.16
CA GLY A 32 6.78 -22.59 -2.47
C GLY A 32 6.23 -21.42 -3.30
N GLU A 33 5.81 -20.34 -2.65
CA GLU A 33 5.26 -19.19 -3.35
C GLU A 33 6.25 -18.02 -3.32
N THR A 34 6.28 -17.24 -4.40
CA THR A 34 7.20 -16.12 -4.51
C THR A 34 6.45 -14.80 -4.53
N VAL A 35 7.15 -13.71 -4.23
CA VAL A 35 6.53 -12.39 -4.21
C VAL A 35 5.95 -12.07 -5.59
N ALA A 36 6.69 -12.41 -6.64
CA ALA A 36 6.23 -12.15 -7.99
C ALA A 36 4.90 -12.86 -8.26
N ASP A 37 4.77 -14.08 -7.74
CA ASP A 37 3.54 -14.85 -7.96
C ASP A 37 2.35 -14.11 -7.36
N LEU A 38 2.51 -13.59 -6.15
CA LEU A 38 1.45 -12.84 -5.50
C LEU A 38 1.04 -11.64 -6.35
N SER A 39 2.03 -10.95 -6.88
CA SER A 39 1.77 -9.75 -7.68
C SER A 39 0.91 -10.07 -8.90
N LYS A 40 1.22 -11.19 -9.55
CA LYS A 40 0.50 -11.58 -10.75
C LYS A 40 -0.97 -11.84 -10.44
N SER A 41 -1.22 -12.59 -9.36
CA SER A 41 -2.59 -12.94 -9.00
C SER A 41 -3.42 -11.70 -8.70
N GLN A 42 -2.83 -10.76 -7.96
CA GLN A 42 -3.53 -9.53 -7.59
C GLN A 42 -3.59 -8.49 -8.73
N ASP A 43 -2.95 -8.77 -9.86
CA ASP A 43 -2.95 -7.81 -10.96
C ASP A 43 -2.33 -6.49 -10.52
N ILE A 44 -1.25 -6.58 -9.76
CA ILE A 44 -0.55 -5.39 -9.27
C ILE A 44 0.86 -5.34 -9.86
N ASN A 45 1.37 -4.13 -10.07
CA ASN A 45 2.70 -3.97 -10.64
C ASN A 45 3.77 -4.13 -9.56
N LEU A 46 4.86 -4.82 -9.89
CA LEU A 46 5.94 -5.04 -8.94
C LEU A 46 6.46 -3.72 -8.40
N SER A 47 6.53 -2.70 -9.25
CA SER A 47 7.03 -1.39 -8.83
C SER A 47 6.16 -0.84 -7.70
N THR A 48 4.85 -0.97 -7.84
CA THR A 48 3.93 -0.46 -6.82
C THR A 48 4.16 -1.15 -5.48
N ILE A 49 4.31 -2.47 -5.52
CA ILE A 49 4.49 -3.25 -4.30
C ILE A 49 5.72 -2.75 -3.54
N TRP A 50 6.81 -2.54 -4.27
CA TRP A 50 8.04 -2.06 -3.66
C TRP A 50 7.83 -0.71 -3.00
N SER A 51 7.18 0.22 -3.70
CA SER A 51 7.02 1.57 -3.18
C SER A 51 6.35 1.57 -1.80
N LEU A 52 5.39 0.67 -1.61
CA LEU A 52 4.71 0.59 -0.32
C LEU A 52 5.59 -0.06 0.75
N ASN A 53 6.12 -1.24 0.45
CA ASN A 53 6.90 -1.98 1.44
C ASN A 53 8.40 -1.60 1.46
N LYS A 54 8.79 -0.56 0.71
CA LYS A 54 10.18 -0.13 0.70
C LYS A 54 10.72 0.11 2.11
N HIS A 55 9.84 0.44 3.06
CA HIS A 55 10.28 0.66 4.44
C HIS A 55 10.60 -0.66 5.14
N LEU A 56 9.83 -1.70 4.84
CA LEU A 56 10.05 -3.01 5.47
C LEU A 56 11.34 -3.65 4.98
N TYR A 57 11.60 -3.54 3.68
CA TYR A 57 12.79 -4.17 3.09
C TYR A 57 13.76 -3.11 2.58
N SER A 58 15.05 -3.43 2.65
CA SER A 58 16.09 -2.47 2.27
C SER A 58 16.13 -2.22 0.77
N SER A 59 15.98 -3.29 -0.02
CA SER A 59 16.11 -3.17 -1.46
C SER A 59 15.28 -4.24 -2.18
N GLU A 60 15.17 -4.09 -3.50
CA GLU A 60 14.42 -5.03 -4.32
C GLU A 60 15.00 -6.44 -4.22
N SER A 61 16.33 -6.53 -4.13
CA SER A 61 16.99 -7.84 -4.09
C SER A 61 16.43 -8.70 -2.96
N GLU A 62 16.28 -8.10 -1.78
CA GLU A 62 15.77 -8.84 -0.63
C GLU A 62 14.37 -9.37 -0.88
N MET A 63 13.55 -8.61 -1.61
CA MET A 63 12.19 -9.05 -1.91
C MET A 63 12.20 -10.28 -2.80
N MET A 64 12.99 -10.24 -3.87
CA MET A 64 13.04 -11.36 -4.81
C MET A 64 13.50 -12.64 -4.12
N LYS A 65 14.45 -12.51 -3.19
CA LYS A 65 14.98 -13.67 -2.48
C LYS A 65 14.25 -13.95 -1.16
N ALA A 66 13.06 -13.39 -0.98
CA ALA A 66 12.30 -13.59 0.25
C ALA A 66 12.14 -15.07 0.58
N ALA A 67 12.11 -15.38 1.87
CA ALA A 67 11.99 -16.77 2.33
C ALA A 67 10.73 -16.95 3.19
N PRO A 68 10.36 -18.16 3.52
CA PRO A 68 9.12 -18.40 4.32
C PRO A 68 9.20 -17.77 5.71
N GLY A 69 8.05 -17.31 6.21
CA GLY A 69 7.99 -16.74 7.56
C GLY A 69 7.94 -15.21 7.57
N GLN A 70 8.22 -14.56 6.44
CA GLN A 70 8.20 -13.10 6.38
C GLN A 70 6.80 -12.60 6.07
N GLN A 71 6.51 -11.37 6.47
CA GLN A 71 5.18 -10.79 6.27
C GLN A 71 5.21 -9.68 5.22
N ILE A 72 4.10 -9.55 4.51
CA ILE A 72 3.94 -8.48 3.52
C ILE A 72 2.65 -7.72 3.81
N ILE A 73 2.70 -6.39 3.71
CA ILE A 73 1.51 -5.57 3.96
C ILE A 73 0.99 -5.02 2.63
N LEU A 74 -0.33 -5.13 2.43
CA LEU A 74 -0.97 -4.61 1.24
C LEU A 74 -2.01 -3.56 1.61
N PRO A 75 -1.65 -2.30 1.67
CA PRO A 75 -2.63 -1.21 1.93
C PRO A 75 -3.16 -0.60 0.64
N LEU A 76 -3.54 -1.47 -0.29
CA LEU A 76 -4.04 -1.03 -1.59
C LEU A 76 -5.49 -1.48 -1.79
N LYS A 77 -6.38 -0.51 -1.99
CA LYS A 77 -7.79 -0.81 -2.23
C LYS A 77 -8.37 0.14 -3.25
N LYS A 78 -9.07 -0.42 -4.24
CA LYS A 78 -9.68 0.40 -5.29
C LYS A 78 -11.18 0.56 -5.05
N LEU A 79 -11.71 1.72 -5.39
CA LEU A 79 -13.12 2.02 -5.22
C LEU A 79 -13.73 2.53 -6.54
N PRO A 80 -14.17 1.64 -7.42
CA PRO A 80 -14.75 2.07 -8.72
C PRO A 80 -16.23 2.43 -8.61
N PHE A 81 -16.59 3.15 -7.54
CA PHE A 81 -17.97 3.56 -7.34
C PHE A 81 -18.15 5.03 -7.72
N GLU A 82 -19.10 5.31 -8.59
CA GLU A 82 -19.32 6.67 -9.08
C GLU A 82 -19.69 7.61 -7.92
N TYR A 83 -20.44 7.10 -6.95
CA TYR A 83 -20.87 7.92 -5.82
C TYR A 83 -19.84 7.87 -4.70
N SER A 84 -19.49 9.04 -4.17
CA SER A 84 -18.51 9.12 -3.09
C SER A 84 -19.12 9.78 -1.85
N ALA A 85 -18.79 9.24 -0.68
CA ALA A 85 -19.25 9.82 0.57
C ALA A 85 -18.57 11.15 0.86
N LEU A 86 -17.30 11.27 0.48
CA LEU A 86 -16.54 12.49 0.73
C LEU A 86 -16.48 13.35 -0.54
N PRO A 87 -17.26 14.42 -0.64
CA PRO A 87 -17.21 15.32 -1.84
C PRO A 87 -15.78 15.63 -2.30
N LEU A 88 -14.83 15.55 -1.38
CA LEU A 88 -13.43 15.80 -1.70
C LEU A 88 -12.73 14.49 -2.04
N LEU A 89 -12.10 14.43 -3.21
CA LEU A 89 -11.43 13.21 -3.64
C LEU A 89 -10.33 12.83 -2.65
N GLY A 90 -9.60 13.81 -2.16
CA GLY A 90 -8.51 13.57 -1.22
C GLY A 90 -7.22 13.22 -1.95
N SER A 91 -7.22 12.08 -2.64
CA SER A 91 -6.05 11.63 -3.38
C SER A 91 -6.36 11.52 -4.86
N ALA A 92 -5.35 11.71 -5.70
CA ALA A 92 -5.51 11.64 -7.15
C ALA A 92 -4.61 10.55 -7.74
N PRO A 93 -5.06 9.31 -7.75
CA PRO A 93 -4.23 8.20 -8.31
C PRO A 93 -4.19 8.23 -9.84
N LEU A 94 -2.99 8.29 -10.40
CA LEU A 94 -2.83 8.33 -11.85
C LEU A 94 -3.45 7.10 -12.50
N VAL A 95 -3.30 5.95 -11.85
CA VAL A 95 -3.86 4.71 -12.39
C VAL A 95 -5.38 4.75 -12.39
N ALA A 96 -5.99 4.32 -13.49
CA ALA A 96 -7.44 4.31 -13.60
C ALA A 96 -7.91 3.15 -14.47
N ALA A 97 -9.13 2.69 -14.23
CA ALA A 97 -9.69 1.59 -15.00
C ALA A 97 -11.20 1.73 -15.12
N GLY A 98 -11.76 1.18 -16.20
CA GLY A 98 -13.20 1.25 -16.42
C GLY A 98 -13.75 -0.13 -16.77
N GLY A 99 -13.09 -0.82 -17.70
CA GLY A 99 -13.52 -2.14 -18.11
C GLY A 99 -14.40 -2.07 -19.36
N VAL A 100 -15.24 -1.04 -19.44
CA VAL A 100 -16.12 -0.87 -20.60
C VAL A 100 -15.84 0.47 -21.27
N ALA A 101 -15.72 0.44 -22.60
CA ALA A 101 -15.44 1.65 -23.36
C ALA A 101 -16.61 2.63 -23.24
N GLY A 102 -17.84 2.11 -23.28
CA GLY A 102 -19.02 2.94 -23.17
C GLY A 102 -19.24 3.76 -24.44
N HIS A 103 -18.91 3.19 -25.60
CA HIS A 103 -19.07 3.89 -26.87
C HIS A 103 -20.53 4.28 -27.09
N THR A 104 -21.45 3.40 -26.69
CA THR A 104 -22.88 3.65 -26.90
C THR A 104 -23.29 4.98 -26.30
N ASN A 105 -22.75 5.31 -25.13
CA ASN A 105 -23.07 6.56 -24.46
C ASN A 105 -21.92 7.56 -24.60
N GLY A 106 -22.25 8.84 -24.59
CA GLY A 106 -21.24 9.89 -24.74
C GLY A 106 -20.96 10.24 -26.21
N SER A 107 -21.89 9.92 -27.10
CA SER A 107 -21.72 10.24 -28.51
C SER A 107 -21.66 11.74 -28.76
N GLY A 108 -22.41 12.51 -27.97
CA GLY A 108 -22.44 13.96 -28.13
C GLY A 108 -21.17 14.60 -27.59
N SER A 109 -20.72 15.66 -28.26
CA SER A 109 -19.54 16.38 -27.84
C SER A 109 -19.80 17.89 -27.80
N GLU A 110 -19.27 18.56 -26.79
CA GLU A 110 -19.46 20.01 -26.64
C GLU A 110 -18.14 20.74 -26.81
N ASN A 111 -18.19 21.91 -27.44
CA ASN A 111 -16.98 22.72 -27.64
C ASN A 111 -16.71 23.69 -26.48
N LEU A 112 -17.50 23.63 -25.42
CA LEU A 112 -17.30 24.51 -24.27
C LEU A 112 -15.92 24.30 -23.65
N TYR A 113 -15.47 23.04 -23.63
CA TYR A 113 -14.17 22.71 -23.04
C TYR A 113 -13.23 22.17 -24.12
N PHE A 114 -11.94 22.50 -23.99
CA PHE A 114 -10.94 22.06 -24.95
C PHE A 114 -9.72 21.50 -24.23
N GLN A 115 -8.92 20.72 -24.96
CA GLN A 115 -7.73 20.11 -24.39
C GLN A 115 -6.47 20.69 -25.02
#